data_5XFA
#
_entry.id   5XFA
#
_cell.length_a   132.750
_cell.length_b   192.470
_cell.length_c   130.820
_cell.angle_alpha   90.00
_cell.angle_beta   105.08
_cell.angle_gamma   90.00
#
_symmetry.space_group_name_H-M   'C 1 2 1'
#
loop_
_entity.id
_entity.type
_entity.pdbx_description
1 polymer 'NAD-reducing hydrogenase'
2 polymer 'NAD-reducing hydrogenase'
3 polymer 'NAD-reducing hydrogenase'
4 polymer 'NAD-reducing hydrogenase'
5 non-polymer 'IRON/SULFUR CLUSTER'
6 non-polymer 'FE2/S2 (INORGANIC) CLUSTER'
7 non-polymer 'CARBONMONOXIDE-(DICYANO) IRON'
8 non-polymer 'NICKEL (II) ION'
9 non-polymer 'MAGNESIUM ION'
10 water water
#
loop_
_entity_poly.entity_id
_entity_poly.type
_entity_poly.pdbx_seq_one_letter_code
_entity_poly.pdbx_strand_id
1 'polypeptide(L)'
;MTTERQRTAPGLLAALHQARSRFGRPLDAQALAELSTAFSLPPGEIAATASFYHFFQTPPARYQIHFVDHVVDHHAGVAA
LCNHLCAAFAIQPGQRTADARLFVGWTACAGLSDQAPAALINGRPMPRLDAARIDALIEKIQAQIPMDQWPTEWFAVTNA
IHRHGPLLTWLDTTPAEAVFEHPTAHDPDAILQAVTDAGLRGRGGAGFPTATKWRFCRENADPERFLICNADEGEPGTFK
DRVLLTRYPEHLFAGMILAARAIGADKAILYLRYEYQYLLPQLEAARERIASAQATVPQAERVTLEIALGAGAYVCGEES
ALIESLEGKPGRPRVRPPYPVTQGYLGHPTVVNNVETLVAVAAIVGNGAAWWRALGTPDSSGPKLFCVSGDVAQPGLYEF
PYGVALGDVVTAARPLGTRYAVQVSGPSGTLLPATPEQLARPLAFEALPCNGTVMVFDVRRDPVAIVHHFARFFAHESCG
FCTPCRVGTQLIAKTFEKIAAGYATRFDLERLAPALEAMRLASNCGFGLSAGNPVRDLIAHFRQQLEAQLQPHDFIPAFS
LDAELAATRRLTGRDDPHAHLAQFEQPEVTR
;
A,E
2 'polypeptide(L)'
;MRPTTPPFASETFTLDEESIPFVPGQTVLEAALAAGRYIPHLCWHPEMGNHGSCRLCVVEANGRIQASCALPAQPGLQVV
SKSETLTRVRRTLLEMLFAEGNHFCPGCEKSGDCLLQALAYAHGMTASHFDPFYPQRRIDASHPDLWLDPNRCILCGLCV
RASLAEGKEALVIGGRGIASRLLATSASGRLGDTALAATDRAARICPVGALNFKAAGFTTPIGKRRFDHRPPEAMSDKER
YT
;
B,F
3 'polypeptide(L)'
;MTSAAPSAMPPRKIRIATASLAGCFGCHMSFADIDTRLLALAEWVTFDRSPLTDWKTVGECDIALIEGGVCNAENVEVLR
AYRRAARILVAVGACAINGGLPAQRNQHRVERLLTQVFEADRHLAPGSRVPNDPELPLLLEHVHPIHEIVRVDYYLPGCP
PTAEVIWTFLTDLLVGREPHFPYPTLRYD
;
C,G
4 'polypeptide(L)'
;MTQHAPQAVSPRPSLPANATRRVAIDPLSRVEGHGKVTIWLDDDGQVVEARLHIVEFRGFEAFIVGRPYWEAPVVVQRLC
GICPVSHHLAAAKALDRLVGVTQLPPTAEKMRRLMHYGQVLQSHALHFFYLAAPDLLLGFSADPAQRNVFGLAAQKRELA
RQGILVRQFGQECIEATAGKRIHGTSAVPGGIHKNLSRRERMALLSRAPEIRSWCEAAVALIERLFTEHAPFFAQFGSFQ
TKTFSLVAADGSLDLYDGTFRVKEANGAILIDHYDPNDYDQLLVEAVRPWSYMKFPYLKAYGEPDGFYRVGPSARLINCD
RLTTARAEAARQRFLTFDQGTVAHSTLGYHWARLIEMLHCAELIEALLTDADLEGGELRARGQRQHRGVGVIEAPRGTLI
HHYEVGDDDLITYCNLIVSTTHNNAVMNQAVTTAAKAFLSGVTLTEALLNHIEVAVRAFDPCLSCATH
;
D,H
#
# COMPACT_ATOMS: atom_id res chain seq x y z
N GLN A 6 27.22 23.19 19.06
CA GLN A 6 26.04 24.03 18.66
C GLN A 6 25.25 24.52 19.89
N ARG A 7 24.90 23.59 20.79
CA ARG A 7 24.10 23.90 21.99
C ARG A 7 24.94 24.02 23.27
N THR A 8 26.22 24.37 23.14
CA THR A 8 27.12 24.32 24.28
C THR A 8 26.78 25.38 25.32
N ALA A 9 26.92 25.02 26.59
CA ALA A 9 26.80 25.94 27.72
C ALA A 9 27.89 25.57 28.73
N PRO A 10 29.12 26.05 28.47
CA PRO A 10 30.33 25.66 29.20
C PRO A 10 30.26 25.70 30.73
N GLY A 11 29.84 26.81 31.31
CA GLY A 11 29.92 26.94 32.77
C GLY A 11 28.79 26.31 33.57
N LEU A 12 27.80 25.76 32.86
CA LEU A 12 26.53 25.41 33.47
C LEU A 12 26.62 24.40 34.60
N LEU A 13 27.53 23.45 34.47
CA LEU A 13 27.69 22.43 35.50
C LEU A 13 28.08 23.05 36.85
N ALA A 14 29.10 23.92 36.81
CA ALA A 14 29.54 24.69 37.97
C ALA A 14 28.40 25.49 38.56
N ALA A 15 27.73 26.25 37.70
CA ALA A 15 26.60 27.09 38.08
C ALA A 15 25.46 26.31 38.75
N LEU A 16 25.25 25.05 38.35
CA LEU A 16 24.18 24.26 38.95
C LEU A 16 24.50 23.83 40.37
N HIS A 17 25.76 23.52 40.63
CA HIS A 17 26.25 23.35 42.01
C HIS A 17 26.06 24.64 42.81
N GLN A 18 26.64 25.72 42.28
CA GLN A 18 26.50 27.05 42.85
C GLN A 18 25.08 27.30 43.35
N ALA A 19 24.09 27.03 42.49
CA ALA A 19 22.68 27.20 42.83
C ALA A 19 22.15 26.00 43.62
N ARG A 20 22.78 25.71 44.74
CA ARG A 20 22.26 24.78 45.75
C ARG A 20 22.59 25.20 47.18
N SER A 21 23.63 26.03 47.34
CA SER A 21 23.86 26.76 48.61
C SER A 21 24.40 28.17 48.33
N PRO A 26 17.48 24.49 47.08
CA PRO A 26 16.13 24.65 46.54
C PRO A 26 16.15 25.26 45.12
N LEU A 27 16.12 24.40 44.11
CA LEU A 27 16.33 24.79 42.70
C LEU A 27 15.04 25.25 42.00
N ASP A 28 14.48 26.35 42.47
CA ASP A 28 13.13 26.81 42.05
C ASP A 28 13.09 27.49 40.68
N ALA A 29 11.87 27.67 40.16
CA ALA A 29 11.63 28.28 38.85
C ALA A 29 12.26 29.66 38.72
N GLN A 30 12.55 30.27 39.86
CA GLN A 30 13.19 31.57 39.92
C GLN A 30 14.67 31.47 39.52
N ALA A 31 15.36 30.48 40.09
CA ALA A 31 16.78 30.24 39.80
C ALA A 31 17.05 29.75 38.36
N LEU A 32 16.10 28.99 37.82
CA LEU A 32 16.14 28.59 36.41
C LEU A 32 16.09 29.80 35.46
N ALA A 33 15.29 30.80 35.80
CA ALA A 33 15.19 32.02 34.99
C ALA A 33 16.52 32.78 34.96
N GLU A 34 17.25 32.74 36.07
CA GLU A 34 18.53 33.43 36.18
C GLU A 34 19.57 32.75 35.31
N LEU A 35 19.50 31.42 35.26
CA LEU A 35 20.44 30.63 34.46
C LEU A 35 20.06 30.68 32.96
N SER A 36 18.77 30.76 32.71
CA SER A 36 18.29 30.80 31.35
C SER A 36 18.82 32.05 30.64
N THR A 37 18.83 33.18 31.34
CA THR A 37 19.40 34.41 30.81
C THR A 37 20.92 34.28 30.68
N ALA A 38 21.54 33.90 31.79
CA ALA A 38 22.97 33.67 31.84
C ALA A 38 23.42 32.80 30.67
N PHE A 39 22.71 31.70 30.41
CA PHE A 39 23.21 30.72 29.45
C PHE A 39 22.50 30.66 28.10
N SER A 40 21.54 31.54 27.85
CA SER A 40 20.78 31.55 26.59
C SER A 40 20.13 30.19 26.28
N LEU A 41 19.63 29.53 27.32
CA LEU A 41 18.93 28.29 27.15
C LEU A 41 17.58 28.45 27.82
N PRO A 42 16.51 27.89 27.21
CA PRO A 42 15.20 28.01 27.85
C PRO A 42 15.17 27.25 29.17
N PRO A 43 14.47 27.80 30.17
CA PRO A 43 14.46 27.26 31.54
C PRO A 43 14.30 25.73 31.66
N GLY A 44 13.39 25.14 30.88
CA GLY A 44 13.19 23.70 30.89
C GLY A 44 14.34 22.86 30.31
N GLU A 45 15.06 23.41 29.34
CA GLU A 45 16.28 22.77 28.86
C GLU A 45 17.32 22.64 29.99
N ILE A 46 17.43 23.70 30.79
CA ILE A 46 18.29 23.69 31.96
C ILE A 46 17.78 22.67 32.99
N ALA A 47 16.49 22.72 33.28
CA ALA A 47 15.86 21.73 34.15
C ALA A 47 16.15 20.30 33.71
N ALA A 48 16.08 20.09 32.40
CA ALA A 48 16.26 18.76 31.80
C ALA A 48 17.69 18.23 31.97
N THR A 49 18.66 19.12 31.71
CA THR A 49 20.07 18.85 31.96
C THR A 49 20.29 18.51 33.43
N ALA A 50 19.83 19.39 34.31
CA ALA A 50 19.92 19.18 35.76
C ALA A 50 19.29 17.86 36.19
N SER A 51 18.20 17.44 35.55
CA SER A 51 17.50 16.19 35.91
C SER A 51 18.26 14.91 35.55
N PHE A 52 19.28 15.03 34.71
CA PHE A 52 20.07 13.87 34.30
C PHE A 52 20.99 13.39 35.42
N TYR A 53 21.40 14.30 36.29
CA TYR A 53 22.39 14.00 37.28
C TYR A 53 21.76 13.59 38.62
N HIS A 54 22.27 12.50 39.20
CA HIS A 54 21.68 11.91 40.40
C HIS A 54 21.70 12.88 41.58
N PHE A 55 22.86 13.45 41.84
CA PHE A 55 23.03 14.31 43.00
C PHE A 55 22.33 15.68 42.87
N PHE A 56 21.77 15.98 41.69
CA PHE A 56 20.93 17.18 41.53
C PHE A 56 19.44 16.91 41.69
N GLN A 57 19.03 15.66 41.94
CA GLN A 57 17.62 15.32 42.09
CA GLN A 57 17.62 15.34 42.12
C GLN A 57 17.28 14.96 43.54
N THR A 58 18.20 15.21 44.47
CA THR A 58 17.97 14.89 45.88
C THR A 58 17.04 15.93 46.56
N PRO A 59 15.93 15.47 47.21
CA PRO A 59 15.05 16.38 47.98
C PRO A 59 15.83 17.12 49.06
N PRO A 60 15.72 18.47 49.11
CA PRO A 60 16.49 19.27 50.07
C PRO A 60 16.25 18.91 51.54
N ALA A 61 17.32 19.00 52.32
CA ALA A 61 17.25 18.76 53.75
C ALA A 61 18.44 19.43 54.42
N ARG A 62 18.46 19.40 55.74
CA ARG A 62 19.60 19.89 56.51
C ARG A 62 20.70 18.82 56.48
N TYR A 63 20.26 17.56 56.47
CA TYR A 63 21.15 16.41 56.42
C TYR A 63 20.69 15.49 55.29
N GLN A 64 21.44 15.49 54.20
CA GLN A 64 21.19 14.57 53.09
C GLN A 64 22.19 13.44 53.22
N ILE A 65 21.69 12.21 53.26
CA ILE A 65 22.55 11.05 53.46
C ILE A 65 22.27 10.01 52.39
N HIS A 66 23.29 9.68 51.61
CA HIS A 66 23.21 8.60 50.64
C HIS A 66 24.04 7.41 51.12
N PHE A 67 23.39 6.27 51.29
CA PHE A 67 24.11 5.04 51.63
C PHE A 67 24.61 4.41 50.35
N VAL A 68 25.77 3.78 50.43
CA VAL A 68 26.46 3.30 49.24
C VAL A 68 25.91 1.94 48.79
N ASP A 69 25.11 1.97 47.73
CA ASP A 69 24.60 0.75 47.11
C ASP A 69 25.68 0.14 46.24
N HIS A 70 26.45 -0.76 46.84
CA HIS A 70 27.57 -1.38 46.16
C HIS A 70 27.84 -2.72 46.77
N VAL A 71 28.01 -3.74 45.94
CA VAL A 71 28.09 -5.13 46.39
C VAL A 71 28.95 -5.37 47.65
N VAL A 72 30.07 -4.69 47.76
CA VAL A 72 30.98 -4.88 48.87
C VAL A 72 30.40 -4.28 50.16
N ASP A 73 29.72 -3.14 50.03
CA ASP A 73 29.02 -2.52 51.15
C ASP A 73 27.84 -3.38 51.62
N HIS A 74 27.14 -4.02 50.70
CA HIS A 74 26.04 -4.91 51.06
C HIS A 74 26.56 -6.11 51.85
N HIS A 75 27.67 -6.67 51.39
CA HIS A 75 28.35 -7.77 52.08
C HIS A 75 28.80 -7.41 53.50
N ALA A 76 29.12 -6.12 53.71
CA ALA A 76 29.42 -5.58 55.03
C ALA A 76 28.16 -5.02 55.72
N GLY A 77 26.99 -5.53 55.32
CA GLY A 77 25.72 -5.24 55.98
C GLY A 77 25.20 -3.80 55.98
N VAL A 78 25.49 -3.04 54.93
CA VAL A 78 24.99 -1.67 54.82
C VAL A 78 23.47 -1.63 54.66
N ALA A 79 22.91 -2.72 54.13
CA ALA A 79 21.47 -2.87 54.02
C ALA A 79 20.83 -2.62 55.38
N ALA A 80 21.26 -3.42 56.35
CA ALA A 80 20.74 -3.35 57.71
C ALA A 80 20.89 -1.96 58.34
N LEU A 81 22.09 -1.40 58.28
CA LEU A 81 22.41 -0.12 58.92
C LEU A 81 21.59 1.05 58.37
N CYS A 82 21.18 0.96 57.10
CA CYS A 82 20.26 1.92 56.49
C CYS A 82 18.90 1.88 57.19
N ASN A 83 18.39 0.67 57.42
CA ASN A 83 17.09 0.45 58.08
C ASN A 83 17.10 0.81 59.58
N HIS A 84 18.28 0.77 60.19
CA HIS A 84 18.44 1.17 61.58
C HIS A 84 18.28 2.67 61.72
N LEU A 85 18.47 3.40 60.62
CA LEU A 85 18.26 4.85 60.58
C LEU A 85 16.90 5.25 59.97
N CYS A 86 16.50 4.58 58.90
CA CYS A 86 15.18 4.81 58.30
C CYS A 86 14.05 4.52 59.30
N ALA A 87 14.21 3.43 60.05
CA ALA A 87 13.26 3.07 61.11
C ALA A 87 13.19 4.16 62.17
N ALA A 88 14.35 4.64 62.61
CA ALA A 88 14.45 5.64 63.67
C ALA A 88 13.87 7.02 63.28
N PHE A 89 13.44 7.21 62.04
CA PHE A 89 12.72 8.43 61.65
C PHE A 89 11.40 8.15 60.92
N ALA A 90 10.91 6.91 61.00
CA ALA A 90 9.67 6.51 60.34
C ALA A 90 9.62 7.03 58.91
N ILE A 91 10.61 6.62 58.13
CA ILE A 91 10.65 6.91 56.70
C ILE A 91 11.17 5.69 55.95
N GLN A 92 11.10 5.79 54.64
CA GLN A 92 11.65 4.79 53.75
C GLN A 92 12.89 5.38 53.07
N PRO A 93 13.78 4.49 52.58
CA PRO A 93 14.91 5.00 51.84
C PRO A 93 14.42 5.65 50.54
N GLY A 94 14.88 6.85 50.28
CA GLY A 94 14.48 7.61 49.10
C GLY A 94 13.32 8.55 49.39
N GLN A 95 13.20 8.99 50.64
CA GLN A 95 12.25 10.04 50.98
C GLN A 95 12.69 10.78 52.23
N ARG A 96 12.07 11.93 52.44
CA ARG A 96 12.54 12.91 53.42
C ARG A 96 11.49 13.14 54.52
N THR A 97 11.96 13.56 55.70
CA THR A 97 11.11 13.75 56.90
C THR A 97 10.16 14.95 56.80
N ALA A 98 9.04 14.87 57.53
CA ALA A 98 7.99 15.90 57.52
C ALA A 98 8.58 17.30 57.62
N ASP A 99 9.48 17.49 58.57
CA ASP A 99 10.10 18.79 58.80
C ASP A 99 11.18 19.19 57.77
N ALA A 100 11.48 18.32 56.81
CA ALA A 100 12.60 18.51 55.87
C ALA A 100 13.94 18.57 56.60
N ARG A 101 14.08 17.77 57.66
CA ARG A 101 15.31 17.73 58.44
C ARG A 101 16.31 16.75 57.83
N LEU A 102 15.82 15.59 57.39
CA LEU A 102 16.67 14.51 56.91
C LEU A 102 16.13 13.87 55.63
N PHE A 103 17.02 13.65 54.67
CA PHE A 103 16.78 12.74 53.54
C PHE A 103 17.77 11.60 53.61
N VAL A 104 17.27 10.36 53.52
CA VAL A 104 18.13 9.20 53.49
C VAL A 104 17.85 8.49 52.18
N GLY A 105 18.91 8.16 51.46
CA GLY A 105 18.78 7.51 50.15
C GLY A 105 20.00 6.72 49.77
N TRP A 106 20.02 6.25 48.53
CA TRP A 106 21.10 5.42 48.03
C TRP A 106 21.96 6.14 47.02
N THR A 107 23.08 5.53 46.67
CA THR A 107 23.96 6.01 45.62
C THR A 107 24.88 4.88 45.19
N ALA A 108 25.33 4.93 43.94
CA ALA A 108 26.32 3.98 43.44
C ALA A 108 27.63 4.09 44.21
N CYS A 109 28.48 3.07 44.08
CA CYS A 109 29.83 3.10 44.67
C CYS A 109 30.47 4.49 44.64
N ALA A 110 30.90 4.97 45.81
CA ALA A 110 31.45 6.32 45.95
C ALA A 110 32.97 6.33 46.02
N GLY A 111 33.61 5.27 45.52
CA GLY A 111 35.06 5.16 45.57
C GLY A 111 35.57 4.91 46.98
N LEU A 112 34.84 4.08 47.72
CA LEU A 112 35.21 3.70 49.09
C LEU A 112 35.06 2.19 49.26
N SER A 113 35.38 1.43 48.22
CA SER A 113 35.13 0.01 48.22
C SER A 113 35.98 -0.69 49.29
N ASP A 114 37.18 -0.18 49.52
CA ASP A 114 38.07 -0.73 50.55
C ASP A 114 37.56 -0.47 51.99
N GLN A 115 36.85 0.64 52.19
CA GLN A 115 36.43 1.09 53.53
C GLN A 115 34.93 0.89 53.80
N ALA A 116 34.42 -0.28 53.45
CA ALA A 116 32.98 -0.57 53.53
C ALA A 116 32.57 -1.03 54.94
N PRO A 117 31.34 -0.74 55.37
CA PRO A 117 30.32 -0.04 54.60
C PRO A 117 30.43 1.46 54.81
N ALA A 118 29.79 2.23 53.93
CA ALA A 118 30.02 3.67 53.89
C ALA A 118 28.76 4.43 53.50
N ALA A 119 28.84 5.74 53.60
CA ALA A 119 27.78 6.60 53.13
C ALA A 119 28.27 8.01 52.87
N LEU A 120 27.49 8.74 52.07
CA LEU A 120 27.73 10.14 51.81
C LEU A 120 26.75 10.94 52.63
N ILE A 121 27.22 12.07 53.13
CA ILE A 121 26.40 12.95 53.94
C ILE A 121 26.74 14.41 53.60
N ASN A 122 25.81 15.09 52.94
CA ASN A 122 26.04 16.43 52.41
C ASN A 122 27.38 16.54 51.69
N GLY A 123 27.70 15.53 50.87
CA GLY A 123 28.94 15.53 50.08
C GLY A 123 30.14 14.84 50.70
N ARG A 124 30.26 14.90 52.03
CA ARG A 124 31.40 14.30 52.75
C ARG A 124 31.18 12.82 52.98
N PRO A 125 32.26 12.02 52.90
CA PRO A 125 32.14 10.58 53.03
C PRO A 125 32.31 10.12 54.48
N MET A 126 31.56 9.10 54.87
CA MET A 126 31.69 8.52 56.20
C MET A 126 31.91 7.02 56.05
N PRO A 127 33.16 6.60 56.14
CA PRO A 127 33.49 5.18 56.01
C PRO A 127 33.34 4.33 57.30
N ARG A 128 33.38 3.02 57.09
CA ARG A 128 33.44 2.02 58.17
C ARG A 128 32.34 2.25 59.20
N LEU A 129 31.10 2.10 58.77
CA LEU A 129 29.96 2.32 59.63
C LEU A 129 29.68 1.07 60.48
N ASP A 130 29.38 1.30 61.77
CA ASP A 130 28.90 0.28 62.71
C ASP A 130 27.64 0.83 63.35
N ALA A 131 26.83 -0.03 63.97
CA ALA A 131 25.61 0.43 64.64
C ALA A 131 25.87 1.55 65.64
N ALA A 132 27.02 1.51 66.32
CA ALA A 132 27.42 2.58 67.26
C ALA A 132 27.62 3.94 66.58
N ARG A 133 28.05 3.92 65.33
CA ARG A 133 28.17 5.13 64.53
C ARG A 133 26.78 5.59 64.11
N ILE A 134 25.93 4.66 63.71
CA ILE A 134 24.54 4.99 63.33
C ILE A 134 23.77 5.54 64.54
N ASP A 135 23.90 4.89 65.70
CA ASP A 135 23.25 5.37 66.92
C ASP A 135 23.75 6.76 67.31
N ALA A 136 25.06 6.95 67.31
CA ALA A 136 25.67 8.26 67.60
C ALA A 136 25.31 9.32 66.56
N LEU A 137 24.96 8.87 65.36
CA LEU A 137 24.50 9.75 64.29
C LEU A 137 23.05 10.13 64.53
N ILE A 138 22.20 9.13 64.81
CA ILE A 138 20.78 9.34 65.09
C ILE A 138 20.58 10.46 66.12
N GLU A 139 21.46 10.53 67.12
CA GLU A 139 21.37 11.57 68.14
C GLU A 139 21.79 12.93 67.56
N LYS A 140 22.93 12.94 66.87
CA LYS A 140 23.50 14.16 66.26
C LYS A 140 22.54 14.98 65.39
N ILE A 141 21.57 14.31 64.76
CA ILE A 141 20.61 14.99 63.87
C ILE A 141 19.40 15.52 64.68
N GLN A 142 19.04 14.83 65.76
CA GLN A 142 17.93 15.28 66.61
C GLN A 142 18.30 16.48 67.45
N ALA A 143 19.49 16.45 68.05
CA ALA A 143 20.03 17.62 68.74
C ALA A 143 20.44 18.72 67.76
N GLN A 144 20.36 18.45 66.46
CA GLN A 144 20.33 19.49 65.43
C GLN A 144 21.68 20.20 65.27
N ILE A 145 22.78 19.46 65.39
CA ILE A 145 24.11 20.06 65.42
C ILE A 145 24.72 20.18 64.02
N PRO A 146 25.30 21.36 63.69
CA PRO A 146 26.10 21.48 62.48
C PRO A 146 27.21 20.42 62.37
N MET A 147 27.45 19.93 61.16
CA MET A 147 28.38 18.81 60.93
C MET A 147 29.83 19.08 61.33
N ASP A 148 30.30 20.32 61.13
CA ASP A 148 31.67 20.68 61.52
C ASP A 148 31.94 20.40 63.00
N GLN A 149 30.93 20.59 63.86
CA GLN A 149 31.02 20.25 65.30
C GLN A 149 31.21 18.76 65.57
N TRP A 150 30.93 17.90 64.58
CA TRP A 150 31.02 16.46 64.76
C TRP A 150 32.48 16.05 64.82
N PRO A 151 32.75 14.87 65.40
CA PRO A 151 34.14 14.42 65.43
C PRO A 151 34.62 14.16 64.00
N THR A 152 35.68 14.85 63.59
CA THR A 152 36.20 14.74 62.23
C THR A 152 36.96 13.43 62.00
N GLU A 153 37.20 12.70 63.08
CA GLU A 153 37.52 11.29 63.03
C GLU A 153 36.57 10.53 62.08
N TRP A 154 35.26 10.78 62.20
CA TRP A 154 34.24 10.06 61.42
C TRP A 154 34.40 10.12 59.90
N PHE A 155 34.98 11.21 59.41
CA PHE A 155 35.09 11.45 57.98
C PHE A 155 36.43 11.08 57.38
N ALA A 156 37.36 10.59 58.20
CA ALA A 156 38.71 10.28 57.72
C ALA A 156 38.71 9.08 56.77
N VAL A 157 39.27 9.30 55.59
CA VAL A 157 39.33 8.29 54.53
C VAL A 157 40.76 7.78 54.55
N THR A 158 40.93 6.48 54.65
CA THR A 158 42.28 5.90 54.68
C THR A 158 42.72 5.38 53.32
N ASN A 159 43.79 5.96 52.79
CA ASN A 159 44.34 5.49 51.53
C ASN A 159 45.52 4.54 51.74
N ALA A 160 45.19 3.33 52.16
CA ALA A 160 46.19 2.34 52.56
C ALA A 160 46.89 1.72 51.37
N ILE A 161 48.18 2.00 51.25
CA ILE A 161 49.01 1.35 50.26
C ILE A 161 49.74 0.16 50.87
N HIS A 162 49.28 -1.04 50.51
CA HIS A 162 49.82 -2.29 51.04
C HIS A 162 50.95 -2.94 50.20
N ARG A 163 51.56 -2.23 49.27
CA ARG A 163 52.71 -2.77 48.52
C ARG A 163 53.29 -1.77 47.53
N HIS A 164 54.42 -1.17 47.87
CA HIS A 164 55.07 -0.24 46.99
C HIS A 164 55.85 -0.97 45.90
N GLY A 165 56.18 -0.24 44.85
CA GLY A 165 57.08 -0.70 43.81
C GLY A 165 57.90 0.52 43.40
N PRO A 166 58.50 0.47 42.21
CA PRO A 166 59.32 1.59 41.74
C PRO A 166 58.57 2.91 41.57
N LEU A 167 57.30 2.81 41.19
CA LEU A 167 56.49 3.98 40.86
C LEU A 167 56.08 4.74 42.11
N LEU A 168 55.40 4.07 43.02
CA LEU A 168 54.98 4.71 44.25
C LEU A 168 56.20 5.18 45.01
N THR A 169 57.25 4.37 44.99
CA THR A 169 58.55 4.78 45.52
C THR A 169 58.99 6.13 44.90
N TRP A 170 59.17 6.15 43.56
CA TRP A 170 59.56 7.39 42.84
C TRP A 170 58.67 8.56 43.24
N LEU A 171 57.38 8.28 43.37
CA LEU A 171 56.43 9.29 43.78
C LEU A 171 56.70 9.78 45.18
N ASP A 172 56.84 8.87 46.14
CA ASP A 172 57.14 9.26 47.53
C ASP A 172 58.47 9.99 47.61
N THR A 173 59.48 9.52 46.87
CA THR A 173 60.81 10.11 46.94
C THR A 173 60.82 11.50 46.32
N THR A 174 60.75 11.56 44.99
CA THR A 174 61.03 12.77 44.23
C THR A 174 59.85 13.75 44.32
N PRO A 175 60.11 15.05 44.55
CA PRO A 175 59.01 16.03 44.55
C PRO A 175 58.44 16.30 43.13
N ALA A 176 57.25 16.87 43.09
CA ALA A 176 56.49 16.96 41.84
C ALA A 176 57.15 17.87 40.82
N GLU A 177 57.45 19.09 41.28
CA GLU A 177 58.06 20.17 40.49
C GLU A 177 59.46 19.88 39.92
N ALA A 178 60.18 18.93 40.51
CA ALA A 178 61.53 18.59 40.04
C ALA A 178 61.63 18.27 38.53
N VAL A 179 60.60 17.64 37.98
CA VAL A 179 60.63 17.26 36.56
C VAL A 179 60.74 18.46 35.60
N PHE A 180 60.33 19.64 36.05
CA PHE A 180 60.45 20.88 35.27
C PHE A 180 61.84 21.51 35.26
N GLU A 181 62.77 20.95 36.04
CA GLU A 181 64.15 21.37 35.98
C GLU A 181 64.73 20.80 34.70
N HIS A 182 64.38 19.57 34.39
CA HIS A 182 65.04 18.88 33.29
C HIS A 182 64.43 19.28 31.91
N PRO A 183 65.20 19.13 30.83
CA PRO A 183 64.91 19.88 29.59
C PRO A 183 63.74 19.33 28.77
N THR A 184 63.49 18.02 28.87
CA THR A 184 62.37 17.33 28.23
C THR A 184 61.02 17.98 28.52
N ALA A 185 60.82 18.32 29.80
CA ALA A 185 59.57 18.95 30.23
C ALA A 185 59.17 20.19 29.42
N HIS A 186 60.10 20.77 28.69
CA HIS A 186 59.85 22.01 27.99
C HIS A 186 59.89 21.82 26.48
N ASP A 187 59.98 20.57 26.04
CA ASP A 187 59.97 20.26 24.62
C ASP A 187 58.82 19.29 24.35
N PRO A 188 57.77 19.77 23.67
CA PRO A 188 56.58 18.97 23.36
C PRO A 188 56.89 17.66 22.63
N ASP A 189 57.74 17.74 21.61
CA ASP A 189 58.10 16.55 20.83
C ASP A 189 58.80 15.54 21.71
N ALA A 190 59.63 16.04 22.62
CA ALA A 190 60.42 15.18 23.50
C ALA A 190 59.53 14.41 24.49
N ILE A 191 58.49 15.09 24.97
CA ILE A 191 57.52 14.47 25.86
C ILE A 191 56.75 13.38 25.10
N LEU A 192 56.31 13.70 23.89
CA LEU A 192 55.59 12.75 23.06
C LEU A 192 56.41 11.50 22.85
N GLN A 193 57.69 11.71 22.57
CA GLN A 193 58.63 10.65 22.24
C GLN A 193 58.91 9.82 23.47
N ALA A 194 59.22 10.49 24.58
CA ALA A 194 59.48 9.82 25.86
C ALA A 194 58.39 8.82 26.10
N VAL A 195 57.15 9.30 26.01
CA VAL A 195 55.96 8.48 26.23
C VAL A 195 55.83 7.39 25.16
N THR A 196 55.93 7.75 23.89
CA THR A 196 55.92 6.74 22.81
C THR A 196 56.93 5.62 23.05
N ASP A 197 58.17 5.98 23.35
CA ASP A 197 59.20 4.99 23.66
C ASP A 197 58.86 4.11 24.85
N ALA A 198 58.23 4.69 25.88
CA ALA A 198 57.84 3.92 27.06
C ALA A 198 56.75 2.87 26.76
N GLY A 199 56.04 3.02 25.64
CA GLY A 199 54.96 2.13 25.26
C GLY A 199 53.79 2.21 26.23
N LEU A 200 53.55 3.39 26.79
CA LEU A 200 52.49 3.61 27.78
C LEU A 200 51.12 3.37 27.16
N ARG A 201 50.22 2.81 27.94
CA ARG A 201 48.87 2.51 27.49
C ARG A 201 47.89 2.94 28.55
N GLY A 202 46.68 3.27 28.14
CA GLY A 202 45.65 3.79 29.05
C GLY A 202 45.42 2.96 30.29
N ARG A 203 45.50 3.62 31.44
CA ARG A 203 45.29 2.97 32.75
C ARG A 203 43.85 3.18 33.23
N GLY A 204 43.01 3.73 32.34
CA GLY A 204 41.56 3.81 32.54
C GLY A 204 40.82 2.57 32.06
N GLY A 205 41.56 1.55 31.60
CA GLY A 205 40.98 0.28 31.18
C GLY A 205 40.92 0.13 29.67
N ALA A 206 40.69 1.24 28.97
CA ALA A 206 40.63 1.26 27.51
C ALA A 206 41.88 0.59 26.91
N GLY A 207 43.05 1.13 27.23
CA GLY A 207 44.32 0.51 26.87
C GLY A 207 44.75 0.75 25.45
N PHE A 208 44.49 1.96 24.94
CA PHE A 208 45.04 2.38 23.67
C PHE A 208 46.39 3.09 24.00
N PRO A 209 47.41 2.94 23.13
CA PRO A 209 48.65 3.70 23.28
C PRO A 209 48.40 5.19 23.50
N THR A 210 48.88 5.70 24.62
CA THR A 210 48.65 7.09 24.99
C THR A 210 49.20 7.97 23.92
N ALA A 211 50.45 7.73 23.58
CA ALA A 211 51.18 8.52 22.59
C ALA A 211 50.48 8.60 21.26
N THR A 212 49.79 7.53 20.88
CA THR A 212 49.11 7.46 19.59
C THR A 212 47.97 8.46 19.54
N LYS A 213 47.19 8.52 20.60
CA LYS A 213 46.05 9.44 20.64
C LYS A 213 46.55 10.88 20.71
N TRP A 214 47.63 11.09 21.44
CA TRP A 214 48.30 12.40 21.48
C TRP A 214 48.72 12.83 20.09
N ARG A 215 49.26 11.90 19.32
CA ARG A 215 49.71 12.23 18.00
C ARG A 215 48.53 12.60 17.09
N PHE A 216 47.52 11.71 16.98
CA PHE A 216 46.28 11.96 16.20
C PHE A 216 45.69 13.30 16.55
N CYS A 217 45.65 13.62 17.85
CA CYS A 217 45.19 14.91 18.31
C CYS A 217 46.12 16.06 17.85
N ARG A 218 47.44 15.90 17.96
CA ARG A 218 48.40 16.90 17.47
C ARG A 218 48.43 17.07 15.95
N GLU A 219 48.11 15.99 15.22
CA GLU A 219 48.13 15.99 13.75
C GLU A 219 46.92 16.72 13.14
N ASN A 220 45.96 17.10 13.99
CA ASN A 220 44.78 17.84 13.56
C ASN A 220 45.09 19.31 13.21
N ALA A 221 44.33 19.85 12.25
CA ALA A 221 44.55 21.23 11.77
C ALA A 221 44.30 22.32 12.81
N ASP A 222 43.34 22.10 13.69
CA ASP A 222 42.98 23.09 14.70
C ASP A 222 44.09 23.30 15.76
N PRO A 223 44.63 24.51 15.86
CA PRO A 223 45.60 24.82 16.92
C PRO A 223 45.04 24.79 18.35
N GLU A 224 43.76 25.15 18.51
CA GLU A 224 43.08 25.14 19.82
C GLU A 224 42.73 23.68 20.15
N ARG A 225 43.16 23.25 21.35
CA ARG A 225 43.11 21.87 21.78
C ARG A 225 43.00 21.83 23.29
N PHE A 226 42.43 20.72 23.78
CA PHE A 226 42.15 20.57 25.21
C PHE A 226 42.67 19.23 25.72
N LEU A 227 43.18 19.23 26.95
CA LEU A 227 43.43 18.04 27.70
C LEU A 227 42.42 17.99 28.81
N ILE A 228 41.78 16.84 28.96
CA ILE A 228 40.93 16.58 30.08
C ILE A 228 41.48 15.37 30.82
N CYS A 229 41.58 15.50 32.14
CA CYS A 229 41.93 14.40 33.00
C CYS A 229 40.67 13.80 33.60
N ASN A 230 40.51 12.49 33.45
CA ASN A 230 39.30 11.80 33.86
C ASN A 230 39.36 11.23 35.26
N ALA A 231 38.93 12.04 36.22
CA ALA A 231 38.77 11.60 37.58
C ALA A 231 37.28 11.40 37.95
N ASP A 232 36.43 11.07 36.97
CA ASP A 232 35.16 10.38 37.26
C ASP A 232 35.49 8.88 37.17
N GLU A 233 36.34 8.46 38.09
CA GLU A 233 36.84 7.10 38.11
C GLU A 233 35.66 6.13 37.85
N GLY A 234 34.59 6.28 38.63
CA GLY A 234 33.22 5.71 38.39
C GLY A 234 32.88 4.22 38.54
N GLU A 235 33.66 3.34 37.91
CA GLU A 235 33.42 1.90 37.93
C GLU A 235 33.37 1.40 39.38
N PRO A 236 32.34 0.64 39.76
CA PRO A 236 32.32 0.14 41.13
C PRO A 236 33.60 -0.63 41.45
N GLY A 237 34.12 -0.43 42.65
CA GLY A 237 35.31 -1.14 43.13
C GLY A 237 36.63 -0.43 42.84
N THR A 238 36.59 0.64 42.07
CA THR A 238 37.81 1.33 41.70
C THR A 238 38.03 2.45 42.71
N PHE A 239 39.22 2.53 43.27
CA PHE A 239 39.61 3.66 44.11
C PHE A 239 41.06 4.12 43.91
N LYS A 240 41.75 3.58 42.91
CA LYS A 240 43.15 3.91 42.68
C LYS A 240 43.35 5.40 42.45
N ASP A 241 42.47 6.02 41.67
CA ASP A 241 42.48 7.45 41.44
C ASP A 241 42.33 8.22 42.75
N ARG A 242 41.45 7.76 43.64
CA ARG A 242 41.25 8.40 44.95
C ARG A 242 42.52 8.43 45.77
N VAL A 243 43.37 7.43 45.61
CA VAL A 243 44.63 7.40 46.35
C VAL A 243 45.59 8.40 45.75
N LEU A 244 45.78 8.32 44.43
CA LEU A 244 46.68 9.21 43.71
C LEU A 244 46.32 10.69 43.88
N LEU A 245 45.03 10.98 44.06
CA LEU A 245 44.58 12.35 44.26
C LEU A 245 44.91 12.84 45.66
N THR A 246 44.74 11.95 46.64
CA THR A 246 45.03 12.29 48.03
C THR A 246 46.53 12.30 48.28
N ARG A 247 47.22 11.26 47.85
CA ARG A 247 48.66 11.13 48.07
C ARG A 247 49.55 12.04 47.22
N TYR A 248 49.29 12.10 45.91
CA TYR A 248 50.20 12.74 44.96
C TYR A 248 49.49 13.69 43.98
N PRO A 249 48.71 14.63 44.52
CA PRO A 249 48.04 15.57 43.60
C PRO A 249 49.02 16.36 42.77
N GLU A 250 50.13 16.81 43.36
CA GLU A 250 51.08 17.64 42.64
C GLU A 250 51.66 16.91 41.46
N HIS A 251 51.85 15.61 41.59
CA HIS A 251 52.36 14.79 40.48
C HIS A 251 51.36 14.66 39.34
N LEU A 252 50.08 14.53 39.68
CA LEU A 252 49.03 14.58 38.67
C LEU A 252 49.14 15.85 37.85
N PHE A 253 49.09 16.99 38.52
CA PHE A 253 49.11 18.25 37.81
C PHE A 253 50.37 18.43 36.96
N ALA A 254 51.48 17.84 37.40
CA ALA A 254 52.66 17.82 36.55
C ALA A 254 52.37 17.12 35.22
N GLY A 255 51.74 15.94 35.31
CA GLY A 255 51.39 15.11 34.14
C GLY A 255 50.38 15.79 33.24
N MET A 256 49.36 16.38 33.86
CA MET A 256 48.41 17.19 33.12
C MET A 256 49.16 18.23 32.32
N ILE A 257 50.06 18.98 32.95
CA ILE A 257 50.84 19.99 32.23
C ILE A 257 51.73 19.41 31.16
N LEU A 258 52.51 18.39 31.50
CA LEU A 258 53.36 17.72 30.53
C LEU A 258 52.60 17.28 29.27
N ALA A 259 51.48 16.58 29.48
CA ALA A 259 50.66 16.10 28.37
C ALA A 259 49.97 17.23 27.60
N ALA A 260 49.37 18.18 28.32
CA ALA A 260 48.86 19.39 27.69
C ALA A 260 49.91 20.02 26.78
N ARG A 261 51.16 20.12 27.24
CA ARG A 261 52.25 20.65 26.39
C ARG A 261 52.50 19.74 25.18
N ALA A 262 52.51 18.43 25.43
CA ALA A 262 52.79 17.47 24.38
C ALA A 262 51.83 17.62 23.21
N ILE A 263 50.54 17.88 23.50
CA ILE A 263 49.52 18.03 22.46
C ILE A 263 49.14 19.46 22.10
N GLY A 264 49.76 20.44 22.73
CA GLY A 264 49.53 21.83 22.36
C GLY A 264 48.18 22.33 22.80
N ALA A 265 47.89 22.14 24.09
CA ALA A 265 46.64 22.55 24.66
C ALA A 265 46.86 23.62 25.72
N ASP A 266 46.29 24.80 25.50
CA ASP A 266 46.38 25.94 26.43
C ASP A 266 45.74 25.62 27.76
N LYS A 267 44.69 24.79 27.73
CA LYS A 267 43.90 24.47 28.91
C LYS A 267 43.84 22.97 29.18
N ALA A 268 43.75 22.64 30.46
CA ALA A 268 43.70 21.27 30.94
C ALA A 268 42.79 21.22 32.16
N ILE A 269 41.81 20.33 32.11
CA ILE A 269 40.70 20.35 33.03
C ILE A 269 40.62 19.04 33.78
N LEU A 270 40.78 19.09 35.09
CA LEU A 270 40.60 17.93 35.93
C LEU A 270 39.10 17.86 36.18
N TYR A 271 38.46 16.80 35.67
CA TYR A 271 37.03 16.57 35.86
C TYR A 271 36.92 15.57 37.00
N LEU A 272 36.55 16.08 38.18
CA LEU A 272 36.53 15.33 39.42
C LEU A 272 35.11 14.88 39.75
N ARG A 273 34.89 13.61 40.07
CA ARG A 273 33.53 13.16 40.35
C ARG A 273 32.96 13.88 41.57
N TYR A 274 31.64 13.89 41.69
CA TYR A 274 30.97 14.60 42.76
C TYR A 274 31.34 14.07 44.12
N GLU A 275 31.56 12.76 44.18
CA GLU A 275 31.78 12.08 45.45
C GLU A 275 33.11 12.49 46.11
N TYR A 276 34.11 12.80 45.28
CA TYR A 276 35.41 13.18 45.77
C TYR A 276 35.53 14.67 46.04
N GLN A 277 34.41 15.39 46.12
CA GLN A 277 34.53 16.82 46.32
C GLN A 277 35.24 17.18 47.62
N TYR A 278 35.26 16.27 48.59
CA TYR A 278 36.04 16.52 49.80
C TYR A 278 37.51 16.83 49.52
N LEU A 279 38.04 16.25 48.44
CA LEU A 279 39.42 16.47 48.06
C LEU A 279 39.67 17.85 47.44
N LEU A 280 38.64 18.65 47.25
CA LEU A 280 38.78 19.89 46.49
C LEU A 280 39.77 20.91 47.10
N PRO A 281 39.63 21.22 48.41
CA PRO A 281 40.55 22.20 49.01
C PRO A 281 42.03 21.84 48.89
N GLN A 282 42.35 20.54 49.00
CA GLN A 282 43.73 20.08 48.84
C GLN A 282 44.19 20.14 47.40
N LEU A 283 43.29 19.82 46.48
CA LEU A 283 43.61 19.84 45.05
C LEU A 283 43.82 21.26 44.55
N GLU A 284 43.01 22.21 45.02
CA GLU A 284 43.23 23.62 44.67
C GLU A 284 44.59 24.10 45.20
N ALA A 285 44.91 23.76 46.44
CA ALA A 285 46.23 24.06 47.03
C ALA A 285 47.35 23.52 46.14
N ALA A 286 47.21 22.26 45.75
CA ALA A 286 48.19 21.56 44.94
C ALA A 286 48.29 22.12 43.53
N ARG A 287 47.12 22.37 42.92
CA ARG A 287 47.05 22.95 41.59
C ARG A 287 47.75 24.29 41.58
N GLU A 288 47.48 25.12 42.58
CA GLU A 288 48.11 26.42 42.63
C GLU A 288 49.62 26.33 42.86
N ARG A 289 50.09 25.36 43.63
CA ARG A 289 51.53 25.18 43.85
C ARG A 289 52.28 24.78 42.57
N ILE A 290 51.64 23.93 41.77
CA ILE A 290 52.25 23.48 40.53
C ILE A 290 52.24 24.58 39.47
N ALA A 291 51.18 25.39 39.42
CA ALA A 291 51.10 26.45 38.41
C ALA A 291 52.12 27.58 38.69
N SER A 292 52.76 27.54 39.87
CA SER A 292 53.96 28.35 40.16
C SER A 292 55.22 27.81 39.51
N ALA A 293 55.42 26.51 39.59
CA ALA A 293 56.55 25.88 38.94
C ALA A 293 56.63 26.09 37.39
N GLN A 294 55.55 26.56 36.78
CA GLN A 294 55.55 27.10 35.42
C GLN A 294 55.59 28.64 35.36
N ALA A 295 55.26 29.36 36.43
CA ALA A 295 55.24 30.86 36.44
C ALA A 295 56.27 31.56 35.55
N THR A 296 57.52 31.07 35.59
CA THR A 296 58.55 31.36 34.58
C THR A 296 58.04 31.46 33.13
N VAL A 297 57.04 30.66 32.76
CA VAL A 297 56.50 30.68 31.42
C VAL A 297 55.71 32.01 31.38
N PRO A 298 55.70 32.68 30.21
CA PRO A 298 54.99 33.89 29.80
C PRO A 298 53.48 34.16 29.86
N GLN A 299 52.67 33.19 30.28
CA GLN A 299 51.26 33.35 30.74
C GLN A 299 50.32 33.25 29.56
N ALA A 300 50.66 33.92 28.47
CA ALA A 300 50.07 33.63 27.19
C ALA A 300 50.39 32.16 26.82
N GLU A 301 51.62 31.76 27.14
CA GLU A 301 52.17 30.45 26.76
C GLU A 301 51.81 29.27 27.68
N ARG A 302 51.55 29.55 28.94
CA ARG A 302 51.48 28.50 29.98
C ARG A 302 50.15 27.75 29.94
N VAL A 303 50.17 26.51 30.40
CA VAL A 303 48.95 25.72 30.48
C VAL A 303 48.13 26.18 31.67
N THR A 304 46.87 26.52 31.42
CA THR A 304 45.93 26.83 32.49
C THR A 304 45.41 25.52 33.05
N LEU A 305 45.27 25.46 34.38
CA LEU A 305 44.69 24.30 35.04
C LEU A 305 43.37 24.63 35.71
N GLU A 306 42.33 23.88 35.38
CA GLU A 306 41.02 24.04 36.00
C GLU A 306 40.57 22.72 36.57
N ILE A 307 39.72 22.82 37.58
CA ILE A 307 39.02 21.68 38.12
C ILE A 307 37.52 21.86 37.95
N ALA A 308 36.87 20.80 37.47
CA ALA A 308 35.44 20.79 37.30
C ALA A 308 34.90 19.70 38.17
N LEU A 309 33.80 19.99 38.85
CA LEU A 309 33.12 19.00 39.66
C LEU A 309 31.98 18.41 38.85
N GLY A 310 31.94 17.07 38.81
CA GLY A 310 30.84 16.32 38.18
C GLY A 310 29.62 16.37 39.06
N ALA A 311 28.65 15.50 38.84
CA ALA A 311 27.41 15.55 39.63
C ALA A 311 26.59 14.27 39.66
N GLY A 312 27.22 13.13 39.45
CA GLY A 312 26.61 11.83 39.75
C GLY A 312 26.14 11.08 38.53
N ALA A 313 27.10 10.48 37.83
CA ALA A 313 26.81 9.60 36.71
C ALA A 313 28.06 8.75 36.41
N TYR A 314 27.89 7.43 36.28
CA TYR A 314 28.98 6.54 35.83
C TYR A 314 29.12 6.56 34.32
N VAL A 315 28.02 6.78 33.59
CA VAL A 315 28.13 6.93 32.13
C VAL A 315 29.14 8.02 31.75
N CYS A 316 29.29 9.05 32.59
CA CYS A 316 30.26 10.16 32.35
C CYS A 316 31.77 9.78 32.44
N GLY A 317 32.09 8.51 32.71
CA GLY A 317 33.44 7.96 32.51
C GLY A 317 33.70 7.50 31.06
N GLU A 318 32.68 7.63 30.19
CA GLU A 318 32.78 7.43 28.71
CA GLU A 318 32.89 7.39 28.78
C GLU A 318 33.23 8.78 28.16
N GLU A 319 34.21 8.79 27.27
CA GLU A 319 34.85 10.04 26.84
C GLU A 319 33.88 11.14 26.40
N SER A 320 33.03 10.86 25.42
CA SER A 320 32.19 11.89 24.80
C SER A 320 31.10 12.37 25.76
N ALA A 321 30.71 11.53 26.70
CA ALA A 321 29.68 11.89 27.66
C ALA A 321 30.23 12.86 28.70
N LEU A 322 31.47 12.63 29.11
CA LEU A 322 32.21 13.55 29.98
C LEU A 322 32.22 14.96 29.39
N ILE A 323 32.55 15.02 28.11
CA ILE A 323 32.63 16.25 27.36
C ILE A 323 31.29 16.95 27.31
N GLU A 324 30.24 16.20 26.96
CA GLU A 324 28.87 16.73 26.95
C GLU A 324 28.51 17.32 28.31
N SER A 325 28.87 16.61 29.37
CA SER A 325 28.67 17.11 30.71
C SER A 325 29.35 18.44 30.90
N LEU A 326 30.61 18.54 30.52
CA LEU A 326 31.37 19.77 30.69
C LEU A 326 30.87 20.90 29.82
N GLU A 327 30.22 20.57 28.70
CA GLU A 327 29.62 21.59 27.84
C GLU A 327 28.22 21.93 28.35
N GLY A 328 27.92 21.62 29.60
CA GLY A 328 26.63 21.98 30.19
C GLY A 328 25.40 21.26 29.61
N LYS A 329 25.55 19.99 29.28
CA LYS A 329 24.46 19.25 28.67
C LYS A 329 24.37 17.89 29.34
N PRO A 330 23.27 17.15 29.10
CA PRO A 330 23.20 15.81 29.67
C PRO A 330 24.35 14.97 29.16
N GLY A 331 24.98 14.23 30.08
CA GLY A 331 26.09 13.35 29.74
C GLY A 331 25.64 12.11 28.99
N ARG A 332 25.18 12.30 27.75
CA ARG A 332 24.81 11.18 26.89
C ARG A 332 25.87 11.07 25.82
N PRO A 333 26.33 9.84 25.55
CA PRO A 333 27.36 9.65 24.52
C PRO A 333 26.94 10.22 23.18
N ARG A 334 27.90 10.77 22.48
CA ARG A 334 27.67 11.37 21.18
C ARG A 334 27.44 10.26 20.18
N VAL A 335 27.09 10.66 18.96
CA VAL A 335 27.10 9.77 17.82
C VAL A 335 28.45 9.98 17.14
N ARG A 336 29.32 8.98 17.23
CA ARG A 336 30.68 9.07 16.70
C ARG A 336 30.76 8.15 15.50
N PRO A 337 31.53 8.50 14.49
CA PRO A 337 32.40 9.68 14.48
C PRO A 337 31.59 10.95 14.18
N PRO A 338 32.19 12.13 14.37
CA PRO A 338 33.60 12.30 14.73
C PRO A 338 33.85 11.99 16.21
N TYR A 339 35.05 11.45 16.49
CA TYR A 339 35.44 11.12 17.84
C TYR A 339 36.00 12.38 18.49
N PRO A 340 36.11 12.42 19.82
CA PRO A 340 36.61 13.63 20.50
C PRO A 340 38.06 14.09 20.15
N VAL A 341 38.93 13.15 19.75
CA VAL A 341 40.28 13.53 19.33
C VAL A 341 40.20 14.44 18.12
N THR A 342 39.14 14.26 17.31
CA THR A 342 38.83 15.16 16.20
C THR A 342 38.03 16.37 16.66
N GLN A 343 36.84 16.14 17.23
CA GLN A 343 35.95 17.21 17.69
C GLN A 343 35.41 16.84 19.05
N GLY A 344 35.89 17.54 20.06
CA GLY A 344 35.57 17.21 21.42
C GLY A 344 34.99 18.45 22.08
N TYR A 345 35.57 18.82 23.21
CA TYR A 345 35.12 19.94 23.97
C TYR A 345 35.07 21.18 23.10
N LEU A 346 33.92 21.85 23.08
CA LEU A 346 33.68 23.04 22.25
C LEU A 346 34.11 22.89 20.79
N GLY A 347 33.95 21.67 20.26
CA GLY A 347 34.34 21.39 18.89
C GLY A 347 35.84 21.35 18.63
N HIS A 348 36.68 21.58 19.64
CA HIS A 348 38.14 21.53 19.46
C HIS A 348 38.66 20.12 19.81
N PRO A 349 39.76 19.65 19.17
CA PRO A 349 40.37 18.33 19.45
C PRO A 349 40.73 18.18 20.90
N THR A 350 40.47 17.00 21.44
CA THR A 350 40.53 16.85 22.89
C THR A 350 40.98 15.44 23.23
N VAL A 351 41.91 15.38 24.17
CA VAL A 351 42.42 14.13 24.70
C VAL A 351 41.89 13.95 26.10
N VAL A 352 41.29 12.80 26.34
CA VAL A 352 40.85 12.46 27.68
C VAL A 352 41.77 11.35 28.24
N ASN A 353 42.53 11.66 29.28
CA ASN A 353 43.40 10.67 29.89
C ASN A 353 43.01 10.46 31.32
N ASN A 354 43.15 9.21 31.74
CA ASN A 354 42.94 8.89 33.13
C ASN A 354 44.07 9.44 34.04
N VAL A 355 43.71 9.72 35.30
CA VAL A 355 44.66 10.05 36.35
C VAL A 355 45.94 9.21 36.40
N GLU A 356 45.82 7.89 36.48
CA GLU A 356 47.02 7.06 36.58
C GLU A 356 47.87 7.21 35.33
N THR A 357 47.24 7.38 34.17
CA THR A 357 47.99 7.54 32.94
C THR A 357 48.87 8.79 33.02
N LEU A 358 48.32 9.90 33.46
CA LEU A 358 49.07 11.14 33.52
C LEU A 358 50.17 11.09 34.56
N VAL A 359 49.88 10.52 35.72
CA VAL A 359 50.94 10.29 36.72
C VAL A 359 52.08 9.50 36.07
N ALA A 360 51.77 8.42 35.37
CA ALA A 360 52.81 7.70 34.64
C ALA A 360 53.61 8.66 33.78
N VAL A 361 52.91 9.56 33.09
CA VAL A 361 53.59 10.53 32.23
C VAL A 361 54.64 11.35 33.00
N ALA A 362 54.31 11.80 34.21
CA ALA A 362 55.26 12.51 35.07
C ALA A 362 56.48 11.64 35.34
N ALA A 363 56.22 10.37 35.62
CA ALA A 363 57.28 9.44 35.96
C ALA A 363 58.14 9.16 34.74
N ILE A 364 57.51 9.09 33.56
CA ILE A 364 58.25 8.75 32.35
C ILE A 364 59.14 9.92 31.91
N VAL A 365 58.62 11.14 31.94
CA VAL A 365 59.48 12.31 31.68
C VAL A 365 60.50 12.43 32.81
N GLY A 366 60.10 12.04 34.03
CA GLY A 366 61.00 12.01 35.19
C GLY A 366 62.19 11.04 35.15
N ASN A 367 61.94 9.78 34.78
CA ASN A 367 62.95 8.70 34.82
C ASN A 367 63.41 8.14 33.47
N GLY A 368 62.75 8.51 32.37
CA GLY A 368 63.04 7.93 31.06
C GLY A 368 62.20 6.69 30.73
N ALA A 369 62.11 6.41 29.43
CA ALA A 369 61.30 5.33 28.89
C ALA A 369 61.90 3.94 29.17
N ALA A 370 63.23 3.87 29.23
CA ALA A 370 63.92 2.63 29.58
C ALA A 370 63.48 2.17 30.96
N TRP A 371 63.50 3.12 31.90
CA TRP A 371 63.06 2.87 33.25
C TRP A 371 61.63 2.31 33.33
N TRP A 372 60.76 2.82 32.46
CA TRP A 372 59.39 2.36 32.40
C TRP A 372 59.33 0.96 31.77
N ARG A 373 59.95 0.79 30.60
CA ARG A 373 59.81 -0.44 29.84
C ARG A 373 60.60 -1.60 30.48
N ALA A 374 61.51 -1.27 31.39
CA ALA A 374 62.13 -2.26 32.28
C ALA A 374 61.08 -3.12 32.98
N LEU A 375 59.94 -2.50 33.31
CA LEU A 375 58.83 -3.16 34.00
C LEU A 375 57.72 -3.66 33.06
N GLY A 376 56.97 -4.66 33.53
CA GLY A 376 55.79 -5.16 32.84
C GLY A 376 56.09 -6.23 31.79
N THR A 377 55.12 -6.51 30.93
CA THR A 377 55.30 -7.44 29.81
C THR A 377 55.69 -6.65 28.57
N PRO A 378 56.10 -7.36 27.49
CA PRO A 378 56.38 -6.69 26.21
C PRO A 378 55.20 -5.92 25.61
N ASP A 379 53.99 -6.47 25.74
CA ASP A 379 52.77 -5.83 25.22
C ASP A 379 52.22 -4.78 26.22
N SER A 380 52.05 -5.18 27.48
CA SER A 380 51.56 -4.27 28.55
C SER A 380 52.74 -3.83 29.42
N SER A 381 53.37 -2.75 29.02
CA SER A 381 54.61 -2.31 29.67
C SER A 381 54.31 -1.35 30.82
N GLY A 382 55.01 -1.58 31.91
CA GLY A 382 55.03 -0.69 33.05
C GLY A 382 54.37 -1.27 34.27
N PRO A 383 54.53 -0.59 35.41
CA PRO A 383 53.80 -0.94 36.61
C PRO A 383 52.33 -0.50 36.57
N LYS A 384 51.46 -1.37 37.08
CA LYS A 384 50.06 -1.05 37.25
C LYS A 384 49.71 -0.98 38.74
N LEU A 385 48.83 -0.06 39.09
CA LEU A 385 48.23 -0.02 40.42
C LEU A 385 46.97 -0.89 40.48
N PHE A 386 46.67 -1.44 41.65
CA PHE A 386 45.51 -2.30 41.80
C PHE A 386 44.79 -1.93 43.08
N CYS A 387 43.52 -1.54 42.93
CA CYS A 387 42.64 -1.28 44.05
C CYS A 387 41.91 -2.59 44.34
N VAL A 388 42.41 -3.31 45.34
CA VAL A 388 41.84 -4.58 45.76
C VAL A 388 40.93 -4.35 46.96
N SER A 389 39.78 -5.03 46.94
CA SER A 389 38.80 -4.95 48.02
C SER A 389 37.90 -6.17 48.00
N GLY A 390 36.94 -6.19 48.92
CA GLY A 390 35.99 -7.29 49.04
C GLY A 390 36.26 -8.12 50.30
N ASP A 391 36.25 -9.43 50.13
CA ASP A 391 36.51 -10.37 51.23
C ASP A 391 38.01 -10.61 51.39
N VAL A 392 38.69 -9.59 51.90
CA VAL A 392 40.15 -9.60 52.06
C VAL A 392 40.60 -8.95 53.37
N ALA A 393 41.65 -9.54 53.96
CA ALA A 393 42.21 -9.05 55.21
C ALA A 393 42.74 -7.63 55.04
N GLN A 394 43.41 -7.38 53.92
CA GLN A 394 43.91 -6.03 53.64
C GLN A 394 43.41 -5.52 52.26
N PRO A 395 42.25 -4.82 52.27
CA PRO A 395 41.87 -4.08 51.09
C PRO A 395 42.73 -2.84 51.00
N GLY A 396 42.88 -2.32 49.78
CA GLY A 396 43.70 -1.13 49.56
C GLY A 396 44.46 -1.25 48.25
N LEU A 397 45.47 -0.39 48.10
CA LEU A 397 46.16 -0.21 46.84
C LEU A 397 47.46 -1.01 46.74
N TYR A 398 47.65 -1.69 45.61
CA TYR A 398 48.78 -2.61 45.41
C TYR A 398 49.48 -2.35 44.09
N GLU A 399 50.75 -1.96 44.11
CA GLU A 399 51.54 -1.87 42.87
C GLU A 399 52.13 -3.22 42.48
N PHE A 400 51.91 -3.63 41.24
CA PHE A 400 52.56 -4.79 40.65
C PHE A 400 53.03 -4.38 39.29
N PRO A 401 54.02 -5.09 38.74
CA PRO A 401 54.25 -4.90 37.31
C PRO A 401 53.05 -5.43 36.50
N TYR A 402 52.75 -4.82 35.37
CA TYR A 402 51.76 -5.38 34.46
C TYR A 402 52.28 -6.77 34.10
N GLY A 403 51.37 -7.74 34.00
CA GLY A 403 51.75 -9.11 33.67
C GLY A 403 51.62 -10.09 34.81
N VAL A 404 51.44 -9.56 36.02
CA VAL A 404 51.24 -10.37 37.22
C VAL A 404 50.03 -11.32 37.14
N ALA A 405 50.18 -12.53 37.69
CA ALA A 405 49.09 -13.49 37.69
C ALA A 405 47.97 -12.94 38.55
N LEU A 406 46.74 -13.25 38.16
CA LEU A 406 45.59 -12.82 38.93
C LEU A 406 45.75 -13.29 40.39
N GLY A 407 46.15 -14.55 40.53
CA GLY A 407 46.33 -15.15 41.85
C GLY A 407 47.16 -14.28 42.78
N ASP A 408 48.34 -13.86 42.32
CA ASP A 408 49.31 -13.16 43.17
C ASP A 408 48.69 -11.90 43.76
N VAL A 409 48.01 -11.14 42.91
CA VAL A 409 47.32 -9.93 43.37
C VAL A 409 46.35 -10.27 44.47
N VAL A 410 45.53 -11.30 44.20
CA VAL A 410 44.51 -11.75 45.13
C VAL A 410 45.18 -12.18 46.41
N THR A 411 46.20 -13.04 46.29
CA THR A 411 46.86 -13.60 47.48
C THR A 411 47.47 -12.53 48.36
N ALA A 412 48.13 -11.55 47.75
CA ALA A 412 48.77 -10.47 48.48
C ALA A 412 47.81 -9.65 49.36
N ALA A 413 46.50 -9.88 49.23
CA ALA A 413 45.53 -9.22 50.10
C ALA A 413 44.89 -10.15 51.15
N ARG A 414 45.15 -11.45 51.06
CA ARG A 414 44.75 -12.43 52.09
C ARG A 414 43.30 -12.85 52.28
N PRO A 415 42.73 -13.49 51.24
CA PRO A 415 41.32 -13.86 51.28
C PRO A 415 40.89 -14.33 52.66
N LEU A 416 39.76 -13.82 53.15
CA LEU A 416 39.25 -14.15 54.47
C LEU A 416 38.64 -15.56 54.56
N GLY A 417 37.78 -15.89 53.61
CA GLY A 417 37.30 -17.26 53.47
C GLY A 417 38.16 -17.93 52.44
N THR A 418 37.78 -19.14 52.06
CA THR A 418 38.39 -19.76 50.89
C THR A 418 37.90 -19.01 49.64
N ARG A 419 38.77 -18.91 48.63
CA ARG A 419 38.47 -18.17 47.39
C ARG A 419 37.26 -18.77 46.69
N TYR A 420 36.44 -17.94 46.06
CA TYR A 420 35.30 -18.41 45.26
C TYR A 420 35.25 -17.73 43.89
N ALA A 421 34.95 -16.44 43.88
CA ALA A 421 34.79 -15.70 42.63
C ALA A 421 35.52 -14.38 42.73
N VAL A 422 35.97 -13.88 41.58
CA VAL A 422 36.61 -12.58 41.48
C VAL A 422 36.01 -11.78 40.34
N GLN A 423 35.69 -10.53 40.63
CA GLN A 423 35.28 -9.59 39.59
C GLN A 423 36.52 -8.79 39.20
N VAL A 424 36.97 -9.01 37.98
CA VAL A 424 38.12 -8.29 37.46
C VAL A 424 37.64 -7.06 36.70
N SER A 425 38.22 -5.91 37.05
CA SER A 425 38.02 -4.67 36.33
C SER A 425 36.63 -4.03 36.49
N GLY A 426 36.04 -4.20 37.68
CA GLY A 426 34.67 -3.73 37.94
C GLY A 426 33.63 -4.53 37.16
N PRO A 427 32.33 -4.14 37.26
CA PRO A 427 31.23 -4.92 36.62
C PRO A 427 31.28 -4.96 35.09
N SER A 428 31.99 -4.00 34.49
CA SER A 428 32.14 -3.93 33.03
C SER A 428 33.02 -5.04 32.49
N GLY A 429 33.95 -5.55 33.32
CA GLY A 429 34.85 -6.62 32.91
C GLY A 429 34.26 -7.99 33.15
N THR A 430 35.06 -8.87 33.76
CA THR A 430 34.71 -10.28 33.86
C THR A 430 34.48 -10.69 35.32
N LEU A 431 33.51 -11.58 35.48
CA LEU A 431 33.32 -12.30 36.72
C LEU A 431 33.88 -13.68 36.49
N LEU A 432 34.88 -14.06 37.29
CA LEU A 432 35.59 -15.31 37.09
C LEU A 432 35.56 -16.16 38.33
N PRO A 433 35.46 -17.48 38.15
CA PRO A 433 35.60 -18.34 39.30
C PRO A 433 37.08 -18.41 39.71
N ALA A 434 37.33 -18.69 40.98
CA ALA A 434 38.69 -18.82 41.51
C ALA A 434 39.25 -20.25 41.36
N THR A 435 39.28 -20.74 40.13
CA THR A 435 39.98 -21.99 39.81
C THR A 435 41.45 -21.64 39.58
N PRO A 436 42.35 -22.62 39.77
CA PRO A 436 43.77 -22.32 39.54
C PRO A 436 44.03 -21.90 38.10
N GLU A 437 43.28 -22.47 37.17
CA GLU A 437 43.44 -22.13 35.75
C GLU A 437 43.07 -20.66 35.50
N GLN A 438 42.10 -20.13 36.24
CA GLN A 438 41.75 -18.70 36.16
C GLN A 438 42.73 -17.79 36.91
N LEU A 439 43.10 -18.17 38.12
CA LEU A 439 44.04 -17.37 38.92
C LEU A 439 45.45 -17.35 38.31
N ALA A 440 45.76 -18.34 37.49
CA ALA A 440 47.01 -18.40 36.76
C ALA A 440 47.11 -17.28 35.72
N ARG A 441 45.97 -16.81 35.22
CA ARG A 441 45.94 -15.88 34.07
C ARG A 441 46.64 -14.55 34.38
N PRO A 442 47.55 -14.13 33.50
CA PRO A 442 48.21 -12.84 33.74
C PRO A 442 47.24 -11.65 33.57
N LEU A 443 47.51 -10.56 34.30
CA LEU A 443 46.69 -9.35 34.23
C LEU A 443 47.35 -8.35 33.31
N ALA A 444 46.92 -8.37 32.06
CA ALA A 444 47.49 -7.52 31.03
C ALA A 444 46.50 -7.50 29.89
N PHE A 445 46.63 -6.49 29.05
CA PHE A 445 45.71 -6.31 27.92
C PHE A 445 45.71 -7.52 26.96
N GLU A 446 46.90 -8.09 26.73
CA GLU A 446 47.04 -9.28 25.88
C GLU A 446 46.40 -10.55 26.46
N ALA A 447 46.18 -10.59 27.78
CA ALA A 447 45.65 -11.78 28.45
C ALA A 447 44.29 -11.47 29.10
N LEU A 448 44.31 -11.09 30.38
CA LEU A 448 43.08 -10.79 31.10
C LEU A 448 43.09 -9.31 31.40
N PRO A 449 42.32 -8.51 30.64
CA PRO A 449 42.43 -7.06 30.80
C PRO A 449 41.94 -6.59 32.17
N CYS A 450 42.63 -5.62 32.75
CA CYS A 450 42.26 -5.14 34.07
C CYS A 450 42.66 -3.69 34.22
N ASN A 451 41.68 -2.87 34.61
CA ASN A 451 41.88 -1.48 34.92
C ASN A 451 42.36 -1.26 36.35
N GLY A 452 42.60 -2.35 37.09
CA GLY A 452 43.17 -2.29 38.44
C GLY A 452 42.21 -2.68 39.53
N THR A 453 40.92 -2.66 39.24
CA THR A 453 39.92 -3.11 40.18
C THR A 453 39.93 -4.62 40.22
N VAL A 454 40.11 -5.15 41.43
CA VAL A 454 39.90 -6.56 41.71
C VAL A 454 39.03 -6.61 42.95
N MET A 455 38.00 -7.45 42.88
CA MET A 455 37.04 -7.61 43.97
C MET A 455 36.94 -9.11 44.26
N VAL A 456 37.27 -9.48 45.50
CA VAL A 456 37.37 -10.87 45.88
C VAL A 456 36.15 -11.23 46.68
N PHE A 457 35.60 -12.40 46.36
CA PHE A 457 34.46 -12.93 47.08
C PHE A 457 34.77 -14.35 47.51
N ASP A 458 34.64 -14.61 48.81
CA ASP A 458 34.80 -15.94 49.35
C ASP A 458 33.48 -16.73 49.19
N VAL A 459 33.41 -17.94 49.77
CA VAL A 459 32.36 -18.89 49.41
C VAL A 459 31.00 -18.63 50.10
N ARG A 460 30.92 -17.62 50.95
CA ARG A 460 29.62 -17.24 51.49
C ARG A 460 28.79 -16.48 50.46
N ARG A 461 29.45 -15.97 49.43
CA ARG A 461 28.81 -15.06 48.51
C ARG A 461 28.10 -15.83 47.41
N ASP A 462 26.97 -15.27 46.98
CA ASP A 462 26.18 -15.84 45.90
C ASP A 462 26.49 -15.09 44.60
N PRO A 463 27.15 -15.77 43.64
CA PRO A 463 27.39 -15.23 42.29
C PRO A 463 26.15 -14.57 41.68
N VAL A 464 25.02 -15.25 41.76
CA VAL A 464 23.76 -14.74 41.25
C VAL A 464 23.40 -13.39 41.87
N ALA A 465 23.51 -13.30 43.20
CA ALA A 465 23.12 -12.09 43.91
C ALA A 465 24.06 -10.94 43.59
N ILE A 466 25.31 -11.30 43.30
CA ILE A 466 26.32 -10.33 42.91
C ILE A 466 26.01 -9.72 41.57
N VAL A 467 25.77 -10.55 40.57
CA VAL A 467 25.34 -10.08 39.25
C VAL A 467 24.12 -9.15 39.34
N HIS A 468 23.18 -9.50 40.23
CA HIS A 468 21.95 -8.73 40.44
C HIS A 468 22.28 -7.34 40.95
N HIS A 469 23.25 -7.22 41.85
CA HIS A 469 23.69 -5.89 42.28
C HIS A 469 24.21 -5.07 41.10
N PHE A 470 24.98 -5.70 40.22
CA PHE A 470 25.50 -5.03 39.03
C PHE A 470 24.39 -4.70 38.02
N ALA A 471 23.50 -5.67 37.80
CA ALA A 471 22.34 -5.49 36.96
C ALA A 471 21.58 -4.22 37.35
N ARG A 472 21.46 -3.96 38.64
CA ARG A 472 20.71 -2.78 39.10
C ARG A 472 21.48 -1.50 38.85
N PHE A 473 22.79 -1.56 39.07
CA PHE A 473 23.65 -0.43 38.81
C PHE A 473 23.64 -0.01 37.34
N PHE A 474 23.72 -0.99 36.43
CA PHE A 474 23.65 -0.68 35.00
C PHE A 474 22.29 -0.07 34.65
N ALA A 475 21.21 -0.68 35.16
CA ALA A 475 19.87 -0.13 35.00
C ALA A 475 19.76 1.33 35.46
N HIS A 476 20.33 1.65 36.62
CA HIS A 476 20.24 3.01 37.16
C HIS A 476 21.11 4.00 36.40
N GLU A 477 22.26 3.53 35.92
CA GLU A 477 23.26 4.43 35.40
C GLU A 477 23.19 4.59 33.88
N SER A 478 22.38 3.79 33.23
CA SER A 478 22.14 3.94 31.78
C SER A 478 21.66 5.32 31.39
N CYS A 479 22.21 5.87 30.31
CA CYS A 479 21.86 7.23 29.92
C CYS A 479 20.47 7.35 29.26
N GLY A 480 19.86 6.22 28.89
CA GLY A 480 18.47 6.21 28.39
C GLY A 480 18.31 6.69 26.94
N PHE A 481 19.43 6.84 26.23
CA PHE A 481 19.40 7.43 24.90
C PHE A 481 18.94 6.43 23.83
N CYS A 482 19.35 5.17 23.94
CA CYS A 482 19.17 4.22 22.83
C CYS A 482 18.39 2.97 23.21
N THR A 483 17.61 2.48 22.28
CA THR A 483 16.59 1.46 22.59
C THR A 483 17.03 0.23 23.37
N PRO A 484 18.03 -0.54 22.87
CA PRO A 484 18.38 -1.81 23.53
C PRO A 484 18.96 -1.63 24.94
N CYS A 485 19.60 -0.50 25.19
CA CYS A 485 20.24 -0.28 26.47
C CYS A 485 19.27 0.35 27.43
N ARG A 486 18.50 1.33 26.97
CA ARG A 486 17.54 2.02 27.83
C ARG A 486 16.58 1.04 28.44
N VAL A 487 15.97 0.23 27.57
CA VAL A 487 14.99 -0.77 27.96
C VAL A 487 15.66 -2.01 28.50
N GLY A 488 16.70 -2.48 27.81
CA GLY A 488 17.22 -3.83 28.05
C GLY A 488 17.89 -3.97 29.40
N THR A 489 18.57 -2.91 29.82
CA THR A 489 19.22 -2.92 31.12
C THR A 489 18.12 -3.18 32.15
N GLN A 490 16.91 -2.67 31.88
CA GLN A 490 15.78 -2.78 32.81
C GLN A 490 15.27 -4.21 32.83
N LEU A 491 15.23 -4.83 31.65
CA LEU A 491 14.78 -6.20 31.52
C LEU A 491 15.65 -7.15 32.31
N ILE A 492 16.94 -6.86 32.36
CA ILE A 492 17.88 -7.69 33.09
C ILE A 492 17.59 -7.53 34.57
N ALA A 493 17.60 -6.29 35.04
CA ALA A 493 17.36 -5.99 36.46
C ALA A 493 16.08 -6.66 36.91
N LYS A 494 15.05 -6.61 36.08
CA LYS A 494 13.80 -7.25 36.42
C LYS A 494 13.94 -8.75 36.45
N THR A 495 14.71 -9.34 35.55
CA THR A 495 14.90 -10.81 35.57
C THR A 495 15.58 -11.30 36.85
N PHE A 496 16.45 -10.49 37.44
CA PHE A 496 17.16 -10.88 38.65
C PHE A 496 16.35 -10.55 39.91
N GLU A 497 15.41 -9.61 39.82
CA GLU A 497 14.44 -9.38 40.88
C GLU A 497 13.59 -10.63 41.01
N LYS A 498 13.26 -11.23 39.88
CA LYS A 498 12.40 -12.40 39.83
C LYS A 498 13.11 -13.64 40.37
N ILE A 499 14.41 -13.74 40.12
CA ILE A 499 15.21 -14.82 40.68
C ILE A 499 15.27 -14.67 42.20
N ALA A 500 15.64 -13.47 42.66
CA ALA A 500 15.78 -13.18 44.09
C ALA A 500 14.51 -13.45 44.85
N ALA A 501 13.36 -13.18 44.24
CA ALA A 501 12.07 -13.40 44.91
C ALA A 501 11.62 -14.86 44.83
N GLY A 502 12.29 -15.67 44.03
CA GLY A 502 12.02 -17.11 43.94
C GLY A 502 11.00 -17.52 42.91
N TYR A 503 10.69 -16.63 41.96
CA TYR A 503 9.69 -16.89 40.94
C TYR A 503 10.31 -17.30 39.60
N ALA A 504 11.61 -17.17 39.44
CA ALA A 504 12.25 -17.33 38.12
C ALA A 504 12.30 -18.79 37.67
N THR A 505 12.16 -19.03 36.36
CA THR A 505 12.20 -20.38 35.78
C THR A 505 13.07 -20.38 34.54
N ARG A 506 13.21 -21.52 33.88
CA ARG A 506 14.02 -21.61 32.66
C ARG A 506 13.54 -20.65 31.58
N PHE A 507 12.22 -20.54 31.46
CA PHE A 507 11.62 -19.67 30.45
C PHE A 507 12.06 -18.21 30.58
N ASP A 508 12.38 -17.76 31.79
CA ASP A 508 12.74 -16.36 32.00
C ASP A 508 14.10 -16.02 31.39
N LEU A 509 14.99 -17.00 31.27
CA LEU A 509 16.29 -16.80 30.64
C LEU A 509 16.23 -16.94 29.15
N GLU A 510 15.23 -17.66 28.68
CA GLU A 510 15.03 -17.84 27.28
C GLU A 510 14.45 -16.58 26.65
N ARG A 511 13.60 -15.87 27.39
CA ARG A 511 12.99 -14.64 26.89
C ARG A 511 13.98 -13.49 27.01
N LEU A 512 14.93 -13.61 27.92
CA LEU A 512 15.91 -12.56 28.13
C LEU A 512 17.04 -12.57 27.10
N ALA A 513 17.30 -13.73 26.49
CA ALA A 513 18.43 -13.87 25.57
C ALA A 513 18.42 -12.85 24.44
N PRO A 514 17.28 -12.71 23.72
CA PRO A 514 17.26 -11.86 22.52
C PRO A 514 17.51 -10.41 22.85
N ALA A 515 17.13 -9.99 24.05
CA ALA A 515 17.46 -8.65 24.51
C ALA A 515 18.98 -8.44 24.81
N LEU A 516 19.62 -9.46 25.38
CA LEU A 516 21.06 -9.45 25.58
C LEU A 516 21.76 -9.34 24.24
N GLU A 517 21.29 -10.11 23.28
CA GLU A 517 21.82 -10.07 21.93
C GLU A 517 21.75 -8.66 21.37
N ALA A 518 20.56 -8.05 21.44
CA ALA A 518 20.38 -6.70 20.94
C ALA A 518 21.24 -5.66 21.68
N MET A 519 21.48 -5.86 22.97
CA MET A 519 22.32 -4.95 23.74
C MET A 519 23.77 -5.05 23.32
N ARG A 520 24.22 -6.28 23.11
CA ARG A 520 25.61 -6.57 22.82
C ARG A 520 25.96 -6.11 21.41
N LEU A 521 25.01 -6.20 20.49
CA LEU A 521 25.25 -5.84 19.10
C LEU A 521 24.80 -4.44 18.71
N ALA A 522 23.63 -4.02 19.17
CA ALA A 522 22.97 -2.79 18.66
C ALA A 522 23.12 -1.52 19.53
N SER A 523 23.56 -1.63 20.78
CA SER A 523 23.81 -0.43 21.60
C SER A 523 24.63 0.63 20.88
N ASN A 524 24.50 1.87 21.33
CA ASN A 524 25.22 2.99 20.72
C ASN A 524 26.60 3.24 21.32
N CYS A 525 26.81 2.86 22.57
CA CYS A 525 28.11 3.00 23.21
C CYS A 525 28.53 1.75 24.00
N GLY A 526 29.73 1.77 24.56
CA GLY A 526 30.33 0.60 25.19
C GLY A 526 29.75 0.24 26.54
N PHE A 527 28.96 1.14 27.12
CA PHE A 527 28.19 0.84 28.32
C PHE A 527 27.10 -0.21 28.03
N GLY A 528 26.30 0.00 27.00
CA GLY A 528 25.28 -0.98 26.61
C GLY A 528 25.83 -2.32 26.15
N LEU A 529 27.06 -2.30 25.66
CA LEU A 529 27.75 -3.51 25.28
C LEU A 529 28.23 -4.27 26.54
N SER A 530 28.82 -3.54 27.49
CA SER A 530 29.35 -4.08 28.76
C SER A 530 28.25 -4.64 29.63
N ALA A 531 27.15 -3.92 29.76
CA ALA A 531 26.06 -4.30 30.68
C ALA A 531 25.55 -5.76 30.56
N GLY A 532 25.71 -6.40 29.42
CA GLY A 532 25.36 -7.80 29.29
C GLY A 532 26.41 -8.74 29.91
N ASN A 533 27.57 -8.22 30.35
CA ASN A 533 28.75 -9.03 30.71
C ASN A 533 28.55 -9.88 31.95
N PRO A 534 28.09 -9.29 33.05
CA PRO A 534 27.81 -10.07 34.22
C PRO A 534 26.98 -11.34 33.97
N VAL A 535 25.84 -11.24 33.27
CA VAL A 535 24.98 -12.42 33.14
C VAL A 535 25.55 -13.38 32.09
N ARG A 536 26.37 -12.87 31.17
CA ARG A 536 27.11 -13.73 30.24
C ARG A 536 28.11 -14.62 31.02
N ASP A 537 28.76 -14.02 32.01
CA ASP A 537 29.76 -14.72 32.82
C ASP A 537 29.09 -15.70 33.79
N LEU A 538 27.92 -15.30 34.29
CA LEU A 538 27.15 -16.14 35.19
C LEU A 538 26.69 -17.40 34.49
N ILE A 539 26.26 -17.29 33.25
CA ILE A 539 25.86 -18.45 32.47
C ILE A 539 27.08 -19.32 32.12
N ALA A 540 28.20 -18.68 31.78
CA ALA A 540 29.38 -19.40 31.27
C ALA A 540 30.18 -20.17 32.36
N HIS A 541 30.16 -19.66 33.59
CA HIS A 541 31.01 -20.19 34.66
C HIS A 541 30.21 -20.73 35.83
N PHE A 542 29.20 -19.98 36.25
CA PHE A 542 28.39 -20.34 37.42
C PHE A 542 27.03 -20.90 37.00
N ARG A 543 27.04 -21.69 35.92
CA ARG A 543 25.81 -22.24 35.34
C ARG A 543 24.98 -22.91 36.44
N GLN A 544 25.62 -23.72 37.25
CA GLN A 544 24.93 -24.53 38.25
C GLN A 544 24.35 -23.71 39.38
N GLN A 545 25.05 -22.66 39.79
CA GLN A 545 24.59 -21.80 40.89
C GLN A 545 23.32 -21.07 40.51
N LEU A 546 23.17 -20.82 39.21
CA LEU A 546 21.98 -20.20 38.66
C LEU A 546 20.84 -21.21 38.45
N GLU A 547 21.16 -22.39 37.94
CA GLU A 547 20.18 -23.47 37.84
C GLU A 547 19.55 -23.72 39.19
N ALA A 548 20.34 -23.56 40.25
CA ALA A 548 19.88 -23.79 41.62
C ALA A 548 18.86 -22.78 42.15
N GLN A 549 18.64 -21.68 41.45
CA GLN A 549 17.66 -20.70 41.88
C GLN A 549 16.56 -20.53 40.88
N LEU A 550 16.50 -21.44 39.92
CA LEU A 550 15.34 -21.53 39.03
C LEU A 550 14.35 -22.59 39.52
N GLN A 551 13.11 -22.19 39.73
CA GLN A 551 12.08 -23.12 40.15
C GLN A 551 11.87 -24.11 39.02
N PRO A 552 11.32 -25.31 39.34
CA PRO A 552 11.09 -26.32 38.30
C PRO A 552 9.81 -26.12 37.47
N HIS A 553 9.04 -25.08 37.78
CA HIS A 553 7.81 -24.78 37.06
C HIS A 553 8.10 -24.21 35.65
N ASP A 554 7.13 -24.36 34.74
CA ASP A 554 7.22 -23.84 33.35
C ASP A 554 7.12 -22.32 33.26
N PHE A 555 6.39 -21.71 34.20
CA PHE A 555 6.31 -20.26 34.34
C PHE A 555 5.70 -19.87 35.68
N ILE A 556 6.14 -18.74 36.23
CA ILE A 556 5.56 -18.20 37.45
C ILE A 556 5.45 -16.69 37.35
N PRO A 557 4.32 -16.10 37.79
CA PRO A 557 4.23 -14.65 37.81
C PRO A 557 5.40 -13.96 38.51
N ALA A 558 5.82 -12.84 37.96
CA ALA A 558 6.94 -12.07 38.49
C ALA A 558 6.54 -11.16 39.66
N PHE A 559 5.26 -10.98 39.88
CA PHE A 559 4.75 -10.10 40.92
C PHE A 559 3.91 -10.92 41.88
N SER A 560 3.94 -10.49 43.14
CA SER A 560 3.09 -11.08 44.15
C SER A 560 1.66 -10.82 43.73
N LEU A 561 0.97 -11.90 43.40
CA LEU A 561 -0.45 -11.87 43.08
C LEU A 561 -1.35 -11.36 44.21
N ASP A 562 -0.76 -10.94 45.34
CA ASP A 562 -1.49 -10.23 46.39
C ASP A 562 -0.59 -9.86 47.55
N ALA A 563 -0.14 -8.61 47.73
CA ALA A 563 0.01 -7.53 46.75
C ALA A 563 -1.23 -7.16 45.92
N GLU A 564 -1.29 -7.60 44.67
CA GLU A 564 -2.23 -7.07 43.69
C GLU A 564 -3.68 -6.92 44.23
N LEU A 565 -4.14 -7.91 44.98
CA LEU A 565 -5.46 -7.83 45.62
C LEU A 565 -5.50 -7.03 46.95
N ALA A 566 -4.35 -6.55 47.42
CA ALA A 566 -4.28 -5.79 48.66
C ALA A 566 -5.19 -4.58 48.62
N ALA A 567 -5.12 -3.84 47.51
CA ALA A 567 -5.90 -2.64 47.33
C ALA A 567 -7.42 -2.87 47.46
N THR A 568 -7.92 -3.92 46.79
CA THR A 568 -9.34 -4.23 46.77
C THR A 568 -9.78 -4.98 48.02
N ARG A 569 -8.88 -5.75 48.63
CA ARG A 569 -9.15 -6.25 50.00
C ARG A 569 -9.39 -5.10 51.00
N ARG A 570 -8.44 -4.15 51.09
CA ARG A 570 -8.63 -2.98 51.93
C ARG A 570 -10.03 -2.39 51.75
N LEU A 571 -10.45 -2.18 50.51
CA LEU A 571 -11.69 -1.46 50.19
C LEU A 571 -12.95 -2.24 50.55
N THR A 572 -13.08 -3.46 50.02
CA THR A 572 -14.25 -4.30 50.27
C THR A 572 -14.32 -4.80 51.70
N GLY A 573 -13.16 -4.93 52.33
CA GLY A 573 -13.03 -5.40 53.70
C GLY A 573 -13.00 -6.90 53.83
N ARG A 574 -12.55 -7.63 52.81
CA ARG A 574 -12.55 -9.09 52.89
C ARG A 574 -11.16 -9.70 53.16
N ASP A 575 -11.20 -10.85 53.82
CA ASP A 575 -10.03 -11.68 53.99
C ASP A 575 -10.36 -13.18 53.84
N ASP A 576 -11.53 -13.49 53.27
CA ASP A 576 -11.87 -14.87 52.92
C ASP A 576 -10.89 -15.46 51.88
N PRO A 577 -10.81 -16.79 51.77
CA PRO A 577 -9.92 -17.42 50.77
C PRO A 577 -10.07 -16.88 49.34
N HIS A 578 -11.32 -16.76 48.88
CA HIS A 578 -11.61 -16.24 47.54
C HIS A 578 -11.14 -14.81 47.25
N ALA A 579 -10.70 -14.07 48.27
CA ALA A 579 -10.05 -12.75 48.10
C ALA A 579 -8.52 -12.82 48.18
N HIS A 580 -7.99 -14.02 47.93
CA HIS A 580 -6.57 -14.31 47.95
C HIS A 580 -6.22 -15.21 46.77
N LEU A 581 -5.04 -15.00 46.19
CA LEU A 581 -4.56 -15.85 45.11
C LEU A 581 -3.26 -16.51 45.49
N ALA A 582 -3.10 -17.74 45.02
CA ALA A 582 -1.84 -18.45 45.16
C ALA A 582 -0.98 -18.08 44.00
N GLN A 583 0.33 -18.06 44.21
CA GLN A 583 1.26 -18.16 43.09
C GLN A 583 1.52 -19.63 42.85
N PHE A 584 2.37 -19.94 41.89
CA PHE A 584 2.71 -21.33 41.61
C PHE A 584 1.46 -22.12 41.15
N GLU A 585 1.66 -23.36 40.75
CA GLU A 585 0.58 -24.33 40.55
C GLU A 585 1.19 -25.70 40.76
N GLN A 586 0.40 -26.74 40.65
CA GLN A 586 0.99 -28.06 40.80
C GLN A 586 0.81 -28.95 39.57
N PRO A 587 1.94 -29.38 38.95
CA PRO A 587 1.88 -30.39 37.88
C PRO A 587 1.44 -31.79 38.38
N GLU A 588 1.21 -32.73 37.46
CA GLU A 588 0.95 -34.14 37.81
C GLU A 588 0.92 -35.02 36.57
N VAL A 589 1.70 -36.11 36.58
CA VAL A 589 1.91 -36.93 35.36
C VAL A 589 1.22 -38.32 35.46
N THR A 590 0.82 -38.86 34.31
CA THR A 590 0.09 -40.14 34.22
C THR A 590 0.93 -41.22 33.50
N ALA B 9 27.87 11.91 -7.60
CA ALA B 9 28.11 10.56 -7.00
C ALA B 9 29.38 9.90 -7.54
N SER B 10 30.53 10.29 -6.99
CA SER B 10 31.82 9.81 -7.47
C SER B 10 32.05 8.33 -7.15
N GLU B 11 31.97 7.97 -5.88
CA GLU B 11 32.40 6.65 -5.40
C GLU B 11 31.28 5.61 -5.26
N THR B 12 31.65 4.37 -4.91
CA THR B 12 30.68 3.29 -4.62
C THR B 12 31.15 2.31 -3.52
N PHE B 13 30.19 1.65 -2.88
CA PHE B 13 30.44 0.62 -1.87
C PHE B 13 29.45 -0.53 -2.11
N THR B 14 29.62 -1.62 -1.36
CA THR B 14 28.78 -2.81 -1.55
C THR B 14 27.71 -2.99 -0.47
N LEU B 15 26.45 -2.95 -0.91
CA LEU B 15 25.32 -3.21 -0.04
C LEU B 15 24.58 -4.46 -0.49
N ASP B 16 24.85 -5.59 0.17
CA ASP B 16 24.20 -6.85 -0.20
C ASP B 16 24.56 -7.25 -1.64
N GLU B 17 25.86 -7.37 -1.90
CA GLU B 17 26.42 -7.77 -3.20
C GLU B 17 26.04 -6.83 -4.35
N GLU B 18 25.92 -5.54 -4.03
CA GLU B 18 25.47 -4.56 -5.02
C GLU B 18 26.36 -3.33 -4.95
N SER B 19 26.79 -2.85 -6.12
CA SER B 19 27.49 -1.58 -6.19
C SER B 19 26.45 -0.48 -5.95
N ILE B 20 26.74 0.40 -5.00
CA ILE B 20 25.83 1.46 -4.63
C ILE B 20 26.63 2.76 -4.65
N PRO B 21 26.21 3.70 -5.51
CA PRO B 21 26.91 4.97 -5.63
C PRO B 21 26.82 5.81 -4.37
N PHE B 22 27.86 6.60 -4.08
CA PHE B 22 27.80 7.50 -2.93
C PHE B 22 28.61 8.79 -3.06
N VAL B 23 28.03 9.88 -2.55
CA VAL B 23 28.72 11.15 -2.40
C VAL B 23 29.44 11.14 -1.05
N PRO B 24 30.77 11.20 -1.05
CA PRO B 24 31.42 11.23 0.26
C PRO B 24 31.12 12.55 0.94
N GLY B 25 30.93 12.59 2.26
CA GLY B 25 30.71 11.42 3.11
C GLY B 25 29.25 11.38 3.54
N GLN B 26 28.37 10.93 2.66
CA GLN B 26 27.07 10.43 3.10
C GLN B 26 27.32 9.26 4.03
N THR B 27 26.33 8.95 4.86
CA THR B 27 26.32 7.68 5.58
C THR B 27 25.80 6.58 4.66
N VAL B 28 26.01 5.33 5.09
CA VAL B 28 25.47 4.19 4.37
C VAL B 28 23.94 4.30 4.20
N LEU B 29 23.26 4.65 5.28
CA LEU B 29 21.79 4.78 5.27
C LEU B 29 21.36 5.79 4.23
N GLU B 30 22.04 6.93 4.20
CA GLU B 30 21.68 8.01 3.28
C GLU B 30 21.84 7.55 1.86
N ALA B 31 22.98 6.94 1.60
CA ALA B 31 23.35 6.54 0.26
C ALA B 31 22.45 5.41 -0.25
N ALA B 32 22.15 4.45 0.62
CA ALA B 32 21.23 3.35 0.25
C ALA B 32 19.86 3.84 -0.15
N LEU B 33 19.30 4.77 0.61
CA LEU B 33 17.93 5.25 0.37
C LEU B 33 17.84 6.13 -0.86
N ALA B 34 18.91 6.90 -1.11
CA ALA B 34 19.06 7.68 -2.35
C ALA B 34 19.01 6.78 -3.57
N ALA B 35 19.64 5.61 -3.45
CA ALA B 35 19.67 4.61 -4.52
C ALA B 35 18.41 3.75 -4.60
N GLY B 36 17.42 4.02 -3.75
CA GLY B 36 16.17 3.26 -3.75
C GLY B 36 16.26 1.88 -3.12
N ARG B 37 17.18 1.72 -2.16
CA ARG B 37 17.36 0.44 -1.45
C ARG B 37 17.02 0.60 0.04
N TYR B 38 15.79 0.26 0.43
CA TYR B 38 15.31 0.54 1.80
C TYR B 38 16.02 -0.24 2.93
N ILE B 39 16.26 0.43 4.05
CA ILE B 39 16.81 -0.20 5.27
C ILE B 39 15.96 0.24 6.46
N PRO B 40 15.44 -0.70 7.27
CA PRO B 40 14.64 -0.26 8.41
C PRO B 40 15.26 0.93 9.16
N HIS B 41 14.46 1.97 9.38
CA HIS B 41 14.86 3.10 10.20
C HIS B 41 13.64 3.82 10.79
N LEU B 42 13.89 4.56 11.88
CA LEU B 42 12.85 5.33 12.57
C LEU B 42 13.23 6.77 12.83
N CYS B 43 14.35 6.94 13.53
CA CYS B 43 14.78 8.27 13.95
C CYS B 43 15.47 9.07 12.87
N TRP B 44 15.97 8.40 11.83
CA TRP B 44 16.47 9.12 10.64
C TRP B 44 15.35 9.84 9.86
N HIS B 45 15.66 10.98 9.28
CA HIS B 45 14.68 11.75 8.55
C HIS B 45 15.45 12.64 7.58
N PRO B 46 14.94 12.81 6.34
CA PRO B 46 15.70 13.54 5.28
C PRO B 46 16.12 14.97 5.64
N GLU B 47 15.20 15.76 6.21
CA GLU B 47 15.51 17.11 6.67
C GLU B 47 16.32 17.16 7.94
N MET B 48 16.00 16.31 8.90
CA MET B 48 16.61 16.38 10.25
C MET B 48 17.74 15.39 10.40
N GLY B 49 18.14 14.72 9.33
CA GLY B 49 19.27 13.80 9.41
C GLY B 49 19.19 12.77 10.50
N ASN B 50 20.34 12.27 10.93
CA ASN B 50 20.42 11.11 11.86
C ASN B 50 20.21 11.50 13.29
N HIS B 51 20.18 10.50 14.16
CA HIS B 51 19.99 10.73 15.58
C HIS B 51 20.64 9.59 16.34
N GLY B 52 20.28 8.35 16.01
CA GLY B 52 20.97 7.17 16.56
C GLY B 52 20.39 6.52 17.80
N SER B 53 19.06 6.60 17.97
CA SER B 53 18.38 6.14 19.19
C SER B 53 17.57 4.91 18.92
N CYS B 54 17.00 4.79 17.73
CA CYS B 54 16.06 3.68 17.48
C CYS B 54 16.79 2.33 17.36
N ARG B 55 17.86 2.35 16.55
CA ARG B 55 18.79 1.23 16.28
C ARG B 55 18.28 0.28 15.24
N LEU B 56 17.21 0.65 14.54
CA LEU B 56 16.62 -0.25 13.55
C LEU B 56 17.49 -0.31 12.32
N CYS B 57 18.27 0.75 12.11
CA CYS B 57 19.11 0.85 10.92
C CYS B 57 20.34 -0.06 10.94
N VAL B 58 20.70 -0.62 12.10
CA VAL B 58 21.91 -1.46 12.23
C VAL B 58 22.19 -2.45 11.07
N VAL B 59 23.49 -2.60 10.79
CA VAL B 59 24.02 -3.40 9.69
C VAL B 59 25.37 -4.04 10.09
N GLU B 60 25.80 -5.06 9.37
CA GLU B 60 27.10 -5.71 9.62
C GLU B 60 28.14 -5.04 8.73
N ALA B 61 29.28 -4.66 9.35
CA ALA B 61 30.39 -4.00 8.66
C ALA B 61 31.57 -3.78 9.59
N ASN B 62 32.75 -4.28 9.20
CA ASN B 62 34.04 -4.01 9.90
C ASN B 62 34.30 -4.55 11.33
N GLY B 63 34.01 -5.83 11.62
CA GLY B 63 33.09 -6.71 10.89
C GLY B 63 32.05 -6.98 11.96
N ARG B 64 31.49 -5.88 12.48
CA ARG B 64 30.59 -5.89 13.60
C ARG B 64 29.30 -5.20 13.20
N ILE B 65 28.32 -5.20 14.11
CA ILE B 65 27.02 -4.59 13.86
C ILE B 65 27.03 -3.16 14.37
N GLN B 66 26.56 -2.24 13.52
CA GLN B 66 26.56 -0.84 13.85
C GLN B 66 25.48 -0.11 13.07
N ALA B 67 25.16 1.09 13.56
CA ALA B 67 24.12 1.89 12.96
C ALA B 67 24.50 2.40 11.59
N SER B 68 23.74 2.06 10.57
CA SER B 68 23.99 2.64 9.25
C SER B 68 23.68 4.15 9.10
N CYS B 69 23.06 4.77 10.10
CA CYS B 69 22.78 6.23 10.07
C CYS B 69 23.99 7.06 10.53
N ALA B 70 24.95 6.38 11.16
CA ALA B 70 26.20 6.96 11.61
C ALA B 70 27.40 6.40 10.84
N LEU B 71 27.22 5.29 10.14
CA LEU B 71 28.30 4.65 9.41
C LEU B 71 28.61 5.41 8.13
N PRO B 72 29.82 6.01 8.05
CA PRO B 72 30.16 6.74 6.84
C PRO B 72 30.56 5.82 5.71
N ALA B 73 29.96 6.04 4.55
CA ALA B 73 30.35 5.36 3.32
C ALA B 73 31.84 5.56 3.07
N GLN B 74 32.50 4.46 2.72
CA GLN B 74 33.85 4.46 2.23
C GLN B 74 33.86 3.78 0.86
N PRO B 75 34.85 4.10 0.02
CA PRO B 75 34.94 3.36 -1.24
C PRO B 75 35.15 1.87 -0.99
N GLY B 76 34.31 1.04 -1.63
CA GLY B 76 34.40 -0.43 -1.50
C GLY B 76 34.17 -0.99 -0.10
N LEU B 77 33.30 -0.33 0.67
CA LEU B 77 32.91 -0.83 1.98
C LEU B 77 31.93 -1.98 1.81
N GLN B 78 32.12 -3.02 2.60
CA GLN B 78 31.32 -4.25 2.46
C GLN B 78 30.24 -4.33 3.54
N VAL B 79 28.98 -4.25 3.11
CA VAL B 79 27.85 -4.05 4.02
C VAL B 79 26.72 -5.08 3.84
N VAL B 80 26.32 -5.70 4.95
CA VAL B 80 25.16 -6.59 4.95
C VAL B 80 24.01 -5.93 5.69
N SER B 81 22.89 -5.71 5.02
CA SER B 81 21.69 -5.18 5.67
C SER B 81 20.64 -6.26 5.95
N LYS B 82 20.62 -7.34 5.18
CA LYS B 82 19.62 -8.40 5.33
C LYS B 82 20.26 -9.73 5.74
N SER B 83 20.15 -10.09 7.02
CA SER B 83 20.48 -11.44 7.48
C SER B 83 19.45 -11.92 8.51
N GLU B 84 19.53 -13.18 8.93
CA GLU B 84 18.69 -13.69 9.99
C GLU B 84 18.96 -12.97 11.33
N THR B 85 20.22 -12.71 11.60
CA THR B 85 20.61 -12.00 12.82
C THR B 85 20.06 -10.58 12.82
N LEU B 86 20.12 -9.91 11.67
CA LEU B 86 19.66 -8.54 11.61
C LEU B 86 18.15 -8.46 11.77
N THR B 87 17.42 -9.42 11.21
CA THR B 87 15.96 -9.44 11.33
C THR B 87 15.50 -9.79 12.73
N ARG B 88 16.22 -10.69 13.39
CA ARG B 88 15.98 -10.96 14.82
C ARG B 88 16.27 -9.74 15.71
N VAL B 89 17.45 -9.14 15.59
CA VAL B 89 17.81 -7.97 16.40
C VAL B 89 16.80 -6.82 16.27
N ARG B 90 16.35 -6.54 15.06
CA ARG B 90 15.31 -5.55 14.86
C ARG B 90 13.97 -5.96 15.47
N ARG B 91 13.49 -7.16 15.14
CA ARG B 91 12.29 -7.66 15.77
C ARG B 91 12.39 -7.36 17.26
N THR B 92 13.52 -7.70 17.89
CA THR B 92 13.65 -7.54 19.32
C THR B 92 13.50 -6.08 19.71
N LEU B 93 14.13 -5.18 18.98
CA LEU B 93 14.02 -3.76 19.29
C LEU B 93 12.56 -3.27 19.17
N LEU B 94 11.84 -3.80 18.20
CA LEU B 94 10.45 -3.45 18.05
C LEU B 94 9.63 -3.95 19.25
N GLU B 95 9.96 -5.10 19.79
CA GLU B 95 9.32 -5.60 21.01
C GLU B 95 9.66 -4.74 22.24
N MET B 96 10.84 -4.15 22.25
CA MET B 96 11.26 -3.30 23.37
C MET B 96 10.48 -1.99 23.40
N LEU B 97 10.30 -1.39 22.23
CA LEU B 97 9.61 -0.11 22.14
C LEU B 97 8.14 -0.26 22.44
N PHE B 98 7.53 -1.32 21.93
CA PHE B 98 6.14 -1.63 22.24
C PHE B 98 5.99 -1.95 23.73
N ALA B 99 6.83 -2.82 24.26
CA ALA B 99 6.75 -3.16 25.67
C ALA B 99 6.87 -1.93 26.54
N GLU B 100 7.87 -1.09 26.24
CA GLU B 100 8.20 0.14 26.98
C GLU B 100 7.05 1.14 27.16
N GLY B 101 6.25 1.37 26.12
CA GLY B 101 5.14 2.33 26.19
C GLY B 101 3.76 1.67 26.15
N ASN B 102 2.72 2.50 26.15
CA ASN B 102 1.36 2.02 26.07
C ASN B 102 0.92 2.16 24.61
N HIS B 103 1.29 1.15 23.82
CA HIS B 103 0.84 1.05 22.45
C HIS B 103 -0.32 0.06 22.32
N PHE B 104 -1.41 0.59 22.84
CA PHE B 104 -2.74 0.21 22.55
C PHE B 104 -3.16 0.86 21.23
N CYS B 105 -2.62 0.39 20.11
CA CYS B 105 -3.08 0.89 18.80
C CYS B 105 -4.62 0.97 18.62
N PRO B 106 -5.42 0.04 19.22
CA PRO B 106 -6.88 0.07 18.97
C PRO B 106 -7.64 1.38 19.26
N GLY B 107 -7.04 2.26 20.05
CA GLY B 107 -7.65 3.54 20.29
C GLY B 107 -6.72 4.70 20.05
N CYS B 108 -5.63 4.43 19.29
CA CYS B 108 -4.62 5.43 18.89
C CYS B 108 -5.05 5.98 17.58
N GLU B 109 -5.01 7.31 17.49
CA GLU B 109 -5.48 7.99 16.31
C GLU B 109 -4.39 7.98 15.22
N LYS B 110 -3.19 7.45 15.50
CA LYS B 110 -2.24 7.18 14.42
C LYS B 110 -2.20 5.72 13.94
N SER B 111 -3.15 4.88 14.33
CA SER B 111 -3.14 3.50 13.80
C SER B 111 -3.28 3.54 12.28
N GLY B 112 -2.38 2.84 11.59
CA GLY B 112 -2.37 2.82 10.13
C GLY B 112 -1.66 4.01 9.54
N ASP B 113 -1.25 4.96 10.39
CA ASP B 113 -0.59 6.18 9.95
C ASP B 113 0.66 6.37 10.81
N CYS B 114 1.23 5.26 11.28
CA CYS B 114 2.27 5.23 12.30
C CYS B 114 3.42 4.31 11.86
N LEU B 115 4.65 4.82 11.93
CA LEU B 115 5.83 4.17 11.37
C LEU B 115 6.26 3.00 12.23
N LEU B 116 6.21 3.18 13.54
CA LEU B 116 6.55 2.13 14.48
C LEU B 116 5.66 0.92 14.21
N GLN B 117 4.36 1.15 14.14
CA GLN B 117 3.42 0.09 13.87
C GLN B 117 3.75 -0.51 12.53
N ALA B 118 3.96 0.30 11.50
CA ALA B 118 4.17 -0.27 10.17
C ALA B 118 5.46 -1.11 10.14
N LEU B 119 6.52 -0.65 10.81
CA LEU B 119 7.72 -1.45 10.90
C LEU B 119 7.49 -2.80 11.58
N ALA B 120 6.60 -2.80 12.55
CA ALA B 120 6.27 -4.01 13.29
C ALA B 120 5.55 -5.03 12.40
N TYR B 121 4.60 -4.55 11.63
CA TYR B 121 3.90 -5.40 10.67
C TYR B 121 4.88 -5.98 9.70
N ALA B 122 5.80 -5.14 9.23
CA ALA B 122 6.76 -5.55 8.21
C ALA B 122 7.79 -6.56 8.75
N HIS B 123 8.01 -6.60 10.06
CA HIS B 123 8.88 -7.62 10.63
C HIS B 123 8.06 -8.75 11.20
N GLY B 124 6.85 -8.91 10.65
CA GLY B 124 5.83 -9.87 11.13
C GLY B 124 5.69 -9.95 12.63
N MET B 125 5.92 -8.83 13.35
CA MET B 125 5.77 -8.82 14.80
C MET B 125 4.32 -9.21 15.15
N THR B 126 4.19 -10.11 16.09
CA THR B 126 2.90 -10.67 16.38
C THR B 126 2.50 -10.11 17.74
N ALA B 127 3.44 -10.14 18.68
CA ALA B 127 3.28 -9.49 19.97
C ALA B 127 4.67 -9.24 20.55
N SER B 128 4.76 -8.23 21.41
CA SER B 128 6.00 -7.97 22.11
C SER B 128 6.06 -9.00 23.19
N HIS B 129 7.13 -9.78 23.20
CA HIS B 129 7.25 -10.88 24.14
C HIS B 129 7.75 -10.45 25.52
N PHE B 130 7.74 -9.14 25.83
CA PHE B 130 8.18 -8.65 27.15
C PHE B 130 7.00 -8.19 28.02
N ASP B 131 7.18 -8.33 29.33
CA ASP B 131 6.34 -7.71 30.33
C ASP B 131 6.27 -6.22 29.99
N PRO B 132 5.05 -5.70 29.84
CA PRO B 132 4.82 -4.26 29.69
C PRO B 132 5.38 -3.43 30.87
N PHE B 133 5.74 -2.19 30.59
CA PHE B 133 6.25 -1.29 31.63
C PHE B 133 5.12 -0.43 32.22
N TYR B 134 3.99 -0.36 31.50
CA TYR B 134 2.84 0.47 31.87
C TYR B 134 3.26 1.78 32.52
N PRO B 135 4.05 2.59 31.81
CA PRO B 135 4.44 3.90 32.33
C PRO B 135 3.24 4.76 32.63
N GLN B 136 3.44 5.82 33.41
CA GLN B 136 2.33 6.56 33.97
C GLN B 136 2.55 8.07 33.81
N ARG B 137 2.87 8.47 32.59
CA ARG B 137 3.16 9.87 32.30
C ARG B 137 1.88 10.58 31.94
N ARG B 138 1.89 11.88 32.19
CA ARG B 138 0.68 12.68 32.03
C ARG B 138 0.58 13.23 30.62
N ILE B 139 -0.62 13.18 30.07
CA ILE B 139 -0.94 13.89 28.83
C ILE B 139 -0.77 15.39 29.02
N ASP B 140 -0.38 16.09 27.96
CA ASP B 140 -0.28 17.52 28.02
C ASP B 140 -1.16 18.11 26.95
N ALA B 141 -2.34 18.57 27.38
CA ALA B 141 -3.29 19.16 26.46
C ALA B 141 -3.40 20.64 26.68
N SER B 142 -2.28 21.28 27.01
CA SER B 142 -2.27 22.71 27.37
C SER B 142 -2.19 23.61 26.17
N HIS B 143 -1.58 23.14 25.10
CA HIS B 143 -1.52 23.90 23.86
C HIS B 143 -2.91 23.96 23.22
N PRO B 144 -3.31 25.11 22.63
CA PRO B 144 -4.63 25.21 22.03
C PRO B 144 -4.86 24.31 20.84
N ASP B 145 -3.84 24.09 20.01
CA ASP B 145 -3.94 23.25 18.79
C ASP B 145 -3.24 21.86 18.82
N LEU B 146 -2.73 21.43 19.97
CA LEU B 146 -1.83 20.31 19.98
C LEU B 146 -1.87 19.58 21.27
N TRP B 147 -1.62 18.28 21.21
CA TRP B 147 -1.58 17.51 22.41
C TRP B 147 -0.55 16.45 22.31
N LEU B 148 -0.08 16.01 23.48
CA LEU B 148 1.05 15.10 23.62
C LEU B 148 0.78 13.97 24.55
N ASP B 149 0.65 12.76 24.02
CA ASP B 149 0.59 11.54 24.86
C ASP B 149 2.02 11.04 24.96
N PRO B 150 2.62 11.11 26.15
CA PRO B 150 4.02 10.75 26.23
C PRO B 150 4.27 9.28 26.43
N ASN B 151 3.20 8.51 26.61
CA ASN B 151 3.31 7.05 26.80
C ASN B 151 3.42 6.28 25.49
N ARG B 152 3.27 7.01 24.39
CA ARG B 152 3.50 6.52 23.05
C ARG B 152 4.87 6.97 22.46
N CYS B 153 5.52 7.95 23.09
CA CYS B 153 6.70 8.57 22.54
C CYS B 153 7.93 7.68 22.55
N ILE B 154 8.62 7.60 21.43
CA ILE B 154 9.72 6.64 21.28
C ILE B 154 11.06 7.32 21.35
N LEU B 155 11.07 8.61 21.73
CA LEU B 155 12.30 9.37 21.88
C LEU B 155 13.15 9.31 20.63
N CYS B 156 12.53 9.54 19.48
CA CYS B 156 13.25 9.69 18.22
C CYS B 156 13.94 11.04 18.18
N GLY B 157 13.33 12.02 18.82
CA GLY B 157 13.91 13.34 18.91
C GLY B 157 13.65 14.20 17.68
N LEU B 158 12.78 13.75 16.77
CA LEU B 158 12.51 14.57 15.58
C LEU B 158 11.84 15.89 15.94
N CYS B 159 10.88 15.83 16.87
CA CYS B 159 10.20 17.02 17.31
C CYS B 159 11.24 17.99 17.88
N VAL B 160 12.19 17.49 18.64
CA VAL B 160 13.20 18.36 19.20
C VAL B 160 13.97 19.06 18.09
N ARG B 161 14.61 18.26 17.24
CA ARG B 161 15.46 18.76 16.15
C ARG B 161 14.71 19.74 15.28
N ALA B 162 13.52 19.37 14.88
CA ALA B 162 12.70 20.27 14.09
C ALA B 162 12.56 21.63 14.73
N SER B 163 12.38 21.67 16.05
CA SER B 163 12.09 22.92 16.73
C SER B 163 13.37 23.76 16.94
N LEU B 164 14.49 23.11 17.21
CA LEU B 164 15.78 23.81 17.28
C LEU B 164 16.01 24.46 15.94
N ALA B 165 15.88 23.70 14.88
CA ALA B 165 16.17 24.22 13.52
C ALA B 165 15.33 25.41 13.08
N GLU B 166 14.08 25.50 13.50
CA GLU B 166 13.25 26.62 13.08
C GLU B 166 13.19 27.71 14.15
N GLY B 167 13.92 27.49 15.24
CA GLY B 167 14.24 28.56 16.19
C GLY B 167 13.37 28.66 17.42
N LYS B 168 12.34 27.83 17.48
CA LYS B 168 11.38 27.88 18.58
C LYS B 168 11.91 27.23 19.86
N GLU B 169 12.77 26.21 19.73
CA GLU B 169 13.36 25.53 20.89
C GLU B 169 12.33 25.08 21.92
N ALA B 170 11.20 24.58 21.44
CA ALA B 170 10.08 24.31 22.33
C ALA B 170 10.24 23.05 23.13
N LEU B 171 11.03 22.09 22.64
CA LEU B 171 11.08 20.76 23.26
C LEU B 171 12.48 20.29 23.63
N VAL B 172 12.54 19.28 24.48
CA VAL B 172 13.81 18.71 24.90
C VAL B 172 13.56 17.39 25.59
N ILE B 173 14.47 16.45 25.41
CA ILE B 173 14.38 15.18 26.11
C ILE B 173 15.20 15.28 27.39
N GLY B 174 14.58 15.00 28.51
CA GLY B 174 15.25 15.06 29.81
C GLY B 174 15.08 13.78 30.60
N GLY B 175 15.79 13.69 31.72
CA GLY B 175 15.83 12.50 32.56
C GLY B 175 16.97 11.60 32.16
N ARG B 176 17.21 10.57 32.97
CA ARG B 176 18.19 9.55 32.66
C ARG B 176 17.46 8.21 32.51
N GLY B 177 18.10 7.27 31.82
CA GLY B 177 17.62 5.88 31.78
C GLY B 177 16.20 5.78 31.31
N ILE B 178 15.51 4.75 31.78
CA ILE B 178 14.09 4.53 31.46
C ILE B 178 13.18 5.72 31.90
N ALA B 179 13.69 6.62 32.75
CA ALA B 179 12.95 7.85 33.11
C ALA B 179 12.93 8.89 31.99
N SER B 180 13.76 8.69 30.99
CA SER B 180 13.88 9.62 29.89
C SER B 180 12.49 9.86 29.26
N ARG B 181 12.10 11.13 29.13
CA ARG B 181 10.83 11.52 28.52
C ARG B 181 10.93 12.83 27.79
N LEU B 182 10.00 13.09 26.88
CA LEU B 182 9.95 14.40 26.19
C LEU B 182 9.38 15.49 27.09
N LEU B 183 10.07 16.63 27.17
CA LEU B 183 9.66 17.78 28.00
C LEU B 183 9.55 19.06 27.19
N ALA B 184 8.60 19.90 27.56
CA ALA B 184 8.48 21.24 27.02
C ALA B 184 9.54 22.11 27.67
N THR B 185 10.16 23.03 26.93
CA THR B 185 11.24 23.88 27.52
C THR B 185 10.75 25.11 28.28
N SER B 186 9.43 25.21 28.46
CA SER B 186 8.85 26.34 29.15
C SER B 186 9.14 26.20 30.65
N ALA B 187 9.17 27.33 31.34
CA ALA B 187 9.43 27.31 32.76
C ALA B 187 8.39 26.47 33.51
N SER B 188 7.14 26.50 33.04
CA SER B 188 6.03 25.75 33.68
C SER B 188 5.98 24.26 33.30
N GLY B 189 6.73 23.87 32.27
CA GLY B 189 6.71 22.50 31.76
C GLY B 189 5.50 22.19 30.89
N ARG B 190 4.84 23.21 30.37
CA ARG B 190 3.62 23.03 29.62
C ARG B 190 3.85 23.49 28.20
N LEU B 191 3.56 22.63 27.23
CA LEU B 191 3.66 23.01 25.82
C LEU B 191 3.04 24.34 25.48
N GLY B 192 1.92 24.68 26.11
CA GLY B 192 1.20 25.91 25.83
C GLY B 192 1.98 27.19 26.15
N ASP B 193 2.93 27.05 27.08
CA ASP B 193 3.78 28.16 27.49
C ASP B 193 5.10 28.30 26.70
N THR B 194 5.34 27.38 25.76
CA THR B 194 6.45 27.49 24.83
C THR B 194 5.98 28.24 23.60
N ALA B 195 6.90 28.51 22.68
CA ALA B 195 6.57 29.22 21.44
C ALA B 195 6.08 28.29 20.35
N LEU B 196 5.89 27.01 20.66
CA LEU B 196 5.39 26.04 19.68
C LEU B 196 4.08 26.51 19.05
N ALA B 197 3.99 26.45 17.72
CA ALA B 197 2.77 26.76 16.99
C ALA B 197 2.40 25.61 16.06
N ALA B 198 1.11 25.46 15.79
CA ALA B 198 0.60 24.45 14.85
C ALA B 198 1.23 24.51 13.43
N THR B 199 1.85 25.64 13.08
CA THR B 199 2.49 25.83 11.76
C THR B 199 3.97 25.43 11.74
N ASP B 200 4.47 25.12 12.93
CA ASP B 200 5.86 24.77 13.06
C ASP B 200 6.12 23.42 12.45
N ARG B 201 7.33 23.25 11.93
CA ARG B 201 7.74 21.96 11.35
C ARG B 201 7.64 20.87 12.40
N ALA B 202 8.02 21.20 13.63
CA ALA B 202 7.98 20.25 14.74
C ALA B 202 6.58 19.73 15.01
N ALA B 203 5.56 20.52 14.68
CA ALA B 203 4.21 20.23 15.13
C ALA B 203 3.70 18.99 14.44
N ARG B 204 4.20 18.72 13.24
CA ARG B 204 3.64 17.67 12.43
C ARG B 204 4.61 16.51 12.16
N ILE B 205 5.77 16.49 12.80
CA ILE B 205 6.88 15.61 12.42
C ILE B 205 6.95 14.31 13.21
N CYS B 206 6.26 14.24 14.33
CA CYS B 206 6.26 12.98 15.09
C CYS B 206 5.76 11.85 14.22
N PRO B 207 6.52 10.74 14.13
CA PRO B 207 6.22 9.60 13.29
C PRO B 207 5.29 8.54 13.94
N VAL B 208 4.99 8.71 15.23
CA VAL B 208 4.06 7.85 15.95
C VAL B 208 2.91 8.72 16.51
N GLY B 209 2.13 8.21 17.45
CA GLY B 209 0.96 8.93 18.01
C GLY B 209 1.24 9.77 19.27
N ALA B 210 2.48 10.17 19.49
CA ALA B 210 2.86 10.96 20.65
C ALA B 210 2.40 12.39 20.54
N LEU B 211 2.98 13.12 19.58
CA LEU B 211 2.64 14.52 19.39
C LEU B 211 1.63 14.71 18.26
N ASN B 212 0.44 15.21 18.59
CA ASN B 212 -0.59 15.34 17.59
C ASN B 212 -1.30 16.69 17.58
N PHE B 213 -1.86 17.03 16.41
CA PHE B 213 -2.91 18.02 16.29
C PHE B 213 -4.17 17.63 17.11
N LYS B 214 -4.90 18.64 17.59
CA LYS B 214 -6.11 18.41 18.31
C LYS B 214 -7.25 18.34 17.33
N ALA B 215 -8.14 17.35 17.57
CA ALA B 215 -9.40 17.19 16.85
C ALA B 215 -9.16 17.04 15.37
N ALA B 216 -8.28 16.11 15.04
CA ALA B 216 -7.97 15.79 13.66
C ALA B 216 -7.63 14.33 13.65
N GLY B 217 -8.54 13.53 14.19
CA GLY B 217 -8.26 12.14 14.43
C GLY B 217 -9.38 11.29 13.93
N PHE B 218 -9.04 10.18 13.29
CA PHE B 218 -10.03 9.27 12.73
C PHE B 218 -10.79 9.89 11.55
N THR B 219 -10.05 10.64 10.73
CA THR B 219 -10.63 11.33 9.60
C THR B 219 -10.42 10.50 8.35
N THR B 220 -9.62 9.45 8.47
CA THR B 220 -9.27 8.65 7.32
C THR B 220 -9.82 7.23 7.42
N PRO B 221 -10.62 6.82 6.44
CA PRO B 221 -11.23 5.51 6.51
C PRO B 221 -10.22 4.43 6.64
N ILE B 222 -10.61 3.36 7.31
CA ILE B 222 -9.75 2.19 7.39
C ILE B 222 -9.69 1.60 5.98
N GLY B 223 -8.48 1.24 5.55
CA GLY B 223 -8.23 0.84 4.17
C GLY B 223 -7.44 1.86 3.36
N LYS B 224 -7.47 3.11 3.81
CA LYS B 224 -6.95 4.23 3.03
C LYS B 224 -5.94 5.07 3.78
N ARG B 225 -5.45 4.51 4.88
CA ARG B 225 -4.51 5.19 5.71
C ARG B 225 -3.12 5.05 5.11
N ARG B 226 -2.28 6.04 5.42
CA ARG B 226 -0.91 6.14 4.92
C ARG B 226 -0.28 4.76 4.70
N PHE B 227 -0.20 3.92 5.74
CA PHE B 227 0.47 2.60 5.69
C PHE B 227 -0.43 1.36 5.46
N ASP B 228 -1.73 1.53 5.17
CA ASP B 228 -2.65 0.41 5.01
C ASP B 228 -2.29 -0.45 3.80
N HIS B 229 -1.67 -1.58 4.08
CA HIS B 229 -1.16 -2.50 3.06
C HIS B 229 -0.02 -1.93 2.19
N ARG B 230 0.74 -1.00 2.78
CA ARG B 230 1.94 -0.44 2.17
C ARG B 230 3.02 -0.42 3.19
N PRO B 231 3.96 -1.38 3.17
CA PRO B 231 5.07 -1.24 4.12
C PRO B 231 5.94 -0.03 3.76
N PRO B 232 6.79 0.40 4.68
CA PRO B 232 7.67 1.53 4.40
C PRO B 232 8.48 1.40 3.10
N GLU B 233 8.93 0.19 2.78
CA GLU B 233 9.67 -0.08 1.53
C GLU B 233 8.93 0.39 0.26
N ALA B 234 7.61 0.34 0.28
CA ALA B 234 6.79 0.57 -0.91
C ALA B 234 6.38 2.03 -1.10
N MET B 235 6.90 2.91 -0.25
CA MET B 235 6.46 4.28 -0.26
C MET B 235 7.52 5.25 -0.80
N SER B 236 7.03 6.33 -1.39
CA SER B 236 7.88 7.45 -1.75
C SER B 236 8.27 8.19 -0.48
N ASP B 237 9.24 9.09 -0.62
CA ASP B 237 9.69 9.89 0.51
C ASP B 237 8.66 10.96 0.92
N LYS B 238 7.81 11.39 -0.02
CA LYS B 238 6.67 12.26 0.32
C LYS B 238 5.86 11.62 1.44
N GLU B 239 5.39 10.38 1.17
CA GLU B 239 4.45 9.67 2.05
C GLU B 239 5.13 8.93 3.20
N ARG B 240 6.36 8.48 3.03
CA ARG B 240 7.02 7.73 4.09
C ARG B 240 7.25 8.60 5.30
N TYR B 241 7.59 9.87 5.07
CA TYR B 241 8.04 10.80 6.11
C TYR B 241 7.04 11.91 6.45
N THR B 242 6.95 12.15 7.74
CA THR B 242 6.22 13.24 8.31
C THR B 242 7.01 14.58 8.17
N ARG C 12 -9.46 -39.60 15.68
CA ARG C 12 -9.98 -38.73 16.76
C ARG C 12 -10.04 -37.25 16.33
N LYS C 13 -11.15 -36.59 16.64
CA LYS C 13 -11.31 -35.16 16.37
C LYS C 13 -10.52 -34.31 17.35
N ILE C 14 -9.99 -33.18 16.91
CA ILE C 14 -9.30 -32.26 17.81
C ILE C 14 -10.27 -31.51 18.74
N ARG C 15 -9.80 -31.22 19.94
CA ARG C 15 -10.58 -30.52 20.95
C ARG C 15 -10.09 -29.09 21.15
N ILE C 16 -11.02 -28.14 21.11
CA ILE C 16 -10.72 -26.72 21.32
C ILE C 16 -11.54 -26.16 22.48
N ALA C 17 -10.87 -25.53 23.42
CA ALA C 17 -11.55 -24.80 24.48
C ALA C 17 -11.40 -23.33 24.14
N THR C 18 -12.36 -22.51 24.53
CA THR C 18 -12.22 -21.08 24.37
C THR C 18 -12.64 -20.41 25.65
N ALA C 19 -12.13 -19.19 25.87
CA ALA C 19 -12.41 -18.46 27.08
C ALA C 19 -12.32 -16.96 26.86
N SER C 20 -13.10 -16.20 27.61
CA SER C 20 -12.95 -14.74 27.67
C SER C 20 -12.63 -14.32 29.08
N LEU C 21 -11.51 -13.62 29.25
CA LEU C 21 -11.12 -13.09 30.56
C LEU C 21 -11.59 -11.63 30.62
N ALA C 22 -10.71 -10.65 30.78
CA ALA C 22 -11.16 -9.27 30.70
C ALA C 22 -11.38 -8.84 29.23
N GLY C 23 -12.14 -9.64 28.48
CA GLY C 23 -12.35 -9.36 27.07
C GLY C 23 -13.68 -8.68 26.85
N CYS C 24 -13.94 -8.30 25.59
CA CYS C 24 -15.24 -7.75 25.22
C CYS C 24 -16.13 -8.75 24.45
N PHE C 25 -15.70 -10.01 24.34
CA PHE C 25 -16.39 -11.02 23.53
C PHE C 25 -16.10 -10.79 22.05
N GLY C 26 -15.28 -9.78 21.73
CA GLY C 26 -15.14 -9.36 20.35
C GLY C 26 -14.29 -10.31 19.55
N CYS C 27 -13.42 -11.02 20.27
CA CYS C 27 -12.53 -11.92 19.56
C CYS C 27 -13.31 -13.14 19.19
N HIS C 28 -14.28 -13.51 20.03
CA HIS C 28 -15.13 -14.64 19.71
C HIS C 28 -16.05 -14.29 18.56
N MET C 29 -16.45 -13.02 18.42
CA MET C 29 -17.29 -12.66 17.30
C MET C 29 -16.52 -12.65 16.00
N SER C 30 -15.23 -12.32 16.06
CA SER C 30 -14.37 -12.33 14.89
C SER C 30 -14.13 -13.77 14.50
N PHE C 31 -13.95 -14.64 15.48
CA PHE C 31 -13.96 -16.09 15.22
C PHE C 31 -15.24 -16.51 14.47
N ALA C 32 -16.41 -16.19 15.01
CA ALA C 32 -17.69 -16.49 14.31
C ALA C 32 -17.80 -15.82 12.93
N ASP C 33 -17.00 -14.78 12.69
CA ASP C 33 -16.94 -14.11 11.36
C ASP C 33 -16.35 -14.97 10.24
N ILE C 34 -15.76 -16.10 10.58
CA ILE C 34 -15.49 -17.11 9.55
C ILE C 34 -16.76 -17.61 8.81
N ASP C 35 -17.94 -17.33 9.37
CA ASP C 35 -19.22 -17.53 8.68
C ASP C 35 -19.50 -19.01 8.41
N THR C 36 -19.89 -19.37 7.19
CA THR C 36 -20.32 -20.74 6.97
C THR C 36 -19.19 -21.72 7.20
N ARG C 37 -17.95 -21.23 7.17
CA ARG C 37 -16.79 -22.07 7.43
C ARG C 37 -16.84 -22.72 8.82
N LEU C 38 -17.62 -22.14 9.72
CA LEU C 38 -17.82 -22.72 11.02
C LEU C 38 -18.52 -24.09 10.88
N LEU C 39 -19.29 -24.28 9.81
CA LEU C 39 -19.95 -25.57 9.59
C LEU C 39 -18.90 -26.62 9.24
N ALA C 40 -17.91 -26.20 8.47
CA ALA C 40 -16.80 -27.10 8.14
C ALA C 40 -15.93 -27.34 9.34
N LEU C 41 -15.80 -26.35 10.20
CA LEU C 41 -15.01 -26.51 11.41
C LEU C 41 -15.67 -27.47 12.36
N ALA C 42 -17.00 -27.44 12.41
CA ALA C 42 -17.82 -28.32 13.27
C ALA C 42 -17.58 -29.80 12.98
N GLU C 43 -17.41 -30.14 11.70
CA GLU C 43 -17.05 -31.50 11.30
C GLU C 43 -15.66 -31.92 11.79
N TRP C 44 -14.69 -30.99 11.84
CA TRP C 44 -13.29 -31.34 12.14
C TRP C 44 -12.91 -31.24 13.60
N VAL C 45 -13.69 -30.52 14.41
CA VAL C 45 -13.32 -30.36 15.81
C VAL C 45 -14.49 -30.53 16.76
N THR C 46 -14.16 -30.50 18.05
CA THR C 46 -15.09 -30.66 19.13
C THR C 46 -14.73 -29.64 20.22
N PHE C 47 -15.74 -28.99 20.78
CA PHE C 47 -15.52 -27.91 21.73
C PHE C 47 -15.76 -28.30 23.17
N ASP C 48 -14.75 -28.06 23.98
CA ASP C 48 -14.88 -28.22 25.41
C ASP C 48 -15.56 -26.95 25.89
N ARG C 49 -15.33 -26.59 27.15
CA ARG C 49 -15.75 -25.30 27.70
C ARG C 49 -15.48 -24.18 26.73
N SER C 50 -16.44 -23.29 26.63
CA SER C 50 -16.47 -22.18 25.70
C SER C 50 -17.79 -21.46 25.96
N PRO C 51 -17.77 -20.11 25.91
CA PRO C 51 -19.02 -19.38 26.08
C PRO C 51 -20.11 -19.84 25.13
N LEU C 52 -19.72 -20.45 24.01
CA LEU C 52 -20.68 -21.04 23.07
C LEU C 52 -21.30 -22.42 23.47
N THR C 53 -20.70 -23.07 24.48
CA THR C 53 -21.14 -24.38 24.94
C THR C 53 -21.51 -24.28 26.40
N ASP C 54 -22.09 -25.37 26.92
CA ASP C 54 -22.59 -25.40 28.28
C ASP C 54 -21.63 -26.00 29.32
N TRP C 55 -20.59 -26.70 28.87
CA TRP C 55 -19.57 -27.24 29.77
C TRP C 55 -19.11 -26.16 30.74
N LYS C 56 -19.36 -26.39 32.04
CA LYS C 56 -19.01 -25.41 33.08
C LYS C 56 -17.57 -25.50 33.56
N THR C 57 -16.83 -26.51 33.11
CA THR C 57 -15.51 -26.77 33.62
C THR C 57 -14.61 -27.32 32.52
N VAL C 58 -13.41 -26.78 32.45
CA VAL C 58 -12.55 -27.00 31.29
C VAL C 58 -11.86 -28.35 31.28
N GLY C 59 -11.57 -28.79 30.07
CA GLY C 59 -10.43 -29.63 29.80
C GLY C 59 -10.85 -31.04 29.53
N GLU C 60 -9.93 -31.87 29.03
CA GLU C 60 -8.62 -31.44 28.56
C GLU C 60 -8.66 -31.46 27.04
N CYS C 61 -7.85 -30.62 26.42
CA CYS C 61 -8.01 -30.32 25.01
C CYS C 61 -6.65 -29.97 24.36
N ASP C 62 -6.67 -29.83 23.05
CA ASP C 62 -5.46 -29.61 22.28
C ASP C 62 -5.09 -28.12 22.11
N ILE C 63 -6.08 -27.25 22.24
CA ILE C 63 -5.97 -25.84 21.90
C ILE C 63 -6.92 -25.02 22.78
N ALA C 64 -6.40 -23.99 23.45
CA ALA C 64 -7.24 -23.08 24.24
C ALA C 64 -7.18 -21.72 23.59
N LEU C 65 -8.32 -21.17 23.17
CA LEU C 65 -8.32 -19.81 22.68
C LEU C 65 -8.76 -18.88 23.80
N ILE C 66 -7.87 -17.99 24.21
CA ILE C 66 -8.13 -17.08 25.31
C ILE C 66 -8.19 -15.69 24.76
N GLU C 67 -9.32 -15.00 24.94
CA GLU C 67 -9.38 -13.56 24.65
C GLU C 67 -9.37 -12.83 25.98
N GLY C 68 -8.93 -11.57 25.96
CA GLY C 68 -9.06 -10.73 27.13
C GLY C 68 -7.86 -10.72 28.03
N GLY C 69 -7.66 -9.62 28.76
CA GLY C 69 -6.56 -9.50 29.73
C GLY C 69 -6.90 -10.21 31.02
N VAL C 70 -6.07 -10.10 32.05
CA VAL C 70 -6.46 -10.56 33.40
C VAL C 70 -6.64 -9.32 34.24
N CYS C 71 -7.85 -9.20 34.78
CA CYS C 71 -8.34 -7.99 35.46
C CYS C 71 -8.74 -8.26 36.91
N ASN C 72 -9.12 -9.50 37.20
CA ASN C 72 -9.63 -9.86 38.51
C ASN C 72 -9.24 -11.29 38.86
N ALA C 73 -9.54 -11.67 40.09
CA ALA C 73 -9.08 -12.94 40.63
C ALA C 73 -9.62 -14.14 39.87
N GLU C 74 -10.89 -14.13 39.50
CA GLU C 74 -11.46 -15.28 38.79
C GLU C 74 -10.84 -15.45 37.37
N ASN C 75 -10.33 -14.36 36.78
CA ASN C 75 -9.62 -14.50 35.50
C ASN C 75 -8.39 -15.35 35.69
N VAL C 76 -7.70 -15.17 36.82
CA VAL C 76 -6.47 -15.89 37.05
C VAL C 76 -6.76 -17.37 37.24
N GLU C 77 -7.72 -17.69 38.10
CA GLU C 77 -8.08 -19.09 38.37
C GLU C 77 -8.47 -19.82 37.11
N VAL C 78 -9.24 -19.15 36.26
CA VAL C 78 -9.69 -19.69 34.98
C VAL C 78 -8.54 -19.84 33.97
N LEU C 79 -7.71 -18.82 33.84
CA LEU C 79 -6.57 -18.84 32.93
C LEU C 79 -5.63 -20.01 33.23
N ARG C 80 -5.32 -20.18 34.52
CA ARG C 80 -4.50 -21.30 35.00
C ARG C 80 -5.17 -22.60 34.66
N ALA C 81 -6.49 -22.69 34.85
CA ALA C 81 -7.19 -23.93 34.56
C ALA C 81 -7.00 -24.29 33.10
N TYR C 82 -7.34 -23.33 32.24
CA TYR C 82 -7.21 -23.52 30.81
C TYR C 82 -5.78 -23.87 30.43
N ARG C 83 -4.81 -23.28 31.12
CA ARG C 83 -3.42 -23.60 30.84
C ARG C 83 -3.17 -25.10 31.11
N ARG C 84 -3.39 -25.57 32.34
CA ARG C 84 -3.22 -26.99 32.68
C ARG C 84 -3.97 -27.93 31.72
N ALA C 85 -5.19 -27.57 31.36
CA ALA C 85 -6.02 -28.45 30.56
C ALA C 85 -5.62 -28.53 29.08
N ALA C 86 -4.85 -27.56 28.58
CA ALA C 86 -4.65 -27.41 27.15
C ALA C 86 -3.19 -27.50 26.73
N ARG C 87 -2.95 -28.18 25.61
CA ARG C 87 -1.59 -28.40 25.12
C ARG C 87 -1.00 -27.13 24.51
N ILE C 88 -1.75 -26.55 23.58
CA ILE C 88 -1.44 -25.28 22.96
C ILE C 88 -2.39 -24.20 23.52
N LEU C 89 -1.86 -23.18 24.18
CA LEU C 89 -2.70 -22.08 24.67
C LEU C 89 -2.41 -20.84 23.84
N VAL C 90 -3.44 -20.19 23.34
CA VAL C 90 -3.30 -19.09 22.38
C VAL C 90 -3.88 -17.79 22.92
N ALA C 91 -3.06 -16.73 22.92
CA ALA C 91 -3.48 -15.40 23.30
C ALA C 91 -4.02 -14.67 22.06
N VAL C 92 -5.32 -14.48 22.07
CA VAL C 92 -6.09 -13.94 20.98
C VAL C 92 -6.43 -12.51 21.31
N GLY C 93 -6.28 -11.63 20.34
CA GLY C 93 -6.63 -10.22 20.53
C GLY C 93 -5.66 -9.35 21.32
N ALA C 94 -5.74 -8.04 21.07
CA ALA C 94 -4.96 -7.04 21.80
C ALA C 94 -5.02 -7.14 23.32
N CYS C 95 -6.21 -7.40 23.83
CA CYS C 95 -6.42 -7.52 25.28
C CYS C 95 -5.46 -8.54 25.88
N ALA C 96 -5.46 -9.74 25.31
CA ALA C 96 -4.72 -10.86 25.90
C ALA C 96 -3.24 -10.70 25.62
N ILE C 97 -2.94 -10.03 24.52
CA ILE C 97 -1.54 -9.79 24.11
C ILE C 97 -0.76 -8.80 24.98
N ASN C 98 -1.24 -7.57 25.11
CA ASN C 98 -0.57 -6.55 25.95
C ASN C 98 -1.47 -5.82 26.99
N GLY C 99 -2.65 -6.40 27.25
CA GLY C 99 -3.60 -5.84 28.20
C GLY C 99 -4.72 -5.03 27.57
N GLY C 100 -4.53 -4.62 26.32
CA GLY C 100 -5.53 -3.86 25.56
C GLY C 100 -5.96 -2.53 26.16
N LEU C 101 -6.90 -1.88 25.49
CA LEU C 101 -7.57 -0.69 26.02
C LEU C 101 -8.07 -0.75 27.50
N PRO C 102 -8.50 -1.92 27.98
CA PRO C 102 -8.81 -1.96 29.41
C PRO C 102 -7.63 -1.59 30.27
N ALA C 103 -6.44 -1.94 29.79
CA ALA C 103 -5.22 -1.62 30.53
C ALA C 103 -4.88 -0.13 30.65
N GLN C 104 -5.67 0.73 30.02
CA GLN C 104 -5.58 2.16 30.28
C GLN C 104 -5.94 2.48 31.73
N ARG C 105 -6.59 1.54 32.43
CA ARG C 105 -6.93 1.74 33.85
C ARG C 105 -5.70 1.70 34.77
N ASN C 106 -4.59 1.12 34.28
CA ASN C 106 -3.30 1.14 35.00
C ASN C 106 -2.68 2.54 35.17
N GLN C 107 -3.22 3.51 34.44
CA GLN C 107 -3.05 4.94 34.71
C GLN C 107 -3.71 5.40 36.02
N HIS C 108 -4.72 4.66 36.52
CA HIS C 108 -5.40 5.05 37.74
C HIS C 108 -5.27 4.05 38.88
N ARG C 109 -5.62 4.52 40.07
CA ARG C 109 -5.70 3.69 41.25
C ARG C 109 -7.04 2.93 41.22
N VAL C 110 -6.97 1.61 41.30
CA VAL C 110 -8.18 0.78 41.22
C VAL C 110 -9.27 1.12 42.27
N GLU C 111 -8.87 1.58 43.45
CA GLU C 111 -9.82 2.01 44.50
C GLU C 111 -10.55 3.26 44.01
N ARG C 112 -9.76 4.21 43.56
CA ARG C 112 -10.26 5.47 43.06
C ARG C 112 -11.23 5.25 41.91
N LEU C 113 -11.08 4.17 41.15
CA LEU C 113 -12.02 3.87 40.07
C LEU C 113 -13.33 3.42 40.66
N LEU C 114 -13.29 2.34 41.42
CA LEU C 114 -14.49 1.68 41.91
C LEU C 114 -15.34 2.66 42.71
N THR C 115 -14.63 3.53 43.40
CA THR C 115 -15.25 4.55 44.18
C THR C 115 -15.86 5.62 43.30
N GLN C 116 -15.19 5.92 42.20
CA GLN C 116 -15.74 6.86 41.23
C GLN C 116 -17.05 6.36 40.66
N VAL C 117 -17.12 5.07 40.42
CA VAL C 117 -18.25 4.50 39.70
C VAL C 117 -19.40 4.12 40.62
N PHE C 118 -19.09 3.53 41.77
CA PHE C 118 -20.12 2.96 42.65
C PHE C 118 -20.46 3.79 43.90
N GLU C 119 -19.70 4.84 44.18
CA GLU C 119 -19.98 5.70 45.33
C GLU C 119 -20.13 7.16 44.98
N ALA C 120 -19.23 7.69 44.16
CA ALA C 120 -19.18 9.14 43.94
C ALA C 120 -20.09 9.64 42.82
N ASP C 121 -20.59 8.75 41.99
CA ASP C 121 -21.26 9.19 40.78
C ASP C 121 -22.54 9.90 41.13
N ARG C 122 -22.65 11.15 40.65
CA ARG C 122 -23.84 11.98 40.87
C ARG C 122 -25.19 11.30 40.58
N HIS C 123 -25.23 10.27 39.75
CA HIS C 123 -26.51 9.62 39.42
C HIS C 123 -26.81 8.39 40.24
N LEU C 124 -26.05 8.15 41.30
CA LEU C 124 -26.34 7.02 42.16
C LEU C 124 -27.39 7.37 43.18
N ALA C 125 -28.05 6.34 43.69
CA ALA C 125 -28.96 6.47 44.83
C ALA C 125 -28.14 6.86 46.05
N PRO C 126 -28.76 7.59 47.00
CA PRO C 126 -28.10 7.80 48.28
C PRO C 126 -27.73 6.48 48.99
N GLY C 127 -26.54 6.45 49.58
CA GLY C 127 -26.03 5.29 50.32
C GLY C 127 -25.25 4.28 49.50
N SER C 128 -25.02 4.55 48.21
CA SER C 128 -24.45 3.56 47.31
C SER C 128 -23.01 3.28 47.66
N ARG C 129 -22.65 2.01 47.75
CA ARG C 129 -21.29 1.61 48.13
C ARG C 129 -20.71 0.58 47.16
N VAL C 130 -19.39 0.59 47.03
CA VAL C 130 -18.67 -0.40 46.22
C VAL C 130 -19.11 -1.80 46.65
N PRO C 131 -19.39 -2.69 45.69
CA PRO C 131 -19.80 -4.04 46.03
C PRO C 131 -18.78 -4.83 46.82
N ASN C 132 -19.24 -5.47 47.90
CA ASN C 132 -18.43 -6.13 48.94
C ASN C 132 -18.50 -7.65 48.92
N ASP C 133 -19.52 -8.19 48.26
CA ASP C 133 -19.88 -9.57 48.51
C ASP C 133 -18.84 -10.54 47.92
N PRO C 134 -18.35 -11.48 48.76
CA PRO C 134 -17.47 -12.56 48.35
C PRO C 134 -17.84 -13.31 47.06
N GLU C 135 -19.08 -13.19 46.60
CA GLU C 135 -19.46 -13.80 45.31
C GLU C 135 -18.78 -13.04 44.16
N LEU C 136 -18.55 -11.76 44.36
CA LEU C 136 -17.83 -10.97 43.37
C LEU C 136 -16.30 -11.17 43.53
N PRO C 137 -15.58 -11.27 42.40
CA PRO C 137 -14.13 -11.37 42.45
C PRO C 137 -13.48 -10.00 42.53
N LEU C 138 -12.41 -9.90 43.32
CA LEU C 138 -11.70 -8.65 43.48
C LEU C 138 -10.87 -8.34 42.25
N LEU C 139 -10.92 -7.08 41.86
CA LEU C 139 -10.00 -6.56 40.83
C LEU C 139 -8.54 -6.55 41.31
N LEU C 140 -7.63 -6.85 40.39
CA LEU C 140 -6.18 -6.73 40.63
C LEU C 140 -5.78 -5.27 40.58
N GLU C 141 -4.58 -5.00 41.06
CA GLU C 141 -4.10 -3.63 41.15
C GLU C 141 -3.95 -3.04 39.77
N HIS C 142 -3.45 -3.85 38.84
CA HIS C 142 -3.31 -3.46 37.43
C HIS C 142 -3.90 -4.56 36.56
N VAL C 143 -4.23 -4.22 35.32
CA VAL C 143 -4.55 -5.20 34.28
C VAL C 143 -3.24 -5.70 33.67
N HIS C 144 -3.16 -7.01 33.39
CA HIS C 144 -1.97 -7.65 32.84
C HIS C 144 -2.30 -8.52 31.61
N PRO C 145 -1.37 -8.62 30.65
CA PRO C 145 -1.57 -9.59 29.57
C PRO C 145 -1.59 -11.01 30.11
N ILE C 146 -2.02 -11.99 29.31
CA ILE C 146 -2.01 -13.34 29.85
C ILE C 146 -0.59 -13.88 30.07
N HIS C 147 0.37 -13.47 29.22
CA HIS C 147 1.75 -14.00 29.30
C HIS C 147 2.50 -13.67 30.60
N GLU C 148 1.97 -12.70 31.35
CA GLU C 148 2.53 -12.34 32.64
C GLU C 148 2.11 -13.33 33.73
N ILE C 149 1.08 -14.12 33.43
CA ILE C 149 0.51 -15.09 34.35
C ILE C 149 0.83 -16.52 33.93
N VAL C 150 0.72 -16.85 32.64
CA VAL C 150 1.05 -18.19 32.15
C VAL C 150 1.72 -18.16 30.77
N ARG C 151 2.23 -19.32 30.37
CA ARG C 151 2.95 -19.42 29.10
C ARG C 151 2.00 -19.50 27.97
N VAL C 152 2.39 -18.85 26.89
CA VAL C 152 1.55 -18.70 25.72
C VAL C 152 2.28 -19.30 24.55
N ASP C 153 1.58 -20.06 23.74
CA ASP C 153 2.23 -20.72 22.63
C ASP C 153 2.16 -19.89 21.38
N TYR C 154 1.09 -19.12 21.22
CA TYR C 154 0.93 -18.29 20.03
C TYR C 154 0.15 -17.03 20.36
N TYR C 155 0.33 -15.99 19.56
CA TYR C 155 -0.43 -14.76 19.70
C TYR C 155 -1.16 -14.48 18.38
N LEU C 156 -2.44 -14.12 18.44
CA LEU C 156 -3.17 -13.64 17.25
C LEU C 156 -3.46 -12.19 17.47
N PRO C 157 -2.80 -11.29 16.75
CA PRO C 157 -3.04 -9.88 17.10
C PRO C 157 -4.26 -9.31 16.41
N GLY C 158 -4.66 -8.14 16.86
CA GLY C 158 -5.87 -7.47 16.35
C GLY C 158 -6.83 -7.15 17.48
N CYS C 159 -7.74 -6.24 17.22
CA CYS C 159 -8.74 -5.88 18.22
C CYS C 159 -10.02 -5.69 17.48
N PRO C 160 -10.55 -6.78 16.91
CA PRO C 160 -9.97 -8.12 17.03
C PRO C 160 -9.18 -8.59 15.81
N PRO C 161 -8.42 -9.69 15.95
CA PRO C 161 -7.85 -10.33 14.77
C PRO C 161 -8.87 -10.47 13.70
N THR C 162 -8.46 -10.40 12.44
CA THR C 162 -9.37 -10.69 11.33
C THR C 162 -9.88 -12.13 11.35
N ALA C 163 -11.08 -12.36 10.85
CA ALA C 163 -11.56 -13.73 10.75
C ALA C 163 -10.58 -14.51 9.88
N GLU C 164 -9.98 -13.85 8.90
CA GLU C 164 -9.05 -14.52 8.00
C GLU C 164 -7.79 -15.00 8.68
N VAL C 165 -7.36 -14.29 9.70
CA VAL C 165 -6.25 -14.75 10.52
C VAL C 165 -6.70 -15.91 11.38
N ILE C 166 -7.79 -15.70 12.11
CA ILE C 166 -8.28 -16.76 12.98
C ILE C 166 -8.44 -18.04 12.17
N TRP C 167 -8.94 -17.93 10.95
CA TRP C 167 -9.11 -19.12 10.11
C TRP C 167 -7.78 -19.72 9.70
N THR C 168 -6.87 -18.88 9.23
CA THR C 168 -5.60 -19.35 8.77
C THR C 168 -4.88 -20.06 9.92
N PHE C 169 -4.95 -19.47 11.10
CA PHE C 169 -4.30 -20.05 12.27
C PHE C 169 -4.79 -21.44 12.54
N LEU C 170 -6.11 -21.63 12.61
CA LEU C 170 -6.68 -22.95 12.90
C LEU C 170 -6.38 -23.94 11.77
N THR C 171 -6.77 -23.58 10.55
CA THR C 171 -6.36 -24.31 9.36
C THR C 171 -4.94 -24.86 9.48
N ASP C 172 -3.99 -24.02 9.88
CA ASP C 172 -2.61 -24.44 10.02
C ASP C 172 -2.48 -25.51 11.10
N LEU C 173 -2.93 -25.21 12.31
CA LEU C 173 -2.77 -26.15 13.43
C LEU C 173 -3.43 -27.50 13.19
N LEU C 174 -4.57 -27.52 12.51
CA LEU C 174 -5.27 -28.78 12.23
C LEU C 174 -4.44 -29.70 11.34
N VAL C 175 -3.79 -29.12 10.34
CA VAL C 175 -2.99 -29.87 9.38
C VAL C 175 -1.59 -30.23 9.92
N GLY C 176 -1.28 -29.79 11.14
CA GLY C 176 0.06 -29.98 11.70
C GLY C 176 1.02 -28.81 11.46
N ARG C 177 0.80 -28.05 10.39
CA ARG C 177 1.69 -26.95 9.98
C ARG C 177 1.85 -25.83 11.02
N GLU C 178 2.98 -25.12 10.92
CA GLU C 178 3.36 -24.01 11.81
C GLU C 178 2.70 -22.71 11.37
N PRO C 179 2.04 -21.99 12.31
CA PRO C 179 1.27 -20.79 11.94
C PRO C 179 2.09 -19.73 11.18
N HIS C 180 1.59 -19.36 10.00
CA HIS C 180 2.18 -18.30 9.19
C HIS C 180 1.11 -17.25 8.98
N PHE C 181 1.45 -15.99 9.28
CA PHE C 181 0.54 -14.86 9.07
C PHE C 181 1.10 -13.94 7.99
N PRO C 182 0.47 -13.91 6.80
CA PRO C 182 0.88 -12.95 5.78
C PRO C 182 0.67 -11.47 6.22
N TYR C 183 1.62 -10.58 5.88
CA TYR C 183 1.46 -9.14 6.11
C TYR C 183 -0.01 -8.65 5.95
N PRO C 184 -0.65 -8.93 4.79
CA PRO C 184 -2.04 -8.47 4.58
C PRO C 184 -3.13 -8.97 5.54
N THR C 185 -2.81 -9.86 6.47
CA THR C 185 -3.78 -10.32 7.47
C THR C 185 -3.45 -9.73 8.86
N LEU C 186 -2.32 -9.04 8.97
CA LEU C 186 -1.80 -8.56 10.23
C LEU C 186 -2.35 -7.19 10.60
N ARG C 187 -2.90 -7.09 11.80
CA ARG C 187 -3.27 -5.80 12.38
C ARG C 187 -3.26 -5.84 13.90
N TYR C 188 -3.10 -4.68 14.50
CA TYR C 188 -3.14 -4.54 15.93
C TYR C 188 -4.33 -3.69 16.32
N ASP C 189 -5.16 -3.32 15.36
CA ASP C 189 -6.21 -2.35 15.62
C ASP C 189 -7.63 -2.85 15.21
N ALA D 17 -33.23 -15.30 53.65
CA ALA D 17 -32.81 -15.23 55.09
C ALA D 17 -32.62 -16.63 55.70
N ASN D 18 -33.73 -17.32 55.94
CA ASN D 18 -33.74 -18.74 56.41
C ASN D 18 -33.19 -19.74 55.38
N ALA D 19 -32.65 -19.24 54.26
CA ALA D 19 -31.99 -20.09 53.29
C ALA D 19 -30.83 -20.81 53.95
N THR D 20 -30.76 -22.12 53.71
CA THR D 20 -29.77 -22.99 54.33
C THR D 20 -28.75 -23.53 53.33
N ARG D 21 -29.20 -23.95 52.14
CA ARG D 21 -28.34 -24.51 51.09
C ARG D 21 -28.19 -23.58 49.86
N ARG D 22 -27.00 -23.57 49.28
CA ARG D 22 -26.65 -22.72 48.13
C ARG D 22 -26.25 -23.59 46.95
N VAL D 23 -26.82 -23.31 45.78
CA VAL D 23 -26.39 -23.97 44.53
C VAL D 23 -26.22 -22.91 43.45
N ALA D 24 -25.13 -23.02 42.69
CA ALA D 24 -24.75 -22.00 41.72
C ALA D 24 -24.58 -22.55 40.30
N ILE D 25 -25.21 -21.89 39.33
CA ILE D 25 -24.87 -22.07 37.92
C ILE D 25 -23.74 -21.06 37.67
N ASP D 26 -22.58 -21.59 37.33
CA ASP D 26 -21.36 -20.79 37.34
C ASP D 26 -20.30 -21.42 36.46
N PRO D 27 -19.98 -20.83 35.30
CA PRO D 27 -20.55 -19.58 34.83
C PRO D 27 -21.73 -19.81 33.91
N LEU D 28 -22.43 -18.73 33.60
CA LEU D 28 -23.52 -18.78 32.66
C LEU D 28 -23.03 -18.99 31.24
N SER D 29 -23.65 -19.95 30.56
CA SER D 29 -23.28 -20.34 29.21
C SER D 29 -24.14 -19.67 28.17
N ARG D 30 -23.67 -19.65 26.93
CA ARG D 30 -24.40 -19.07 25.82
C ARG D 30 -25.05 -17.73 26.20
N VAL D 31 -24.20 -16.85 26.74
CA VAL D 31 -24.52 -15.45 26.95
C VAL D 31 -23.20 -14.75 26.74
N GLU D 32 -23.22 -13.45 26.53
CA GLU D 32 -21.95 -12.76 26.45
C GLU D 32 -21.63 -12.25 27.84
N GLY D 33 -20.36 -12.27 28.17
CA GLY D 33 -19.92 -11.78 29.47
C GLY D 33 -19.86 -12.82 30.57
N HIS D 34 -19.52 -12.36 31.77
CA HIS D 34 -19.32 -13.21 32.93
C HIS D 34 -20.41 -12.96 33.93
N GLY D 35 -21.34 -13.92 34.00
CA GLY D 35 -22.43 -13.90 34.94
C GLY D 35 -22.55 -15.23 35.66
N LYS D 36 -23.17 -15.17 36.83
CA LYS D 36 -23.39 -16.34 37.68
C LYS D 36 -24.70 -16.16 38.43
N VAL D 37 -25.54 -17.21 38.46
CA VAL D 37 -26.70 -17.19 39.37
C VAL D 37 -26.51 -18.10 40.57
N THR D 38 -26.78 -17.58 41.77
CA THR D 38 -26.87 -18.40 42.96
C THR D 38 -28.33 -18.65 43.30
N ILE D 39 -28.63 -19.87 43.70
CA ILE D 39 -29.98 -20.26 44.03
C ILE D 39 -29.98 -20.80 45.46
N TRP D 40 -30.63 -20.06 46.34
CA TRP D 40 -30.66 -20.39 47.76
C TRP D 40 -31.88 -21.25 48.07
N LEU D 41 -31.63 -22.48 48.49
CA LEU D 41 -32.69 -23.40 48.87
C LEU D 41 -32.86 -23.40 50.39
N ASP D 42 -33.77 -24.24 50.88
CA ASP D 42 -33.84 -24.57 52.32
C ASP D 42 -33.88 -26.10 52.47
N ASP D 43 -33.99 -26.59 53.70
CA ASP D 43 -33.91 -28.03 53.96
C ASP D 43 -35.09 -28.84 53.39
N ASP D 44 -36.18 -28.16 53.02
CA ASP D 44 -37.37 -28.81 52.47
C ASP D 44 -37.25 -29.08 50.96
N GLY D 45 -36.18 -28.58 50.34
CA GLY D 45 -36.01 -28.64 48.89
C GLY D 45 -36.68 -27.48 48.18
N GLN D 46 -37.08 -26.47 48.96
CA GLN D 46 -37.80 -25.31 48.45
C GLN D 46 -36.85 -24.14 48.24
N VAL D 47 -37.15 -23.32 47.23
CA VAL D 47 -36.27 -22.19 46.89
C VAL D 47 -36.82 -20.87 47.45
N VAL D 48 -36.04 -20.27 48.33
CA VAL D 48 -36.33 -18.96 48.90
C VAL D 48 -36.01 -17.91 47.84
N GLU D 49 -34.73 -17.74 47.53
CA GLU D 49 -34.28 -16.66 46.63
C GLU D 49 -33.24 -17.10 45.60
N ALA D 50 -33.32 -16.48 44.43
CA ALA D 50 -32.30 -16.55 43.37
C ALA D 50 -31.61 -15.18 43.20
N ARG D 51 -30.45 -15.16 42.55
CA ARG D 51 -29.70 -13.91 42.40
C ARG D 51 -28.75 -13.92 41.22
N LEU D 52 -28.84 -12.88 40.42
CA LEU D 52 -27.99 -12.72 39.26
C LEU D 52 -26.77 -11.91 39.67
N HIS D 53 -25.60 -12.54 39.67
CA HIS D 53 -24.37 -11.82 39.99
C HIS D 53 -23.66 -11.55 38.72
N ILE D 54 -23.47 -10.28 38.40
CA ILE D 54 -22.67 -9.92 37.24
C ILE D 54 -21.31 -9.63 37.79
N VAL D 55 -20.37 -10.43 37.31
CA VAL D 55 -19.20 -10.77 38.06
C VAL D 55 -17.88 -10.13 37.47
N GLU D 56 -18.02 -9.25 36.47
CA GLU D 56 -16.89 -8.58 35.82
C GLU D 56 -17.06 -7.06 35.79
N PHE D 57 -15.95 -6.35 35.76
CA PHE D 57 -15.94 -4.90 35.73
C PHE D 57 -14.59 -4.35 35.31
N ARG D 58 -14.61 -3.41 34.36
CA ARG D 58 -13.38 -2.85 33.79
C ARG D 58 -13.20 -1.36 34.04
N GLY D 59 -14.30 -0.64 34.21
CA GLY D 59 -14.28 0.75 34.68
C GLY D 59 -14.08 1.78 33.60
N PHE D 60 -14.69 1.55 32.43
CA PHE D 60 -14.58 2.49 31.28
C PHE D 60 -14.96 3.94 31.60
N GLU D 61 -15.90 4.14 32.50
CA GLU D 61 -16.41 5.47 32.84
C GLU D 61 -15.35 6.31 33.56
N ALA D 62 -14.40 5.62 34.20
CA ALA D 62 -13.44 6.28 35.04
C ALA D 62 -12.08 6.40 34.36
N PHE D 63 -11.69 5.41 33.56
CA PHE D 63 -10.40 5.43 32.86
C PHE D 63 -10.40 6.18 31.51
N ILE D 64 -11.56 6.27 30.85
CA ILE D 64 -11.76 7.18 29.70
C ILE D 64 -11.57 8.67 30.05
N VAL D 65 -11.67 9.00 31.33
CA VAL D 65 -11.45 10.35 31.77
C VAL D 65 -9.98 10.63 31.63
N GLY D 66 -9.65 11.78 31.08
CA GLY D 66 -8.27 12.16 30.89
C GLY D 66 -7.91 12.08 29.42
N ARG D 67 -8.68 11.31 28.65
CA ARG D 67 -8.42 11.11 27.23
C ARG D 67 -9.08 12.19 26.42
N PRO D 68 -8.64 12.38 25.15
CA PRO D 68 -9.29 13.36 24.29
C PRO D 68 -10.66 12.90 23.89
N TYR D 69 -11.55 13.86 23.67
CA TYR D 69 -12.93 13.50 23.34
C TYR D 69 -13.06 12.63 22.09
N TRP D 70 -12.28 12.92 21.06
CA TRP D 70 -12.42 12.19 19.78
C TRP D 70 -12.04 10.71 19.87
N GLU D 71 -11.40 10.30 20.95
CA GLU D 71 -11.13 8.88 21.17
C GLU D 71 -12.37 8.07 21.52
N ALA D 72 -13.37 8.70 22.14
CA ALA D 72 -14.49 7.99 22.77
C ALA D 72 -15.29 7.05 21.88
N PRO D 73 -15.71 7.51 20.69
CA PRO D 73 -16.42 6.60 19.83
C PRO D 73 -15.62 5.35 19.50
N VAL D 74 -14.29 5.49 19.43
CA VAL D 74 -13.41 4.39 19.08
C VAL D 74 -13.01 3.52 20.28
N VAL D 75 -12.63 4.13 21.41
CA VAL D 75 -12.24 3.32 22.56
C VAL D 75 -13.45 2.76 23.29
N VAL D 76 -14.41 3.62 23.64
CA VAL D 76 -15.55 3.16 24.45
C VAL D 76 -16.33 2.04 23.82
N GLN D 77 -16.30 1.90 22.50
CA GLN D 77 -17.00 0.77 21.86
C GLN D 77 -16.36 -0.60 22.18
N ARG D 78 -15.18 -0.59 22.77
CA ARG D 78 -14.55 -1.82 23.24
C ARG D 78 -15.28 -2.43 24.44
N LEU D 79 -16.34 -1.78 24.93
CA LEU D 79 -17.25 -2.39 25.91
C LEU D 79 -17.76 -3.75 25.46
N CYS D 80 -18.05 -3.89 24.18
CA CYS D 80 -18.68 -5.07 23.70
C CYS D 80 -18.37 -5.33 22.25
N GLY D 81 -18.21 -6.61 21.95
CA GLY D 81 -17.88 -7.08 20.60
C GLY D 81 -19.07 -7.60 19.85
N ILE D 82 -20.25 -7.54 20.46
CA ILE D 82 -21.48 -7.74 19.69
C ILE D 82 -22.11 -6.41 19.24
N CYS D 83 -22.13 -5.41 20.10
CA CYS D 83 -22.74 -4.15 19.74
C CYS D 83 -21.75 -2.96 19.86
N PRO D 84 -20.51 -3.14 19.44
CA PRO D 84 -19.74 -1.96 19.49
C PRO D 84 -20.39 -0.84 18.67
N VAL D 85 -21.13 -1.18 17.62
CA VAL D 85 -21.73 -0.11 16.80
C VAL D 85 -22.66 0.78 17.61
N SER D 86 -23.40 0.16 18.52
CA SER D 86 -24.30 0.89 19.41
C SER D 86 -23.54 1.91 20.25
N HIS D 87 -22.34 1.57 20.71
CA HIS D 87 -21.55 2.51 21.49
C HIS D 87 -20.80 3.51 20.64
N HIS D 88 -20.43 3.07 19.46
CA HIS D 88 -19.76 3.90 18.48
C HIS D 88 -20.64 5.09 18.10
N LEU D 89 -21.90 4.79 17.80
CA LEU D 89 -22.88 5.81 17.40
C LEU D 89 -23.36 6.64 18.57
N ALA D 90 -23.53 5.99 19.72
CA ALA D 90 -23.98 6.70 20.92
C ALA D 90 -22.96 7.74 21.23
N ALA D 91 -21.70 7.34 21.31
CA ALA D 91 -20.59 8.30 21.56
C ALA D 91 -20.56 9.36 20.51
N ALA D 92 -20.67 8.96 19.26
CA ALA D 92 -20.75 9.93 18.17
C ALA D 92 -21.87 10.94 18.36
N LYS D 93 -23.08 10.45 18.65
CA LYS D 93 -24.24 11.33 18.85
C LYS D 93 -23.98 12.31 19.96
N ALA D 94 -23.50 11.83 21.11
CA ALA D 94 -23.15 12.69 22.20
C ALA D 94 -22.13 13.76 21.80
N LEU D 95 -21.10 13.37 21.06
CA LEU D 95 -20.08 14.33 20.71
C LEU D 95 -20.58 15.25 19.61
N ASP D 96 -21.57 14.83 18.82
CA ASP D 96 -22.20 15.77 17.89
C ASP D 96 -22.69 16.98 18.70
N ARG D 97 -23.49 16.69 19.73
CA ARG D 97 -24.08 17.73 20.58
C ARG D 97 -22.98 18.60 21.18
N LEU D 98 -21.92 17.98 21.67
CA LEU D 98 -20.77 18.72 22.24
C LEU D 98 -20.23 19.75 21.30
N VAL D 99 -20.00 19.31 20.07
CA VAL D 99 -19.51 20.12 18.97
C VAL D 99 -20.61 20.99 18.31
N GLY D 100 -21.84 20.96 18.85
CA GLY D 100 -22.93 21.89 18.49
C GLY D 100 -23.75 21.50 17.28
N VAL D 101 -23.92 20.18 17.08
CA VAL D 101 -24.65 19.64 15.91
C VAL D 101 -25.77 18.72 16.36
N THR D 102 -26.99 19.01 15.94
CA THR D 102 -28.14 18.16 16.31
C THR D 102 -28.59 17.36 15.10
N GLN D 103 -29.21 18.01 14.12
CA GLN D 103 -29.48 17.35 12.83
C GLN D 103 -28.17 17.11 12.03
N LEU D 104 -27.93 15.87 11.65
CA LEU D 104 -26.83 15.51 10.76
C LEU D 104 -27.13 15.81 9.31
N PRO D 105 -26.11 16.03 8.50
CA PRO D 105 -26.41 16.10 7.09
C PRO D 105 -26.85 14.74 6.59
N PRO D 106 -27.52 14.69 5.44
CA PRO D 106 -28.16 13.45 5.00
C PRO D 106 -27.23 12.24 4.88
N THR D 107 -26.02 12.44 4.34
CA THR D 107 -25.19 11.29 4.02
C THR D 107 -24.75 10.62 5.31
N ALA D 108 -24.36 11.42 6.27
CA ALA D 108 -23.99 10.92 7.59
C ALA D 108 -25.13 10.26 8.27
N GLU D 109 -26.34 10.81 8.16
CA GLU D 109 -27.51 10.21 8.81
C GLU D 109 -27.76 8.80 8.27
N LYS D 110 -27.66 8.67 6.95
CA LYS D 110 -28.00 7.42 6.28
C LYS D 110 -26.93 6.36 6.46
N MET D 111 -25.65 6.75 6.44
CA MET D 111 -24.56 5.80 6.73
C MET D 111 -24.74 5.22 8.13
N ARG D 112 -24.82 6.14 9.10
CA ARG D 112 -25.08 5.76 10.48
C ARG D 112 -26.29 4.86 10.62
N ARG D 113 -27.37 5.10 9.89
CA ARG D 113 -28.51 4.19 9.98
C ARG D 113 -28.15 2.79 9.47
N LEU D 114 -27.50 2.72 8.33
CA LEU D 114 -27.13 1.45 7.74
C LEU D 114 -26.23 0.65 8.67
N MET D 115 -25.26 1.31 9.25
CA MET D 115 -24.41 0.68 10.27
C MET D 115 -25.29 0.06 11.35
N HIS D 116 -26.30 0.80 11.80
CA HIS D 116 -27.07 0.41 12.98
C HIS D 116 -28.05 -0.68 12.68
N TYR D 117 -28.69 -0.55 11.53
CA TYR D 117 -29.66 -1.53 11.10
C TYR D 117 -28.93 -2.86 10.87
N GLY D 118 -27.71 -2.77 10.31
CA GLY D 118 -26.89 -3.95 10.14
C GLY D 118 -26.48 -4.53 11.48
N GLN D 119 -26.15 -3.64 12.39
CA GLN D 119 -25.76 -4.04 13.75
C GLN D 119 -26.89 -4.83 14.43
N VAL D 120 -28.12 -4.32 14.36
CA VAL D 120 -29.22 -4.98 15.02
C VAL D 120 -29.50 -6.31 14.34
N LEU D 121 -29.51 -6.30 13.01
CA LEU D 121 -29.68 -7.52 12.21
C LEU D 121 -28.73 -8.64 12.65
N GLN D 122 -27.44 -8.37 12.71
CA GLN D 122 -26.47 -9.42 13.04
C GLN D 122 -26.50 -9.81 14.50
N SER D 123 -26.77 -8.85 15.37
CA SER D 123 -26.76 -9.13 16.80
C SER D 123 -27.94 -9.99 17.16
N HIS D 124 -29.08 -9.71 16.57
CA HIS D 124 -30.23 -10.55 16.85
C HIS D 124 -30.04 -11.97 16.32
N ALA D 125 -29.30 -12.08 15.23
CA ALA D 125 -29.09 -13.37 14.60
C ALA D 125 -27.99 -14.06 15.35
N LEU D 126 -27.15 -13.31 15.98
CA LEU D 126 -26.12 -13.96 16.76
C LEU D 126 -26.83 -14.66 17.91
N HIS D 127 -27.76 -13.96 18.53
CA HIS D 127 -28.37 -14.49 19.73
C HIS D 127 -29.27 -15.66 19.43
N PHE D 128 -30.17 -15.47 18.49
CA PHE D 128 -31.10 -16.54 18.24
C PHE D 128 -30.32 -17.76 17.79
N PHE D 129 -29.63 -17.65 16.65
CA PHE D 129 -29.04 -18.82 16.02
C PHE D 129 -27.85 -19.45 16.77
N TYR D 130 -27.12 -18.68 17.54
CA TYR D 130 -25.94 -19.24 18.20
C TYR D 130 -26.16 -19.55 19.70
N LEU D 131 -26.97 -18.74 20.36
CA LEU D 131 -27.03 -18.73 21.81
C LEU D 131 -28.37 -19.26 22.35
N ALA D 132 -29.45 -19.10 21.62
CA ALA D 132 -30.77 -19.33 22.18
C ALA D 132 -31.49 -20.55 21.61
N ALA D 133 -31.46 -20.66 20.28
CA ALA D 133 -32.08 -21.73 19.54
C ALA D 133 -31.50 -23.12 19.78
N PRO D 134 -30.22 -23.23 20.20
CA PRO D 134 -29.82 -24.57 20.64
C PRO D 134 -30.78 -25.17 21.65
N ASP D 135 -31.28 -24.38 22.59
CA ASP D 135 -32.34 -24.83 23.51
C ASP D 135 -33.71 -24.96 22.79
N LEU D 136 -34.12 -23.90 22.10
CA LEU D 136 -35.46 -23.83 21.57
C LEU D 136 -35.69 -24.88 20.50
N LEU D 137 -34.65 -25.29 19.80
CA LEU D 137 -34.85 -26.27 18.72
C LEU D 137 -34.36 -27.69 19.03
N LEU D 138 -33.37 -27.83 19.90
CA LEU D 138 -32.92 -29.15 20.35
C LEU D 138 -33.46 -29.49 21.72
N GLY D 139 -34.20 -28.56 22.32
CA GLY D 139 -34.93 -28.87 23.55
C GLY D 139 -34.11 -28.61 24.78
N PHE D 140 -34.77 -28.18 25.84
CA PHE D 140 -34.14 -27.59 27.00
C PHE D 140 -33.37 -28.60 27.83
N SER D 141 -33.53 -29.88 27.49
CA SER D 141 -32.90 -30.96 28.23
C SER D 141 -31.81 -31.68 27.45
N ALA D 142 -31.76 -31.45 26.14
CA ALA D 142 -30.77 -32.12 25.29
C ALA D 142 -29.40 -32.20 25.96
N ASP D 143 -28.78 -33.37 25.88
CA ASP D 143 -27.43 -33.58 26.38
C ASP D 143 -26.51 -32.42 25.96
N PRO D 144 -25.78 -31.80 26.92
CA PRO D 144 -24.95 -30.62 26.68
C PRO D 144 -24.11 -30.66 25.42
N ALA D 145 -23.41 -31.76 25.18
CA ALA D 145 -22.54 -31.87 23.99
C ALA D 145 -23.22 -31.50 22.67
N GLN D 146 -24.54 -31.55 22.64
CA GLN D 146 -25.32 -31.19 21.46
C GLN D 146 -25.96 -29.80 21.60
N ARG D 147 -26.21 -29.41 22.84
CA ARG D 147 -26.94 -28.20 23.14
C ARG D 147 -26.03 -26.96 22.96
N ASN D 148 -25.76 -26.67 21.69
CA ASN D 148 -24.96 -25.55 21.27
C ASN D 148 -25.09 -25.40 19.77
N VAL D 149 -24.34 -24.46 19.21
CA VAL D 149 -24.49 -24.10 17.81
C VAL D 149 -23.97 -25.18 16.86
N PHE D 150 -23.10 -26.06 17.37
CA PHE D 150 -22.47 -27.09 16.55
C PHE D 150 -23.38 -28.30 16.45
N GLY D 151 -23.99 -28.67 17.57
CA GLY D 151 -25.07 -29.67 17.56
C GLY D 151 -26.20 -29.27 16.64
N LEU D 152 -26.48 -27.97 16.57
CA LEU D 152 -27.50 -27.41 15.69
C LEU D 152 -27.06 -27.47 14.22
N ALA D 153 -25.79 -27.12 13.97
CA ALA D 153 -25.20 -27.22 12.64
C ALA D 153 -25.29 -28.65 12.10
N ALA D 154 -25.02 -29.63 12.96
CA ALA D 154 -25.10 -31.05 12.62
C ALA D 154 -26.54 -31.52 12.31
N GLN D 155 -27.49 -31.09 13.14
CA GLN D 155 -28.87 -31.57 13.04
C GLN D 155 -29.69 -30.75 12.07
N LYS D 156 -29.71 -29.44 12.25
CA LYS D 156 -30.56 -28.55 11.46
C LYS D 156 -29.69 -27.61 10.66
N ARG D 157 -28.97 -28.20 9.73
CA ARG D 157 -27.90 -27.51 9.04
C ARG D 157 -28.38 -26.34 8.21
N GLU D 158 -29.37 -26.57 7.36
CA GLU D 158 -29.80 -25.52 6.45
C GLU D 158 -30.37 -24.34 7.23
N LEU D 159 -30.83 -24.60 8.46
CA LEU D 159 -31.34 -23.53 9.28
C LEU D 159 -30.17 -22.72 9.78
N ALA D 160 -29.25 -23.38 10.46
CA ALA D 160 -28.03 -22.72 10.93
C ALA D 160 -27.21 -21.99 9.85
N ARG D 161 -27.18 -22.54 8.63
CA ARG D 161 -26.53 -21.86 7.51
C ARG D 161 -27.21 -20.52 7.20
N GLN D 162 -28.53 -20.49 7.27
CA GLN D 162 -29.25 -19.26 7.02
C GLN D 162 -28.91 -18.21 8.07
N GLY D 163 -28.98 -18.60 9.34
CA GLY D 163 -28.70 -17.68 10.44
C GLY D 163 -27.32 -17.06 10.32
N ILE D 164 -26.34 -17.92 10.07
CA ILE D 164 -24.97 -17.48 9.91
C ILE D 164 -24.93 -16.48 8.79
N LEU D 165 -25.56 -16.80 7.67
CA LEU D 165 -25.60 -15.85 6.56
C LEU D 165 -26.40 -14.57 6.80
N VAL D 166 -27.45 -14.61 7.61
CA VAL D 166 -28.08 -13.37 8.05
C VAL D 166 -27.08 -12.52 8.86
N ARG D 167 -26.44 -13.11 9.86
CA ARG D 167 -25.48 -12.39 10.66
C ARG D 167 -24.38 -11.78 9.75
N GLN D 168 -23.95 -12.54 8.75
CA GLN D 168 -22.88 -12.11 7.88
C GLN D 168 -23.26 -10.86 7.13
N PHE D 169 -24.47 -10.84 6.59
CA PHE D 169 -24.89 -9.68 5.82
C PHE D 169 -24.93 -8.43 6.68
N GLY D 170 -25.33 -8.60 7.94
CA GLY D 170 -25.36 -7.48 8.88
C GLY D 170 -23.97 -6.93 9.08
N GLN D 171 -23.03 -7.83 9.35
CA GLN D 171 -21.66 -7.43 9.62
C GLN D 171 -21.09 -6.83 8.38
N GLU D 172 -21.40 -7.41 7.22
CA GLU D 172 -20.85 -6.89 5.97
C GLU D 172 -21.37 -5.47 5.67
N CYS D 173 -22.61 -5.18 6.07
CA CYS D 173 -23.12 -3.81 6.12
C CYS D 173 -22.27 -2.86 7.02
N ILE D 174 -21.75 -3.39 8.12
CA ILE D 174 -20.97 -2.60 9.04
C ILE D 174 -19.57 -2.40 8.47
N GLU D 175 -18.97 -3.47 7.98
CA GLU D 175 -17.68 -3.37 7.33
C GLU D 175 -17.74 -2.19 6.36
N ALA D 176 -18.78 -2.14 5.53
CA ALA D 176 -18.88 -1.11 4.50
C ALA D 176 -19.01 0.29 5.06
N THR D 177 -19.76 0.46 6.13
CA THR D 177 -20.02 1.78 6.68
C THR D 177 -19.04 2.21 7.74
N ALA D 178 -18.41 1.26 8.44
CA ALA D 178 -17.53 1.58 9.58
C ALA D 178 -16.04 1.31 9.30
N GLY D 179 -15.73 0.46 8.33
CA GLY D 179 -14.33 0.09 8.05
C GLY D 179 -13.93 -1.28 8.55
N LYS D 180 -14.58 -1.78 9.60
CA LYS D 180 -14.39 -3.16 10.09
C LYS D 180 -15.75 -3.79 10.48
N ARG D 181 -15.82 -5.13 10.53
CA ARG D 181 -17.04 -5.77 11.05
C ARG D 181 -17.19 -5.47 12.54
N ILE D 182 -16.05 -5.35 13.21
CA ILE D 182 -16.01 -5.17 14.65
C ILE D 182 -15.06 -4.04 15.02
N HIS D 183 -15.61 -2.96 15.55
CA HIS D 183 -14.85 -1.81 16.02
C HIS D 183 -14.36 -0.92 14.88
N GLY D 184 -15.28 -0.24 14.21
CA GLY D 184 -14.92 0.69 13.12
C GLY D 184 -14.56 2.08 13.65
N THR D 185 -14.58 3.09 12.79
CA THR D 185 -14.10 4.42 13.16
C THR D 185 -14.80 5.57 12.44
N SER D 186 -15.82 5.28 11.65
CA SER D 186 -16.31 6.27 10.67
C SER D 186 -17.23 7.32 11.30
N ALA D 187 -18.15 6.89 12.17
CA ALA D 187 -18.92 7.84 12.97
C ALA D 187 -18.02 8.79 13.77
N VAL D 188 -18.09 10.08 13.43
CA VAL D 188 -17.25 11.13 14.07
C VAL D 188 -18.10 12.33 14.53
N PRO D 189 -17.57 13.16 15.44
CA PRO D 189 -18.36 14.31 15.86
C PRO D 189 -18.70 15.18 14.67
N GLY D 190 -19.99 15.36 14.40
CA GLY D 190 -20.44 16.10 13.22
C GLY D 190 -21.04 15.23 12.12
N GLY D 191 -20.62 13.97 12.05
CA GLY D 191 -21.12 13.07 11.02
C GLY D 191 -20.32 11.79 10.80
N ILE D 192 -19.84 11.63 9.58
CA ILE D 192 -19.23 10.38 9.15
C ILE D 192 -18.02 10.73 8.30
N HIS D 193 -16.98 9.90 8.34
CA HIS D 193 -15.73 10.22 7.60
C HIS D 193 -15.64 9.59 6.21
N LYS D 194 -16.73 8.99 5.75
CA LYS D 194 -16.74 8.34 4.43
C LYS D 194 -18.16 8.11 3.92
N ASN D 195 -18.23 7.75 2.66
CA ASN D 195 -19.48 7.31 2.07
C ASN D 195 -19.35 5.87 1.50
N LEU D 196 -20.46 5.30 1.02
CA LEU D 196 -20.36 4.04 0.28
C LEU D 196 -19.86 4.38 -1.12
N SER D 197 -19.23 3.41 -1.77
CA SER D 197 -19.04 3.47 -3.21
C SER D 197 -20.22 2.74 -3.84
N ARG D 198 -20.36 2.87 -5.16
CA ARG D 198 -21.43 2.25 -5.92
C ARG D 198 -21.34 0.74 -5.80
N ARG D 199 -20.15 0.19 -6.00
CA ARG D 199 -19.96 -1.25 -5.89
C ARG D 199 -20.34 -1.80 -4.52
N GLU D 200 -19.98 -1.11 -3.44
CA GLU D 200 -20.38 -1.61 -2.12
C GLU D 200 -21.91 -1.58 -1.97
N ARG D 201 -22.55 -0.53 -2.49
CA ARG D 201 -23.97 -0.37 -2.36
C ARG D 201 -24.77 -1.43 -3.16
N MET D 202 -24.31 -1.72 -4.37
CA MET D 202 -24.97 -2.67 -5.22
C MET D 202 -24.73 -4.06 -4.67
N ALA D 203 -23.48 -4.34 -4.32
CA ALA D 203 -23.16 -5.66 -3.74
C ALA D 203 -24.09 -5.94 -2.57
N LEU D 204 -24.26 -4.94 -1.70
CA LEU D 204 -25.15 -5.11 -0.57
C LEU D 204 -26.66 -5.26 -1.00
N LEU D 205 -27.11 -4.32 -1.81
CA LEU D 205 -28.47 -4.31 -2.30
C LEU D 205 -28.83 -5.62 -2.98
N SER D 206 -27.90 -6.24 -3.68
CA SER D 206 -28.23 -7.47 -4.37
C SER D 206 -28.51 -8.60 -3.37
N ARG D 207 -27.83 -8.60 -2.23
CA ARG D 207 -27.99 -9.67 -1.22
C ARG D 207 -29.22 -9.49 -0.36
N ALA D 208 -29.67 -8.24 -0.27
CA ALA D 208 -30.63 -7.85 0.75
C ALA D 208 -32.01 -8.54 0.68
N PRO D 209 -32.55 -8.77 -0.52
CA PRO D 209 -33.84 -9.46 -0.56
C PRO D 209 -33.78 -10.85 0.02
N GLU D 210 -32.81 -11.65 -0.38
CA GLU D 210 -32.68 -13.00 0.16
C GLU D 210 -32.52 -13.05 1.69
N ILE D 211 -31.82 -12.09 2.25
CA ILE D 211 -31.58 -12.08 3.68
C ILE D 211 -32.89 -11.83 4.39
N ARG D 212 -33.73 -11.00 3.77
CA ARG D 212 -34.95 -10.59 4.42
C ARG D 212 -35.93 -11.75 4.35
N SER D 213 -35.90 -12.48 3.25
CA SER D 213 -36.78 -13.62 3.11
C SER D 213 -36.44 -14.71 4.10
N TRP D 214 -35.17 -14.85 4.50
CA TRP D 214 -34.81 -15.79 5.58
C TRP D 214 -35.20 -15.32 6.98
N CYS D 215 -35.29 -14.01 7.18
CA CYS D 215 -35.76 -13.46 8.45
C CYS D 215 -37.26 -13.72 8.59
N GLU D 216 -37.98 -13.59 7.48
CA GLU D 216 -39.38 -13.97 7.38
C GLU D 216 -39.57 -15.38 7.85
N ALA D 217 -38.74 -16.27 7.34
CA ALA D 217 -38.82 -17.70 7.67
C ALA D 217 -38.58 -17.89 9.15
N ALA D 218 -37.64 -17.13 9.69
CA ALA D 218 -37.31 -17.22 11.09
C ALA D 218 -38.47 -16.81 12.01
N VAL D 219 -39.34 -15.91 11.53
CA VAL D 219 -40.48 -15.45 12.32
C VAL D 219 -41.53 -16.52 12.23
N ALA D 220 -41.83 -16.96 11.02
CA ALA D 220 -42.73 -18.11 10.84
C ALA D 220 -42.35 -19.21 11.82
N LEU D 221 -41.04 -19.44 11.97
CA LEU D 221 -40.54 -20.53 12.82
C LEU D 221 -40.84 -20.33 14.29
N ILE D 222 -40.46 -19.17 14.81
CA ILE D 222 -40.67 -18.84 16.21
C ILE D 222 -42.16 -18.73 16.57
N GLU D 223 -43.04 -18.45 15.62
CA GLU D 223 -44.50 -18.46 15.89
C GLU D 223 -44.99 -19.88 16.03
N ARG D 224 -44.72 -20.68 15.01
CA ARG D 224 -44.99 -22.11 15.05
C ARG D 224 -44.55 -22.72 16.37
N LEU D 225 -43.44 -22.23 16.90
CA LEU D 225 -42.96 -22.75 18.16
C LEU D 225 -43.93 -22.43 19.31
N PHE D 226 -44.34 -21.16 19.40
CA PHE D 226 -45.25 -20.73 20.47
C PHE D 226 -46.63 -21.37 20.34
N THR D 227 -47.17 -21.38 19.13
CA THR D 227 -48.37 -22.13 18.86
C THR D 227 -48.33 -23.50 19.56
N GLU D 228 -47.22 -24.22 19.47
CA GLU D 228 -47.11 -25.52 20.13
C GLU D 228 -46.70 -25.53 21.60
N HIS D 229 -45.91 -24.55 22.04
CA HIS D 229 -45.27 -24.65 23.37
C HIS D 229 -45.68 -23.59 24.39
N ALA D 230 -46.58 -22.70 23.98
CA ALA D 230 -46.97 -21.52 24.78
C ALA D 230 -47.35 -21.75 26.26
N PRO D 231 -48.14 -22.79 26.56
CA PRO D 231 -48.45 -23.09 27.97
C PRO D 231 -47.21 -23.39 28.83
N PHE D 232 -46.26 -24.10 28.23
CA PHE D 232 -45.00 -24.44 28.88
C PHE D 232 -44.13 -23.21 29.10
N PHE D 233 -44.09 -22.32 28.11
CA PHE D 233 -43.22 -21.17 28.18
C PHE D 233 -43.70 -20.18 29.21
N ALA D 234 -45.00 -20.17 29.47
CA ALA D 234 -45.59 -19.28 30.48
C ALA D 234 -45.10 -19.58 31.90
N GLN D 235 -44.65 -20.82 32.16
CA GLN D 235 -44.08 -21.20 33.44
C GLN D 235 -42.87 -20.37 33.82
N PHE D 236 -42.18 -19.82 32.81
CA PHE D 236 -40.96 -19.01 33.02
C PHE D 236 -41.25 -17.57 33.48
N GLY D 237 -42.51 -17.13 33.36
CA GLY D 237 -42.96 -15.86 33.97
C GLY D 237 -43.58 -14.80 33.06
N SER D 238 -44.22 -13.83 33.71
CA SER D 238 -44.77 -12.64 33.07
C SER D 238 -44.17 -11.42 33.73
N PHE D 239 -44.43 -10.25 33.19
CA PHE D 239 -43.98 -9.05 33.86
C PHE D 239 -45.18 -8.18 34.06
N GLN D 240 -45.26 -7.57 35.24
CA GLN D 240 -46.21 -6.50 35.47
C GLN D 240 -45.43 -5.21 35.57
N THR D 241 -44.22 -5.19 35.01
CA THR D 241 -43.37 -4.04 35.14
C THR D 241 -43.57 -3.07 33.97
N LYS D 242 -43.03 -1.86 34.13
CA LYS D 242 -43.17 -0.82 33.13
C LYS D 242 -42.22 -1.12 31.96
N THR D 243 -42.52 -0.55 30.78
CA THR D 243 -41.68 -0.71 29.58
C THR D 243 -41.07 0.62 29.06
N PHE D 244 -39.75 0.60 28.83
CA PHE D 244 -38.97 1.80 28.54
C PHE D 244 -38.26 1.72 27.18
N SER D 245 -38.37 2.77 26.37
CA SER D 245 -37.78 2.79 25.03
C SER D 245 -37.86 4.13 24.32
N LEU D 246 -37.20 4.20 23.17
CA LEU D 246 -37.21 5.39 22.36
C LEU D 246 -38.31 5.29 21.32
N VAL D 247 -39.21 6.25 21.30
CA VAL D 247 -40.06 6.43 20.16
C VAL D 247 -39.60 7.66 19.43
N ALA D 248 -39.83 7.65 18.11
CA ALA D 248 -39.69 8.83 17.27
C ALA D 248 -40.87 9.76 17.56
N ALA D 249 -40.91 10.93 16.91
CA ALA D 249 -41.97 11.93 17.15
C ALA D 249 -43.42 11.44 16.87
N ASP D 250 -43.57 10.39 16.08
CA ASP D 250 -44.85 10.16 15.46
C ASP D 250 -45.75 9.02 15.93
N GLY D 251 -45.51 8.26 17.01
CA GLY D 251 -44.25 7.94 17.62
C GLY D 251 -44.08 6.44 17.35
N SER D 252 -43.75 6.15 16.09
CA SER D 252 -43.32 4.83 15.67
C SER D 252 -41.93 4.57 16.23
N LEU D 253 -41.56 3.29 16.18
CA LEU D 253 -40.25 2.87 16.60
C LEU D 253 -39.20 3.40 15.66
N ASP D 254 -38.12 3.94 16.20
CA ASP D 254 -36.97 4.37 15.40
C ASP D 254 -35.70 4.03 16.17
N LEU D 255 -35.01 3.01 15.69
CA LEU D 255 -33.92 2.38 16.43
C LEU D 255 -32.70 3.28 16.57
N TYR D 256 -32.53 4.21 15.63
CA TYR D 256 -31.38 5.14 15.65
C TYR D 256 -31.57 6.37 16.53
N ASP D 257 -32.78 6.94 16.55
CA ASP D 257 -33.02 8.22 17.21
C ASP D 257 -34.47 8.35 17.68
N GLY D 258 -34.65 9.01 18.81
CA GLY D 258 -35.97 9.26 19.37
C GLY D 258 -35.87 9.74 20.80
N THR D 259 -37.01 10.08 21.37
CA THR D 259 -37.11 10.56 22.74
C THR D 259 -37.68 9.43 23.60
N PHE D 260 -37.53 9.51 24.92
CA PHE D 260 -38.02 8.43 25.82
C PHE D 260 -39.54 8.32 25.90
N ARG D 261 -40.03 7.09 25.86
CA ARG D 261 -41.40 6.79 26.25
C ARG D 261 -41.40 5.66 27.27
N VAL D 262 -42.22 5.81 28.32
CA VAL D 262 -42.47 4.75 29.30
C VAL D 262 -43.97 4.47 29.39
N LYS D 263 -44.33 3.19 29.29
CA LYS D 263 -45.70 2.73 29.49
C LYS D 263 -45.74 1.89 30.73
N GLU D 264 -46.91 1.86 31.38
CA GLU D 264 -47.12 0.98 32.52
C GLU D 264 -47.52 -0.37 31.93
N ALA D 265 -47.46 -1.46 32.70
CA ALA D 265 -47.73 -2.81 32.16
C ALA D 265 -48.93 -2.81 31.22
N ASN D 266 -50.04 -2.24 31.67
CA ASN D 266 -51.25 -2.07 30.84
C ASN D 266 -51.08 -1.01 29.73
N GLY D 267 -50.23 -0.02 29.97
CA GLY D 267 -49.74 0.95 28.95
C GLY D 267 -50.70 1.76 28.10
N ALA D 268 -51.33 2.83 28.60
CA ALA D 268 -50.97 3.56 29.82
C ALA D 268 -49.59 4.22 29.71
N ILE D 269 -49.54 5.26 28.89
CA ILE D 269 -48.32 6.03 28.69
C ILE D 269 -48.10 6.95 29.89
N LEU D 270 -47.09 6.66 30.70
CA LEU D 270 -46.76 7.49 31.85
C LEU D 270 -45.95 8.70 31.46
N ILE D 271 -44.92 8.45 30.66
CA ILE D 271 -44.04 9.51 30.16
C ILE D 271 -43.90 9.34 28.68
N ASP D 272 -43.94 10.43 27.95
CA ASP D 272 -43.79 10.34 26.53
C ASP D 272 -43.01 11.52 26.03
N HIS D 273 -42.14 11.25 25.05
CA HIS D 273 -41.36 12.26 24.37
C HIS D 273 -40.48 13.08 25.31
N TYR D 274 -39.88 12.39 26.27
CA TYR D 274 -39.01 13.01 27.27
C TYR D 274 -37.62 13.13 26.70
N ASP D 275 -37.05 14.32 26.83
CA ASP D 275 -35.77 14.67 26.23
C ASP D 275 -34.64 13.79 26.81
N PRO D 276 -33.99 12.99 25.96
CA PRO D 276 -32.85 12.19 26.43
C PRO D 276 -31.79 13.03 27.13
N ASN D 277 -31.62 14.26 26.67
CA ASN D 277 -30.67 15.18 27.26
C ASN D 277 -30.84 15.33 28.79
N ASP D 278 -32.08 15.24 29.26
CA ASP D 278 -32.39 15.36 30.70
C ASP D 278 -32.46 14.01 31.43
N TYR D 279 -31.94 12.95 30.82
CA TYR D 279 -31.99 11.61 31.42
C TYR D 279 -31.63 11.61 32.91
N ASP D 280 -30.82 12.58 33.34
CA ASP D 280 -30.33 12.59 34.74
C ASP D 280 -31.38 13.03 35.75
N GLN D 281 -32.34 13.82 35.30
CA GLN D 281 -33.49 14.17 36.13
C GLN D 281 -34.56 13.06 36.16
N LEU D 282 -34.41 12.09 35.29
CA LEU D 282 -35.41 11.08 35.08
C LEU D 282 -35.01 9.75 35.75
N LEU D 283 -33.70 9.52 35.85
CA LEU D 283 -33.17 8.21 36.21
C LEU D 283 -32.18 8.28 37.34
N VAL D 284 -32.06 7.17 38.06
CA VAL D 284 -31.12 7.02 39.15
C VAL D 284 -30.72 5.56 39.22
N GLU D 285 -29.50 5.31 39.64
CA GLU D 285 -28.93 3.96 39.68
C GLU D 285 -28.63 3.53 41.10
N ALA D 286 -29.12 2.36 41.46
CA ALA D 286 -28.86 1.78 42.75
C ALA D 286 -27.78 0.70 42.59
N VAL D 287 -27.05 0.47 43.67
CA VAL D 287 -26.00 -0.52 43.69
C VAL D 287 -26.27 -1.50 44.80
N ARG D 288 -26.31 -2.77 44.44
CA ARG D 288 -26.31 -3.81 45.44
C ARG D 288 -24.88 -4.31 45.60
N PRO D 289 -24.53 -4.79 46.82
CA PRO D 289 -23.21 -5.38 47.09
C PRO D 289 -22.83 -6.63 46.29
N TRP D 290 -23.77 -7.27 45.62
CA TRP D 290 -23.54 -8.61 45.08
C TRP D 290 -23.49 -8.69 43.53
N SER D 291 -23.57 -7.55 42.86
CA SER D 291 -23.40 -7.48 41.40
C SER D 291 -22.64 -6.22 41.04
N TYR D 292 -21.86 -6.28 39.95
CA TYR D 292 -21.21 -5.06 39.42
C TYR D 292 -22.15 -4.31 38.47
N MET D 293 -23.26 -4.95 38.10
CA MET D 293 -24.31 -4.33 37.29
C MET D 293 -25.19 -3.50 38.21
N LYS D 294 -25.43 -2.24 37.83
CA LYS D 294 -26.19 -1.33 38.67
C LYS D 294 -27.67 -1.57 38.47
N PHE D 295 -28.50 -0.83 39.20
CA PHE D 295 -29.94 -1.05 39.19
C PHE D 295 -30.62 0.26 38.90
N PRO D 296 -30.86 0.53 37.61
CA PRO D 296 -31.49 1.79 37.24
C PRO D 296 -32.97 1.80 37.55
N TYR D 297 -33.50 2.96 37.94
CA TYR D 297 -34.94 3.10 38.10
C TYR D 297 -35.35 4.54 37.89
N LEU D 298 -36.66 4.72 37.70
CA LEU D 298 -37.23 6.03 37.52
C LEU D 298 -37.28 6.76 38.85
N LYS D 299 -36.52 7.87 38.93
CA LYS D 299 -36.33 8.63 40.14
C LYS D 299 -37.64 8.88 40.91
N ALA D 300 -38.62 9.39 40.20
CA ALA D 300 -39.84 9.86 40.83
C ALA D 300 -40.78 8.75 41.32
N TYR D 301 -40.42 7.48 41.13
CA TYR D 301 -41.15 6.37 41.71
C TYR D 301 -40.33 5.58 42.73
N GLY D 302 -39.04 5.90 42.87
CA GLY D 302 -38.15 5.10 43.70
C GLY D 302 -38.20 3.64 43.33
N GLU D 303 -37.67 2.78 44.21
CA GLU D 303 -37.68 1.34 43.97
C GLU D 303 -38.52 0.64 45.01
N PRO D 304 -39.21 -0.44 44.65
CA PRO D 304 -39.05 -1.13 43.38
C PRO D 304 -40.10 -0.73 42.35
N ASP D 305 -40.84 0.34 42.61
CA ASP D 305 -41.90 0.73 41.69
C ASP D 305 -41.31 1.28 40.42
N GLY D 306 -40.25 2.09 40.56
CA GLY D 306 -39.59 2.75 39.42
C GLY D 306 -38.73 1.89 38.51
N PHE D 307 -38.68 0.58 38.75
CA PHE D 307 -37.97 -0.30 37.83
C PHE D 307 -38.75 -0.41 36.55
N TYR D 308 -38.06 -0.78 35.48
CA TYR D 308 -38.68 -0.97 34.17
C TYR D 308 -37.90 -2.02 33.38
N ARG D 309 -38.29 -2.23 32.14
CA ARG D 309 -37.61 -3.21 31.32
C ARG D 309 -37.54 -2.68 29.92
N VAL D 310 -36.46 -3.07 29.23
CA VAL D 310 -36.15 -2.62 27.90
C VAL D 310 -35.73 -3.77 27.03
N GLY D 311 -35.71 -3.53 25.72
CA GLY D 311 -35.25 -4.52 24.75
C GLY D 311 -36.30 -4.69 23.68
N PRO D 312 -36.16 -5.75 22.86
CA PRO D 312 -37.17 -6.19 21.93
C PRO D 312 -38.65 -6.05 22.34
N SER D 313 -39.11 -6.71 23.40
CA SER D 313 -40.56 -6.75 23.65
C SER D 313 -41.04 -5.41 24.19
N ALA D 314 -40.16 -4.66 24.84
CA ALA D 314 -40.49 -3.32 25.32
C ALA D 314 -40.72 -2.36 24.17
N ARG D 315 -39.89 -2.45 23.15
CA ARG D 315 -40.05 -1.64 21.96
C ARG D 315 -41.36 -1.91 21.20
N LEU D 316 -41.62 -3.18 20.93
CA LEU D 316 -42.80 -3.59 20.18
C LEU D 316 -44.10 -3.30 20.91
N ILE D 317 -44.03 -3.35 22.24
CA ILE D 317 -45.12 -2.85 23.06
C ILE D 317 -45.22 -1.34 23.00
N ASN D 318 -44.10 -0.63 23.19
CA ASN D 318 -44.13 0.81 23.35
C ASN D 318 -44.53 1.54 22.11
N CYS D 319 -43.90 1.20 21.00
CA CYS D 319 -44.10 1.99 19.80
C CYS D 319 -45.53 1.89 19.33
N ASP D 320 -45.98 2.92 18.62
CA ASP D 320 -47.28 2.90 17.96
C ASP D 320 -47.29 1.98 16.76
N ARG D 321 -46.10 1.75 16.19
CA ARG D 321 -46.02 1.28 14.83
C ARG D 321 -44.62 0.82 14.54
N LEU D 322 -44.48 -0.05 13.54
CA LEU D 322 -43.20 -0.29 12.92
C LEU D 322 -43.35 0.23 11.50
N THR D 323 -42.26 0.81 10.99
CA THR D 323 -42.35 1.53 9.73
C THR D 323 -42.27 0.65 8.50
N THR D 324 -42.04 -0.64 8.68
CA THR D 324 -41.99 -1.58 7.56
C THR D 324 -43.15 -2.56 7.65
N ALA D 325 -43.75 -2.85 6.50
CA ALA D 325 -45.00 -3.59 6.44
C ALA D 325 -44.89 -4.95 7.07
N ARG D 326 -44.07 -5.82 6.49
CA ARG D 326 -44.05 -7.23 6.91
C ARG D 326 -43.83 -7.37 8.40
N ALA D 327 -42.96 -6.54 8.97
CA ALA D 327 -42.67 -6.68 10.38
C ALA D 327 -43.81 -6.18 11.25
N GLU D 328 -44.61 -5.24 10.75
CA GLU D 328 -45.73 -4.69 11.51
C GLU D 328 -46.89 -5.69 11.48
N ALA D 329 -47.17 -6.25 10.31
CA ALA D 329 -48.06 -7.40 10.22
C ALA D 329 -47.76 -8.40 11.33
N ALA D 330 -46.48 -8.74 11.52
CA ALA D 330 -46.06 -9.80 12.45
C ALA D 330 -46.04 -9.35 13.88
N ARG D 331 -46.01 -8.03 14.06
CA ARG D 331 -46.05 -7.43 15.37
C ARG D 331 -47.44 -7.52 15.88
N GLN D 332 -48.41 -7.19 15.04
CA GLN D 332 -49.81 -7.38 15.40
C GLN D 332 -49.99 -8.79 15.90
N ARG D 333 -49.50 -9.78 15.17
CA ARG D 333 -49.69 -11.19 15.57
C ARG D 333 -49.03 -11.54 16.91
N PHE D 334 -47.97 -10.83 17.25
CA PHE D 334 -47.21 -11.10 18.48
C PHE D 334 -47.99 -10.57 19.71
N LEU D 335 -48.68 -9.45 19.52
CA LEU D 335 -49.42 -8.75 20.59
C LEU D 335 -50.81 -9.32 20.80
N THR D 336 -51.40 -9.82 19.73
CA THR D 336 -52.68 -10.48 19.77
C THR D 336 -52.62 -11.86 20.39
N PHE D 337 -51.46 -12.50 20.34
CA PHE D 337 -51.38 -13.93 20.67
C PHE D 337 -51.78 -14.51 22.01
N ASP D 338 -52.97 -15.11 22.00
CA ASP D 338 -53.59 -15.84 23.13
C ASP D 338 -53.31 -15.32 24.56
N GLN D 339 -53.84 -14.15 24.92
CA GLN D 339 -54.37 -13.13 23.99
C GLN D 339 -53.92 -11.81 24.53
N GLY D 340 -52.64 -11.53 24.31
CA GLY D 340 -51.90 -10.48 25.00
C GLY D 340 -50.80 -11.08 25.87
N THR D 341 -51.09 -12.25 26.43
CA THR D 341 -50.24 -12.91 27.43
C THR D 341 -48.74 -12.91 27.15
N VAL D 342 -48.41 -13.21 25.91
CA VAL D 342 -47.04 -13.52 25.52
C VAL D 342 -46.20 -12.26 25.36
N ALA D 343 -46.79 -11.13 24.97
CA ALA D 343 -46.04 -9.89 24.89
C ALA D 343 -45.33 -9.56 26.18
N HIS D 344 -45.92 -9.95 27.30
CA HIS D 344 -45.34 -9.69 28.63
C HIS D 344 -44.72 -10.94 29.22
N SER D 345 -44.44 -11.89 28.33
CA SER D 345 -43.83 -13.17 28.67
C SER D 345 -42.30 -12.99 28.72
N THR D 346 -41.64 -13.79 29.57
CA THR D 346 -40.19 -13.79 29.65
C THR D 346 -39.64 -14.23 28.30
N LEU D 347 -40.03 -15.42 27.86
CA LEU D 347 -39.63 -15.95 26.54
C LEU D 347 -40.31 -15.25 25.38
N GLY D 348 -41.12 -14.24 25.66
CA GLY D 348 -41.68 -13.44 24.60
C GLY D 348 -40.59 -12.72 23.86
N TYR D 349 -39.56 -12.29 24.61
CA TYR D 349 -38.43 -11.57 24.06
C TYR D 349 -37.87 -12.15 22.78
N HIS D 350 -37.92 -13.48 22.64
CA HIS D 350 -37.39 -14.14 21.45
C HIS D 350 -38.21 -13.88 20.21
N TRP D 351 -39.51 -13.70 20.38
CA TRP D 351 -40.43 -13.54 19.25
C TRP D 351 -40.33 -12.09 18.84
N ALA D 352 -40.30 -11.21 19.83
CA ALA D 352 -40.07 -9.79 19.59
C ALA D 352 -38.76 -9.59 18.86
N ARG D 353 -37.71 -10.21 19.38
CA ARG D 353 -36.36 -10.06 18.81
C ARG D 353 -36.29 -10.41 17.32
N LEU D 354 -36.94 -11.51 16.92
CA LEU D 354 -36.85 -12.00 15.55
C LEU D 354 -37.67 -11.13 14.62
N ILE D 355 -38.63 -10.44 15.19
CA ILE D 355 -39.45 -9.48 14.47
C ILE D 355 -38.60 -8.28 14.19
N GLU D 356 -37.88 -7.78 15.19
CA GLU D 356 -37.01 -6.63 14.95
C GLU D 356 -35.99 -6.95 13.86
N MET D 357 -35.55 -8.20 13.83
CA MET D 357 -34.55 -8.66 12.89
C MET D 357 -35.12 -8.57 11.47
N LEU D 358 -36.36 -9.00 11.31
CA LEU D 358 -37.06 -8.87 10.04
C LEU D 358 -37.22 -7.38 9.67
N HIS D 359 -37.65 -6.60 10.65
CA HIS D 359 -37.83 -5.18 10.48
C HIS D 359 -36.57 -4.55 9.94
N CYS D 360 -35.43 -4.94 10.48
CA CYS D 360 -34.14 -4.33 10.08
C CYS D 360 -33.76 -4.70 8.66
N ALA D 361 -33.96 -5.96 8.29
CA ALA D 361 -33.72 -6.39 6.94
C ALA D 361 -34.53 -5.56 5.97
N GLU D 362 -35.77 -5.29 6.33
CA GLU D 362 -36.68 -4.57 5.47
C GLU D 362 -36.25 -3.13 5.35
N LEU D 363 -35.78 -2.55 6.45
CA LEU D 363 -35.20 -1.18 6.44
C LEU D 363 -34.07 -1.16 5.44
N ILE D 364 -33.05 -1.95 5.75
CA ILE D 364 -31.85 -2.05 4.95
C ILE D 364 -32.19 -2.24 3.48
N GLU D 365 -33.10 -3.15 3.19
CA GLU D 365 -33.47 -3.45 1.81
C GLU D 365 -33.78 -2.15 1.09
N ALA D 366 -34.49 -1.26 1.80
CA ALA D 366 -34.87 0.06 1.29
C ALA D 366 -33.71 1.06 1.35
N LEU D 367 -33.02 1.13 2.47
CA LEU D 367 -32.00 2.17 2.64
C LEU D 367 -30.93 2.11 1.53
N LEU D 368 -30.56 0.90 1.08
CA LEU D 368 -29.56 0.75 0.03
C LEU D 368 -30.08 1.06 -1.38
N THR D 369 -31.26 1.62 -1.52
CA THR D 369 -31.67 2.21 -2.80
C THR D 369 -31.55 3.73 -2.72
N ASP D 370 -31.13 4.24 -1.57
CA ASP D 370 -30.97 5.68 -1.37
C ASP D 370 -29.56 6.15 -1.79
N ALA D 371 -29.49 6.89 -2.87
CA ALA D 371 -28.19 7.36 -3.40
C ALA D 371 -27.42 8.33 -2.47
N ASP D 372 -28.08 8.86 -1.46
CA ASP D 372 -27.39 9.66 -0.45
C ASP D 372 -26.30 8.90 0.29
N LEU D 373 -26.37 7.58 0.28
CA LEU D 373 -25.29 6.76 0.81
C LEU D 373 -24.00 6.97 0.05
N GLU D 374 -24.10 7.50 -1.18
CA GLU D 374 -22.95 7.93 -1.96
C GLU D 374 -22.75 9.45 -1.96
N GLY D 375 -23.45 10.14 -1.07
CA GLY D 375 -23.51 11.59 -1.13
C GLY D 375 -22.21 12.21 -0.67
N GLY D 376 -22.15 13.53 -0.76
CA GLY D 376 -20.96 14.28 -0.29
C GLY D 376 -21.26 15.25 0.82
N GLU D 377 -22.30 14.96 1.62
CA GLU D 377 -22.70 15.78 2.76
C GLU D 377 -22.41 15.02 4.06
N LEU D 378 -21.15 14.89 4.41
CA LEU D 378 -20.72 13.94 5.40
C LEU D 378 -20.71 14.47 6.84
N ARG D 379 -20.66 15.79 7.00
CA ARG D 379 -20.24 16.38 8.27
C ARG D 379 -20.57 17.86 8.44
N ALA D 380 -21.25 18.17 9.54
CA ALA D 380 -21.50 19.55 9.98
C ALA D 380 -20.66 19.92 11.20
N ARG D 381 -20.56 21.21 11.46
CA ARG D 381 -19.88 21.71 12.63
C ARG D 381 -20.70 22.86 13.22
N GLY D 382 -20.66 23.04 14.55
CA GLY D 382 -21.40 24.13 15.20
C GLY D 382 -20.71 24.73 16.42
N GLN D 383 -21.51 25.25 17.34
CA GLN D 383 -20.99 25.87 18.56
C GLN D 383 -20.57 24.82 19.59
N ARG D 384 -19.31 24.86 20.00
CA ARG D 384 -18.80 23.97 21.02
C ARG D 384 -19.47 24.23 22.36
N GLN D 385 -19.74 23.16 23.09
CA GLN D 385 -20.24 23.26 24.47
C GLN D 385 -19.46 22.27 25.37
N HIS D 386 -19.94 21.99 26.59
CA HIS D 386 -19.13 21.17 27.53
C HIS D 386 -19.73 19.80 27.85
N ARG D 387 -20.92 19.53 27.32
CA ARG D 387 -21.68 18.35 27.67
C ARG D 387 -22.35 17.81 26.42
N GLY D 388 -22.46 16.50 26.36
CA GLY D 388 -23.20 15.85 25.28
C GLY D 388 -23.80 14.56 25.75
N VAL D 389 -25.06 14.34 25.43
CA VAL D 389 -25.72 13.07 25.69
C VAL D 389 -26.16 12.44 24.38
N GLY D 390 -25.85 11.17 24.22
CA GLY D 390 -26.24 10.45 23.02
C GLY D 390 -27.06 9.25 23.40
N VAL D 391 -28.18 9.06 22.74
CA VAL D 391 -29.04 7.92 23.05
C VAL D 391 -29.35 7.22 21.76
N ILE D 392 -29.50 5.91 21.85
CA ILE D 392 -29.87 5.10 20.70
C ILE D 392 -30.54 3.83 21.21
N GLU D 393 -31.34 3.17 20.39
CA GLU D 393 -31.82 1.86 20.80
C GLU D 393 -30.80 0.89 20.32
N ALA D 394 -30.03 0.33 21.25
CA ALA D 394 -29.09 -0.72 20.94
C ALA D 394 -29.88 -2.02 20.79
N PRO D 395 -29.27 -3.09 20.29
CA PRO D 395 -30.08 -4.29 20.09
C PRO D 395 -30.84 -4.73 21.32
N ARG D 396 -30.16 -4.71 22.48
CA ARG D 396 -30.69 -5.24 23.74
C ARG D 396 -31.46 -4.22 24.59
N GLY D 397 -31.71 -3.03 24.07
CA GLY D 397 -32.50 -2.00 24.74
C GLY D 397 -31.80 -0.64 24.73
N THR D 398 -32.47 0.31 25.39
CA THR D 398 -32.05 1.70 25.33
C THR D 398 -30.65 1.95 25.91
N LEU D 399 -29.80 2.63 25.13
CA LEU D 399 -28.44 2.97 25.56
C LEU D 399 -28.25 4.44 25.74
N ILE D 400 -27.63 4.81 26.84
CA ILE D 400 -27.31 6.22 27.14
C ILE D 400 -25.80 6.49 27.33
N HIS D 401 -25.23 7.41 26.56
CA HIS D 401 -23.89 7.95 26.83
C HIS D 401 -23.99 9.39 27.27
N HIS D 402 -23.23 9.73 28.30
CA HIS D 402 -23.10 11.12 28.79
C HIS D 402 -21.60 11.45 28.86
N TYR D 403 -21.16 12.55 28.25
CA TYR D 403 -19.74 12.99 28.37
C TYR D 403 -19.69 14.45 28.76
N GLU D 404 -18.63 14.82 29.47
CA GLU D 404 -18.33 16.22 29.75
C GLU D 404 -16.88 16.44 29.44
N VAL D 405 -16.59 17.58 28.86
CA VAL D 405 -15.29 17.81 28.26
C VAL D 405 -14.81 19.22 28.54
N GLY D 406 -13.55 19.33 28.92
CA GLY D 406 -12.93 20.58 29.27
C GLY D 406 -12.58 21.36 28.03
N ASP D 407 -11.97 22.53 28.26
CA ASP D 407 -11.43 23.34 27.19
C ASP D 407 -10.09 22.74 26.74
N ASP D 408 -9.44 22.00 27.65
CA ASP D 408 -8.41 20.98 27.36
C ASP D 408 -8.64 20.18 26.08
N ASP D 409 -9.92 19.81 25.86
CA ASP D 409 -10.41 18.80 24.92
C ASP D 409 -10.29 17.40 25.50
N LEU D 410 -9.97 17.30 26.80
CA LEU D 410 -9.92 16.02 27.49
C LEU D 410 -11.23 15.82 28.27
N ILE D 411 -11.82 14.65 28.08
CA ILE D 411 -12.99 14.25 28.79
C ILE D 411 -12.76 14.42 30.27
N THR D 412 -13.72 15.05 30.95
CA THR D 412 -13.62 15.25 32.40
C THR D 412 -14.58 14.37 33.13
N TYR D 413 -15.55 13.82 32.40
CA TYR D 413 -16.57 12.95 33.00
C TYR D 413 -17.29 12.09 31.95
N CYS D 414 -17.44 10.82 32.24
CA CYS D 414 -18.24 9.96 31.39
C CYS D 414 -19.24 9.18 32.22
N ASN D 415 -20.49 9.12 31.79
CA ASN D 415 -21.43 8.18 32.41
C ASN D 415 -22.19 7.41 31.35
N LEU D 416 -22.16 6.12 31.53
CA LEU D 416 -22.84 5.22 30.62
C LEU D 416 -23.91 4.48 31.38
N ILE D 417 -25.14 4.52 30.88
CA ILE D 417 -26.16 3.54 31.33
C ILE D 417 -26.47 2.66 30.12
N VAL D 418 -26.15 1.38 30.23
CA VAL D 418 -26.17 0.45 29.10
C VAL D 418 -27.38 -0.49 29.11
N SER D 419 -27.89 -0.84 27.92
CA SER D 419 -29.16 -1.57 27.74
C SER D 419 -29.38 -2.64 28.78
N THR D 420 -28.48 -3.61 28.87
CA THR D 420 -28.72 -4.73 29.76
C THR D 420 -28.84 -4.28 31.22
N THR D 421 -28.04 -3.29 31.60
CA THR D 421 -28.12 -2.69 32.94
C THR D 421 -29.58 -2.39 33.39
N HIS D 422 -30.39 -1.87 32.49
CA HIS D 422 -31.78 -1.54 32.78
C HIS D 422 -32.60 -2.74 33.26
N ASN D 423 -32.36 -3.91 32.66
CA ASN D 423 -33.14 -5.13 32.95
C ASN D 423 -32.61 -5.90 34.15
N ASN D 424 -31.78 -5.25 34.98
CA ASN D 424 -31.20 -5.95 36.11
C ASN D 424 -32.27 -6.54 37.01
N ALA D 425 -33.25 -5.72 37.39
CA ALA D 425 -34.32 -6.15 38.27
C ALA D 425 -35.15 -7.27 37.63
N VAL D 426 -35.61 -7.04 36.41
CA VAL D 426 -36.49 -7.99 35.76
C VAL D 426 -35.80 -9.31 35.49
N MET D 427 -34.51 -9.26 35.19
CA MET D 427 -33.77 -10.49 34.98
C MET D 427 -33.69 -11.26 36.29
N ASN D 428 -33.31 -10.57 37.36
CA ASN D 428 -33.36 -11.17 38.69
C ASN D 428 -34.71 -11.79 39.01
N GLN D 429 -35.77 -11.04 38.75
CA GLN D 429 -37.12 -11.53 38.97
C GLN D 429 -37.38 -12.83 38.19
N ALA D 430 -37.06 -12.82 36.90
CA ALA D 430 -37.31 -13.97 36.03
C ALA D 430 -36.47 -15.19 36.39
N VAL D 431 -35.27 -14.94 36.86
CA VAL D 431 -34.42 -15.98 37.39
C VAL D 431 -35.14 -16.61 38.55
N THR D 432 -35.66 -15.77 39.46
CA THR D 432 -36.39 -16.27 40.62
C THR D 432 -37.64 -17.08 40.22
N THR D 433 -38.41 -16.55 39.28
CA THR D 433 -39.66 -17.21 38.89
C THR D 433 -39.43 -18.62 38.34
N ALA D 434 -38.33 -18.83 37.62
CA ALA D 434 -38.07 -20.13 36.98
C ALA D 434 -37.41 -21.06 37.94
N ALA D 435 -36.62 -20.50 38.83
CA ALA D 435 -36.01 -21.26 39.91
C ALA D 435 -37.07 -21.97 40.71
N LYS D 436 -38.14 -21.25 41.07
CA LYS D 436 -39.30 -21.84 41.78
C LYS D 436 -40.05 -22.86 40.91
N ALA D 437 -40.45 -22.40 39.73
CA ALA D 437 -41.13 -23.22 38.78
C ALA D 437 -40.49 -24.57 38.55
N PHE D 438 -39.16 -24.64 38.59
CA PHE D 438 -38.47 -25.84 38.10
C PHE D 438 -37.56 -26.55 39.09
N LEU D 439 -37.25 -25.95 40.22
CA LEU D 439 -36.31 -26.58 41.16
C LEU D 439 -36.87 -26.94 42.54
N SER D 440 -38.01 -26.35 42.93
CA SER D 440 -38.62 -26.62 44.23
C SER D 440 -38.98 -28.10 44.38
N GLY D 441 -39.57 -28.67 43.32
CA GLY D 441 -39.63 -30.12 43.18
C GLY D 441 -38.23 -30.67 42.91
N VAL D 442 -37.43 -30.76 43.96
CA VAL D 442 -36.10 -31.36 43.87
C VAL D 442 -36.27 -32.73 43.19
N THR D 443 -35.21 -33.34 42.68
CA THR D 443 -33.83 -32.96 42.92
C THR D 443 -33.18 -32.43 41.66
N LEU D 444 -32.05 -31.76 41.85
CA LEU D 444 -31.42 -30.97 40.79
C LEU D 444 -30.74 -31.82 39.72
N THR D 445 -31.04 -31.53 38.45
CA THR D 445 -30.32 -32.06 37.29
C THR D 445 -29.55 -30.93 36.63
N GLU D 446 -28.58 -31.29 35.82
CA GLU D 446 -27.99 -30.35 34.88
C GLU D 446 -29.08 -29.77 33.94
N ALA D 447 -29.94 -30.64 33.42
CA ALA D 447 -31.03 -30.25 32.52
C ALA D 447 -32.05 -29.29 33.15
N LEU D 448 -32.23 -29.37 34.48
CA LEU D 448 -33.16 -28.49 35.16
C LEU D 448 -32.50 -27.17 35.49
N LEU D 449 -31.20 -27.21 35.73
CA LEU D 449 -30.42 -26.00 35.91
C LEU D 449 -30.38 -25.24 34.61
N ASN D 450 -30.24 -25.95 33.49
CA ASN D 450 -30.29 -25.30 32.18
C ASN D 450 -31.56 -24.49 31.98
N HIS D 451 -32.67 -24.93 32.61
CA HIS D 451 -33.94 -24.20 32.57
C HIS D 451 -33.82 -22.80 33.13
N ILE D 452 -33.00 -22.62 34.14
CA ILE D 452 -32.76 -21.29 34.68
C ILE D 452 -32.00 -20.44 33.67
N GLU D 453 -30.92 -21.00 33.10
CA GLU D 453 -30.10 -20.26 32.12
C GLU D 453 -30.95 -19.87 30.90
N VAL D 454 -31.92 -20.71 30.55
CA VAL D 454 -32.84 -20.44 29.45
C VAL D 454 -33.62 -19.17 29.69
N ALA D 455 -33.93 -18.89 30.95
CA ALA D 455 -34.73 -17.72 31.30
C ALA D 455 -33.91 -16.47 31.12
N VAL D 456 -32.67 -16.57 31.58
CA VAL D 456 -31.66 -15.53 31.40
C VAL D 456 -31.43 -15.26 29.90
N ARG D 457 -31.21 -16.32 29.13
CA ARG D 457 -30.93 -16.18 27.70
C ARG D 457 -32.00 -15.43 26.94
N ALA D 458 -33.26 -15.54 27.34
CA ALA D 458 -34.30 -14.80 26.62
C ALA D 458 -33.95 -13.30 26.58
N PHE D 459 -33.29 -12.80 27.61
CA PHE D 459 -32.97 -11.39 27.63
C PHE D 459 -31.78 -10.99 26.76
N ASP D 460 -31.19 -11.93 26.05
CA ASP D 460 -29.92 -11.67 25.34
C ASP D 460 -29.07 -10.79 26.21
N PRO D 461 -28.64 -11.30 27.36
CA PRO D 461 -27.90 -10.42 28.25
C PRO D 461 -26.48 -10.16 27.73
N CYS D 462 -26.11 -8.88 27.66
CA CYS D 462 -24.75 -8.49 27.39
C CYS D 462 -24.13 -7.93 28.65
N LEU D 463 -23.32 -8.75 29.31
CA LEU D 463 -22.88 -8.46 30.69
C LEU D 463 -21.64 -7.56 30.72
N SER D 464 -20.79 -7.68 29.69
CA SER D 464 -19.70 -6.72 29.48
C SER D 464 -20.27 -5.33 29.28
N CYS D 465 -21.27 -5.26 28.45
CA CYS D 465 -21.98 -4.01 28.23
C CYS D 465 -22.54 -3.50 29.53
N ALA D 466 -23.17 -4.41 30.26
CA ALA D 466 -23.94 -4.06 31.45
C ALA D 466 -23.13 -3.42 32.57
N THR D 467 -21.86 -3.82 32.63
CA THR D 467 -20.98 -3.47 33.72
C THR D 467 -20.00 -2.34 33.38
N HIS D 468 -19.39 -2.51 32.20
CA HIS D 468 -18.41 -1.61 31.61
C HIS D 468 -17.48 -1.09 32.63
N GLN E 6 -21.90 -27.05 -20.00
CA GLN E 6 -22.85 -26.09 -19.37
C GLN E 6 -23.67 -25.32 -20.41
N ARG E 7 -22.97 -24.74 -21.39
CA ARG E 7 -23.60 -23.92 -22.45
C ARG E 7 -23.80 -24.66 -23.78
N THR E 8 -23.90 -25.98 -23.74
CA THR E 8 -23.89 -26.77 -24.97
C THR E 8 -25.18 -26.59 -25.79
N ALA E 9 -25.02 -26.57 -27.11
CA ALA E 9 -26.12 -26.51 -28.06
C ALA E 9 -25.75 -27.42 -29.21
N PRO E 10 -25.92 -28.73 -29.01
CA PRO E 10 -25.47 -29.78 -29.91
C PRO E 10 -25.80 -29.59 -31.40
N GLY E 11 -27.06 -29.34 -31.73
CA GLY E 11 -27.45 -29.31 -33.15
C GLY E 11 -27.21 -28.01 -33.91
N LEU E 12 -26.72 -27.00 -33.20
CA LEU E 12 -26.70 -25.64 -33.72
C LEU E 12 -25.88 -25.46 -35.00
N LEU E 13 -24.78 -26.19 -35.13
CA LEU E 13 -23.93 -26.10 -36.31
C LEU E 13 -24.69 -26.49 -37.57
N ALA E 14 -25.34 -27.66 -37.51
CA ALA E 14 -26.24 -28.14 -38.57
C ALA E 14 -27.34 -27.13 -38.90
N ALA E 15 -28.04 -26.67 -37.87
CA ALA E 15 -29.10 -25.67 -37.98
C ALA E 15 -28.66 -24.35 -38.63
N LEU E 16 -27.42 -23.94 -38.41
CA LEU E 16 -26.95 -22.70 -39.00
C LEU E 16 -26.73 -22.84 -40.49
N HIS E 17 -26.26 -24.00 -40.92
CA HIS E 17 -26.23 -24.33 -42.35
C HIS E 17 -27.65 -24.31 -42.90
N GLN E 18 -28.52 -25.12 -42.27
CA GLN E 18 -29.94 -25.18 -42.61
C GLN E 18 -30.52 -23.80 -42.91
N ALA E 19 -30.27 -22.84 -42.01
CA ALA E 19 -30.75 -21.47 -42.17
C ALA E 19 -29.82 -20.66 -43.07
N ARG E 20 -29.62 -21.15 -44.28
CA ARG E 20 -28.99 -20.41 -45.38
C ARG E 20 -29.51 -20.80 -46.78
N SER E 21 -29.97 -22.05 -46.95
CA SER E 21 -30.31 -22.62 -48.25
C SER E 21 -31.33 -23.75 -48.11
N PRO E 26 -29.97 -15.54 -46.12
CA PRO E 26 -30.29 -14.28 -45.46
C PRO E 26 -30.55 -14.48 -43.96
N LEU E 27 -29.50 -14.36 -43.15
CA LEU E 27 -29.55 -14.74 -41.72
C LEU E 27 -30.04 -13.59 -40.80
N ASP E 28 -31.28 -13.16 -41.02
CA ASP E 28 -31.84 -11.95 -40.35
C ASP E 28 -32.26 -12.15 -38.88
N ALA E 29 -32.54 -11.03 -38.21
CA ALA E 29 -32.95 -11.02 -36.79
C ALA E 29 -34.18 -11.88 -36.51
N GLN E 30 -34.94 -12.17 -37.56
CA GLN E 30 -36.10 -13.03 -37.47
C GLN E 30 -35.68 -14.51 -37.29
N ALA E 31 -34.72 -14.96 -38.10
CA ALA E 31 -34.22 -16.34 -38.04
C ALA E 31 -33.44 -16.65 -36.75
N LEU E 32 -32.74 -15.65 -36.22
CA LEU E 32 -32.07 -15.76 -34.92
C LEU E 32 -33.06 -16.01 -33.79
N ALA E 33 -34.23 -15.39 -33.86
CA ALA E 33 -35.29 -15.59 -32.85
C ALA E 33 -35.81 -17.03 -32.88
N GLU E 34 -35.85 -17.63 -34.08
CA GLU E 34 -36.30 -19.01 -34.24
C GLU E 34 -35.32 -20.02 -33.63
N LEU E 35 -34.02 -19.73 -33.78
CA LEU E 35 -32.95 -20.56 -33.21
C LEU E 35 -32.78 -20.33 -31.72
N SER E 36 -33.03 -19.09 -31.30
CA SER E 36 -32.93 -18.73 -29.90
C SER E 36 -33.91 -19.55 -29.07
N THR E 37 -35.14 -19.69 -29.57
CA THR E 37 -36.15 -20.56 -28.93
C THR E 37 -35.73 -22.04 -29.01
N ALA E 38 -35.45 -22.48 -30.24
CA ALA E 38 -35.00 -23.84 -30.49
C ALA E 38 -33.87 -24.24 -29.54
N PHE E 39 -32.89 -23.36 -29.35
CA PHE E 39 -31.68 -23.74 -28.61
C PHE E 39 -31.49 -23.15 -27.23
N SER E 40 -32.46 -22.37 -26.75
CA SER E 40 -32.38 -21.75 -25.42
C SER E 40 -31.11 -20.90 -25.26
N LEU E 41 -30.75 -20.19 -26.31
CA LEU E 41 -29.63 -19.27 -26.26
C LEU E 41 -30.13 -17.92 -26.73
N PRO E 42 -29.66 -16.82 -26.09
CA PRO E 42 -30.11 -15.51 -26.55
C PRO E 42 -29.60 -15.21 -27.95
N PRO E 43 -30.41 -14.49 -28.75
CA PRO E 43 -30.16 -14.29 -30.17
C PRO E 43 -28.74 -13.86 -30.52
N GLY E 44 -28.17 -12.92 -29.74
CA GLY E 44 -26.82 -12.44 -29.96
C GLY E 44 -25.73 -13.47 -29.67
N GLU E 45 -25.96 -14.38 -28.72
CA GLU E 45 -25.04 -15.48 -28.48
C GLU E 45 -24.94 -16.36 -29.74
N ILE E 46 -26.09 -16.61 -30.36
CA ILE E 46 -26.14 -17.36 -31.60
C ILE E 46 -25.43 -16.59 -32.71
N ALA E 47 -25.75 -15.30 -32.84
CA ALA E 47 -25.05 -14.43 -33.79
C ALA E 47 -23.53 -14.49 -33.63
N ALA E 48 -23.09 -14.47 -32.38
CA ALA E 48 -21.68 -14.45 -32.03
C ALA E 48 -20.97 -15.74 -32.44
N THR E 49 -21.64 -16.86 -32.16
CA THR E 49 -21.18 -18.18 -32.58
C THR E 49 -21.06 -18.20 -34.10
N ALA E 50 -22.15 -17.83 -34.76
CA ALA E 50 -22.19 -17.76 -36.21
C ALA E 50 -21.10 -16.88 -36.79
N SER E 51 -20.76 -15.78 -36.12
CA SER E 51 -19.73 -14.84 -36.61
C SER E 51 -18.29 -15.36 -36.54
N PHE E 52 -18.07 -16.45 -35.81
CA PHE E 52 -16.75 -17.04 -35.66
C PHE E 52 -16.32 -17.77 -36.92
N TYR E 53 -17.29 -18.28 -37.67
CA TYR E 53 -17.03 -19.13 -38.82
C TYR E 53 -17.00 -18.32 -40.12
N HIS E 54 -15.96 -18.55 -40.93
CA HIS E 54 -15.72 -17.77 -42.15
C HIS E 54 -16.87 -17.89 -43.15
N PHE E 55 -17.27 -19.13 -43.44
CA PHE E 55 -18.32 -19.38 -44.42
C PHE E 55 -19.72 -18.98 -43.97
N PHE E 56 -19.88 -18.56 -42.71
CA PHE E 56 -21.14 -17.97 -42.24
C PHE E 56 -21.15 -16.43 -42.26
N GLN E 57 -20.06 -15.79 -42.65
CA GLN E 57 -20.00 -14.33 -42.72
C GLN E 57 -20.11 -13.80 -44.16
N THR E 58 -20.34 -14.68 -45.13
CA THR E 58 -20.37 -14.31 -46.54
C THR E 58 -21.68 -13.59 -46.92
N PRO E 59 -21.60 -12.37 -47.52
CA PRO E 59 -22.80 -11.68 -48.04
C PRO E 59 -23.56 -12.53 -49.05
N PRO E 60 -24.87 -12.72 -48.83
CA PRO E 60 -25.67 -13.59 -49.71
C PRO E 60 -25.66 -13.20 -51.19
N ALA E 61 -25.70 -14.22 -52.05
CA ALA E 61 -25.77 -14.02 -53.49
C ALA E 61 -26.30 -15.30 -54.15
N ARG E 62 -26.52 -15.22 -55.45
CA ARG E 62 -26.94 -16.39 -56.23
C ARG E 62 -25.68 -17.22 -56.50
N TYR E 63 -24.56 -16.51 -56.67
CA TYR E 63 -23.27 -17.13 -56.91
C TYR E 63 -22.27 -16.55 -55.92
N GLN E 64 -21.91 -17.34 -54.92
CA GLN E 64 -20.85 -16.97 -53.98
C GLN E 64 -19.59 -17.69 -54.39
N ILE E 65 -18.52 -16.93 -54.59
CA ILE E 65 -17.27 -17.50 -55.08
C ILE E 65 -16.12 -17.07 -54.19
N HIS E 66 -15.44 -18.05 -53.58
CA HIS E 66 -14.24 -17.80 -52.80
C HIS E 66 -13.02 -18.32 -53.54
N PHE E 67 -12.08 -17.43 -53.83
CA PHE E 67 -10.83 -17.83 -54.45
C PHE E 67 -9.87 -18.27 -53.35
N VAL E 68 -9.05 -19.27 -53.64
CA VAL E 68 -8.22 -19.93 -52.63
C VAL E 68 -6.95 -19.12 -52.37
N ASP E 69 -6.92 -18.42 -51.24
CA ASP E 69 -5.73 -17.67 -50.78
C ASP E 69 -4.77 -18.65 -50.16
N HIS E 70 -3.86 -19.16 -50.98
CA HIS E 70 -2.94 -20.18 -50.57
C HIS E 70 -1.71 -20.07 -51.45
N VAL E 71 -0.55 -20.02 -50.82
CA VAL E 71 0.72 -19.75 -51.50
C VAL E 71 0.87 -20.46 -52.86
N VAL E 72 0.43 -21.71 -52.96
CA VAL E 72 0.59 -22.49 -54.19
C VAL E 72 -0.34 -21.96 -55.28
N ASP E 73 -1.55 -21.58 -54.88
CA ASP E 73 -2.51 -20.95 -55.80
C ASP E 73 -2.01 -19.58 -56.29
N HIS E 74 -1.38 -18.81 -55.42
CA HIS E 74 -0.81 -17.51 -55.80
C HIS E 74 0.29 -17.70 -56.84
N HIS E 75 1.14 -18.70 -56.62
CA HIS E 75 2.22 -19.07 -57.55
C HIS E 75 1.69 -19.51 -58.93
N ALA E 76 0.50 -20.09 -58.94
CA ALA E 76 -0.21 -20.41 -60.17
C ALA E 76 -1.14 -19.26 -60.60
N GLY E 77 -0.82 -18.03 -60.17
CA GLY E 77 -1.48 -16.79 -60.63
C GLY E 77 -2.96 -16.60 -60.34
N VAL E 78 -3.43 -17.13 -59.22
CA VAL E 78 -4.84 -16.97 -58.84
C VAL E 78 -5.15 -15.50 -58.51
N ALA E 79 -4.11 -14.75 -58.12
CA ALA E 79 -4.25 -13.31 -57.89
C ALA E 79 -4.87 -12.65 -59.10
N ALA E 80 -4.19 -12.82 -60.23
CA ALA E 80 -4.63 -12.27 -61.51
C ALA E 80 -6.05 -12.70 -61.91
N LEU E 81 -6.32 -14.00 -61.88
CA LEU E 81 -7.62 -14.55 -62.32
C LEU E 81 -8.81 -14.04 -61.51
N CYS E 82 -8.56 -13.70 -60.25
CA CYS E 82 -9.56 -13.06 -59.40
C CYS E 82 -9.93 -11.68 -59.96
N ASN E 83 -8.92 -10.90 -60.35
CA ASN E 83 -9.11 -9.56 -60.92
C ASN E 83 -9.74 -9.55 -62.30
N HIS E 84 -9.57 -10.65 -63.03
CA HIS E 84 -10.18 -10.82 -64.34
C HIS E 84 -11.70 -10.98 -64.20
N LEU E 85 -12.14 -11.39 -63.02
CA LEU E 85 -13.58 -11.50 -62.71
C LEU E 85 -14.13 -10.30 -61.92
N CYS E 86 -13.36 -9.83 -60.94
CA CYS E 86 -13.73 -8.64 -60.18
C CYS E 86 -13.87 -7.41 -61.09
N ALA E 87 -12.95 -7.28 -62.04
CA ALA E 87 -13.00 -6.22 -63.06
C ALA E 87 -14.27 -6.32 -63.90
N ALA E 88 -14.57 -7.53 -64.36
CA ALA E 88 -15.71 -7.78 -65.22
C ALA E 88 -17.08 -7.54 -64.55
N PHE E 89 -17.11 -7.23 -63.25
CA PHE E 89 -18.35 -6.83 -62.60
C PHE E 89 -18.23 -5.54 -61.80
N ALA E 90 -17.16 -4.79 -62.04
CA ALA E 90 -16.89 -3.53 -61.34
C ALA E 90 -17.10 -3.68 -59.82
N ILE E 91 -16.35 -4.60 -59.23
CA ILE E 91 -16.35 -4.80 -57.79
C ILE E 91 -14.92 -5.07 -57.31
N GLN E 92 -14.78 -5.11 -56.00
CA GLN E 92 -13.53 -5.47 -55.35
C GLN E 92 -13.69 -6.83 -54.71
N PRO E 93 -12.57 -7.52 -54.43
CA PRO E 93 -12.70 -8.80 -53.76
C PRO E 93 -13.16 -8.58 -52.34
N GLY E 94 -14.17 -9.33 -51.93
CA GLY E 94 -14.75 -9.17 -50.61
C GLY E 94 -15.94 -8.24 -50.62
N GLN E 95 -16.62 -8.13 -51.76
CA GLN E 95 -17.90 -7.41 -51.82
C GLN E 95 -18.77 -7.93 -52.94
N ARG E 96 -20.04 -7.56 -52.89
CA ARG E 96 -21.07 -8.17 -53.72
C ARG E 96 -21.74 -7.13 -54.64
N THR E 97 -22.27 -7.61 -55.77
CA THR E 97 -22.86 -6.75 -56.81
C THR E 97 -24.18 -6.10 -56.39
N ALA E 98 -24.46 -4.94 -57.01
CA ALA E 98 -25.67 -4.15 -56.71
C ALA E 98 -26.92 -5.03 -56.61
N ASP E 99 -27.10 -5.90 -57.59
CA ASP E 99 -28.27 -6.79 -57.66
C ASP E 99 -28.23 -7.98 -56.70
N ALA E 100 -27.14 -8.14 -55.94
CA ALA E 100 -26.90 -9.33 -55.11
C ALA E 100 -26.81 -10.61 -55.95
N ARG E 101 -26.24 -10.50 -57.15
CA ARG E 101 -26.11 -11.64 -58.07
C ARG E 101 -24.84 -12.43 -57.75
N LEU E 102 -23.75 -11.71 -57.48
CA LEU E 102 -22.45 -12.33 -57.28
C LEU E 102 -21.71 -11.74 -56.06
N PHE E 103 -21.13 -12.62 -55.25
CA PHE E 103 -20.07 -12.24 -54.29
C PHE E 103 -18.78 -12.97 -54.66
N VAL E 104 -17.69 -12.21 -54.74
CA VAL E 104 -16.39 -12.79 -54.98
C VAL E 104 -15.52 -12.45 -53.80
N GLY E 105 -14.85 -13.45 -53.25
CA GLY E 105 -13.99 -13.27 -52.07
C GLY E 105 -12.92 -14.33 -51.95
N TRP E 106 -12.24 -14.33 -50.80
CA TRP E 106 -11.13 -15.22 -50.57
C TRP E 106 -11.44 -16.27 -49.53
N THR E 107 -10.54 -17.25 -49.40
CA THR E 107 -10.65 -18.31 -48.39
C THR E 107 -9.32 -19.00 -48.26
N ALA E 108 -9.05 -19.54 -47.08
CA ALA E 108 -7.84 -20.33 -46.85
C ALA E 108 -7.85 -21.59 -47.71
N CYS E 109 -6.68 -22.22 -47.84
CA CYS E 109 -6.53 -23.48 -48.58
C CYS E 109 -7.72 -24.40 -48.39
N ALA E 110 -8.32 -24.84 -49.49
CA ALA E 110 -9.53 -25.67 -49.46
C ALA E 110 -9.25 -27.16 -49.71
N GLY E 111 -8.01 -27.58 -49.46
CA GLY E 111 -7.62 -28.96 -49.67
C GLY E 111 -7.53 -29.32 -51.14
N LEU E 112 -6.99 -28.39 -51.93
CA LEU E 112 -6.83 -28.56 -53.38
C LEU E 112 -5.46 -28.04 -53.79
N SER E 113 -4.46 -28.26 -52.94
CA SER E 113 -3.14 -27.69 -53.18
C SER E 113 -2.50 -28.28 -54.44
N ASP E 114 -2.80 -29.56 -54.71
CA ASP E 114 -2.26 -30.24 -55.89
C ASP E 114 -2.89 -29.72 -57.20
N GLN E 115 -4.15 -29.27 -57.12
CA GLN E 115 -4.92 -28.85 -58.30
C GLN E 115 -5.08 -27.33 -58.44
N ALA E 116 -3.98 -26.58 -58.25
CA ALA E 116 -4.02 -25.11 -58.23
C ALA E 116 -3.91 -24.50 -59.63
N PRO E 117 -4.48 -23.31 -59.86
CA PRO E 117 -5.25 -22.54 -58.89
C PRO E 117 -6.71 -22.99 -58.84
N ALA E 118 -7.41 -22.60 -57.77
CA ALA E 118 -8.74 -23.15 -57.51
C ALA E 118 -9.64 -22.12 -56.86
N ALA E 119 -10.91 -22.49 -56.73
CA ALA E 119 -11.87 -21.66 -56.02
C ALA E 119 -13.07 -22.47 -55.60
N LEU E 120 -13.78 -21.91 -54.61
CA LEU E 120 -15.03 -22.47 -54.15
C LEU E 120 -16.16 -21.63 -54.71
N ILE E 121 -17.25 -22.31 -55.07
CA ILE E 121 -18.41 -21.65 -55.62
C ILE E 121 -19.67 -22.32 -55.08
N ASN E 122 -20.39 -21.61 -54.21
CA ASN E 122 -21.54 -22.16 -53.49
C ASN E 122 -21.24 -23.54 -52.91
N GLY E 123 -20.05 -23.70 -52.32
CA GLY E 123 -19.65 -24.97 -51.71
C GLY E 123 -18.86 -25.95 -52.56
N ARG E 124 -19.12 -25.97 -53.86
CA ARG E 124 -18.45 -26.92 -54.76
C ARG E 124 -17.12 -26.35 -55.21
N PRO E 125 -16.11 -27.23 -55.37
CA PRO E 125 -14.79 -26.78 -55.73
C PRO E 125 -14.57 -26.76 -57.25
N MET E 126 -13.81 -25.78 -57.72
CA MET E 126 -13.49 -25.69 -59.12
C MET E 126 -11.99 -25.57 -59.27
N PRO E 127 -11.33 -26.70 -59.57
CA PRO E 127 -9.88 -26.71 -59.72
C PRO E 127 -9.35 -26.26 -61.09
N ARG E 128 -8.03 -26.03 -61.13
CA ARG E 128 -7.27 -25.82 -62.36
C ARG E 128 -7.89 -24.73 -63.22
N LEU E 129 -7.93 -23.52 -62.69
CA LEU E 129 -8.56 -22.40 -63.39
C LEU E 129 -7.58 -21.80 -64.39
N ASP E 130 -8.11 -21.48 -65.57
CA ASP E 130 -7.39 -20.73 -66.61
C ASP E 130 -8.31 -19.58 -67.00
N ALA E 131 -7.77 -18.56 -67.67
CA ALA E 131 -8.58 -17.44 -68.14
C ALA E 131 -9.80 -17.90 -68.96
N ALA E 132 -9.64 -18.97 -69.75
CA ALA E 132 -10.76 -19.53 -70.54
C ALA E 132 -11.91 -20.09 -69.66
N ARG E 133 -11.57 -20.60 -68.48
CA ARG E 133 -12.55 -21.05 -67.50
C ARG E 133 -13.20 -19.81 -66.87
N ILE E 134 -12.39 -18.78 -66.56
CA ILE E 134 -12.94 -17.53 -65.99
C ILE E 134 -13.85 -16.83 -67.00
N ASP E 135 -13.43 -16.75 -68.26
CA ASP E 135 -14.24 -16.13 -69.32
C ASP E 135 -15.56 -16.89 -69.50
N ALA E 136 -15.46 -18.23 -69.59
CA ALA E 136 -16.65 -19.09 -69.72
C ALA E 136 -17.56 -19.04 -68.49
N LEU E 137 -16.97 -18.66 -67.36
CA LEU E 137 -17.70 -18.47 -66.12
C LEU E 137 -18.42 -17.12 -66.13
N ILE E 138 -17.68 -16.07 -66.49
CA ILE E 138 -18.23 -14.70 -66.60
C ILE E 138 -19.54 -14.69 -67.38
N GLU E 139 -19.61 -15.49 -68.44
CA GLU E 139 -20.82 -15.58 -69.24
C GLU E 139 -21.93 -16.31 -68.49
N LYS E 140 -21.59 -17.47 -67.93
CA LYS E 140 -22.53 -18.32 -67.19
C LYS E 140 -23.34 -17.60 -66.09
N ILE E 141 -22.78 -16.55 -65.51
CA ILE E 141 -23.47 -15.81 -64.46
C ILE E 141 -24.39 -14.76 -65.03
N GLN E 142 -24.00 -14.17 -66.15
CA GLN E 142 -24.80 -13.13 -66.78
C GLN E 142 -26.03 -13.70 -67.43
N ALA E 143 -25.87 -14.81 -68.14
CA ALA E 143 -27.02 -15.55 -68.66
C ALA E 143 -27.80 -16.27 -67.56
N GLN E 144 -27.31 -16.20 -66.32
CA GLN E 144 -28.12 -16.46 -65.13
C GLN E 144 -28.49 -17.95 -64.98
N ILE E 145 -27.58 -18.85 -65.33
CA ILE E 145 -27.91 -20.28 -65.40
C ILE E 145 -27.63 -20.99 -64.07
N PRO E 146 -28.57 -21.83 -63.61
CA PRO E 146 -28.30 -22.70 -62.46
C PRO E 146 -27.04 -23.53 -62.66
N MET E 147 -26.28 -23.73 -61.59
CA MET E 147 -24.98 -24.41 -61.66
C MET E 147 -25.05 -25.84 -62.15
N ASP E 148 -26.08 -26.58 -61.78
CA ASP E 148 -26.23 -27.97 -62.23
C ASP E 148 -26.17 -28.09 -63.77
N GLN E 149 -26.73 -27.10 -64.46
CA GLN E 149 -26.68 -27.03 -65.93
C GLN E 149 -25.26 -26.87 -66.48
N TRP E 150 -24.31 -26.47 -65.63
CA TRP E 150 -22.92 -26.24 -66.07
C TRP E 150 -22.24 -27.57 -66.34
N PRO E 151 -21.16 -27.54 -67.14
CA PRO E 151 -20.43 -28.78 -67.36
C PRO E 151 -19.81 -29.28 -66.07
N THR E 152 -20.18 -30.49 -65.65
CA THR E 152 -19.71 -31.04 -64.38
C THR E 152 -18.25 -31.50 -64.46
N GLU E 153 -17.71 -31.52 -65.68
CA GLU E 153 -16.27 -31.52 -65.91
C GLU E 153 -15.57 -30.50 -65.01
N TRP E 154 -16.10 -29.28 -64.94
CA TRP E 154 -15.45 -28.16 -64.21
C TRP E 154 -15.18 -28.44 -62.74
N PHE E 155 -16.03 -29.28 -62.14
CA PHE E 155 -15.96 -29.51 -60.71
C PHE E 155 -15.22 -30.77 -60.34
N ALA E 156 -14.70 -31.52 -61.32
CA ALA E 156 -14.05 -32.80 -61.05
C ALA E 156 -12.71 -32.61 -60.34
N VAL E 157 -12.58 -33.30 -59.20
CA VAL E 157 -11.41 -33.22 -58.34
C VAL E 157 -10.63 -34.51 -58.58
N THR E 158 -9.35 -34.38 -58.93
CA THR E 158 -8.51 -35.56 -59.20
C THR E 158 -7.67 -35.95 -57.99
N ASN E 159 -7.92 -37.15 -57.48
CA ASN E 159 -7.12 -37.67 -56.37
C ASN E 159 -6.01 -38.61 -56.87
N ALA E 160 -5.01 -38.00 -57.46
CA ALA E 160 -3.92 -38.73 -58.10
C ALA E 160 -2.96 -39.35 -57.10
N ILE E 161 -2.95 -40.68 -57.04
CA ILE E 161 -1.95 -41.42 -56.29
C ILE E 161 -0.76 -41.83 -57.16
N HIS E 162 0.35 -41.13 -56.98
CA HIS E 162 1.56 -41.35 -57.76
C HIS E 162 2.56 -42.34 -57.16
N ARG E 163 2.17 -43.15 -56.18
CA ARG E 163 3.06 -44.20 -55.64
C ARG E 163 2.43 -45.06 -54.53
N HIS E 164 2.04 -46.28 -54.86
CA HIS E 164 1.45 -47.15 -53.86
C HIS E 164 2.52 -47.80 -53.00
N GLY E 165 2.07 -48.35 -51.88
CA GLY E 165 2.90 -49.16 -51.00
C GLY E 165 1.99 -50.23 -50.45
N PRO E 166 2.38 -50.85 -49.33
CA PRO E 166 1.58 -51.96 -48.79
C PRO E 166 0.19 -51.54 -48.30
N LEU E 167 0.07 -50.30 -47.82
CA LEU E 167 -1.17 -49.80 -47.25
C LEU E 167 -2.21 -49.51 -48.32
N LEU E 168 -1.88 -48.64 -49.27
CA LEU E 168 -2.81 -48.32 -50.34
C LEU E 168 -3.14 -49.59 -51.11
N THR E 169 -2.12 -50.42 -51.32
CA THR E 169 -2.33 -51.77 -51.87
C THR E 169 -3.39 -52.52 -51.06
N TRP E 170 -3.14 -52.76 -49.76
CA TRP E 170 -4.12 -53.44 -48.88
C TRP E 170 -5.52 -52.84 -48.99
N LEU E 171 -5.56 -51.51 -49.06
CA LEU E 171 -6.81 -50.80 -49.22
C LEU E 171 -7.47 -51.11 -50.55
N ASP E 172 -6.73 -51.00 -51.65
CA ASP E 172 -7.30 -51.32 -52.97
C ASP E 172 -7.72 -52.78 -53.04
N THR E 173 -6.91 -53.68 -52.50
CA THR E 173 -7.20 -55.11 -52.58
C THR E 173 -8.41 -55.45 -51.76
N THR E 174 -8.25 -55.45 -50.44
CA THR E 174 -9.24 -56.02 -49.53
C THR E 174 -10.43 -55.08 -49.34
N PRO E 175 -11.67 -55.63 -49.36
CA PRO E 175 -12.85 -54.76 -49.14
C PRO E 175 -12.97 -54.33 -47.69
N ALA E 176 -13.77 -53.29 -47.44
CA ALA E 176 -13.81 -52.65 -46.13
C ALA E 176 -14.35 -53.57 -45.05
N GLU E 177 -15.55 -54.11 -45.32
CA GLU E 177 -16.31 -54.99 -44.42
C GLU E 177 -15.60 -56.30 -44.05
N ALA E 178 -14.63 -56.75 -44.85
CA ALA E 178 -13.93 -58.01 -44.59
C ALA E 178 -13.35 -58.12 -43.19
N VAL E 179 -12.88 -57.01 -42.64
CA VAL E 179 -12.23 -57.02 -41.31
C VAL E 179 -13.20 -57.46 -40.19
N PHE E 180 -14.51 -57.32 -40.39
CA PHE E 180 -15.51 -57.81 -39.43
C PHE E 180 -15.78 -59.33 -39.46
N GLU E 181 -15.15 -60.06 -40.38
CA GLU E 181 -15.16 -61.54 -40.35
C GLU E 181 -14.16 -62.07 -39.33
N HIS E 182 -13.05 -61.36 -39.23
CA HIS E 182 -11.93 -61.65 -38.35
C HIS E 182 -12.38 -61.48 -36.90
N PRO E 183 -11.90 -62.32 -35.96
CA PRO E 183 -12.45 -62.31 -34.59
C PRO E 183 -12.05 -61.10 -33.73
N THR E 184 -10.88 -60.54 -34.00
CA THR E 184 -10.37 -59.33 -33.35
C THR E 184 -11.36 -58.17 -33.38
N ALA E 185 -11.97 -57.95 -34.54
CA ALA E 185 -12.93 -56.86 -34.75
C ALA E 185 -14.08 -56.85 -33.73
N HIS E 186 -14.29 -57.96 -33.03
CA HIS E 186 -15.39 -58.07 -32.10
C HIS E 186 -14.90 -58.20 -30.66
N ASP E 187 -13.61 -58.00 -30.44
CA ASP E 187 -13.07 -57.98 -29.10
C ASP E 187 -12.36 -56.65 -28.88
N PRO E 188 -12.96 -55.78 -28.04
CA PRO E 188 -12.39 -54.45 -27.71
C PRO E 188 -10.91 -54.48 -27.23
N ASP E 189 -10.60 -55.38 -26.29
CA ASP E 189 -9.26 -55.50 -25.77
C ASP E 189 -8.29 -55.88 -26.88
N ALA E 190 -8.74 -56.74 -27.78
CA ALA E 190 -7.89 -57.26 -28.84
C ALA E 190 -7.55 -56.15 -29.83
N ILE E 191 -8.52 -55.28 -30.09
CA ILE E 191 -8.31 -54.12 -30.94
C ILE E 191 -7.30 -53.17 -30.29
N LEU E 192 -7.49 -52.90 -29.01
CA LEU E 192 -6.58 -52.04 -28.26
C LEU E 192 -5.16 -52.56 -28.33
N GLN E 193 -5.04 -53.89 -28.17
CA GLN E 193 -3.74 -54.57 -28.12
C GLN E 193 -3.09 -54.58 -29.48
N ALA E 194 -3.88 -54.95 -30.50
CA ALA E 194 -3.40 -54.92 -31.88
C ALA E 194 -2.73 -53.61 -32.18
N VAL E 195 -3.46 -52.53 -31.88
CA VAL E 195 -2.97 -51.17 -32.08
C VAL E 195 -1.76 -50.84 -31.19
N THR E 196 -1.85 -51.13 -29.90
CA THR E 196 -0.72 -50.96 -29.00
C THR E 196 0.54 -51.64 -29.53
N ASP E 197 0.41 -52.90 -29.90
CA ASP E 197 1.54 -53.66 -30.45
C ASP E 197 2.11 -53.03 -31.73
N ALA E 198 1.24 -52.47 -32.56
CA ALA E 198 1.68 -51.83 -33.81
C ALA E 198 2.49 -50.55 -33.58
N GLY E 199 2.39 -49.97 -32.37
CA GLY E 199 3.05 -48.71 -32.03
C GLY E 199 2.56 -47.54 -32.85
N LEU E 200 1.26 -47.55 -33.17
CA LEU E 200 0.66 -46.51 -34.03
C LEU E 200 0.70 -45.16 -33.35
N ARG E 201 0.89 -44.11 -34.13
CA ARG E 201 0.95 -42.75 -33.61
C ARG E 201 0.14 -41.86 -34.50
N GLY E 202 -0.35 -40.76 -33.97
CA GLY E 202 -1.21 -39.86 -34.72
C GLY E 202 -0.65 -39.40 -36.06
N ARG E 203 -1.47 -39.56 -37.10
CA ARG E 203 -1.11 -39.15 -38.46
C ARG E 203 -1.71 -37.77 -38.77
N GLY E 204 -2.26 -37.14 -37.74
CA GLY E 204 -2.67 -35.74 -37.80
C GLY E 204 -1.53 -34.74 -37.50
N GLY E 205 -0.32 -35.26 -37.27
CA GLY E 205 0.85 -34.41 -37.01
C GLY E 205 1.22 -34.38 -35.53
N ALA E 206 0.20 -34.42 -34.66
CA ALA E 206 0.40 -34.45 -33.21
C ALA E 206 1.40 -35.54 -32.80
N GLY E 207 1.07 -36.80 -33.12
CA GLY E 207 2.01 -37.90 -32.96
C GLY E 207 2.10 -38.46 -31.56
N PHE E 208 0.96 -38.52 -30.87
CA PHE E 208 0.87 -39.24 -29.60
C PHE E 208 0.43 -40.68 -29.91
N PRO E 209 0.88 -41.66 -29.10
CA PRO E 209 0.45 -43.04 -29.25
C PRO E 209 -1.06 -43.17 -29.19
N THR E 210 -1.63 -43.71 -30.25
CA THR E 210 -3.06 -43.82 -30.35
C THR E 210 -3.58 -44.66 -29.20
N ALA E 211 -2.99 -45.82 -29.02
CA ALA E 211 -3.43 -46.79 -28.01
C ALA E 211 -3.44 -46.25 -26.58
N THR E 212 -2.50 -45.36 -26.29
CA THR E 212 -2.39 -44.76 -24.98
C THR E 212 -3.62 -43.92 -24.66
N LYS E 213 -4.04 -43.10 -25.61
CA LYS E 213 -5.19 -42.22 -25.39
C LYS E 213 -6.49 -43.04 -25.29
N TRP E 214 -6.57 -44.08 -26.10
CA TRP E 214 -7.67 -45.00 -26.04
C TRP E 214 -7.75 -45.58 -24.65
N ARG E 215 -6.60 -45.94 -24.08
CA ARG E 215 -6.60 -46.56 -22.77
C ARG E 215 -7.11 -45.58 -21.72
N PHE E 216 -6.46 -44.41 -21.62
CA PHE E 216 -6.88 -43.36 -20.67
C PHE E 216 -8.37 -43.13 -20.78
N CYS E 217 -8.88 -43.08 -22.01
CA CYS E 217 -10.30 -42.88 -22.23
C CYS E 217 -11.16 -44.05 -21.70
N ARG E 218 -10.72 -45.27 -21.96
CA ARG E 218 -11.40 -46.47 -21.43
C ARG E 218 -11.36 -46.60 -19.92
N GLU E 219 -10.27 -46.13 -19.33
CA GLU E 219 -10.03 -46.29 -17.90
C GLU E 219 -10.93 -45.37 -17.07
N ASN E 220 -11.61 -44.44 -17.73
CA ASN E 220 -12.51 -43.47 -17.09
C ASN E 220 -13.80 -44.12 -16.57
N ALA E 221 -14.34 -43.58 -15.48
CA ALA E 221 -15.55 -44.12 -14.85
C ALA E 221 -16.82 -44.03 -15.69
N ASP E 222 -16.94 -42.97 -16.49
CA ASP E 222 -18.14 -42.73 -17.29
C ASP E 222 -18.30 -43.78 -18.40
N PRO E 223 -19.40 -44.55 -18.39
CA PRO E 223 -19.65 -45.52 -19.47
C PRO E 223 -19.99 -44.86 -20.84
N GLU E 224 -20.63 -43.70 -20.81
CA GLU E 224 -20.92 -42.94 -22.04
C GLU E 224 -19.63 -42.25 -22.54
N ARG E 225 -19.31 -42.52 -23.81
CA ARG E 225 -18.03 -42.12 -24.43
C ARG E 225 -18.26 -41.89 -25.91
N PHE E 226 -17.39 -41.07 -26.50
CA PHE E 226 -17.53 -40.66 -27.90
C PHE E 226 -16.20 -40.81 -28.63
N LEU E 227 -16.30 -41.24 -29.89
CA LEU E 227 -15.21 -41.16 -30.82
C LEU E 227 -15.56 -40.11 -31.83
N ILE E 228 -14.62 -39.22 -32.10
CA ILE E 228 -14.75 -38.26 -33.17
C ILE E 228 -13.58 -38.44 -34.13
N CYS E 229 -13.91 -38.46 -35.42
CA CYS E 229 -12.93 -38.52 -36.46
C CYS E 229 -12.70 -37.13 -37.02
N ASN E 230 -11.44 -36.72 -37.08
CA ASN E 230 -11.10 -35.36 -37.48
C ASN E 230 -10.78 -35.20 -38.97
N ALA E 231 -11.82 -34.89 -39.73
CA ALA E 231 -11.65 -34.53 -41.13
C ALA E 231 -11.83 -33.03 -41.36
N ASP E 232 -11.49 -32.20 -40.37
CA ASP E 232 -11.13 -30.80 -40.66
C ASP E 232 -9.63 -30.78 -40.89
N GLU E 233 -9.22 -31.41 -41.99
CA GLU E 233 -7.86 -31.38 -42.46
C GLU E 233 -7.69 -29.96 -42.93
N GLY E 234 -7.08 -29.13 -42.11
CA GLY E 234 -7.11 -27.69 -42.29
C GLY E 234 -5.80 -27.05 -42.73
N GLU E 235 -4.70 -27.68 -42.39
CA GLU E 235 -3.37 -27.14 -42.65
C GLU E 235 -3.18 -26.88 -44.14
N PRO E 236 -2.74 -25.67 -44.51
CA PRO E 236 -2.51 -25.46 -45.93
C PRO E 236 -1.56 -26.51 -46.52
N GLY E 237 -1.87 -27.00 -47.72
CA GLY E 237 -1.03 -27.96 -48.44
C GLY E 237 -1.39 -29.41 -48.18
N THR E 238 -2.31 -29.64 -47.24
CA THR E 238 -2.66 -31.00 -46.89
C THR E 238 -3.86 -31.40 -47.70
N PHE E 239 -3.79 -32.57 -48.34
CA PHE E 239 -4.97 -33.14 -49.00
C PHE E 239 -5.09 -34.67 -48.86
N LYS E 240 -4.23 -35.28 -48.03
CA LYS E 240 -4.22 -36.73 -47.86
C LYS E 240 -5.58 -37.28 -47.37
N ASP E 241 -6.21 -36.59 -46.43
CA ASP E 241 -7.54 -36.95 -45.95
C ASP E 241 -8.56 -36.90 -47.09
N ARG E 242 -8.44 -35.89 -47.96
CA ARG E 242 -9.34 -35.74 -49.12
C ARG E 242 -9.28 -36.95 -50.04
N VAL E 243 -8.10 -37.56 -50.15
CA VAL E 243 -7.95 -38.73 -50.99
C VAL E 243 -8.62 -39.91 -50.31
N LEU E 244 -8.27 -40.14 -49.04
CA LEU E 244 -8.81 -41.28 -48.28
C LEU E 244 -10.33 -41.26 -48.15
N LEU E 245 -10.90 -40.06 -48.16
CA LEU E 245 -12.34 -39.89 -48.09
C LEU E 245 -12.99 -40.25 -49.41
N THR E 246 -12.36 -39.83 -50.51
CA THR E 246 -12.87 -40.11 -51.85
C THR E 246 -12.62 -41.58 -52.22
N ARG E 247 -11.39 -42.03 -52.03
CA ARG E 247 -11.02 -43.41 -52.43
C ARG E 247 -11.53 -44.51 -51.53
N TYR E 248 -11.42 -44.34 -50.21
CA TYR E 248 -11.68 -45.42 -49.26
C TYR E 248 -12.56 -44.99 -48.08
N PRO E 249 -13.70 -44.36 -48.35
CA PRO E 249 -14.58 -44.02 -47.27
C PRO E 249 -14.98 -45.21 -46.41
N GLU E 250 -15.30 -46.34 -47.03
CA GLU E 250 -15.78 -47.50 -46.28
C GLU E 250 -14.73 -47.96 -45.27
N HIS E 251 -13.46 -47.84 -45.64
CA HIS E 251 -12.37 -48.23 -44.73
C HIS E 251 -12.26 -47.31 -43.54
N LEU E 252 -12.48 -46.02 -43.77
CA LEU E 252 -12.55 -45.06 -42.68
C LEU E 252 -13.60 -45.50 -41.68
N PHE E 253 -14.83 -45.67 -42.15
CA PHE E 253 -15.90 -46.04 -41.24
C PHE E 253 -15.63 -47.35 -40.49
N ALA E 254 -14.92 -48.27 -41.12
CA ALA E 254 -14.50 -49.48 -40.41
C ALA E 254 -13.65 -49.13 -39.19
N GLY E 255 -12.64 -48.26 -39.42
CA GLY E 255 -11.72 -47.77 -38.38
C GLY E 255 -12.43 -46.98 -37.29
N MET E 256 -13.32 -46.08 -37.71
CA MET E 256 -14.19 -45.42 -36.76
C MET E 256 -14.86 -46.46 -35.86
N ILE E 257 -15.49 -47.47 -36.47
CA ILE E 257 -16.19 -48.47 -35.67
C ILE E 257 -15.22 -49.28 -34.78
N LEU E 258 -14.15 -49.77 -35.37
CA LEU E 258 -13.17 -50.53 -34.61
C LEU E 258 -12.71 -49.78 -33.36
N ALA E 259 -12.34 -48.52 -33.56
CA ALA E 259 -11.85 -47.70 -32.46
C ALA E 259 -12.97 -47.35 -31.48
N ALA E 260 -14.13 -46.96 -31.99
CA ALA E 260 -15.30 -46.78 -31.12
C ALA E 260 -15.52 -48.00 -30.21
N ARG E 261 -15.38 -49.21 -30.76
CA ARG E 261 -15.50 -50.44 -29.95
C ARG E 261 -14.38 -50.59 -28.94
N ALA E 262 -13.17 -50.27 -29.38
CA ALA E 262 -11.98 -50.36 -28.54
C ALA E 262 -12.15 -49.52 -27.28
N ILE E 263 -12.76 -48.33 -27.40
CA ILE E 263 -13.00 -47.46 -26.25
C ILE E 263 -14.42 -47.48 -25.62
N GLY E 264 -15.32 -48.29 -26.16
CA GLY E 264 -16.65 -48.39 -25.59
C GLY E 264 -17.52 -47.17 -25.83
N ALA E 265 -17.58 -46.74 -27.09
CA ALA E 265 -18.35 -45.56 -27.46
C ALA E 265 -19.52 -45.96 -28.35
N ASP E 266 -20.74 -45.67 -27.90
CA ASP E 266 -21.96 -45.95 -28.67
C ASP E 266 -21.99 -45.15 -29.97
N LYS E 267 -21.41 -43.95 -29.94
CA LYS E 267 -21.47 -43.00 -31.06
C LYS E 267 -20.09 -42.56 -31.54
N ALA E 268 -20.02 -42.29 -32.83
CA ALA E 268 -18.81 -41.90 -33.50
C ALA E 268 -19.17 -40.93 -34.59
N ILE E 269 -18.51 -39.77 -34.60
CA ILE E 269 -18.92 -38.64 -35.42
C ILE E 269 -17.80 -38.22 -36.35
N LEU E 270 -18.05 -38.30 -37.65
CA LEU E 270 -17.10 -37.80 -38.63
C LEU E 270 -17.37 -36.32 -38.73
N TYR E 271 -16.40 -35.50 -38.35
CA TYR E 271 -16.51 -34.06 -38.45
C TYR E 271 -15.75 -33.66 -39.71
N LEU E 272 -16.52 -33.29 -40.73
CA LEU E 272 -16.02 -33.02 -42.08
C LEU E 272 -15.94 -31.53 -42.33
N ARG E 273 -14.81 -31.03 -42.82
CA ARG E 273 -14.70 -29.60 -43.07
C ARG E 273 -15.73 -29.13 -44.08
N TYR E 274 -16.04 -27.84 -44.06
CA TYR E 274 -17.05 -27.25 -44.94
C TYR E 274 -16.70 -27.42 -46.41
N GLU E 275 -15.41 -27.34 -46.69
CA GLU E 275 -14.93 -27.32 -48.06
C GLU E 275 -15.16 -28.66 -48.76
N TYR E 276 -15.13 -29.76 -47.99
CA TYR E 276 -15.32 -31.08 -48.54
C TYR E 276 -16.78 -31.51 -48.55
N GLN E 277 -17.71 -30.58 -48.41
CA GLN E 277 -19.10 -31.00 -48.41
C GLN E 277 -19.50 -31.70 -49.70
N TYR E 278 -18.80 -31.47 -50.80
CA TYR E 278 -19.09 -32.19 -52.04
C TYR E 278 -19.03 -33.70 -51.88
N LEU E 279 -18.17 -34.14 -50.96
CA LEU E 279 -18.04 -35.56 -50.66
C LEU E 279 -19.18 -36.16 -49.85
N LEU E 280 -20.14 -35.34 -49.42
CA LEU E 280 -21.19 -35.81 -48.52
C LEU E 280 -22.07 -36.97 -49.04
N PRO E 281 -22.60 -36.83 -50.28
CA PRO E 281 -23.48 -37.88 -50.78
C PRO E 281 -22.81 -39.26 -50.84
N GLN E 282 -21.53 -39.29 -51.18
CA GLN E 282 -20.78 -40.54 -51.24
C GLN E 282 -20.50 -41.08 -49.85
N LEU E 283 -20.20 -40.19 -48.92
CA LEU E 283 -19.88 -40.60 -47.56
C LEU E 283 -21.12 -41.15 -46.85
N GLU E 284 -22.29 -40.54 -47.08
CA GLU E 284 -23.53 -41.08 -46.52
C GLU E 284 -23.82 -42.49 -47.07
N ALA E 285 -23.67 -42.65 -48.37
CA ALA E 285 -23.79 -43.96 -49.00
C ALA E 285 -22.88 -44.99 -48.32
N ALA E 286 -21.62 -44.60 -48.14
CA ALA E 286 -20.58 -45.47 -47.58
C ALA E 286 -20.82 -45.75 -46.12
N ARG E 287 -21.21 -44.71 -45.38
CA ARG E 287 -21.54 -44.84 -43.97
C ARG E 287 -22.67 -45.83 -43.79
N GLU E 288 -23.72 -45.68 -44.59
CA GLU E 288 -24.84 -46.57 -44.44
C GLU E 288 -24.49 -48.02 -44.80
N ARG E 289 -23.61 -48.21 -45.79
CA ARG E 289 -23.21 -49.56 -46.18
C ARG E 289 -22.44 -50.27 -45.07
N ILE E 290 -21.59 -49.51 -44.38
CA ILE E 290 -20.76 -50.07 -43.31
C ILE E 290 -21.59 -50.36 -42.06
N ALA E 291 -22.56 -49.51 -41.75
CA ALA E 291 -23.44 -49.72 -40.58
C ALA E 291 -24.37 -50.93 -40.74
N SER E 292 -24.46 -51.45 -41.95
CA SER E 292 -25.04 -52.77 -42.17
C SER E 292 -24.07 -53.80 -41.58
N ALA E 293 -22.84 -53.85 -42.12
CA ALA E 293 -21.86 -54.90 -41.80
C ALA E 293 -21.67 -55.17 -40.31
N GLN E 294 -22.15 -54.27 -39.47
CA GLN E 294 -22.01 -54.50 -38.03
C GLN E 294 -22.67 -55.78 -37.51
N ALA E 295 -21.85 -56.84 -37.37
CA ALA E 295 -22.24 -58.20 -36.94
C ALA E 295 -21.14 -59.21 -37.27
N ALA E 300 -28.50 -53.06 -30.55
CA ALA E 300 -28.31 -52.37 -29.26
C ALA E 300 -26.84 -52.06 -28.94
N GLU E 301 -25.99 -53.09 -29.03
CA GLU E 301 -24.54 -52.96 -28.75
C GLU E 301 -23.78 -52.18 -29.84
N ARG E 302 -24.43 -51.82 -30.96
CA ARG E 302 -23.71 -51.34 -32.16
C ARG E 302 -23.35 -49.86 -32.13
N VAL E 303 -22.26 -49.52 -32.80
CA VAL E 303 -21.84 -48.13 -32.89
C VAL E 303 -22.67 -47.35 -33.90
N THR E 304 -23.23 -46.22 -33.48
CA THR E 304 -23.90 -45.30 -34.39
C THR E 304 -22.84 -44.45 -35.09
N LEU E 305 -23.05 -44.19 -36.38
CA LEU E 305 -22.18 -43.29 -37.14
C LEU E 305 -22.93 -42.04 -37.63
N GLU E 306 -22.37 -40.86 -37.32
CA GLU E 306 -22.91 -39.59 -37.78
C GLU E 306 -21.83 -38.77 -38.48
N ILE E 307 -22.29 -37.88 -39.36
CA ILE E 307 -21.42 -36.92 -40.03
C ILE E 307 -21.88 -35.52 -39.69
N ALA E 308 -20.92 -34.67 -39.34
CA ALA E 308 -21.17 -33.29 -39.03
C ALA E 308 -20.38 -32.45 -39.98
N LEU E 309 -21.00 -31.39 -40.50
CA LEU E 309 -20.33 -30.48 -41.40
C LEU E 309 -19.84 -29.27 -40.61
N GLY E 310 -18.56 -28.94 -40.78
CA GLY E 310 -17.92 -27.77 -40.17
C GLY E 310 -18.36 -26.53 -40.91
N ALA E 311 -17.66 -25.41 -40.73
CA ALA E 311 -18.07 -24.17 -41.37
C ALA E 311 -16.99 -23.12 -41.53
N GLY E 312 -15.73 -23.52 -41.56
CA GLY E 312 -14.66 -22.63 -41.99
C GLY E 312 -13.78 -22.11 -40.90
N ALA E 313 -12.89 -22.97 -40.41
CA ALA E 313 -11.89 -22.57 -39.42
C ALA E 313 -10.77 -23.61 -39.39
N TYR E 314 -9.50 -23.15 -39.46
CA TYR E 314 -8.35 -24.06 -39.31
C TYR E 314 -8.07 -24.33 -37.84
N VAL E 315 -8.36 -23.38 -36.98
CA VAL E 315 -8.22 -23.66 -35.56
C VAL E 315 -9.03 -24.92 -35.11
N CYS E 316 -10.16 -25.20 -35.78
CA CYS E 316 -11.02 -26.37 -35.45
C CYS E 316 -10.38 -27.75 -35.73
N GLY E 317 -9.15 -27.77 -36.23
CA GLY E 317 -8.32 -28.98 -36.27
C GLY E 317 -7.59 -29.26 -34.96
N GLU E 318 -7.81 -28.40 -33.98
CA GLU E 318 -7.38 -28.63 -32.63
C GLU E 318 -8.51 -29.38 -31.93
N GLU E 319 -8.14 -30.36 -31.10
CA GLU E 319 -9.12 -31.26 -30.50
C GLU E 319 -10.31 -30.59 -29.80
N SER E 320 -10.01 -29.77 -28.80
CA SER E 320 -11.05 -29.21 -27.96
C SER E 320 -11.88 -28.18 -28.70
N ALA E 321 -11.29 -27.55 -29.72
CA ALA E 321 -11.98 -26.54 -30.50
C ALA E 321 -13.00 -27.18 -31.40
N LEU E 322 -12.62 -28.32 -31.96
CA LEU E 322 -13.53 -29.16 -32.75
C LEU E 322 -14.79 -29.50 -31.93
N ILE E 323 -14.56 -29.95 -30.70
CA ILE E 323 -15.61 -30.31 -29.77
C ILE E 323 -16.52 -29.13 -29.50
N GLU E 324 -15.91 -27.99 -29.18
CA GLU E 324 -16.67 -26.78 -28.93
C GLU E 324 -17.54 -26.44 -30.13
N SER E 325 -16.97 -26.57 -31.33
CA SER E 325 -17.73 -26.38 -32.55
C SER E 325 -18.95 -27.29 -32.62
N LEU E 326 -18.75 -28.57 -32.31
CA LEU E 326 -19.85 -29.55 -32.35
C LEU E 326 -20.88 -29.34 -31.28
N GLU E 327 -20.48 -28.71 -30.18
CA GLU E 327 -21.42 -28.38 -29.12
C GLU E 327 -22.09 -27.06 -29.42
N GLY E 328 -22.09 -26.62 -30.68
CA GLY E 328 -22.76 -25.37 -31.07
C GLY E 328 -22.17 -24.08 -30.49
N LYS E 329 -20.85 -24.00 -30.37
CA LYS E 329 -20.20 -22.85 -29.78
C LYS E 329 -19.03 -22.45 -30.64
N PRO E 330 -18.46 -21.24 -30.41
CA PRO E 330 -17.28 -20.87 -31.17
C PRO E 330 -16.18 -21.86 -30.93
N GLY E 331 -15.50 -22.24 -32.00
CA GLY E 331 -14.38 -23.17 -31.93
C GLY E 331 -13.14 -22.53 -31.36
N ARG E 332 -13.17 -22.23 -30.06
CA ARG E 332 -11.99 -21.75 -29.34
C ARG E 332 -11.48 -22.85 -28.44
N PRO E 333 -10.16 -23.10 -28.46
CA PRO E 333 -9.62 -24.13 -27.58
C PRO E 333 -9.98 -23.93 -26.10
N ARG E 334 -10.25 -25.04 -25.42
CA ARG E 334 -10.58 -25.04 -24.01
C ARG E 334 -9.30 -24.74 -23.23
N VAL E 335 -9.48 -24.55 -21.93
CA VAL E 335 -8.36 -24.52 -20.99
C VAL E 335 -8.23 -25.93 -20.47
N ARG E 336 -7.11 -26.58 -20.82
CA ARG E 336 -6.86 -27.95 -20.42
C ARG E 336 -5.67 -27.98 -19.46
N PRO E 337 -5.69 -28.87 -18.48
CA PRO E 337 -6.72 -29.89 -18.30
C PRO E 337 -7.99 -29.33 -17.65
N PRO E 338 -9.10 -30.08 -17.63
CA PRO E 338 -9.17 -31.44 -18.12
C PRO E 338 -9.16 -31.55 -19.64
N TYR E 339 -8.52 -32.61 -20.13
CA TYR E 339 -8.42 -32.84 -21.57
C TYR E 339 -9.69 -33.53 -22.01
N PRO E 340 -9.95 -33.55 -23.34
CA PRO E 340 -11.21 -34.15 -23.84
C PRO E 340 -11.32 -35.65 -23.56
N VAL E 341 -10.19 -36.32 -23.36
CA VAL E 341 -10.19 -37.74 -22.99
C VAL E 341 -10.89 -37.96 -21.64
N THR E 342 -10.82 -36.95 -20.76
CA THR E 342 -11.55 -36.92 -19.48
C THR E 342 -12.95 -36.33 -19.67
N GLN E 343 -13.02 -35.10 -20.17
CA GLN E 343 -14.28 -34.39 -20.40
C GLN E 343 -14.24 -33.71 -21.75
N GLY E 344 -15.01 -34.25 -22.68
CA GLY E 344 -14.99 -33.77 -24.04
C GLY E 344 -16.39 -33.40 -24.44
N TYR E 345 -16.84 -33.98 -25.54
CA TYR E 345 -18.14 -33.71 -26.10
C TYR E 345 -19.19 -33.99 -25.05
N LEU E 346 -20.05 -32.99 -24.82
CA LEU E 346 -21.11 -33.07 -23.80
C LEU E 346 -20.64 -33.56 -22.42
N GLY E 347 -19.42 -33.21 -22.06
CA GLY E 347 -18.83 -33.65 -20.80
C GLY E 347 -18.45 -35.12 -20.69
N HIS E 348 -18.68 -35.90 -21.74
CA HIS E 348 -18.32 -37.32 -21.71
C HIS E 348 -16.93 -37.50 -22.32
N PRO E 349 -16.14 -38.50 -21.84
CA PRO E 349 -14.81 -38.81 -22.39
C PRO E 349 -14.84 -39.02 -23.90
N THR E 350 -13.84 -38.49 -24.59
CA THR E 350 -13.90 -38.43 -26.02
C THR E 350 -12.52 -38.53 -26.61
N VAL E 351 -12.40 -39.35 -27.64
CA VAL E 351 -11.16 -39.53 -28.36
C VAL E 351 -11.33 -38.88 -29.73
N VAL E 352 -10.37 -38.04 -30.09
CA VAL E 352 -10.36 -37.45 -31.42
C VAL E 352 -9.21 -38.04 -32.20
N ASN E 353 -9.52 -38.75 -33.28
CA ASN E 353 -8.48 -39.31 -34.12
C ASN E 353 -8.61 -38.78 -35.55
N ASN E 354 -7.45 -38.56 -36.17
CA ASN E 354 -7.39 -38.20 -37.56
C ASN E 354 -7.88 -39.37 -38.47
N VAL E 355 -8.43 -39.02 -39.62
CA VAL E 355 -8.73 -39.94 -40.71
C VAL E 355 -7.62 -41.00 -41.04
N GLU E 356 -6.40 -40.57 -41.34
CA GLU E 356 -5.38 -41.54 -41.67
C GLU E 356 -5.11 -42.48 -40.50
N THR E 357 -5.20 -41.98 -39.28
CA THR E 357 -4.99 -42.80 -38.10
C THR E 357 -6.01 -43.93 -38.06
N LEU E 358 -7.28 -43.63 -38.24
CA LEU E 358 -8.31 -44.65 -38.15
C LEU E 358 -8.21 -45.65 -39.29
N VAL E 359 -7.94 -45.18 -40.51
CA VAL E 359 -7.69 -46.08 -41.63
C VAL E 359 -6.56 -47.03 -41.23
N ALA E 360 -5.47 -46.51 -40.69
CA ALA E 360 -4.42 -47.40 -40.18
C ALA E 360 -4.98 -48.46 -39.22
N VAL E 361 -5.88 -48.05 -38.34
CA VAL E 361 -6.53 -48.96 -37.42
C VAL E 361 -7.23 -50.12 -38.16
N ALA E 362 -7.95 -49.82 -39.23
CA ALA E 362 -8.56 -50.87 -40.06
C ALA E 362 -7.50 -51.83 -40.58
N ALA E 363 -6.38 -51.27 -41.03
CA ALA E 363 -5.30 -52.05 -41.61
C ALA E 363 -4.62 -52.88 -40.57
N ILE E 364 -4.49 -52.34 -39.35
CA ILE E 364 -3.81 -53.04 -38.28
C ILE E 364 -4.66 -54.19 -37.73
N VAL E 365 -5.95 -53.98 -37.52
CA VAL E 365 -6.84 -55.11 -37.19
C VAL E 365 -6.90 -56.07 -38.37
N GLY E 366 -6.83 -55.54 -39.58
CA GLY E 366 -6.82 -56.33 -40.80
C GLY E 366 -5.62 -57.27 -41.00
N ASN E 367 -4.40 -56.73 -40.82
CA ASN E 367 -3.16 -57.46 -41.15
C ASN E 367 -2.28 -57.84 -39.95
N GLY E 368 -2.57 -57.34 -38.75
CA GLY E 368 -1.72 -57.58 -37.58
C GLY E 368 -0.66 -56.50 -37.38
N ALA E 369 -0.18 -56.43 -36.15
CA ALA E 369 0.77 -55.41 -35.73
C ALA E 369 2.17 -55.63 -36.29
N ALA E 370 2.53 -56.91 -36.48
CA ALA E 370 3.83 -57.26 -37.06
C ALA E 370 3.89 -56.65 -38.43
N TRP E 371 2.83 -56.85 -39.20
CA TRP E 371 2.70 -56.30 -40.55
C TRP E 371 2.92 -54.80 -40.59
N TRP E 372 2.41 -54.12 -39.57
CA TRP E 372 2.56 -52.68 -39.47
C TRP E 372 4.01 -52.31 -39.10
N ARG E 373 4.51 -52.94 -38.04
CA ARG E 373 5.80 -52.56 -37.47
C ARG E 373 6.96 -53.00 -38.36
N ALA E 374 6.67 -53.92 -39.27
CA ALA E 374 7.60 -54.26 -40.35
C ALA E 374 8.03 -53.03 -41.10
N LEU E 375 7.12 -52.07 -41.22
CA LEU E 375 7.39 -50.81 -41.93
C LEU E 375 7.81 -49.66 -41.01
N GLY E 376 8.53 -48.70 -41.59
CA GLY E 376 8.88 -47.46 -40.90
C GLY E 376 10.17 -47.58 -40.08
N THR E 377 10.37 -46.63 -39.18
CA THR E 377 11.51 -46.65 -38.25
C THR E 377 11.05 -47.22 -36.91
N PRO E 378 12.00 -47.47 -36.00
CA PRO E 378 11.65 -48.00 -34.67
C PRO E 378 10.78 -47.05 -33.85
N ASP E 379 11.04 -45.75 -33.98
CA ASP E 379 10.27 -44.72 -33.25
C ASP E 379 8.97 -44.35 -33.99
N SER E 380 9.10 -44.06 -35.29
CA SER E 380 7.93 -43.76 -36.15
C SER E 380 7.58 -44.97 -37.02
N SER E 381 6.72 -45.84 -36.50
CA SER E 381 6.44 -47.10 -37.16
C SER E 381 5.27 -46.98 -38.10
N GLY E 382 5.43 -47.56 -39.29
CA GLY E 382 4.36 -47.71 -40.25
C GLY E 382 4.57 -46.90 -41.51
N PRO E 383 3.73 -47.12 -42.51
CA PRO E 383 3.72 -46.29 -43.70
C PRO E 383 3.00 -44.97 -43.47
N LYS E 384 3.56 -43.92 -44.04
CA LYS E 384 2.94 -42.62 -44.03
C LYS E 384 2.53 -42.22 -45.45
N LEU E 385 1.39 -41.54 -45.56
CA LEU E 385 0.97 -40.90 -46.82
C LEU E 385 1.57 -39.49 -46.89
N PHE E 386 1.84 -39.02 -48.10
CA PHE E 386 2.36 -37.69 -48.29
C PHE E 386 1.62 -37.00 -49.42
N CYS E 387 1.01 -35.86 -49.09
CA CYS E 387 0.41 -34.99 -50.08
C CYS E 387 1.47 -33.97 -50.53
N VAL E 388 2.07 -34.23 -51.68
CA VAL E 388 3.11 -33.36 -52.25
C VAL E 388 2.48 -32.46 -53.30
N SER E 389 2.93 -31.19 -53.31
CA SER E 389 2.43 -30.18 -54.24
C SER E 389 3.41 -29.01 -54.33
N GLY E 390 3.06 -28.00 -55.13
CA GLY E 390 3.90 -26.82 -55.33
C GLY E 390 4.51 -26.81 -56.72
N ASP E 391 5.80 -26.50 -56.78
CA ASP E 391 6.55 -26.47 -58.03
C ASP E 391 7.05 -27.88 -58.39
N VAL E 392 6.11 -28.76 -58.77
CA VAL E 392 6.40 -30.16 -59.09
C VAL E 392 5.64 -30.66 -60.32
N ALA E 393 6.31 -31.49 -61.10
CA ALA E 393 5.72 -32.07 -62.30
C ALA E 393 4.52 -32.94 -61.94
N GLN E 394 4.63 -33.69 -60.86
CA GLN E 394 3.52 -34.52 -60.41
C GLN E 394 3.14 -34.26 -58.95
N PRO E 395 2.20 -33.32 -58.71
CA PRO E 395 1.64 -33.18 -57.39
C PRO E 395 0.63 -34.31 -57.18
N GLY E 396 0.38 -34.65 -55.91
CA GLY E 396 -0.54 -35.73 -55.55
C GLY E 396 -0.01 -36.51 -54.36
N LEU E 397 -0.62 -37.68 -54.15
CA LEU E 397 -0.41 -38.47 -52.95
C LEU E 397 0.67 -39.54 -53.12
N TYR E 398 1.57 -39.63 -52.16
CA TYR E 398 2.70 -40.56 -52.21
C TYR E 398 2.84 -41.37 -50.92
N GLU E 399 2.70 -42.70 -50.99
CA GLU E 399 3.02 -43.56 -49.83
C GLU E 399 4.52 -43.83 -49.75
N PHE E 400 5.09 -43.59 -48.59
CA PHE E 400 6.44 -44.05 -48.28
C PHE E 400 6.38 -44.66 -46.89
N PRO E 401 7.37 -45.51 -46.56
CA PRO E 401 7.49 -45.84 -45.14
C PRO E 401 7.89 -44.59 -44.34
N TYR E 402 7.45 -44.48 -43.08
CA TYR E 402 7.97 -43.44 -42.18
C TYR E 402 9.46 -43.67 -42.13
N GLY E 403 10.24 -42.59 -42.16
CA GLY E 403 11.70 -42.71 -42.09
C GLY E 403 12.39 -42.31 -43.38
N VAL E 404 11.62 -42.16 -44.46
CA VAL E 404 12.14 -41.75 -45.77
C VAL E 404 12.85 -40.40 -45.76
N ALA E 405 13.92 -40.27 -46.53
CA ALA E 405 14.63 -38.98 -46.61
C ALA E 405 13.73 -37.95 -47.26
N LEU E 406 13.86 -36.71 -46.82
CA LEU E 406 13.06 -35.64 -47.38
C LEU E 406 13.28 -35.61 -48.90
N GLY E 407 14.54 -35.70 -49.30
CA GLY E 407 14.93 -35.67 -50.72
C GLY E 407 14.08 -36.60 -51.56
N ASP E 408 13.98 -37.86 -51.13
CA ASP E 408 13.34 -38.89 -51.93
C ASP E 408 11.90 -38.51 -52.23
N VAL E 409 11.19 -38.08 -51.20
CA VAL E 409 9.79 -37.65 -51.37
C VAL E 409 9.71 -36.53 -52.40
N VAL E 410 10.58 -35.54 -52.23
CA VAL E 410 10.64 -34.41 -53.13
C VAL E 410 10.95 -34.88 -54.52
N THR E 411 12.01 -35.68 -54.66
CA THR E 411 12.46 -36.11 -55.99
C THR E 411 11.39 -36.91 -56.73
N ALA E 412 10.72 -37.81 -56.02
CA ALA E 412 9.66 -38.62 -56.62
C ALA E 412 8.51 -37.82 -57.24
N ALA E 413 8.49 -36.50 -57.04
CA ALA E 413 7.49 -35.65 -57.68
C ALA E 413 8.05 -34.73 -58.80
N ARG E 414 9.38 -34.69 -58.94
CA ARG E 414 10.04 -34.02 -60.07
C ARG E 414 10.05 -32.48 -60.13
N PRO E 415 10.81 -31.86 -59.25
CA PRO E 415 10.87 -30.40 -59.19
C PRO E 415 10.99 -29.76 -60.57
N LEU E 416 10.19 -28.72 -60.81
CA LEU E 416 10.12 -28.06 -62.12
C LEU E 416 11.32 -27.16 -62.39
N GLY E 417 11.63 -26.30 -61.43
CA GLY E 417 12.88 -25.54 -61.49
C GLY E 417 13.90 -26.31 -60.69
N THR E 418 15.07 -25.72 -60.49
CA THR E 418 16.03 -26.26 -59.56
C THR E 418 15.46 -26.03 -58.13
N ARG E 419 15.70 -26.99 -57.24
CA ARG E 419 15.16 -26.95 -55.86
C ARG E 419 15.63 -25.69 -55.16
N TYR E 420 14.78 -25.12 -54.31
CA TYR E 420 15.16 -23.96 -53.49
C TYR E 420 14.76 -24.16 -52.03
N ALA E 421 13.46 -24.15 -51.77
CA ALA E 421 12.96 -24.26 -50.42
C ALA E 421 11.82 -25.25 -50.37
N VAL E 422 11.66 -25.89 -49.21
CA VAL E 422 10.56 -26.79 -48.96
C VAL E 422 9.88 -26.43 -47.64
N GLN E 423 8.55 -26.37 -47.67
CA GLN E 423 7.77 -26.28 -46.47
C GLN E 423 7.33 -27.70 -46.09
N VAL E 424 7.86 -28.19 -44.98
CA VAL E 424 7.49 -29.49 -44.46
C VAL E 424 6.36 -29.33 -43.46
N SER E 425 5.30 -30.12 -43.65
CA SER E 425 4.19 -30.26 -42.70
C SER E 425 3.29 -29.04 -42.61
N GLY E 426 3.10 -28.34 -43.73
CA GLY E 426 2.31 -27.11 -43.77
C GLY E 426 3.03 -25.98 -43.05
N PRO E 427 2.39 -24.81 -42.97
CA PRO E 427 3.03 -23.65 -42.31
C PRO E 427 3.39 -23.84 -40.83
N SER E 428 2.72 -24.78 -40.18
CA SER E 428 2.97 -25.12 -38.77
C SER E 428 4.33 -25.74 -38.56
N GLY E 429 4.84 -26.43 -39.57
CA GLY E 429 6.11 -27.10 -39.46
C GLY E 429 7.28 -26.20 -39.83
N THR E 430 8.17 -26.72 -40.65
CA THR E 430 9.43 -26.05 -40.94
C THR E 430 9.50 -25.64 -42.40
N LEU E 431 10.14 -24.49 -42.62
CA LEU E 431 10.55 -24.04 -43.93
C LEU E 431 12.03 -24.29 -44.00
N LEU E 432 12.43 -25.10 -44.95
CA LEU E 432 13.81 -25.53 -45.03
C LEU E 432 14.38 -25.21 -46.37
N PRO E 433 15.65 -24.82 -46.41
CA PRO E 433 16.31 -24.72 -47.70
C PRO E 433 16.59 -26.11 -48.27
N ALA E 434 16.65 -26.20 -49.59
CA ALA E 434 16.97 -27.45 -50.27
C ALA E 434 18.48 -27.69 -50.43
N THR E 435 19.20 -27.71 -49.31
CA THR E 435 20.59 -28.15 -49.31
C THR E 435 20.59 -29.68 -49.18
N PRO E 436 21.66 -30.33 -49.65
CA PRO E 436 21.73 -31.78 -49.49
C PRO E 436 21.66 -32.23 -48.01
N GLU E 437 22.25 -31.45 -47.10
CA GLU E 437 22.19 -31.80 -45.68
C GLU E 437 20.77 -31.77 -45.15
N GLN E 438 19.93 -30.88 -45.67
CA GLN E 438 18.51 -30.84 -45.31
C GLN E 438 17.67 -31.94 -45.99
N LEU E 439 17.89 -32.14 -47.29
CA LEU E 439 17.15 -33.16 -48.04
C LEU E 439 17.51 -34.57 -47.56
N ALA E 440 18.69 -34.70 -46.95
CA ALA E 440 19.12 -35.96 -46.36
C ALA E 440 18.27 -36.38 -45.16
N ARG E 441 17.67 -35.40 -44.47
CA ARG E 441 16.99 -35.64 -43.19
C ARG E 441 15.78 -36.56 -43.31
N PRO E 442 15.70 -37.56 -42.43
CA PRO E 442 14.57 -38.47 -42.53
C PRO E 442 13.27 -37.80 -42.08
N LEU E 443 12.14 -38.27 -42.61
CA LEU E 443 10.83 -37.76 -42.25
C LEU E 443 10.19 -38.65 -41.23
N ALA E 444 10.34 -38.27 -39.97
CA ALA E 444 9.80 -39.03 -38.85
C ALA E 444 9.79 -38.13 -37.63
N PHE E 445 8.99 -38.50 -36.63
CA PHE E 445 8.84 -37.70 -35.41
C PHE E 445 10.19 -37.48 -34.69
N GLU E 446 11.03 -38.52 -34.67
CA GLU E 446 12.37 -38.43 -34.08
C GLU E 446 13.37 -37.53 -34.82
N ALA E 447 13.14 -37.26 -36.10
CA ALA E 447 14.07 -36.48 -36.92
C ALA E 447 13.40 -35.21 -37.40
N LEU E 448 12.80 -35.23 -38.58
CA LEU E 448 12.10 -34.09 -39.11
C LEU E 448 10.60 -34.42 -39.16
N PRO E 449 9.82 -33.90 -38.19
CA PRO E 449 8.41 -34.30 -38.11
C PRO E 449 7.61 -33.86 -39.33
N CYS E 450 6.69 -34.71 -39.77
CA CYS E 450 5.91 -34.39 -40.94
C CYS E 450 4.55 -35.08 -40.86
N ASN E 451 3.50 -34.27 -41.01
CA ASN E 451 2.14 -34.74 -41.07
C ASN E 451 1.76 -35.19 -42.49
N GLY E 452 2.71 -35.14 -43.43
CA GLY E 452 2.50 -35.63 -44.80
C GLY E 452 2.47 -34.54 -45.87
N THR E 453 2.25 -33.30 -45.46
CA THR E 453 2.33 -32.19 -46.38
C THR E 453 3.78 -31.87 -46.68
N VAL E 454 4.10 -31.84 -47.98
CA VAL E 454 5.36 -31.31 -48.48
C VAL E 454 5.02 -30.36 -49.61
N MET E 455 5.65 -29.18 -49.60
CA MET E 455 5.40 -28.13 -50.57
C MET E 455 6.74 -27.67 -51.10
N VAL E 456 6.93 -27.81 -52.41
CA VAL E 456 8.22 -27.58 -53.03
C VAL E 456 8.18 -26.24 -53.72
N PHE E 457 9.24 -25.46 -53.57
CA PHE E 457 9.38 -24.17 -54.22
C PHE E 457 10.73 -24.11 -54.93
N ASP E 458 10.70 -23.82 -56.22
CA ASP E 458 11.92 -23.66 -57.00
C ASP E 458 12.44 -22.22 -56.84
N VAL E 459 13.46 -21.86 -57.60
CA VAL E 459 14.24 -20.65 -57.30
C VAL E 459 13.59 -19.33 -57.75
N ARG E 460 12.44 -19.40 -58.41
CA ARG E 460 11.70 -18.18 -58.73
C ARG E 460 11.01 -17.61 -57.49
N ARG E 461 10.82 -18.43 -56.47
CA ARG E 461 9.99 -18.06 -55.34
C ARG E 461 10.80 -17.27 -54.31
N ASP E 462 10.14 -16.31 -53.67
CA ASP E 462 10.74 -15.50 -52.60
C ASP E 462 10.34 -16.07 -51.23
N PRO E 463 11.30 -16.67 -50.50
CA PRO E 463 11.10 -17.14 -49.12
C PRO E 463 10.35 -16.13 -48.26
N VAL E 464 10.76 -14.87 -48.31
CA VAL E 464 10.13 -13.78 -47.55
C VAL E 464 8.62 -13.65 -47.88
N ALA E 465 8.31 -13.64 -49.16
CA ALA E 465 6.92 -13.48 -49.60
C ALA E 465 6.08 -14.67 -49.21
N ILE E 466 6.72 -15.84 -49.16
CA ILE E 466 6.05 -17.08 -48.77
C ILE E 466 5.65 -17.02 -47.30
N VAL E 467 6.61 -16.68 -46.43
CA VAL E 467 6.33 -16.50 -45.01
C VAL E 467 5.20 -15.49 -44.76
N HIS E 468 5.19 -14.41 -45.55
CA HIS E 468 4.15 -13.37 -45.46
C HIS E 468 2.78 -13.96 -45.78
N HIS E 469 2.68 -14.82 -46.78
CA HIS E 469 1.40 -15.53 -47.04
C HIS E 469 0.95 -16.30 -45.81
N PHE E 470 1.88 -17.01 -45.17
CA PHE E 470 1.56 -17.80 -43.96
C PHE E 470 1.22 -16.89 -42.77
N ALA E 471 2.03 -15.84 -42.59
CA ALA E 471 1.80 -14.83 -41.58
C ALA E 471 0.37 -14.30 -41.64
N ARG E 472 -0.15 -14.09 -42.83
CA ARG E 472 -1.51 -13.59 -42.98
C ARG E 472 -2.56 -14.67 -42.62
N PHE E 473 -2.31 -15.90 -43.04
CA PHE E 473 -3.19 -17.02 -42.72
C PHE E 473 -3.32 -17.25 -41.21
N PHE E 474 -2.20 -17.22 -40.50
CA PHE E 474 -2.23 -17.37 -39.04
C PHE E 474 -3.01 -16.22 -38.41
N ALA E 475 -2.72 -14.99 -38.85
CA ALA E 475 -3.45 -13.82 -38.40
C ALA E 475 -4.96 -13.96 -38.58
N HIS E 476 -5.41 -14.45 -39.74
CA HIS E 476 -6.84 -14.58 -40.01
C HIS E 476 -7.49 -15.72 -39.23
N GLU E 477 -6.76 -16.79 -39.01
CA GLU E 477 -7.36 -18.02 -38.51
C GLU E 477 -7.24 -18.16 -36.99
N SER E 478 -6.46 -17.28 -36.37
CA SER E 478 -6.34 -17.24 -34.91
C SER E 478 -7.69 -17.10 -34.25
N CYS E 479 -7.94 -17.86 -33.19
CA CYS E 479 -9.25 -17.82 -32.55
C CYS E 479 -9.46 -16.60 -31.67
N GLY E 480 -8.41 -15.85 -31.36
CA GLY E 480 -8.51 -14.58 -30.62
C GLY E 480 -8.71 -14.71 -29.12
N PHE E 481 -8.52 -15.92 -28.59
CA PHE E 481 -8.87 -16.17 -27.19
C PHE E 481 -7.77 -15.74 -26.23
N CYS E 482 -6.51 -15.88 -26.63
CA CYS E 482 -5.41 -15.65 -25.68
C CYS E 482 -4.43 -14.59 -26.13
N THR E 483 -3.88 -13.89 -25.18
CA THR E 483 -3.10 -12.68 -25.47
C THR E 483 -2.01 -12.78 -26.52
N PRO E 484 -1.00 -13.64 -26.30
CA PRO E 484 0.18 -13.62 -27.20
C PRO E 484 -0.16 -14.03 -28.64
N CYS E 485 -1.20 -14.81 -28.81
CA CYS E 485 -1.56 -15.31 -30.12
C CYS E 485 -2.50 -14.35 -30.80
N ARG E 486 -3.50 -13.86 -30.08
CA ARG E 486 -4.50 -12.94 -30.64
C ARG E 486 -3.81 -11.75 -31.22
N VAL E 487 -2.98 -11.13 -30.39
CA VAL E 487 -2.24 -9.92 -30.76
C VAL E 487 -1.02 -10.25 -31.60
N GLY E 488 -0.25 -11.24 -31.18
CA GLY E 488 1.09 -11.46 -31.73
C GLY E 488 1.09 -11.93 -33.18
N THR E 489 0.11 -12.73 -33.52
CA THR E 489 -0.10 -13.14 -34.87
C THR E 489 -0.22 -11.87 -35.75
N GLN E 490 -0.84 -10.83 -35.21
CA GLN E 490 -1.12 -9.60 -35.94
C GLN E 490 0.17 -8.81 -36.10
N LEU E 491 0.98 -8.82 -35.06
CA LEU E 491 2.26 -8.10 -35.08
C LEU E 491 3.16 -8.65 -36.16
N ILE E 492 3.09 -9.95 -36.40
CA ILE E 492 3.91 -10.59 -37.42
C ILE E 492 3.42 -10.15 -38.79
N ALA E 493 2.13 -10.36 -39.04
CA ALA E 493 1.53 -9.99 -40.32
C ALA E 493 1.87 -8.54 -40.64
N LYS E 494 1.81 -7.67 -39.64
CA LYS E 494 2.14 -6.27 -39.88
C LYS E 494 3.61 -6.09 -40.20
N THR E 495 4.49 -6.85 -39.57
CA THR E 495 5.92 -6.74 -39.85
C THR E 495 6.27 -7.12 -41.29
N PHE E 496 5.51 -8.05 -41.87
CA PHE E 496 5.77 -8.49 -43.25
C PHE E 496 5.07 -7.60 -44.28
N GLU E 497 4.02 -6.90 -43.85
CA GLU E 497 3.42 -5.84 -44.68
C GLU E 497 4.46 -4.75 -44.85
N LYS E 498 5.20 -4.48 -43.78
CA LYS E 498 6.22 -3.43 -43.77
C LYS E 498 7.42 -3.78 -44.65
N ILE E 499 7.79 -5.06 -44.66
CA ILE E 499 8.85 -5.54 -45.51
C ILE E 499 8.42 -5.43 -46.97
N ALA E 500 7.24 -5.95 -47.28
CA ALA E 500 6.69 -5.90 -48.64
C ALA E 500 6.60 -4.48 -49.20
N ALA E 501 6.28 -3.51 -48.34
CA ALA E 501 6.14 -2.11 -48.77
C ALA E 501 7.48 -1.37 -48.81
N GLY E 502 8.53 -2.01 -48.32
CA GLY E 502 9.90 -1.50 -48.46
C GLY E 502 10.34 -0.57 -47.34
N TYR E 503 9.63 -0.60 -46.22
CA TYR E 503 9.95 0.28 -45.08
C TYR E 503 10.70 -0.43 -43.96
N ALA E 504 10.82 -1.75 -44.05
CA ALA E 504 11.33 -2.53 -42.92
C ALA E 504 12.84 -2.37 -42.75
N THR E 505 13.30 -2.37 -41.49
CA THR E 505 14.73 -2.25 -41.18
C THR E 505 15.12 -3.29 -40.13
N ARG E 506 16.38 -3.31 -39.71
CA ARG E 506 16.83 -4.26 -38.70
C ARG E 506 16.04 -4.16 -37.40
N PHE E 507 15.75 -2.92 -37.01
CA PHE E 507 15.04 -2.68 -35.77
C PHE E 507 13.62 -3.28 -35.74
N ASP E 508 13.01 -3.51 -36.89
CA ASP E 508 11.68 -4.06 -36.92
C ASP E 508 11.67 -5.52 -36.48
N LEU E 509 12.79 -6.22 -36.70
CA LEU E 509 12.94 -7.62 -36.28
C LEU E 509 13.37 -7.75 -34.82
N GLU E 510 14.00 -6.70 -34.31
CA GLU E 510 14.42 -6.68 -32.91
C GLU E 510 13.22 -6.39 -31.98
N ARG E 511 12.23 -5.62 -32.47
CA ARG E 511 10.99 -5.37 -31.70
C ARG E 511 10.07 -6.56 -31.76
N LEU E 512 10.17 -7.32 -32.84
CA LEU E 512 9.27 -8.43 -33.03
C LEU E 512 9.68 -9.67 -32.22
N ALA E 513 10.96 -9.79 -31.87
CA ALA E 513 11.48 -10.99 -31.19
C ALA E 513 10.74 -11.36 -29.92
N PRO E 514 10.59 -10.40 -28.98
CA PRO E 514 9.97 -10.70 -27.70
C PRO E 514 8.53 -11.22 -27.83
N ALA E 515 7.82 -10.77 -28.85
CA ALA E 515 6.49 -11.27 -29.13
C ALA E 515 6.51 -12.72 -29.63
N LEU E 516 7.49 -13.06 -30.46
CA LEU E 516 7.67 -14.45 -30.91
C LEU E 516 7.96 -15.37 -29.73
N GLU E 517 8.82 -14.88 -28.84
CA GLU E 517 9.12 -15.61 -27.60
C GLU E 517 7.84 -15.88 -26.81
N ALA E 518 7.05 -14.85 -26.57
CA ALA E 518 5.81 -14.99 -25.81
C ALA E 518 4.81 -15.92 -26.50
N MET E 519 4.81 -15.94 -27.84
CA MET E 519 3.90 -16.81 -28.57
C MET E 519 4.27 -18.25 -28.43
N ARG E 520 5.58 -18.50 -28.50
CA ARG E 520 6.14 -19.85 -28.48
C ARG E 520 5.99 -20.46 -27.11
N LEU E 521 6.14 -19.65 -26.07
CA LEU E 521 6.10 -20.13 -24.68
C LEU E 521 4.73 -20.02 -24.00
N ALA E 522 4.05 -18.89 -24.19
CA ALA E 522 2.88 -18.56 -23.40
C ALA E 522 1.52 -18.85 -24.04
N SER E 523 1.44 -19.08 -25.34
CA SER E 523 0.18 -19.43 -26.01
C SER E 523 -0.57 -20.54 -25.30
N ASN E 524 -1.88 -20.56 -25.47
CA ASN E 524 -2.70 -21.52 -24.78
C ASN E 524 -2.84 -22.82 -25.54
N CYS E 525 -2.69 -22.81 -26.86
CA CYS E 525 -2.76 -24.03 -27.65
C CYS E 525 -1.66 -24.08 -28.71
N GLY E 526 -1.61 -25.20 -29.45
CA GLY E 526 -0.51 -25.48 -30.38
C GLY E 526 -0.48 -24.64 -31.63
N PHE E 527 -1.58 -23.95 -31.92
CA PHE E 527 -1.66 -22.98 -32.99
C PHE E 527 -0.77 -21.76 -32.72
N GLY E 528 -0.91 -21.17 -31.55
CA GLY E 528 -0.07 -20.03 -31.17
C GLY E 528 1.41 -20.39 -31.05
N LEU E 529 1.68 -21.66 -30.74
CA LEU E 529 3.08 -22.12 -30.65
C LEU E 529 3.67 -22.27 -32.05
N SER E 530 2.90 -22.82 -32.97
CA SER E 530 3.34 -22.98 -34.34
C SER E 530 3.50 -21.68 -35.10
N ALA E 531 2.54 -20.77 -34.98
CA ALA E 531 2.55 -19.52 -35.77
C ALA E 531 3.87 -18.73 -35.82
N GLY E 532 4.76 -18.91 -34.84
CA GLY E 532 6.06 -18.26 -34.89
C GLY E 532 7.05 -18.93 -35.82
N ASN E 533 6.68 -20.09 -36.32
CA ASN E 533 7.66 -20.98 -36.94
C ASN E 533 8.20 -20.47 -38.27
N PRO E 534 7.31 -20.01 -39.17
CA PRO E 534 7.79 -19.46 -40.42
C PRO E 534 8.89 -18.42 -40.28
N VAL E 535 8.72 -17.44 -39.42
CA VAL E 535 9.72 -16.38 -39.40
C VAL E 535 10.96 -16.82 -38.62
N ARG E 536 10.81 -17.79 -37.74
CA ARG E 536 11.96 -18.38 -37.05
C ARG E 536 12.86 -19.06 -38.08
N ASP E 537 12.23 -19.73 -39.03
CA ASP E 537 12.96 -20.45 -40.07
C ASP E 537 13.57 -19.50 -41.09
N LEU E 538 12.85 -18.43 -41.39
CA LEU E 538 13.32 -17.43 -42.32
C LEU E 538 14.59 -16.77 -41.80
N ILE E 539 14.63 -16.49 -40.49
CA ILE E 539 15.83 -15.92 -39.88
C ILE E 539 16.97 -16.94 -39.84
N ALA E 540 16.63 -18.20 -39.54
CA ALA E 540 17.65 -19.21 -39.30
C ALA E 540 18.33 -19.71 -40.58
N HIS E 541 17.60 -19.69 -41.69
CA HIS E 541 18.09 -20.28 -42.93
C HIS E 541 18.23 -19.29 -44.06
N PHE E 542 17.21 -18.47 -44.26
CA PHE E 542 17.17 -17.52 -45.37
C PHE E 542 17.54 -16.14 -44.87
N ARG E 543 18.49 -16.08 -43.95
CA ARG E 543 18.95 -14.83 -43.37
C ARG E 543 19.21 -13.80 -44.44
N GLN E 544 19.96 -14.19 -45.48
CA GLN E 544 20.40 -13.25 -46.52
C GLN E 544 19.26 -12.74 -47.41
N GLN E 545 18.30 -13.59 -47.70
CA GLN E 545 17.16 -13.21 -48.55
C GLN E 545 16.31 -12.16 -47.86
N LEU E 546 16.32 -12.20 -46.53
CA LEU E 546 15.60 -11.25 -45.71
C LEU E 546 16.41 -9.97 -45.51
N GLU E 547 17.71 -10.10 -45.28
CA GLU E 547 18.61 -8.93 -45.23
C GLU E 547 18.46 -8.09 -46.48
N ALA E 548 18.21 -8.77 -47.60
CA ALA E 548 18.06 -8.12 -48.90
C ALA E 548 16.79 -7.28 -49.06
N GLN E 549 15.85 -7.39 -48.13
CA GLN E 549 14.63 -6.56 -48.21
C GLN E 549 14.49 -5.63 -47.01
N LEU E 550 15.56 -5.52 -46.22
CA LEU E 550 15.64 -4.54 -45.14
C LEU E 550 16.40 -3.31 -45.64
N GLN E 551 15.77 -2.15 -45.51
CA GLN E 551 16.43 -0.92 -45.88
C GLN E 551 17.60 -0.70 -44.92
N PRO E 552 18.61 0.07 -45.34
CA PRO E 552 19.78 0.26 -44.48
C PRO E 552 19.57 1.32 -43.39
N HIS E 553 18.40 1.94 -43.34
CA HIS E 553 18.09 2.97 -42.33
C HIS E 553 17.88 2.34 -40.95
N ASP E 554 18.10 3.11 -39.89
CA ASP E 554 17.91 2.56 -38.54
C ASP E 554 16.43 2.53 -38.09
N PHE E 555 15.54 3.28 -38.75
CA PHE E 555 14.08 3.14 -38.60
C PHE E 555 13.32 3.87 -39.70
N ILE E 556 12.18 3.32 -40.11
CA ILE E 556 11.32 3.98 -41.10
C ILE E 556 9.87 3.74 -40.70
N PRO E 557 9.04 4.78 -40.81
CA PRO E 557 7.62 4.60 -40.53
C PRO E 557 6.99 3.44 -41.30
N ALA E 558 6.07 2.74 -40.64
CA ALA E 558 5.42 1.56 -41.18
C ALA E 558 4.23 1.90 -42.08
N PHE E 559 3.82 3.16 -42.07
CA PHE E 559 2.71 3.64 -42.88
C PHE E 559 3.22 4.72 -43.84
N SER E 560 2.63 4.79 -45.03
CA SER E 560 3.01 5.74 -46.11
C SER E 560 3.52 7.16 -45.79
N LEU E 561 2.94 7.80 -44.79
CA LEU E 561 3.15 9.22 -44.46
C LEU E 561 2.37 10.16 -45.35
N ASP E 562 1.86 9.67 -46.49
CA ASP E 562 0.90 10.41 -47.29
C ASP E 562 0.45 9.63 -48.51
N ALA E 563 -0.74 9.01 -48.54
CA ALA E 563 -1.57 8.53 -47.44
C ALA E 563 -1.97 9.53 -46.35
N GLU E 564 -1.28 9.53 -45.21
CA GLU E 564 -1.73 10.22 -44.00
C GLU E 564 -2.20 11.66 -44.25
N LEU E 565 -1.46 12.38 -45.08
CA LEU E 565 -1.85 13.74 -45.44
C LEU E 565 -2.88 13.82 -46.58
N ALA E 566 -3.25 12.69 -47.18
CA ALA E 566 -4.22 12.69 -48.27
C ALA E 566 -5.53 13.35 -47.83
N ALA E 567 -6.02 12.97 -46.66
CA ALA E 567 -7.30 13.45 -46.15
C ALA E 567 -7.34 14.98 -46.01
N THR E 568 -6.27 15.53 -45.44
CA THR E 568 -6.17 16.96 -45.19
C THR E 568 -5.77 17.73 -46.43
N ARG E 569 -4.99 17.11 -47.32
CA ARG E 569 -4.76 17.69 -48.65
C ARG E 569 -6.10 17.89 -49.39
N ARG E 570 -6.89 16.83 -49.52
CA ARG E 570 -8.22 16.94 -50.13
C ARG E 570 -9.00 18.15 -49.58
N LEU E 571 -9.01 18.29 -48.26
CA LEU E 571 -9.84 19.31 -47.58
C LEU E 571 -9.32 20.73 -47.80
N THR E 572 -8.07 20.98 -47.45
CA THR E 572 -7.48 22.33 -47.57
C THR E 572 -7.25 22.74 -49.02
N GLY E 573 -7.06 21.74 -49.88
CA GLY E 573 -6.85 21.94 -51.31
C GLY E 573 -5.40 22.17 -51.68
N ARG E 574 -4.46 21.67 -50.88
CA ARG E 574 -3.03 21.93 -51.12
C ARG E 574 -2.33 20.77 -51.85
N ASP E 575 -1.35 21.12 -52.70
CA ASP E 575 -0.42 20.14 -53.29
C ASP E 575 1.03 20.69 -53.37
N ASP E 576 1.31 21.78 -52.66
CA ASP E 576 2.68 22.31 -52.52
C ASP E 576 3.59 21.32 -51.79
N PRO E 577 4.93 21.47 -51.91
CA PRO E 577 5.84 20.56 -51.20
C PRO E 577 5.55 20.38 -49.71
N HIS E 578 5.34 21.50 -48.98
CA HIS E 578 5.05 21.47 -47.54
C HIS E 578 3.82 20.64 -47.15
N ALA E 579 2.97 20.26 -48.11
CA ALA E 579 1.82 19.40 -47.82
C ALA E 579 2.10 17.94 -48.20
N HIS E 580 3.38 17.58 -48.28
CA HIS E 580 3.86 16.24 -48.63
C HIS E 580 5.04 15.87 -47.74
N LEU E 581 5.10 14.62 -47.34
CA LEU E 581 6.20 14.14 -46.52
C LEU E 581 6.90 12.99 -47.20
N ALA E 582 8.21 12.94 -47.02
CA ALA E 582 9.00 11.83 -47.49
C ALA E 582 9.05 10.81 -46.38
N GLN E 583 9.21 9.55 -46.73
CA GLN E 583 9.75 8.57 -45.80
C GLN E 583 11.27 8.57 -45.90
N PHE E 584 11.96 7.63 -45.23
CA PHE E 584 13.43 7.54 -45.29
C PHE E 584 14.10 8.80 -44.71
N ALA F 9 -5.69 -29.76 3.80
CA ALA F 9 -4.45 -29.66 2.95
C ALA F 9 -3.51 -30.85 3.17
N SER F 10 -3.80 -31.98 2.51
CA SER F 10 -3.03 -33.20 2.71
C SER F 10 -1.60 -33.12 2.14
N GLU F 11 -1.50 -32.82 0.84
CA GLU F 11 -0.25 -32.95 0.07
C GLU F 11 0.57 -31.64 -0.04
N THR F 12 1.76 -31.74 -0.64
CA THR F 12 2.58 -30.55 -0.96
C THR F 12 3.39 -30.68 -2.28
N PHE F 13 3.75 -29.54 -2.86
CA PHE F 13 4.59 -29.44 -4.06
C PHE F 13 5.57 -28.30 -3.86
N THR F 14 6.53 -28.14 -4.79
CA THR F 14 7.58 -27.13 -4.67
C THR F 14 7.35 -25.92 -5.58
N LEU F 15 7.19 -24.76 -4.96
CA LEU F 15 7.10 -23.50 -5.67
C LEU F 15 8.28 -22.61 -5.30
N ASP F 16 9.29 -22.56 -6.16
CA ASP F 16 10.48 -21.73 -5.91
C ASP F 16 11.20 -22.18 -4.62
N GLU F 17 11.58 -23.46 -4.59
CA GLU F 17 12.31 -24.08 -3.46
C GLU F 17 11.55 -24.03 -2.12
N GLU F 18 10.22 -24.13 -2.20
CA GLU F 18 9.38 -24.02 -1.03
C GLU F 18 8.32 -25.10 -1.06
N SER F 19 8.15 -25.76 0.08
CA SER F 19 7.06 -26.70 0.24
C SER F 19 5.79 -25.86 0.34
N ILE F 20 4.81 -26.20 -0.49
CA ILE F 20 3.54 -25.47 -0.52
C ILE F 20 2.42 -26.50 -0.40
N PRO F 21 1.59 -26.38 0.65
CA PRO F 21 0.49 -27.32 0.87
C PRO F 21 -0.57 -27.24 -0.21
N PHE F 22 -1.22 -28.34 -0.51
CA PHE F 22 -2.31 -28.31 -1.48
C PHE F 22 -3.40 -29.35 -1.26
N VAL F 23 -4.64 -28.92 -1.48
CA VAL F 23 -5.79 -29.83 -1.51
C VAL F 23 -5.91 -30.35 -2.94
N PRO F 24 -5.77 -31.67 -3.12
CA PRO F 24 -5.94 -32.14 -4.50
C PRO F 24 -7.42 -31.99 -4.89
N GLY F 25 -7.75 -31.65 -6.13
CA GLY F 25 -6.82 -31.13 -7.14
C GLY F 25 -7.09 -29.65 -7.36
N GLN F 26 -6.62 -28.81 -6.44
CA GLN F 26 -6.42 -27.42 -6.76
C GLN F 26 -5.40 -27.33 -7.89
N THR F 27 -5.41 -26.21 -8.60
CA THR F 27 -4.32 -25.84 -9.51
C THR F 27 -3.16 -25.22 -8.73
N VAL F 28 -2.01 -25.12 -9.39
CA VAL F 28 -0.85 -24.50 -8.77
C VAL F 28 -1.19 -23.07 -8.36
N LEU F 29 -1.86 -22.34 -9.25
CA LEU F 29 -2.20 -20.94 -8.99
C LEU F 29 -3.07 -20.85 -7.74
N GLU F 30 -4.06 -21.73 -7.62
CA GLU F 30 -4.98 -21.69 -6.51
C GLU F 30 -4.26 -21.95 -5.21
N ALA F 31 -3.42 -22.98 -5.22
CA ALA F 31 -2.71 -23.43 -4.03
C ALA F 31 -1.67 -22.41 -3.59
N ALA F 32 -0.96 -21.82 -4.54
CA ALA F 32 0.01 -20.77 -4.21
C ALA F 32 -0.63 -19.57 -3.52
N LEU F 33 -1.76 -19.12 -4.03
CA LEU F 33 -2.42 -17.92 -3.51
C LEU F 33 -3.05 -18.16 -2.16
N ALA F 34 -3.58 -19.36 -1.95
CA ALA F 34 -4.07 -19.80 -0.63
C ALA F 34 -2.96 -19.75 0.42
N ALA F 35 -1.74 -20.13 0.01
CA ALA F 35 -0.59 -20.10 0.87
C ALA F 35 0.03 -18.70 1.03
N GLY F 36 -0.56 -17.68 0.41
CA GLY F 36 -0.03 -16.32 0.48
C GLY F 36 1.22 -16.09 -0.35
N ARG F 37 1.37 -16.83 -1.45
CA ARG F 37 2.49 -16.66 -2.38
C ARG F 37 2.00 -16.18 -3.76
N TYR F 38 2.05 -14.90 -4.00
CA TYR F 38 1.43 -14.33 -5.21
C TYR F 38 2.11 -14.75 -6.55
N ILE F 39 1.29 -14.95 -7.58
CA ILE F 39 1.77 -15.17 -8.96
C ILE F 39 0.97 -14.27 -9.91
N PRO F 40 1.64 -13.48 -10.77
CA PRO F 40 0.86 -12.63 -11.67
C PRO F 40 -0.32 -13.35 -12.32
N HIS F 41 -1.50 -12.75 -12.23
CA HIS F 41 -2.69 -13.23 -12.91
C HIS F 41 -3.71 -12.10 -13.17
N LEU F 42 -4.58 -12.32 -14.14
CA LEU F 42 -5.61 -11.37 -14.51
C LEU F 42 -6.99 -11.99 -14.62
N CYS F 43 -7.11 -13.03 -15.44
CA CYS F 43 -8.41 -13.60 -15.74
C CYS F 43 -8.89 -14.59 -14.69
N TRP F 44 -7.98 -15.09 -13.86
CA TRP F 44 -8.38 -15.88 -12.70
C TRP F 44 -9.11 -15.05 -11.65
N HIS F 45 -10.06 -15.66 -10.97
CA HIS F 45 -10.82 -14.98 -9.97
C HIS F 45 -11.34 -16.04 -9.03
N PRO F 46 -11.32 -15.79 -7.71
CA PRO F 46 -11.79 -16.78 -6.72
C PRO F 46 -13.20 -17.37 -6.97
N GLU F 47 -14.20 -16.53 -7.21
CA GLU F 47 -15.56 -17.01 -7.50
C GLU F 47 -15.72 -17.62 -8.88
N MET F 48 -15.09 -17.04 -9.89
CA MET F 48 -15.32 -17.47 -11.28
C MET F 48 -14.23 -18.39 -11.77
N GLY F 49 -13.33 -18.82 -10.88
CA GLY F 49 -12.24 -19.73 -11.27
C GLY F 49 -11.42 -19.27 -12.47
N ASN F 50 -10.78 -20.23 -13.13
CA ASN F 50 -9.83 -19.97 -14.22
C ASN F 50 -10.52 -19.61 -15.54
N HIS F 51 -9.71 -19.27 -16.55
CA HIS F 51 -10.24 -18.91 -17.86
C HIS F 51 -9.16 -19.22 -18.86
N GLY F 52 -7.95 -18.69 -18.66
CA GLY F 52 -6.79 -19.06 -19.48
C GLY F 52 -6.46 -18.19 -20.70
N SER F 53 -6.79 -16.89 -20.63
CA SER F 53 -6.67 -15.98 -21.75
C SER F 53 -5.56 -14.99 -21.56
N CYS F 54 -5.32 -14.60 -20.33
CA CYS F 54 -4.36 -13.50 -20.13
C CYS F 54 -2.91 -13.98 -20.35
N ARG F 55 -2.61 -15.13 -19.75
CA ARG F 55 -1.32 -15.86 -19.80
C ARG F 55 -0.30 -15.30 -18.87
N LEU F 56 -0.70 -14.42 -17.96
CA LEU F 56 0.25 -13.83 -17.01
C LEU F 56 0.67 -14.86 -15.95
N CYS F 57 -0.18 -15.86 -15.72
CA CYS F 57 0.09 -16.83 -14.69
C CYS F 57 1.18 -17.83 -15.06
N VAL F 58 1.54 -17.92 -16.33
CA VAL F 58 2.52 -18.93 -16.78
C VAL F 58 3.75 -19.18 -15.86
N VAL F 59 4.16 -20.45 -15.83
CA VAL F 59 5.26 -20.96 -14.97
C VAL F 59 6.00 -22.10 -15.68
N GLU F 60 7.20 -22.42 -15.20
CA GLU F 60 8.01 -23.53 -15.77
C GLU F 60 7.70 -24.78 -14.96
N ALA F 61 7.42 -25.87 -15.67
CA ALA F 61 7.12 -27.15 -15.05
C ALA F 61 6.98 -28.23 -16.12
N ASN F 62 7.77 -29.31 -16.00
CA ASN F 62 7.62 -30.53 -16.81
C ASN F 62 7.94 -30.52 -18.32
N GLY F 63 9.06 -29.93 -18.75
CA GLY F 63 9.84 -28.93 -18.05
C GLY F 63 9.71 -27.72 -18.97
N ARG F 64 8.46 -27.35 -19.21
CA ARG F 64 8.08 -26.33 -20.19
C ARG F 64 7.24 -25.27 -19.49
N ILE F 65 6.89 -24.22 -20.24
CA ILE F 65 6.11 -23.11 -19.72
C ILE F 65 4.63 -23.33 -19.97
N GLN F 66 3.83 -23.17 -18.92
CA GLN F 66 2.39 -23.41 -19.00
C GLN F 66 1.64 -22.62 -17.93
N ALA F 67 0.34 -22.47 -18.16
CA ALA F 67 -0.51 -21.67 -17.30
C ALA F 67 -0.69 -22.32 -15.95
N SER F 68 -0.32 -21.63 -14.88
CA SER F 68 -0.55 -22.17 -13.55
C SER F 68 -2.04 -22.18 -13.10
N CYS F 69 -2.94 -21.57 -13.87
CA CYS F 69 -4.36 -21.57 -13.55
C CYS F 69 -5.03 -22.85 -14.05
N ALA F 70 -4.32 -23.57 -14.92
CA ALA F 70 -4.77 -24.85 -15.47
C ALA F 70 -3.90 -26.02 -15.00
N LEU F 71 -2.71 -25.72 -14.49
CA LEU F 71 -1.78 -26.75 -14.05
C LEU F 71 -2.23 -27.36 -12.71
N PRO F 72 -2.58 -28.65 -12.73
CA PRO F 72 -3.01 -29.26 -11.49
C PRO F 72 -1.83 -29.59 -10.60
N ALA F 73 -1.93 -29.19 -9.33
CA ALA F 73 -0.98 -29.60 -8.31
C ALA F 73 -0.87 -31.13 -8.26
N GLN F 74 0.37 -31.60 -8.22
CA GLN F 74 0.69 -32.99 -7.96
C GLN F 74 1.60 -33.04 -6.75
N PRO F 75 1.62 -34.17 -6.03
CA PRO F 75 2.58 -34.28 -4.92
C PRO F 75 4.00 -34.16 -5.46
N GLY F 76 4.79 -33.26 -4.84
CA GLY F 76 6.20 -33.05 -5.19
C GLY F 76 6.43 -32.56 -6.61
N LEU F 77 5.51 -31.74 -7.13
CA LEU F 77 5.69 -31.09 -8.42
C LEU F 77 6.67 -29.93 -8.29
N GLN F 78 7.58 -29.81 -9.25
CA GLN F 78 8.65 -28.82 -9.18
C GLN F 78 8.35 -27.63 -10.09
N VAL F 79 8.15 -26.46 -9.45
CA VAL F 79 7.60 -25.29 -10.14
C VAL F 79 8.44 -24.03 -9.98
N VAL F 80 8.75 -23.38 -11.09
CA VAL F 80 9.42 -22.08 -11.05
C VAL F 80 8.42 -21.00 -11.48
N SER F 81 8.18 -20.02 -10.61
CA SER F 81 7.35 -18.87 -10.96
C SER F 81 8.14 -17.59 -11.23
N LYS F 82 9.33 -17.46 -10.64
CA LYS F 82 10.16 -16.25 -10.81
C LYS F 82 11.49 -16.57 -11.52
N SER F 83 11.59 -16.22 -12.80
CA SER F 83 12.87 -16.24 -13.52
C SER F 83 12.96 -15.02 -14.44
N GLU F 84 14.11 -14.81 -15.06
CA GLU F 84 14.27 -13.75 -16.02
C GLU F 84 13.37 -13.99 -17.23
N THR F 85 13.27 -15.23 -17.67
CA THR F 85 12.42 -15.57 -18.82
C THR F 85 10.96 -15.31 -18.51
N LEU F 86 10.54 -15.67 -17.30
CA LEU F 86 9.13 -15.50 -16.95
C LEU F 86 8.78 -14.00 -16.83
N THR F 87 9.70 -13.19 -16.32
CA THR F 87 9.46 -11.77 -16.17
C THR F 87 9.44 -11.08 -17.52
N ARG F 88 10.28 -11.53 -18.43
CA ARG F 88 10.27 -11.02 -19.80
C ARG F 88 8.96 -11.39 -20.54
N VAL F 89 8.58 -12.66 -20.51
CA VAL F 89 7.37 -13.11 -21.19
C VAL F 89 6.11 -12.36 -20.72
N ARG F 90 6.00 -12.16 -19.41
CA ARG F 90 4.92 -11.37 -18.87
C ARG F 90 4.99 -9.91 -19.31
N ARG F 91 6.15 -9.26 -19.10
CA ARG F 91 6.34 -7.90 -19.54
C ARG F 91 5.80 -7.80 -20.96
N THR F 92 6.23 -8.72 -21.81
CA THR F 92 5.82 -8.68 -23.19
C THR F 92 4.29 -8.76 -23.29
N LEU F 93 3.65 -9.67 -22.56
CA LEU F 93 2.20 -9.79 -22.63
C LEU F 93 1.52 -8.48 -22.20
N LEU F 94 2.09 -7.83 -21.21
CA LEU F 94 1.53 -6.57 -20.76
C LEU F 94 1.65 -5.50 -21.86
N GLU F 95 2.74 -5.50 -22.60
CA GLU F 95 2.88 -4.61 -23.75
C GLU F 95 1.88 -4.93 -24.86
N MET F 96 1.51 -6.20 -24.99
CA MET F 96 0.56 -6.61 -26.03
C MET F 96 -0.85 -6.11 -25.73
N LEU F 97 -1.24 -6.22 -24.47
CA LEU F 97 -2.58 -5.82 -24.06
C LEU F 97 -2.73 -4.32 -24.12
N PHE F 98 -1.71 -3.60 -23.67
CA PHE F 98 -1.68 -2.16 -23.78
C PHE F 98 -1.65 -1.72 -25.25
N ALA F 99 -0.76 -2.31 -26.05
CA ALA F 99 -0.71 -1.97 -27.49
C ALA F 99 -2.05 -2.19 -28.19
N GLU F 100 -2.65 -3.35 -27.92
CA GLU F 100 -3.94 -3.75 -28.51
C GLU F 100 -5.11 -2.80 -28.33
N GLY F 101 -5.27 -2.22 -27.15
CA GLY F 101 -6.38 -1.32 -26.86
C GLY F 101 -5.94 0.13 -26.67
N ASN F 102 -6.90 0.98 -26.34
CA ASN F 102 -6.63 2.37 -26.08
C ASN F 102 -6.58 2.52 -24.58
N HIS F 103 -5.42 2.23 -24.02
CA HIS F 103 -5.15 2.49 -22.62
C HIS F 103 -4.38 3.81 -22.41
N PHE F 104 -5.17 4.85 -22.61
CA PHE F 104 -4.93 6.19 -22.18
C PHE F 104 -5.33 6.36 -20.73
N CYS F 105 -4.58 5.77 -19.80
CA CYS F 105 -4.91 5.91 -18.39
C CYS F 105 -5.20 7.35 -17.91
N PRO F 106 -4.55 8.39 -18.50
CA PRO F 106 -4.80 9.76 -17.99
C PRO F 106 -6.26 10.27 -18.00
N GLY F 107 -7.13 9.61 -18.74
CA GLY F 107 -8.54 9.95 -18.74
C GLY F 107 -9.43 8.75 -18.54
N CYS F 108 -8.87 7.70 -17.93
CA CYS F 108 -9.60 6.50 -17.56
C CYS F 108 -9.97 6.61 -16.10
N GLU F 109 -11.25 6.29 -15.83
CA GLU F 109 -11.78 6.45 -14.51
C GLU F 109 -11.36 5.28 -13.63
N LYS F 110 -10.72 4.26 -14.19
CA LYS F 110 -10.14 3.21 -13.33
C LYS F 110 -8.64 3.38 -13.07
N SER F 111 -8.04 4.51 -13.43
CA SER F 111 -6.62 4.65 -13.13
C SER F 111 -6.42 4.53 -11.63
N GLY F 112 -5.47 3.69 -11.23
CA GLY F 112 -5.19 3.44 -9.82
C GLY F 112 -6.13 2.44 -9.17
N ASP F 113 -7.13 2.00 -9.93
CA ASP F 113 -8.13 1.07 -9.43
C ASP F 113 -8.25 -0.07 -10.47
N CYS F 114 -7.15 -0.33 -11.18
CA CYS F 114 -7.14 -1.17 -12.39
C CYS F 114 -5.99 -2.18 -12.32
N LEU F 115 -6.30 -3.44 -12.52
CA LEU F 115 -5.38 -4.55 -12.29
C LEU F 115 -4.33 -4.62 -13.37
N LEU F 116 -4.75 -4.39 -14.62
CA LEU F 116 -3.85 -4.38 -15.74
C LEU F 116 -2.76 -3.34 -15.50
N GLN F 117 -3.19 -2.11 -15.19
CA GLN F 117 -2.27 -1.04 -14.90
C GLN F 117 -1.38 -1.50 -13.77
N ALA F 118 -1.95 -2.02 -12.68
CA ALA F 118 -1.10 -2.31 -11.51
C ALA F 118 -0.09 -3.39 -11.80
N LEU F 119 -0.49 -4.39 -12.59
CA LEU F 119 0.47 -5.39 -13.02
C LEU F 119 1.62 -4.80 -13.83
N ALA F 120 1.31 -3.79 -14.63
CA ALA F 120 2.29 -3.17 -15.47
C ALA F 120 3.33 -2.43 -14.62
N TYR F 121 2.86 -1.69 -13.62
CA TYR F 121 3.76 -0.98 -12.71
C TYR F 121 4.64 -1.97 -12.01
N ALA F 122 4.06 -3.08 -11.60
CA ALA F 122 4.80 -4.09 -10.85
C ALA F 122 5.86 -4.79 -11.71
N HIS F 123 5.69 -4.81 -13.03
CA HIS F 123 6.70 -5.39 -13.92
C HIS F 123 7.56 -4.29 -14.49
N GLY F 124 7.62 -3.16 -13.76
CA GLY F 124 8.27 -1.93 -14.20
C GLY F 124 8.06 -1.56 -15.64
N MET F 125 6.90 -1.89 -16.21
CA MET F 125 6.62 -1.54 -17.59
C MET F 125 6.72 -0.02 -17.72
N THR F 126 7.40 0.41 -18.75
CA THR F 126 7.70 1.81 -18.91
C THR F 126 6.81 2.30 -20.07
N ALA F 127 6.79 1.54 -21.15
CA ALA F 127 5.90 1.77 -22.27
C ALA F 127 5.77 0.50 -23.06
N SER F 128 4.66 0.35 -23.76
CA SER F 128 4.47 -0.81 -24.62
C SER F 128 5.29 -0.51 -25.85
N HIS F 129 6.21 -1.41 -26.17
CA HIS F 129 7.13 -1.19 -27.28
C HIS F 129 6.53 -1.54 -28.64
N PHE F 130 5.22 -1.77 -28.72
CA PHE F 130 4.58 -2.08 -30.00
C PHE F 130 3.79 -0.89 -30.56
N ASP F 131 3.72 -0.84 -31.89
CA ASP F 131 2.80 0.05 -32.59
C ASP F 131 1.40 -0.22 -32.02
N PRO F 132 0.71 0.86 -31.58
CA PRO F 132 -0.69 0.78 -31.16
C PRO F 132 -1.63 0.29 -32.27
N PHE F 133 -2.72 -0.36 -31.89
CA PHE F 133 -3.69 -0.86 -32.87
C PHE F 133 -4.79 0.16 -33.08
N TYR F 134 -4.90 1.13 -32.17
CA TYR F 134 -5.95 2.16 -32.20
C TYR F 134 -7.27 1.63 -32.70
N PRO F 135 -7.81 0.58 -32.04
CA PRO F 135 -9.12 0.04 -32.43
C PRO F 135 -10.20 1.09 -32.37
N GLN F 136 -11.33 0.84 -33.00
CA GLN F 136 -12.33 1.86 -33.21
C GLN F 136 -13.73 1.35 -32.87
N ARG F 137 -13.83 0.71 -31.71
CA ARG F 137 -15.08 0.11 -31.29
C ARG F 137 -15.93 1.16 -30.61
N ARG F 138 -17.22 0.96 -30.65
CA ARG F 138 -18.13 1.96 -30.16
C ARG F 138 -18.46 1.72 -28.70
N ILE F 139 -18.47 2.81 -27.95
CA ILE F 139 -19.00 2.81 -26.60
C ILE F 139 -20.48 2.43 -26.61
N ASP F 140 -20.92 1.76 -25.54
CA ASP F 140 -22.31 1.40 -25.41
C ASP F 140 -22.83 1.99 -24.13
N ALA F 141 -23.55 3.11 -24.26
CA ALA F 141 -24.08 3.75 -23.07
C ALA F 141 -25.58 3.64 -23.05
N SER F 142 -26.09 2.50 -23.51
CA SER F 142 -27.53 2.29 -23.65
C SER F 142 -28.19 1.85 -22.36
N HIS F 143 -27.44 1.16 -21.51
CA HIS F 143 -27.95 0.77 -20.21
C HIS F 143 -28.10 2.03 -19.31
N PRO F 144 -29.19 2.10 -18.52
CA PRO F 144 -29.36 3.28 -17.66
C PRO F 144 -28.28 3.47 -16.60
N ASP F 145 -27.77 2.38 -16.02
CA ASP F 145 -26.79 2.42 -14.91
C ASP F 145 -25.35 1.98 -15.25
N LEU F 146 -25.08 1.73 -16.53
CA LEU F 146 -23.82 1.09 -16.87
C LEU F 146 -23.36 1.52 -18.24
N TRP F 147 -22.04 1.56 -18.42
CA TRP F 147 -21.50 1.85 -19.72
C TRP F 147 -20.26 1.02 -19.97
N LEU F 148 -19.99 0.80 -21.26
CA LEU F 148 -18.96 -0.12 -21.72
C LEU F 148 -18.06 0.52 -22.74
N ASP F 149 -16.80 0.79 -22.38
CA ASP F 149 -15.77 1.18 -23.35
C ASP F 149 -15.05 -0.09 -23.80
N PRO F 150 -15.22 -0.49 -25.05
CA PRO F 150 -14.68 -1.79 -25.41
C PRO F 150 -13.26 -1.75 -25.86
N ASN F 151 -12.70 -0.55 -25.97
CA ASN F 151 -11.34 -0.37 -26.42
C ASN F 151 -10.37 -0.53 -25.29
N ARG F 152 -10.91 -0.66 -24.08
CA ARG F 152 -10.15 -0.98 -22.86
C ARG F 152 -10.26 -2.44 -22.44
N CYS F 153 -11.19 -3.18 -23.05
CA CYS F 153 -11.51 -4.53 -22.66
C CYS F 153 -10.43 -5.50 -23.00
N ILE F 154 -10.03 -6.32 -22.03
CA ILE F 154 -8.93 -7.27 -22.23
C ILE F 154 -9.38 -8.70 -22.47
N LEU F 155 -10.70 -8.90 -22.64
CA LEU F 155 -11.27 -10.23 -22.89
C LEU F 155 -10.85 -11.23 -21.82
N CYS F 156 -10.98 -10.83 -20.55
CA CYS F 156 -10.78 -11.76 -19.44
C CYS F 156 -11.98 -12.68 -19.32
N GLY F 157 -13.15 -12.19 -19.70
CA GLY F 157 -14.34 -13.00 -19.70
C GLY F 157 -14.99 -13.10 -18.34
N LEU F 158 -14.56 -12.29 -17.37
CA LEU F 158 -15.18 -12.35 -16.03
C LEU F 158 -16.63 -11.89 -16.06
N CYS F 159 -16.90 -10.79 -16.78
CA CYS F 159 -18.25 -10.32 -16.94
C CYS F 159 -19.15 -11.41 -17.56
N VAL F 160 -18.64 -12.14 -18.55
CA VAL F 160 -19.41 -13.21 -19.16
C VAL F 160 -19.76 -14.27 -18.12
N ARG F 161 -18.72 -14.87 -17.52
CA ARG F 161 -18.88 -15.94 -16.52
C ARG F 161 -19.80 -15.52 -15.40
N ALA F 162 -19.54 -14.36 -14.83
CA ALA F 162 -20.41 -13.84 -13.78
C ALA F 162 -21.91 -13.85 -14.20
N SER F 163 -22.20 -13.47 -15.44
CA SER F 163 -23.57 -13.35 -15.91
C SER F 163 -24.23 -14.70 -16.24
N LEU F 164 -23.47 -15.63 -16.79
CA LEU F 164 -23.95 -16.99 -17.00
C LEU F 164 -24.33 -17.54 -15.64
N ALA F 165 -23.41 -17.45 -14.68
CA ALA F 165 -23.62 -18.07 -13.37
C ALA F 165 -24.84 -17.56 -12.63
N GLU F 166 -25.20 -16.29 -12.78
CA GLU F 166 -26.35 -15.77 -12.05
C GLU F 166 -27.60 -15.78 -12.90
N GLY F 167 -27.48 -16.25 -14.16
CA GLY F 167 -28.64 -16.62 -14.98
C GLY F 167 -29.07 -15.58 -16.00
N LYS F 168 -28.45 -14.42 -15.98
CA LYS F 168 -28.86 -13.34 -16.86
C LYS F 168 -28.37 -13.52 -18.31
N GLU F 169 -27.20 -14.17 -18.48
CA GLU F 169 -26.66 -14.45 -19.81
C GLU F 169 -26.56 -13.20 -20.68
N ALA F 170 -26.16 -12.07 -20.09
CA ALA F 170 -26.22 -10.78 -20.79
C ALA F 170 -25.12 -10.57 -21.78
N LEU F 171 -23.98 -11.23 -21.58
CA LEU F 171 -22.78 -10.94 -22.38
C LEU F 171 -22.15 -12.18 -23.03
N VAL F 172 -21.30 -11.93 -24.01
CA VAL F 172 -20.62 -12.99 -24.74
C VAL F 172 -19.47 -12.39 -25.55
N ILE F 173 -18.39 -13.13 -25.67
CA ILE F 173 -17.28 -12.72 -26.53
C ILE F 173 -17.47 -13.36 -27.89
N GLY F 174 -17.53 -12.53 -28.92
CA GLY F 174 -17.75 -13.00 -30.28
C GLY F 174 -16.66 -12.49 -31.20
N GLY F 175 -16.65 -13.06 -32.41
CA GLY F 175 -15.63 -12.76 -33.40
C GLY F 175 -14.49 -13.75 -33.32
N ARG F 176 -13.60 -13.67 -34.30
CA ARG F 176 -12.38 -14.44 -34.31
C ARG F 176 -11.20 -13.47 -34.28
N GLY F 177 -10.04 -13.97 -33.91
CA GLY F 177 -8.80 -13.21 -34.04
C GLY F 177 -8.87 -11.88 -33.34
N ILE F 178 -8.11 -10.92 -33.84
CA ILE F 178 -8.07 -9.58 -33.29
C ILE F 178 -9.45 -8.90 -33.33
N ALA F 179 -10.38 -9.45 -34.11
CA ALA F 179 -11.77 -8.95 -34.15
C ALA F 179 -12.56 -9.28 -32.90
N SER F 180 -12.04 -10.18 -32.08
CA SER F 180 -12.74 -10.60 -30.87
C SER F 180 -13.06 -9.42 -30.00
N ARG F 181 -14.33 -9.29 -29.62
CA ARG F 181 -14.78 -8.20 -28.78
C ARG F 181 -15.93 -8.67 -27.90
N LEU F 182 -16.18 -7.95 -26.80
CA LEU F 182 -17.32 -8.26 -25.92
C LEU F 182 -18.61 -7.76 -26.54
N LEU F 183 -19.62 -8.63 -26.57
CA LEU F 183 -20.94 -8.31 -27.14
C LEU F 183 -22.09 -8.57 -26.17
N ALA F 184 -23.14 -7.74 -26.27
CA ALA F 184 -24.38 -7.95 -25.53
C ALA F 184 -25.17 -9.04 -26.24
N THR F 185 -25.83 -9.92 -25.49
CA THR F 185 -26.58 -11.03 -26.13
C THR F 185 -27.99 -10.64 -26.59
N SER F 186 -28.37 -9.38 -26.49
CA SER F 186 -29.69 -8.92 -26.89
C SER F 186 -29.85 -8.92 -28.40
N ALA F 187 -31.08 -9.07 -28.86
CA ALA F 187 -31.34 -9.11 -30.30
C ALA F 187 -30.85 -7.83 -30.98
N SER F 188 -30.94 -6.69 -30.28
CA SER F 188 -30.49 -5.39 -30.81
C SER F 188 -28.97 -5.10 -30.64
N GLY F 189 -28.26 -5.94 -29.85
CA GLY F 189 -26.84 -5.75 -29.57
C GLY F 189 -26.53 -4.66 -28.54
N ARG F 190 -27.54 -4.27 -27.78
CA ARG F 190 -27.40 -3.14 -26.87
C ARG F 190 -27.53 -3.64 -25.46
N LEU F 191 -26.56 -3.36 -24.61
CA LEU F 191 -26.61 -3.78 -23.20
C LEU F 191 -27.94 -3.49 -22.56
N GLY F 192 -28.56 -2.35 -22.90
CA GLY F 192 -29.84 -1.94 -22.30
C GLY F 192 -31.00 -2.88 -22.57
N ASP F 193 -30.90 -3.65 -23.65
CA ASP F 193 -31.91 -4.62 -24.04
C ASP F 193 -31.67 -6.02 -23.49
N THR F 194 -30.56 -6.22 -22.80
CA THR F 194 -30.33 -7.46 -22.07
C THR F 194 -30.89 -7.33 -20.67
N ALA F 195 -30.83 -8.43 -19.92
CA ALA F 195 -31.34 -8.47 -18.57
C ALA F 195 -30.34 -7.99 -17.55
N LEU F 196 -29.19 -7.50 -18.00
CA LEU F 196 -28.19 -7.01 -17.09
C LEU F 196 -28.76 -5.93 -16.19
N ALA F 197 -28.45 -6.04 -14.90
CA ALA F 197 -28.83 -5.02 -13.91
C ALA F 197 -27.60 -4.59 -13.09
N ALA F 198 -27.60 -3.34 -12.61
CA ALA F 198 -26.53 -2.81 -11.75
C ALA F 198 -26.24 -3.63 -10.49
N THR F 199 -27.19 -4.49 -10.10
CA THR F 199 -27.02 -5.33 -8.92
C THR F 199 -26.30 -6.62 -9.25
N ASP F 200 -26.23 -6.92 -10.53
CA ASP F 200 -25.70 -8.21 -10.96
C ASP F 200 -24.23 -8.32 -10.60
N ARG F 201 -23.78 -9.55 -10.34
CA ARG F 201 -22.38 -9.80 -10.01
C ARG F 201 -21.51 -9.34 -11.16
N ALA F 202 -21.98 -9.59 -12.38
CA ALA F 202 -21.27 -9.19 -13.59
C ALA F 202 -21.04 -7.68 -13.67
N ALA F 203 -21.93 -6.90 -13.07
CA ALA F 203 -21.93 -5.46 -13.30
C ALA F 203 -20.70 -4.84 -12.72
N ARG F 204 -20.13 -5.44 -11.69
CA ARG F 204 -19.08 -4.82 -10.94
C ARG F 204 -17.75 -5.58 -11.01
N ILE F 205 -17.67 -6.61 -11.84
CA ILE F 205 -16.54 -7.57 -11.78
C ILE F 205 -15.38 -7.24 -12.75
N CYS F 206 -15.61 -6.39 -13.73
CA CYS F 206 -14.53 -6.04 -14.65
C CYS F 206 -13.35 -5.50 -13.89
N PRO F 207 -12.15 -6.04 -14.11
CA PRO F 207 -10.93 -5.66 -13.42
C PRO F 207 -10.16 -4.49 -14.05
N VAL F 208 -10.59 -4.04 -15.22
CA VAL F 208 -10.05 -2.84 -15.86
C VAL F 208 -11.17 -1.79 -16.10
N GLY F 209 -10.97 -0.83 -16.98
CA GLY F 209 -11.95 0.27 -17.19
C GLY F 209 -12.96 0.06 -18.31
N ALA F 210 -13.19 -1.19 -18.67
CA ALA F 210 -14.10 -1.51 -19.75
C ALA F 210 -15.53 -1.34 -19.32
N LEU F 211 -16.00 -2.19 -18.40
CA LEU F 211 -17.40 -2.20 -17.97
C LEU F 211 -17.57 -1.44 -16.66
N ASN F 212 -18.29 -0.34 -16.68
CA ASN F 212 -18.36 0.50 -15.52
C ASN F 212 -19.78 0.92 -15.20
N PHE F 213 -19.99 1.20 -13.92
CA PHE F 213 -21.11 1.99 -13.46
C PHE F 213 -21.10 3.39 -14.09
N LYS F 214 -22.29 3.96 -14.26
CA LYS F 214 -22.39 5.32 -14.74
C LYS F 214 -22.31 6.30 -13.57
N ALA F 215 -21.51 7.37 -13.77
CA ALA F 215 -21.41 8.52 -12.84
C ALA F 215 -20.93 8.09 -11.47
N ALA F 216 -19.84 7.36 -11.46
CA ALA F 216 -19.25 6.87 -10.25
C ALA F 216 -17.77 6.83 -10.52
N GLY F 217 -17.25 7.95 -11.00
CA GLY F 217 -15.90 8.00 -11.50
C GLY F 217 -15.19 9.20 -10.94
N PHE F 218 -13.95 8.99 -10.53
CA PHE F 218 -13.15 10.03 -9.93
C PHE F 218 -13.72 10.47 -8.58
N THR F 219 -14.19 9.49 -7.81
CA THR F 219 -14.72 9.73 -6.50
C THR F 219 -13.64 9.50 -5.45
N THR F 220 -12.51 8.94 -5.85
CA THR F 220 -11.45 8.59 -4.93
C THR F 220 -10.17 9.42 -5.18
N PRO F 221 -9.72 10.16 -4.16
CA PRO F 221 -8.55 10.99 -4.32
C PRO F 221 -7.36 10.22 -4.78
N ILE F 222 -6.50 10.90 -5.53
CA ILE F 222 -5.24 10.30 -5.94
C ILE F 222 -4.43 10.14 -4.68
N GLY F 223 -3.82 8.97 -4.52
CA GLY F 223 -3.13 8.62 -3.26
C GLY F 223 -3.84 7.55 -2.45
N LYS F 224 -5.15 7.41 -2.67
CA LYS F 224 -5.99 6.57 -1.85
C LYS F 224 -6.78 5.54 -2.67
N ARG F 225 -6.36 5.35 -3.92
CA ARG F 225 -7.00 4.43 -4.79
C ARG F 225 -6.52 3.01 -4.53
N ARG F 226 -7.42 2.07 -4.84
CA ARG F 226 -7.24 0.67 -4.54
C ARG F 226 -5.76 0.30 -4.62
N PHE F 227 -5.12 0.55 -5.77
CA PHE F 227 -3.71 0.12 -6.02
C PHE F 227 -2.62 1.14 -5.79
N ASP F 228 -2.93 2.31 -5.23
CA ASP F 228 -1.96 3.43 -5.09
C ASP F 228 -0.85 3.07 -4.12
N HIS F 229 0.32 2.75 -4.67
CA HIS F 229 1.45 2.29 -3.90
C HIS F 229 1.23 0.93 -3.20
N ARG F 230 0.35 0.11 -3.80
CA ARG F 230 0.10 -1.27 -3.35
C ARG F 230 0.08 -2.15 -4.56
N PRO F 231 1.18 -2.85 -4.87
CA PRO F 231 1.05 -3.84 -5.94
C PRO F 231 0.08 -4.98 -5.55
N PRO F 232 -0.37 -5.77 -6.53
CA PRO F 232 -1.28 -6.86 -6.24
C PRO F 232 -0.79 -7.81 -5.14
N GLU F 233 0.51 -8.06 -5.09
CA GLU F 233 1.15 -8.91 -4.08
C GLU F 233 0.80 -8.49 -2.65
N ALA F 234 0.64 -7.18 -2.43
CA ALA F 234 0.49 -6.62 -1.08
C ALA F 234 -0.96 -6.51 -0.62
N MET F 235 -1.90 -7.04 -1.40
CA MET F 235 -3.31 -6.86 -1.08
C MET F 235 -3.96 -8.13 -0.59
N SER F 236 -4.98 -7.96 0.24
CA SER F 236 -5.86 -9.06 0.60
C SER F 236 -6.76 -9.41 -0.58
N ASP F 237 -7.45 -10.54 -0.48
CA ASP F 237 -8.37 -10.98 -1.54
C ASP F 237 -9.66 -10.11 -1.61
N LYS F 238 -10.04 -9.52 -0.48
CA LYS F 238 -11.11 -8.52 -0.48
C LYS F 238 -10.84 -7.44 -1.50
N GLU F 239 -9.66 -6.79 -1.35
CA GLU F 239 -9.28 -5.61 -2.15
C GLU F 239 -8.66 -5.96 -3.49
N ARG F 240 -7.99 -7.11 -3.60
CA ARG F 240 -7.36 -7.45 -4.87
C ARG F 240 -8.38 -7.67 -5.97
N TYR F 241 -9.52 -8.29 -5.61
CA TYR F 241 -10.54 -8.73 -6.56
C TYR F 241 -11.81 -7.91 -6.56
N THR F 242 -12.30 -7.69 -7.76
CA THR F 242 -13.60 -7.11 -8.03
C THR F 242 -14.76 -8.14 -7.83
N ARG G 12 33.88 18.80 -20.04
CA ARG G 12 32.78 19.35 -20.89
C ARG G 12 31.40 19.10 -20.27
N LYS G 13 30.55 20.12 -20.27
CA LYS G 13 29.18 20.04 -19.77
C LYS G 13 28.31 19.31 -20.77
N ILE G 14 27.34 18.54 -20.27
CA ILE G 14 26.43 17.83 -21.14
C ILE G 14 25.41 18.78 -21.76
N ARG G 15 24.99 18.44 -22.99
CA ARG G 15 24.01 19.22 -23.72
C ARG G 15 22.66 18.51 -23.79
N ILE G 16 21.59 19.24 -23.44
CA ILE G 16 20.23 18.74 -23.49
C ILE G 16 19.35 19.60 -24.39
N ALA G 17 18.68 18.98 -25.36
CA ALA G 17 17.68 19.66 -26.14
C ALA G 17 16.32 19.20 -25.63
N THR G 18 15.29 20.03 -25.75
CA THR G 18 13.95 19.60 -25.37
C THR G 18 13.01 20.08 -26.45
N ALA G 19 11.87 19.39 -26.57
CA ALA G 19 10.88 19.71 -27.60
C ALA G 19 9.47 19.32 -27.18
N SER G 20 8.48 20.06 -27.66
CA SER G 20 7.06 19.66 -27.52
C SER G 20 6.41 19.47 -28.89
N LEU G 21 5.89 18.28 -29.16
CA LEU G 21 5.23 17.98 -30.41
C LEU G 21 3.73 18.16 -30.20
N ALA G 22 2.89 17.16 -30.36
CA ALA G 22 1.48 17.32 -29.99
C ALA G 22 1.26 17.24 -28.46
N GLY G 23 2.03 18.03 -27.72
CA GLY G 23 2.00 17.98 -26.26
C GLY G 23 1.15 19.08 -25.69
N CYS G 24 0.98 19.08 -24.37
CA CYS G 24 0.33 20.19 -23.66
C CYS G 24 1.33 21.14 -22.90
N PHE G 25 2.64 20.93 -23.08
CA PHE G 25 3.67 21.63 -22.30
C PHE G 25 3.78 21.10 -20.86
N GLY G 26 2.97 20.09 -20.53
CA GLY G 26 2.88 19.65 -19.16
C GLY G 26 4.08 18.86 -18.69
N CYS G 27 4.75 18.20 -19.63
CA CYS G 27 5.89 17.40 -19.25
C CYS G 27 7.03 18.34 -18.96
N HIS G 28 7.06 19.49 -19.65
CA HIS G 28 8.08 20.49 -19.36
C HIS G 28 7.84 21.15 -18.01
N MET G 29 6.57 21.27 -17.61
CA MET G 29 6.29 21.87 -16.30
C MET G 29 6.65 20.91 -15.17
N SER G 30 6.51 19.63 -15.44
CA SER G 30 6.84 18.61 -14.45
C SER G 30 8.35 18.59 -14.32
N PHE G 31 9.05 18.74 -15.43
CA PHE G 31 10.48 18.96 -15.38
C PHE G 31 10.83 20.14 -14.46
N ALA G 32 10.24 21.31 -14.73
CA ALA G 32 10.44 22.50 -13.87
C ALA G 32 10.03 22.28 -12.41
N ASP G 33 9.18 21.27 -12.15
CA ASP G 33 8.78 20.90 -10.79
C ASP G 33 9.90 20.36 -9.94
N ILE G 34 11.05 20.05 -10.53
CA ILE G 34 12.23 19.77 -9.72
C ILE G 34 12.64 20.97 -8.84
N ASP G 35 12.10 22.15 -9.12
CA ASP G 35 12.22 23.33 -8.26
C ASP G 35 13.66 23.81 -8.13
N THR G 36 14.18 24.04 -6.93
CA THR G 36 15.48 24.68 -6.82
C THR G 36 16.56 23.81 -7.41
N ARG G 37 16.28 22.52 -7.56
CA ARG G 37 17.24 21.60 -8.16
C ARG G 37 17.61 21.99 -9.59
N LEU G 38 16.76 22.78 -10.22
CA LEU G 38 17.06 23.32 -11.52
C LEU G 38 18.31 24.24 -11.47
N LEU G 39 18.56 24.85 -10.32
CA LEU G 39 19.76 25.70 -10.17
C LEU G 39 21.01 24.85 -10.18
N ALA G 40 20.93 23.69 -9.54
CA ALA G 40 22.03 22.73 -9.57
C ALA G 40 22.19 22.13 -10.95
N LEU G 41 21.08 21.94 -11.64
CA LEU G 41 21.13 21.38 -12.99
C LEU G 41 21.80 22.33 -13.93
N ALA G 42 21.54 23.63 -13.74
CA ALA G 42 22.14 24.70 -14.56
C ALA G 42 23.68 24.68 -14.54
N GLU G 43 24.26 24.39 -13.39
CA GLU G 43 25.71 24.23 -13.26
C GLU G 43 26.25 23.01 -14.01
N TRP G 44 25.47 21.93 -14.11
CA TRP G 44 25.96 20.67 -14.72
C TRP G 44 25.66 20.51 -16.20
N VAL G 45 24.70 21.26 -16.74
CA VAL G 45 24.35 21.09 -18.17
C VAL G 45 24.16 22.41 -18.91
N THR G 46 23.95 22.25 -20.21
CA THR G 46 23.78 23.35 -21.14
C THR G 46 22.65 22.97 -22.10
N PHE G 47 21.78 23.93 -22.38
CA PHE G 47 20.60 23.66 -23.18
C PHE G 47 20.72 24.16 -24.60
N ASP G 48 20.49 23.27 -25.54
CA ASP G 48 20.33 23.66 -26.93
C ASP G 48 18.89 24.17 -27.09
N ARG G 49 18.35 24.06 -28.30
CA ARG G 49 16.93 24.34 -28.56
C ARG G 49 16.05 23.71 -27.51
N SER G 50 15.04 24.48 -27.12
CA SER G 50 14.13 24.15 -26.04
C SER G 50 13.16 25.32 -25.96
N PRO G 51 11.87 25.05 -25.73
CA PRO G 51 10.94 26.16 -25.52
C PRO G 51 11.37 27.16 -24.43
N LEU G 52 12.20 26.71 -23.50
CA LEU G 52 12.80 27.58 -22.50
C LEU G 52 13.99 28.48 -22.97
N THR G 53 14.55 28.20 -24.15
CA THR G 53 15.67 28.93 -24.71
C THR G 53 15.28 29.51 -26.05
N ASP G 54 16.14 30.35 -26.61
CA ASP G 54 15.84 31.06 -27.84
C ASP G 54 16.41 30.41 -29.13
N TRP G 55 17.34 29.46 -28.99
CA TRP G 55 17.90 28.72 -30.14
C TRP G 55 16.76 28.20 -31.02
N LYS G 56 16.71 28.69 -32.25
CA LYS G 56 15.61 28.36 -33.16
C LYS G 56 15.81 27.05 -33.91
N THR G 57 16.99 26.46 -33.75
CA THR G 57 17.35 25.31 -34.57
C THR G 57 18.19 24.34 -33.74
N VAL G 58 17.86 23.04 -33.84
CA VAL G 58 18.40 22.06 -32.90
C VAL G 58 19.80 21.59 -33.21
N GLY G 59 20.49 21.22 -32.14
CA GLY G 59 21.55 20.25 -32.21
C GLY G 59 22.90 20.88 -32.07
N GLU G 60 23.94 20.08 -31.87
CA GLU G 60 23.82 18.65 -31.62
C GLU G 60 24.12 18.47 -30.14
N CYS G 61 23.54 17.43 -29.56
CA CYS G 61 23.48 17.31 -28.11
C CYS G 61 23.48 15.85 -27.68
N ASP G 62 23.58 15.65 -26.37
CA ASP G 62 23.69 14.31 -25.80
C ASP G 62 22.34 13.67 -25.48
N ILE G 63 21.32 14.51 -25.30
CA ILE G 63 20.01 14.08 -24.78
C ILE G 63 18.92 14.97 -25.36
N ALA G 64 17.89 14.38 -25.96
CA ALA G 64 16.73 15.13 -26.44
C ALA G 64 15.53 14.72 -25.59
N LEU G 65 14.88 15.65 -24.90
CA LEU G 65 13.64 15.34 -24.24
C LEU G 65 12.46 15.76 -25.09
N ILE G 66 11.66 14.79 -25.52
CA ILE G 66 10.54 15.03 -26.42
C ILE G 66 9.25 14.74 -25.69
N GLU G 67 8.37 15.72 -25.58
CA GLU G 67 7.02 15.48 -25.07
C GLU G 67 6.09 15.54 -26.24
N GLY G 68 4.94 14.89 -26.12
CA GLY G 68 3.88 15.04 -27.11
C GLY G 68 3.92 13.97 -28.20
N GLY G 69 2.75 13.69 -28.79
CA GLY G 69 2.62 12.73 -29.89
C GLY G 69 3.03 13.39 -31.19
N VAL G 70 2.85 12.70 -32.32
CA VAL G 70 2.99 13.39 -33.62
C VAL G 70 1.59 13.45 -34.21
N CYS G 71 1.18 14.68 -34.51
CA CYS G 71 -0.18 15.05 -34.90
C CYS G 71 -0.24 15.73 -36.26
N ASN G 72 0.85 16.39 -36.66
CA ASN G 72 0.90 17.12 -37.90
C ASN G 72 2.30 17.05 -38.55
N ALA G 73 2.41 17.58 -39.76
CA ALA G 73 3.62 17.47 -40.55
C ALA G 73 4.85 18.09 -39.87
N GLU G 74 4.70 19.27 -39.27
CA GLU G 74 5.85 19.93 -38.66
C GLU G 74 6.36 19.15 -37.44
N ASN G 75 5.50 18.38 -36.79
CA ASN G 75 5.97 17.52 -35.71
C ASN G 75 6.95 16.49 -36.22
N VAL G 76 6.67 15.96 -37.42
CA VAL G 76 7.52 14.93 -37.99
C VAL G 76 8.90 15.52 -38.36
N GLU G 77 8.90 16.63 -39.08
CA GLU G 77 10.15 17.27 -39.49
C GLU G 77 11.01 17.60 -38.29
N VAL G 78 10.38 18.13 -37.24
CA VAL G 78 11.09 18.47 -35.99
C VAL G 78 11.62 17.22 -35.25
N LEU G 79 10.76 16.21 -35.11
CA LEU G 79 11.14 14.98 -34.42
C LEU G 79 12.36 14.35 -35.06
N ARG G 80 12.33 14.27 -36.39
CA ARG G 80 13.46 13.76 -37.17
C ARG G 80 14.72 14.57 -36.94
N ALA G 81 14.57 15.90 -36.91
CA ALA G 81 15.70 16.77 -36.65
C ALA G 81 16.33 16.43 -35.32
N TYR G 82 15.50 16.43 -34.28
CA TYR G 82 15.95 16.13 -32.92
C TYR G 82 16.60 14.76 -32.86
N ARG G 83 16.06 13.81 -33.63
CA ARG G 83 16.64 12.48 -33.66
C ARG G 83 18.09 12.52 -34.19
N ARG G 84 18.28 13.01 -35.42
CA ARG G 84 19.64 13.20 -35.99
C ARG G 84 20.60 13.95 -35.05
N ALA G 85 20.12 15.02 -34.43
CA ALA G 85 20.98 15.87 -33.62
C ALA G 85 21.40 15.27 -32.27
N ALA G 86 20.67 14.27 -31.80
CA ALA G 86 20.81 13.84 -30.42
C ALA G 86 21.24 12.39 -30.30
N ARG G 87 22.13 12.13 -29.34
CA ARG G 87 22.65 10.79 -29.14
C ARG G 87 21.59 9.89 -28.46
N ILE G 88 21.06 10.38 -27.33
CA ILE G 88 19.99 9.72 -26.58
C ILE G 88 18.70 10.52 -26.80
N LEU G 89 17.70 9.93 -27.42
CA LEU G 89 16.40 10.60 -27.58
C LEU G 89 15.38 9.97 -26.62
N VAL G 90 14.68 10.78 -25.83
CA VAL G 90 13.82 10.28 -24.77
C VAL G 90 12.35 10.67 -25.00
N ALA G 91 11.46 9.67 -25.01
CA ALA G 91 10.01 9.89 -25.08
C ALA G 91 9.42 10.08 -23.68
N VAL G 92 9.03 11.32 -23.43
CA VAL G 92 8.59 11.79 -22.14
C VAL G 92 7.07 11.92 -22.19
N GLY G 93 6.41 11.44 -21.15
CA GLY G 93 4.97 11.55 -21.07
C GLY G 93 4.15 10.58 -21.90
N ALA G 94 2.92 10.37 -21.44
CA ALA G 94 1.96 9.52 -22.12
C ALA G 94 1.80 9.84 -23.59
N CYS G 95 1.75 11.13 -23.92
CA CYS G 95 1.53 11.58 -25.29
C CYS G 95 2.55 10.96 -26.22
N ALA G 96 3.84 11.11 -25.86
CA ALA G 96 4.94 10.64 -26.70
C ALA G 96 5.06 9.11 -26.67
N ILE G 97 4.67 8.50 -25.56
CA ILE G 97 4.74 7.06 -25.40
C ILE G 97 3.72 6.26 -26.26
N ASN G 98 2.42 6.53 -26.09
CA ASN G 98 1.37 5.81 -26.84
C ASN G 98 0.34 6.70 -27.55
N GLY G 99 0.67 7.98 -27.70
CA GLY G 99 -0.20 8.92 -28.38
C GLY G 99 -1.06 9.76 -27.44
N GLY G 100 -1.19 9.33 -26.19
CA GLY G 100 -1.95 10.06 -25.17
C GLY G 100 -3.41 10.33 -25.49
N LEU G 101 -4.06 11.06 -24.58
CA LEU G 101 -5.43 11.55 -24.78
C LEU G 101 -5.71 12.24 -26.12
N PRO G 102 -4.71 12.91 -26.71
CA PRO G 102 -5.00 13.43 -28.05
C PRO G 102 -5.36 12.34 -29.04
N ALA G 103 -4.78 11.17 -28.85
CA ALA G 103 -5.03 10.07 -29.76
C ALA G 103 -6.46 9.50 -29.70
N GLN G 104 -7.29 10.03 -28.82
CA GLN G 104 -8.71 9.74 -28.84
C GLN G 104 -9.34 10.24 -30.14
N ARG G 105 -8.66 11.14 -30.85
CA ARG G 105 -9.15 11.65 -32.13
C ARG G 105 -9.08 10.61 -33.24
N ASN G 106 -8.28 9.56 -33.05
CA ASN G 106 -8.22 8.42 -33.97
C ASN G 106 -9.51 7.61 -34.05
N GLN G 107 -10.42 7.86 -33.11
CA GLN G 107 -11.81 7.45 -33.20
C GLN G 107 -12.57 8.17 -34.30
N HIS G 108 -12.11 9.35 -34.70
CA HIS G 108 -12.81 10.13 -35.70
C HIS G 108 -12.01 10.33 -36.99
N ARG G 109 -12.73 10.77 -38.02
CA ARG G 109 -12.13 11.18 -39.25
C ARG G 109 -11.61 12.62 -39.10
N VAL G 110 -10.33 12.82 -39.37
CA VAL G 110 -9.70 14.12 -39.20
C VAL G 110 -10.40 15.27 -39.98
N GLU G 111 -10.99 14.97 -41.13
CA GLU G 111 -11.73 15.97 -41.91
C GLU G 111 -12.97 16.36 -41.13
N ARG G 112 -13.69 15.34 -40.69
CA ARG G 112 -14.90 15.52 -39.92
C ARG G 112 -14.65 16.33 -38.64
N LEU G 113 -13.42 16.29 -38.10
CA LEU G 113 -13.09 17.10 -36.95
C LEU G 113 -12.95 18.54 -37.33
N LEU G 114 -12.01 18.82 -38.22
CA LEU G 114 -11.65 20.19 -38.58
C LEU G 114 -12.90 20.94 -39.07
N THR G 115 -13.76 20.20 -39.74
CA THR G 115 -14.99 20.73 -40.26
C THR G 115 -15.98 20.99 -39.14
N GLN G 116 -15.99 20.12 -38.13
CA GLN G 116 -16.82 20.35 -36.96
C GLN G 116 -16.42 21.62 -36.23
N VAL G 117 -15.13 21.90 -36.18
CA VAL G 117 -14.62 22.99 -35.37
C VAL G 117 -14.60 24.31 -36.13
N PHE G 118 -14.19 24.28 -37.40
CA PHE G 118 -13.93 25.51 -38.15
C PHE G 118 -15.00 25.89 -39.17
N GLU G 119 -15.94 24.99 -39.44
CA GLU G 119 -17.02 25.28 -40.38
C GLU G 119 -18.43 25.13 -39.80
N ALA G 120 -18.67 24.05 -39.07
CA ALA G 120 -20.03 23.70 -38.66
C ALA G 120 -20.46 24.29 -37.31
N ASP G 121 -19.52 24.83 -36.54
CA ASP G 121 -19.83 25.23 -35.17
C ASP G 121 -20.79 26.41 -35.19
N ARG G 122 -21.96 26.21 -34.56
CA ARG G 122 -22.99 27.24 -34.48
C ARG G 122 -22.50 28.62 -34.06
N HIS G 123 -21.36 28.73 -33.37
CA HIS G 123 -20.86 30.04 -32.90
C HIS G 123 -19.82 30.65 -33.81
N LEU G 124 -19.66 30.12 -35.02
CA LEU G 124 -18.76 30.73 -35.99
C LEU G 124 -19.45 31.83 -36.80
N ALA G 125 -18.65 32.72 -37.37
CA ALA G 125 -19.15 33.70 -38.33
C ALA G 125 -19.62 32.95 -39.57
N PRO G 126 -20.61 33.49 -40.28
CA PRO G 126 -20.96 32.90 -41.56
C PRO G 126 -19.77 32.84 -42.52
N GLY G 127 -19.67 31.74 -43.26
CA GLY G 127 -18.63 31.56 -44.28
C GLY G 127 -17.30 31.07 -43.75
N SER G 128 -17.26 30.66 -42.48
CA SER G 128 -16.02 30.25 -41.85
C SER G 128 -15.56 28.97 -42.47
N ARG G 129 -14.27 28.89 -42.80
CA ARG G 129 -13.73 27.71 -43.46
C ARG G 129 -12.48 27.21 -42.76
N VAL G 130 -12.23 25.90 -42.87
CA VAL G 130 -11.02 25.25 -42.37
C VAL G 130 -9.79 26.00 -42.90
N PRO G 131 -8.82 26.31 -42.04
CA PRO G 131 -7.61 26.99 -42.50
C PRO G 131 -6.80 26.22 -43.51
N ASN G 132 -6.38 26.90 -44.59
CA ASN G 132 -5.66 26.23 -45.69
C ASN G 132 -4.33 26.85 -46.06
N ASP G 133 -3.89 27.85 -45.31
CA ASP G 133 -2.68 28.56 -45.66
C ASP G 133 -1.47 27.65 -45.46
N PRO G 134 -0.62 27.54 -46.50
CA PRO G 134 0.64 26.79 -46.44
C PRO G 134 1.54 27.04 -45.23
N GLU G 135 1.34 28.13 -44.51
CA GLU G 135 2.10 28.39 -43.28
C GLU G 135 1.67 27.41 -42.19
N LEU G 136 0.40 26.98 -42.24
CA LEU G 136 -0.08 25.98 -41.30
C LEU G 136 0.31 24.59 -41.78
N PRO G 137 0.69 23.71 -40.84
CA PRO G 137 1.02 22.33 -41.17
C PRO G 137 -0.23 21.46 -41.16
N LEU G 138 -0.29 20.52 -42.09
CA LEU G 138 -1.43 19.64 -42.19
C LEU G 138 -1.40 18.57 -41.11
N LEU G 139 -2.58 18.31 -40.53
CA LEU G 139 -2.76 17.19 -39.63
C LEU G 139 -2.63 15.83 -40.34
N LEU G 140 -2.03 14.85 -39.65
CA LEU G 140 -1.97 13.48 -40.13
C LEU G 140 -3.32 12.80 -39.93
N GLU G 141 -3.50 11.65 -40.57
CA GLU G 141 -4.78 10.97 -40.54
C GLU G 141 -5.07 10.52 -39.13
N HIS G 142 -4.04 10.02 -38.45
CA HIS G 142 -4.14 9.58 -37.05
C HIS G 142 -3.00 10.23 -36.27
N VAL G 143 -3.17 10.30 -34.94
CA VAL G 143 -2.08 10.63 -34.04
C VAL G 143 -1.28 9.37 -33.74
N HIS G 144 0.05 9.51 -33.67
CA HIS G 144 0.96 8.37 -33.43
C HIS G 144 1.99 8.68 -32.35
N PRO G 145 2.43 7.64 -31.58
CA PRO G 145 3.54 7.87 -30.65
C PRO G 145 4.81 8.23 -31.37
N ILE G 146 5.83 8.72 -30.68
CA ILE G 146 7.06 9.06 -31.40
C ILE G 146 7.77 7.81 -31.93
N HIS G 147 7.67 6.68 -31.23
CA HIS G 147 8.40 5.46 -31.65
C HIS G 147 7.95 4.87 -32.99
N GLU G 148 6.79 5.32 -33.46
CA GLU G 148 6.28 4.90 -34.76
C GLU G 148 6.97 5.67 -35.88
N ILE G 149 7.66 6.75 -35.51
CA ILE G 149 8.37 7.61 -36.44
C ILE G 149 9.89 7.50 -36.32
N VAL G 150 10.42 7.48 -35.10
CA VAL G 150 11.86 7.35 -34.90
C VAL G 150 12.19 6.49 -33.70
N ARG G 151 13.46 6.16 -33.57
CA ARG G 151 13.90 5.29 -32.50
C ARG G 151 14.05 6.06 -31.24
N VAL G 152 13.68 5.39 -30.17
CA VAL G 152 13.61 6.01 -28.86
C VAL G 152 14.55 5.24 -27.96
N ASP G 153 15.30 5.93 -27.13
CA ASP G 153 16.25 5.24 -26.27
C ASP G 153 15.64 4.96 -24.92
N TYR G 154 14.77 5.84 -24.46
CA TYR G 154 14.13 5.67 -23.16
C TYR G 154 12.74 6.26 -23.15
N TYR G 155 11.91 5.75 -22.24
CA TYR G 155 10.56 6.28 -22.05
C TYR G 155 10.42 6.74 -20.60
N LEU G 156 9.84 7.90 -20.37
CA LEU G 156 9.47 8.33 -19.02
C LEU G 156 7.95 8.38 -18.97
N PRO G 157 7.31 7.44 -18.29
CA PRO G 157 5.85 7.48 -18.34
C PRO G 157 5.22 8.46 -17.36
N GLY G 158 3.93 8.71 -17.56
CA GLY G 158 3.17 9.66 -16.75
C GLY G 158 2.50 10.70 -17.62
N CYS G 159 1.51 11.39 -17.08
CA CYS G 159 0.85 12.44 -17.80
C CYS G 159 0.62 13.51 -16.78
N PRO G 160 1.70 14.11 -16.27
CA PRO G 160 3.06 13.83 -16.74
C PRO G 160 3.85 12.98 -15.76
N PRO G 161 5.02 12.47 -16.20
CA PRO G 161 5.94 11.85 -15.26
C PRO G 161 6.10 12.71 -14.05
N THR G 162 6.32 12.10 -12.88
CA THR G 162 6.65 12.86 -11.68
C THR G 162 7.95 13.66 -11.83
N ALA G 163 8.08 14.78 -11.13
CA ALA G 163 9.37 15.48 -11.11
C ALA G 163 10.44 14.54 -10.56
N GLU G 164 10.07 13.67 -9.64
CA GLU G 164 11.04 12.74 -9.04
C GLU G 164 11.58 11.70 -10.02
N VAL G 165 10.78 11.31 -11.00
CA VAL G 165 11.25 10.45 -12.06
C VAL G 165 12.14 11.26 -12.98
N ILE G 166 11.63 12.40 -13.46
CA ILE G 166 12.42 13.22 -14.36
C ILE G 166 13.79 13.53 -13.73
N TRP G 167 13.83 13.79 -12.43
CA TRP G 167 15.10 14.03 -11.75
C TRP G 167 15.96 12.78 -11.71
N THR G 168 15.36 11.68 -11.30
CA THR G 168 16.11 10.44 -11.15
C THR G 168 16.70 10.04 -12.48
N PHE G 169 15.91 10.18 -13.54
CA PHE G 169 16.37 9.86 -14.87
C PHE G 169 17.61 10.65 -15.26
N LEU G 170 17.56 11.97 -15.11
CA LEU G 170 18.71 12.84 -15.46
C LEU G 170 19.91 12.57 -14.58
N THR G 171 19.71 12.67 -13.28
CA THR G 171 20.69 12.22 -12.29
C THR G 171 21.44 10.97 -12.76
N ASP G 172 20.70 9.95 -13.19
CA ASP G 172 21.30 8.70 -13.64
C ASP G 172 22.18 8.94 -14.87
N LEU G 173 21.60 9.51 -15.94
CA LEU G 173 22.35 9.69 -17.20
C LEU G 173 23.59 10.56 -17.06
N LEU G 174 23.54 11.57 -16.19
CA LEU G 174 24.70 12.43 -15.95
C LEU G 174 25.89 11.65 -15.37
N VAL G 175 25.61 10.76 -14.42
CA VAL G 175 26.63 9.98 -13.73
C VAL G 175 27.08 8.79 -14.56
N GLY G 176 26.50 8.59 -15.75
CA GLY G 176 26.79 7.41 -16.56
C GLY G 176 25.85 6.23 -16.33
N ARG G 177 25.28 6.12 -15.12
CA ARG G 177 24.44 4.99 -14.71
C ARG G 177 23.20 4.79 -15.59
N GLU G 178 22.72 3.54 -15.60
CA GLU G 178 21.56 3.11 -16.37
C GLU G 178 20.26 3.45 -15.64
N PRO G 179 19.29 4.09 -16.32
CA PRO G 179 18.05 4.53 -15.67
C PRO G 179 17.29 3.42 -14.93
N HIS G 180 17.06 3.65 -13.65
CA HIS G 180 16.28 2.74 -12.84
C HIS G 180 15.13 3.54 -12.29
N PHE G 181 13.90 3.03 -12.48
CA PHE G 181 12.70 3.66 -11.94
C PHE G 181 12.07 2.79 -10.87
N PRO G 182 12.14 3.22 -9.59
CA PRO G 182 11.46 2.46 -8.53
C PRO G 182 9.93 2.46 -8.69
N TYR G 183 9.28 1.32 -8.41
CA TYR G 183 7.81 1.23 -8.39
C TYR G 183 7.16 2.55 -7.91
N PRO G 184 7.51 3.04 -6.70
CA PRO G 184 6.87 4.25 -6.16
C PRO G 184 6.99 5.55 -6.98
N THR G 185 7.74 5.54 -8.07
CA THR G 185 7.85 6.73 -8.92
C THR G 185 7.10 6.53 -10.24
N LEU G 186 6.59 5.32 -10.46
CA LEU G 186 5.98 4.94 -11.72
C LEU G 186 4.47 5.28 -11.75
N ARG G 187 4.07 5.97 -12.81
CA ARG G 187 2.66 6.19 -13.11
C ARG G 187 2.41 6.43 -14.60
N TYR G 188 1.19 6.17 -15.03
CA TYR G 188 0.79 6.40 -16.40
C TYR G 188 -0.30 7.49 -16.44
N ASP G 189 -0.60 8.12 -15.30
CA ASP G 189 -1.73 9.02 -15.21
C ASP G 189 -1.38 10.39 -14.63
N ASN H 18 1.49 44.49 -51.62
CA ASN H 18 2.80 44.83 -52.25
C ASN H 18 4.03 44.33 -51.48
N ALA H 19 3.80 43.57 -50.41
CA ALA H 19 4.89 42.94 -49.66
C ALA H 19 5.69 42.04 -50.60
N THR H 20 7.01 42.17 -50.55
CA THR H 20 7.91 41.46 -51.45
C THR H 20 8.77 40.42 -50.73
N ARG H 21 9.29 40.79 -49.56
CA ARG H 21 10.15 39.91 -48.76
C ARG H 21 9.46 39.43 -47.46
N ARG H 22 9.74 38.17 -47.10
CA ARG H 22 9.16 37.52 -45.94
C ARG H 22 10.27 37.12 -44.96
N VAL H 23 10.11 37.46 -43.69
CA VAL H 23 11.04 36.99 -42.64
C VAL H 23 10.22 36.47 -41.47
N ALA H 24 10.62 35.31 -40.94
CA ALA H 24 9.86 34.59 -39.93
C ALA H 24 10.66 34.31 -38.66
N ILE H 25 10.08 34.64 -37.51
CA ILE H 25 10.55 34.15 -36.22
C ILE H 25 9.81 32.84 -36.03
N ASP H 26 10.57 31.75 -35.98
CA ASP H 26 9.99 30.42 -36.10
C ASP H 26 10.95 29.37 -35.50
N PRO H 27 10.62 28.76 -34.38
CA PRO H 27 9.38 29.00 -33.63
C PRO H 27 9.57 30.04 -32.54
N LEU H 28 8.45 30.47 -31.96
CA LEU H 28 8.48 31.42 -30.87
C LEU H 28 9.01 30.77 -29.60
N SER H 29 9.95 31.44 -28.95
CA SER H 29 10.64 30.92 -27.77
C SER H 29 10.03 31.48 -26.51
N ARG H 30 10.32 30.83 -25.39
CA ARG H 30 9.83 31.27 -24.11
C ARG H 30 8.36 31.71 -24.18
N VAL H 31 7.54 30.81 -24.72
CA VAL H 31 6.08 30.89 -24.67
C VAL H 31 5.62 29.45 -24.58
N GLU H 32 4.36 29.23 -24.22
CA GLU H 32 3.77 27.89 -24.25
C GLU H 32 3.24 27.67 -25.64
N GLY H 33 3.44 26.47 -26.18
CA GLY H 33 2.81 26.10 -27.45
C GLY H 33 3.61 26.41 -28.67
N HIS H 34 3.00 26.16 -29.84
CA HIS H 34 3.67 26.29 -31.12
C HIS H 34 3.09 27.48 -31.88
N GLY H 35 3.87 28.57 -31.92
CA GLY H 35 3.52 29.77 -32.64
C GLY H 35 4.68 30.27 -33.49
N LYS H 36 4.33 31.07 -34.49
CA LYS H 36 5.29 31.62 -35.44
C LYS H 36 4.77 32.96 -35.92
N VAL H 37 5.63 33.97 -35.94
CA VAL H 37 5.27 35.24 -36.61
C VAL H 37 5.99 35.41 -37.94
N THR H 38 5.23 35.77 -38.98
CA THR H 38 5.81 36.17 -40.25
C THR H 38 5.75 37.67 -40.35
N ILE H 39 6.83 38.25 -40.86
CA ILE H 39 6.94 39.69 -41.01
C ILE H 39 7.20 39.98 -42.47
N TRP H 40 6.23 40.61 -43.12
CA TRP H 40 6.31 40.92 -44.53
C TRP H 40 6.90 42.31 -44.75
N LEU H 41 8.08 42.35 -45.36
CA LEU H 41 8.74 43.61 -45.70
C LEU H 41 8.46 43.98 -47.16
N ASP H 42 9.05 45.09 -47.61
CA ASP H 42 9.12 45.41 -49.03
C ASP H 42 10.59 45.72 -49.39
N ASP H 43 10.83 46.10 -50.64
CA ASP H 43 12.21 46.32 -51.12
C ASP H 43 12.92 47.53 -50.47
N ASP H 44 12.16 48.41 -49.82
CA ASP H 44 12.70 49.61 -49.18
C ASP H 44 13.23 49.34 -47.76
N GLY H 45 13.00 48.13 -47.25
CA GLY H 45 13.34 47.78 -45.87
C GLY H 45 12.21 48.13 -44.91
N GLN H 46 11.04 48.44 -45.46
CA GLN H 46 9.87 48.87 -44.68
C GLN H 46 8.91 47.70 -44.46
N VAL H 47 8.24 47.70 -43.32
CA VAL H 47 7.33 46.59 -42.97
C VAL H 47 5.87 46.95 -43.24
N VAL H 48 5.26 46.20 -44.16
CA VAL H 48 3.85 46.33 -44.48
C VAL H 48 3.05 45.69 -43.34
N GLU H 49 3.14 44.36 -43.22
CA GLU H 49 2.30 43.60 -42.27
C GLU H 49 3.06 42.50 -41.52
N ALA H 50 2.65 42.29 -40.26
CA ALA H 50 3.07 41.15 -39.45
C ALA H 50 1.89 40.22 -39.19
N ARG H 51 2.17 38.99 -38.77
CA ARG H 51 1.11 38.00 -38.58
C ARG H 51 1.48 36.91 -37.62
N LEU H 52 0.58 36.66 -36.67
CA LEU H 52 0.75 35.62 -35.67
C LEU H 52 0.09 34.35 -36.19
N HIS H 53 0.89 33.34 -36.49
CA HIS H 53 0.36 32.05 -36.92
C HIS H 53 0.42 31.11 -35.75
N ILE H 54 -0.74 30.64 -35.29
CA ILE H 54 -0.76 29.60 -34.29
C ILE H 54 -0.91 28.29 -35.02
N VAL H 55 0.09 27.44 -34.82
CA VAL H 55 0.49 26.50 -35.81
C VAL H 55 0.19 25.04 -35.40
N GLU H 56 -0.53 24.86 -34.28
CA GLU H 56 -0.91 23.54 -33.77
C GLU H 56 -2.42 23.41 -33.52
N PHE H 57 -2.92 22.18 -33.59
CA PHE H 57 -4.33 21.91 -33.35
C PHE H 57 -4.57 20.42 -33.09
N ARG H 58 -5.33 20.12 -32.03
CA ARG H 58 -5.58 18.74 -31.62
C ARG H 58 -7.06 18.30 -31.68
N GLY H 59 -7.96 19.27 -31.55
CA GLY H 59 -9.38 19.05 -31.80
C GLY H 59 -10.17 18.49 -30.66
N PHE H 60 -9.86 18.94 -29.44
CA PHE H 60 -10.54 18.46 -28.21
C PHE H 60 -12.05 18.61 -28.23
N GLU H 61 -12.55 19.64 -28.92
CA GLU H 61 -13.98 19.96 -28.94
C GLU H 61 -14.76 18.89 -29.71
N ALA H 62 -14.07 18.20 -30.61
CA ALA H 62 -14.71 17.26 -31.51
C ALA H 62 -14.50 15.82 -31.09
N PHE H 63 -13.31 15.52 -30.53
CA PHE H 63 -13.00 14.14 -30.06
C PHE H 63 -13.52 13.78 -28.65
N ILE H 64 -13.67 14.78 -27.78
CA ILE H 64 -14.37 14.62 -26.50
C ILE H 64 -15.85 14.21 -26.68
N VAL H 65 -16.41 14.46 -27.86
CA VAL H 65 -17.77 14.09 -28.11
C VAL H 65 -17.78 12.59 -28.22
N GLY H 66 -18.75 11.98 -27.56
CA GLY H 66 -18.85 10.53 -27.56
C GLY H 66 -18.46 9.93 -26.22
N ARG H 67 -17.71 10.70 -25.44
CA ARG H 67 -17.24 10.28 -24.13
C ARG H 67 -18.28 10.60 -23.08
N PRO H 68 -18.17 9.95 -21.89
CA PRO H 68 -19.05 10.28 -20.79
C PRO H 68 -18.74 11.61 -20.18
N TYR H 69 -19.77 12.28 -19.67
CA TYR H 69 -19.59 13.61 -19.17
C TYR H 69 -18.55 13.72 -18.04
N TRP H 70 -18.52 12.74 -17.14
CA TRP H 70 -17.58 12.79 -16.00
C TRP H 70 -16.10 12.76 -16.38
N GLU H 71 -15.79 12.39 -17.62
CA GLU H 71 -14.41 12.39 -18.08
C GLU H 71 -13.89 13.80 -18.33
N ALA H 72 -14.78 14.75 -18.65
CA ALA H 72 -14.36 16.07 -19.16
C ALA H 72 -13.41 16.90 -18.28
N PRO H 73 -13.69 16.98 -16.97
CA PRO H 73 -12.77 17.76 -16.14
C PRO H 73 -11.37 17.16 -16.14
N VAL H 74 -11.30 15.84 -16.28
CA VAL H 74 -10.03 15.14 -16.27
C VAL H 74 -9.35 15.10 -17.64
N VAL H 75 -10.08 14.78 -18.71
CA VAL H 75 -9.43 14.72 -20.04
C VAL H 75 -9.22 16.11 -20.62
N VAL H 76 -10.27 16.93 -20.65
CA VAL H 76 -10.14 18.26 -21.28
C VAL H 76 -9.06 19.16 -20.65
N GLN H 77 -8.68 18.96 -19.40
CA GLN H 77 -7.58 19.73 -18.83
C GLN H 77 -6.21 19.40 -19.45
N ARG H 78 -6.14 18.33 -20.24
CA ARG H 78 -4.92 18.04 -21.02
C ARG H 78 -4.67 19.04 -22.14
N LEU H 79 -5.55 20.03 -22.33
CA LEU H 79 -5.26 21.19 -23.19
C LEU H 79 -3.92 21.86 -22.88
N CYS H 80 -3.59 21.97 -21.59
CA CYS H 80 -2.46 22.77 -21.20
C CYS H 80 -1.88 22.30 -19.87
N GLY H 81 -0.56 22.34 -19.79
CA GLY H 81 0.16 21.90 -18.62
C GLY H 81 0.56 23.04 -17.71
N ILE H 82 0.19 24.26 -18.06
CA ILE H 82 0.35 25.37 -17.12
C ILE H 82 -0.95 25.65 -16.39
N CYS H 83 -2.07 25.60 -17.09
CA CYS H 83 -3.33 25.89 -16.44
C CYS H 83 -4.35 24.74 -16.55
N PRO H 84 -3.90 23.51 -16.40
CA PRO H 84 -4.96 22.52 -16.42
C PRO H 84 -6.00 22.79 -15.36
N VAL H 85 -5.59 23.39 -14.24
CA VAL H 85 -6.57 23.67 -13.19
C VAL H 85 -7.71 24.55 -13.71
N SER H 86 -7.39 25.54 -14.54
CA SER H 86 -8.41 26.41 -15.11
C SER H 86 -9.42 25.61 -15.91
N HIS H 87 -8.98 24.59 -16.64
CA HIS H 87 -9.91 23.76 -17.42
C HIS H 87 -10.62 22.72 -16.59
N HIS H 88 -9.93 22.26 -15.55
CA HIS H 88 -10.47 21.30 -14.63
C HIS H 88 -11.68 21.88 -13.93
N LEU H 89 -11.52 23.11 -13.44
CA LEU H 89 -12.59 23.84 -12.72
C LEU H 89 -13.68 24.38 -13.64
N ALA H 90 -13.29 24.87 -14.81
CA ALA H 90 -14.27 25.28 -15.81
C ALA H 90 -15.19 24.12 -16.16
N ALA H 91 -14.61 22.99 -16.54
CA ALA H 91 -15.42 21.81 -16.84
C ALA H 91 -16.27 21.46 -15.65
N ALA H 92 -15.67 21.44 -14.46
CA ALA H 92 -16.39 21.09 -13.23
C ALA H 92 -17.58 22.01 -13.06
N LYS H 93 -17.35 23.30 -13.22
CA LYS H 93 -18.43 24.29 -13.08
C LYS H 93 -19.56 24.03 -14.08
N ALA H 94 -19.22 23.84 -15.34
CA ALA H 94 -20.22 23.48 -16.35
C ALA H 94 -21.02 22.23 -15.97
N LEU H 95 -20.35 21.20 -15.51
CA LEU H 95 -21.04 19.97 -15.17
C LEU H 95 -21.79 20.10 -13.88
N ASP H 96 -21.39 21.01 -12.99
CA ASP H 96 -22.25 21.32 -11.85
C ASP H 96 -23.63 21.70 -12.37
N ARG H 97 -23.66 22.68 -13.28
CA ARG H 97 -24.92 23.19 -13.83
C ARG H 97 -25.70 22.05 -14.48
N LEU H 98 -25.02 21.21 -15.25
CA LEU H 98 -25.67 20.05 -15.90
C LEU H 98 -26.42 19.18 -14.91
N VAL H 99 -25.73 18.87 -13.83
CA VAL H 99 -26.21 18.05 -12.73
C VAL H 99 -27.09 18.87 -11.74
N GLY H 100 -27.36 20.14 -12.06
CA GLY H 100 -28.37 20.93 -11.36
C GLY H 100 -27.91 21.62 -10.09
N VAL H 101 -26.65 22.03 -10.06
CA VAL H 101 -26.04 22.66 -8.90
C VAL H 101 -25.40 24.00 -9.28
N THR H 102 -25.78 25.08 -8.61
CA THR H 102 -25.17 26.39 -8.88
C THR H 102 -24.26 26.78 -7.73
N GLN H 103 -24.82 27.11 -6.57
CA GLN H 103 -24.01 27.32 -5.38
C GLN H 103 -23.45 25.97 -4.86
N LEU H 104 -22.14 25.90 -4.71
CA LEU H 104 -21.47 24.75 -4.11
C LEU H 104 -21.54 24.75 -2.59
N PRO H 105 -21.42 23.57 -1.96
CA PRO H 105 -21.29 23.60 -0.50
C PRO H 105 -19.98 24.17 -0.15
N PRO H 106 -19.82 24.61 1.12
CA PRO H 106 -18.66 25.47 1.45
C PRO H 106 -17.31 24.82 1.21
N THR H 107 -17.21 23.53 1.53
CA THR H 107 -15.89 22.89 1.52
C THR H 107 -15.42 22.78 0.08
N ALA H 108 -16.31 22.40 -0.80
CA ALA H 108 -16.01 22.36 -2.22
C ALA H 108 -15.66 23.71 -2.76
N GLU H 109 -16.37 24.76 -2.35
CA GLU H 109 -16.09 26.11 -2.86
C GLU H 109 -14.67 26.53 -2.49
N LYS H 110 -14.28 26.25 -1.25
CA LYS H 110 -13.02 26.71 -0.74
C LYS H 110 -11.86 25.92 -1.28
N MET H 111 -12.02 24.61 -1.43
CA MET H 111 -10.97 23.78 -2.04
C MET H 111 -10.70 24.28 -3.44
N ARG H 112 -11.77 24.36 -4.24
CA ARG H 112 -11.70 24.88 -5.60
C ARG H 112 -11.07 26.26 -5.66
N ARG H 113 -11.35 27.15 -4.71
CA ARG H 113 -10.63 28.45 -4.69
C ARG H 113 -9.13 28.30 -4.45
N LEU H 114 -8.74 27.51 -3.44
CA LEU H 114 -7.34 27.27 -3.15
C LEU H 114 -6.61 26.68 -4.36
N MET H 115 -7.21 25.70 -5.01
CA MET H 115 -6.64 25.16 -6.24
C MET H 115 -6.35 26.29 -7.21
N HIS H 116 -7.31 27.18 -7.39
CA HIS H 116 -7.25 28.18 -8.46
C HIS H 116 -6.27 29.27 -8.11
N TYR H 117 -6.30 29.71 -6.86
CA TYR H 117 -5.43 30.76 -6.40
C TYR H 117 -3.99 30.30 -6.50
N GLY H 118 -3.75 29.02 -6.14
CA GLY H 118 -2.45 28.41 -6.30
C GLY H 118 -2.10 28.34 -7.77
N GLN H 119 -3.07 27.98 -8.59
CA GLN H 119 -2.86 27.90 -10.04
C GLN H 119 -2.42 29.23 -10.62
N VAL H 120 -3.10 30.31 -10.25
CA VAL H 120 -2.75 31.62 -10.79
C VAL H 120 -1.36 32.02 -10.25
N LEU H 121 -1.12 31.83 -8.95
CA LEU H 121 0.17 32.11 -8.31
C LEU H 121 1.33 31.47 -9.04
N GLN H 122 1.28 30.18 -9.31
CA GLN H 122 2.38 29.49 -9.97
C GLN H 122 2.51 29.82 -11.45
N SER H 123 1.36 30.05 -12.11
CA SER H 123 1.38 30.32 -13.56
C SER H 123 1.94 31.70 -13.82
N HIS H 124 1.58 32.66 -12.99
CA HIS H 124 2.17 33.98 -13.13
C HIS H 124 3.67 34.00 -12.84
N ALA H 125 4.10 33.17 -11.91
CA ALA H 125 5.50 33.10 -11.54
C ALA H 125 6.21 32.27 -12.58
N LEU H 126 5.51 31.34 -13.22
CA LEU H 126 6.18 30.60 -14.27
C LEU H 126 6.54 31.61 -15.37
N HIS H 127 5.61 32.48 -15.71
CA HIS H 127 5.79 33.35 -16.84
C HIS H 127 6.81 34.40 -16.56
N PHE H 128 6.66 35.11 -15.45
CA PHE H 128 7.61 36.18 -15.17
C PHE H 128 9.02 35.58 -15.03
N PHE H 129 9.21 34.72 -14.05
CA PHE H 129 10.56 34.27 -13.69
C PHE H 129 11.23 33.35 -14.72
N TYR H 130 10.47 32.58 -15.49
CA TYR H 130 11.08 31.61 -16.44
C TYR H 130 11.09 32.11 -17.89
N LEU H 131 10.06 32.86 -18.28
CA LEU H 131 9.78 33.17 -19.68
C LEU H 131 9.96 34.64 -20.05
N ALA H 132 9.75 35.55 -19.11
CA ALA H 132 9.67 36.96 -19.44
C ALA H 132 10.85 37.77 -18.93
N ALA H 133 11.19 37.55 -17.66
CA ALA H 133 12.26 38.26 -16.98
C ALA H 133 13.68 38.02 -17.53
N PRO H 134 13.90 36.87 -18.19
CA PRO H 134 15.19 36.80 -18.87
C PRO H 134 15.44 38.02 -19.75
N ASP H 135 14.42 38.49 -20.47
CA ASP H 135 14.51 39.74 -21.24
C ASP H 135 14.56 40.97 -20.31
N LEU H 136 13.59 41.06 -19.41
CA LEU H 136 13.40 42.28 -18.63
C LEU H 136 14.56 42.55 -17.70
N LEU H 137 15.26 41.52 -17.25
CA LEU H 137 16.35 41.73 -16.31
C LEU H 137 17.76 41.58 -16.90
N LEU H 138 17.90 40.78 -17.95
CA LEU H 138 19.19 40.66 -18.65
C LEU H 138 19.18 41.49 -19.94
N GLY H 139 18.07 42.14 -20.26
CA GLY H 139 18.03 43.07 -21.38
C GLY H 139 17.70 42.39 -22.69
N PHE H 140 16.98 43.12 -23.55
CA PHE H 140 16.30 42.54 -24.71
C PHE H 140 17.27 42.11 -25.80
N SER H 141 18.54 42.46 -25.63
CA SER H 141 19.56 42.16 -26.61
C SER H 141 20.57 41.13 -26.13
N ALA H 142 20.59 40.83 -24.83
CA ALA H 142 21.54 39.86 -24.28
C ALA H 142 21.72 38.64 -25.20
N ASP H 143 22.98 38.26 -25.42
CA ASP H 143 23.33 37.07 -26.18
C ASP H 143 22.41 35.91 -25.76
N PRO H 144 21.74 35.24 -26.72
CA PRO H 144 20.80 34.15 -26.47
C PRO H 144 21.21 33.16 -25.39
N ALA H 145 22.43 32.66 -25.47
CA ALA H 145 22.90 31.65 -24.50
C ALA H 145 22.65 32.03 -23.04
N GLN H 146 22.49 33.33 -22.77
CA GLN H 146 22.21 33.83 -21.42
C GLN H 146 20.74 34.20 -21.24
N ARG H 147 20.10 34.55 -22.34
CA ARG H 147 18.74 35.07 -22.34
C ARG H 147 17.73 33.93 -22.15
N ASN H 148 17.73 33.43 -20.92
CA ASN H 148 16.84 32.37 -20.49
C ASN H 148 16.94 32.25 -18.96
N VAL H 149 16.24 31.27 -18.42
CA VAL H 149 16.10 31.13 -16.97
C VAL H 149 17.40 30.68 -16.30
N PHE H 150 18.31 30.08 -17.06
CA PHE H 150 19.56 29.54 -16.53
C PHE H 150 20.60 30.66 -16.44
N GLY H 151 20.67 31.49 -17.48
CA GLY H 151 21.47 32.71 -17.44
C GLY H 151 21.05 33.59 -16.29
N LEU H 152 19.76 33.59 -15.99
CA LEU H 152 19.21 34.34 -14.87
C LEU H 152 19.60 33.71 -13.54
N ALA H 153 19.54 32.39 -13.48
CA ALA H 153 19.96 31.64 -12.29
C ALA H 153 21.41 31.92 -11.95
N ALA H 154 22.24 31.97 -12.99
CA ALA H 154 23.66 32.26 -12.85
C ALA H 154 23.94 33.69 -12.36
N GLN H 155 23.23 34.65 -12.94
CA GLN H 155 23.48 36.05 -12.67
C GLN H 155 22.74 36.56 -11.44
N LYS H 156 21.42 36.37 -11.44
CA LYS H 156 20.55 36.91 -10.39
C LYS H 156 19.92 35.77 -9.59
N ARG H 157 20.77 35.05 -8.88
CA ARG H 157 20.41 33.77 -8.32
C ARG H 157 19.34 33.88 -7.26
N GLU H 158 19.54 34.77 -6.30
CA GLU H 158 18.61 34.87 -5.18
C GLU H 158 17.25 35.34 -5.67
N LEU H 159 17.21 36.01 -6.81
CA LEU H 159 15.94 36.39 -7.38
C LEU H 159 15.26 35.16 -7.96
N ALA H 160 15.94 34.49 -8.89
CA ALA H 160 15.41 33.26 -9.49
C ALA H 160 15.03 32.18 -8.47
N ARG H 161 15.76 32.07 -7.37
CA ARG H 161 15.41 31.13 -6.30
C ARG H 161 14.07 31.49 -5.68
N GLN H 162 13.80 32.78 -5.51
CA GLN H 162 12.52 33.21 -4.97
C GLN H 162 11.37 32.85 -5.90
N GLY H 163 11.52 33.16 -7.19
CA GLY H 163 10.49 32.87 -8.19
C GLY H 163 10.14 31.39 -8.25
N ILE H 164 11.17 30.56 -8.31
CA ILE H 164 11.02 29.13 -8.32
C ILE H 164 10.23 28.73 -7.11
N LEU H 165 10.63 29.23 -5.94
CA LEU H 165 9.91 28.90 -4.72
C LEU H 165 8.47 29.47 -4.66
N VAL H 166 8.21 30.62 -5.26
CA VAL H 166 6.82 31.07 -5.39
C VAL H 166 6.04 30.09 -6.25
N ARG H 167 6.56 29.73 -7.41
CA ARG H 167 5.88 28.75 -8.25
C ARG H 167 5.63 27.44 -7.50
N GLN H 168 6.63 27.02 -6.73
CA GLN H 168 6.52 25.76 -6.01
C GLN H 168 5.34 25.76 -5.06
N PHE H 169 5.20 26.83 -4.29
CA PHE H 169 4.16 26.90 -3.30
C PHE H 169 2.80 26.81 -3.96
N GLY H 170 2.68 27.43 -5.12
CA GLY H 170 1.43 27.42 -5.87
C GLY H 170 1.10 26.00 -6.23
N GLN H 171 2.07 25.31 -6.81
CA GLN H 171 1.86 23.94 -7.28
C GLN H 171 1.60 23.05 -6.09
N GLU H 172 2.33 23.28 -5.00
CA GLU H 172 2.12 22.46 -3.81
C GLU H 172 0.69 22.67 -3.24
N CYS H 173 0.14 23.88 -3.37
CA CYS H 173 -1.28 24.12 -3.11
C CYS H 173 -2.22 23.30 -4.00
N ILE H 174 -1.81 23.06 -5.24
CA ILE H 174 -2.62 22.27 -6.17
C ILE H 174 -2.49 20.78 -5.85
N GLU H 175 -1.26 20.33 -5.61
CA GLU H 175 -1.02 18.94 -5.20
C GLU H 175 -1.99 18.64 -4.09
N ALA H 176 -2.06 19.51 -3.09
CA ALA H 176 -2.90 19.24 -1.93
C ALA H 176 -4.39 19.17 -2.25
N THR H 177 -4.85 20.05 -3.13
CA THR H 177 -6.28 20.15 -3.40
C THR H 177 -6.73 19.27 -4.56
N ALA H 178 -5.83 18.95 -5.50
CA ALA H 178 -6.19 18.19 -6.72
C ALA H 178 -5.64 16.78 -6.76
N GLY H 179 -4.61 16.50 -5.99
CA GLY H 179 -3.98 15.19 -6.00
C GLY H 179 -2.66 15.15 -6.73
N LYS H 180 -2.48 16.04 -7.71
CA LYS H 180 -1.21 16.18 -8.42
C LYS H 180 -0.88 17.66 -8.63
N ARG H 181 0.40 18.00 -8.86
CA ARG H 181 0.73 19.36 -9.27
C ARG H 181 0.17 19.69 -10.67
N ILE H 182 0.10 18.65 -11.52
CA ILE H 182 -0.35 18.80 -12.88
C ILE H 182 -1.37 17.74 -13.26
N HIS H 183 -2.60 18.15 -13.51
CA HIS H 183 -3.68 17.27 -13.92
C HIS H 183 -4.28 16.44 -12.79
N GLY H 184 -4.98 17.10 -11.88
CA GLY H 184 -5.60 16.39 -10.75
C GLY H 184 -6.93 15.80 -11.13
N THR H 185 -7.76 15.49 -10.14
CA THR H 185 -9.07 14.86 -10.39
C THR H 185 -10.18 15.22 -9.38
N SER H 186 -9.91 16.17 -8.49
CA SER H 186 -10.79 16.31 -7.33
C SER H 186 -12.06 17.10 -7.62
N ALA H 187 -11.95 18.18 -8.36
CA ALA H 187 -13.15 18.89 -8.86
C ALA H 187 -14.06 17.95 -9.65
N VAL H 188 -15.25 17.72 -9.13
CA VAL H 188 -16.25 16.81 -9.76
C VAL H 188 -17.63 17.49 -9.87
N PRO H 189 -18.52 16.97 -10.73
CA PRO H 189 -19.87 17.58 -10.81
C PRO H 189 -20.56 17.56 -9.47
N GLY H 190 -20.89 18.73 -8.95
CA GLY H 190 -21.46 18.83 -7.59
C GLY H 190 -20.52 19.41 -6.55
N GLY H 191 -19.21 19.26 -6.75
CA GLY H 191 -18.23 19.74 -5.78
C GLY H 191 -16.83 19.17 -5.90
N ILE H 192 -16.36 18.53 -4.83
CA ILE H 192 -14.97 18.11 -4.72
C ILE H 192 -14.96 16.75 -4.05
N HIS H 193 -13.99 15.90 -4.39
CA HIS H 193 -13.96 14.52 -3.86
C HIS H 193 -13.07 14.33 -2.64
N LYS H 194 -12.59 15.43 -2.07
CA LYS H 194 -11.74 15.36 -0.90
C LYS H 194 -11.68 16.70 -0.15
N ASN H 195 -11.12 16.64 1.05
CA ASN H 195 -10.77 17.85 1.75
C ASN H 195 -9.23 17.94 2.05
N LEU H 196 -8.75 19.03 2.64
CA LEU H 196 -7.39 19.03 3.18
C LEU H 196 -7.37 18.23 4.50
N SER H 197 -6.21 17.71 4.87
CA SER H 197 -5.99 17.29 6.25
C SER H 197 -5.34 18.47 6.97
N ARG H 198 -5.23 18.35 8.30
CA ARG H 198 -4.67 19.39 9.13
C ARG H 198 -3.20 19.65 8.74
N ARG H 199 -2.42 18.59 8.62
CA ARG H 199 -1.01 18.70 8.30
C ARG H 199 -0.82 19.38 6.97
N GLU H 200 -1.63 19.06 5.96
CA GLU H 200 -1.46 19.76 4.68
C GLU H 200 -1.80 21.25 4.81
N ARG H 201 -2.83 21.56 5.59
CA ARG H 201 -3.22 22.94 5.77
C ARG H 201 -2.15 23.79 6.53
N MET H 202 -1.55 23.20 7.56
CA MET H 202 -0.58 23.89 8.38
C MET H 202 0.71 24.04 7.60
N ALA H 203 1.13 22.95 6.97
CA ALA H 203 2.36 22.99 6.16
C ALA H 203 2.24 24.11 5.18
N LEU H 204 1.09 24.21 4.51
CA LEU H 204 0.88 25.31 3.57
C LEU H 204 0.84 26.70 4.25
N LEU H 205 -0.02 26.82 5.26
CA LEU H 205 -0.14 28.07 6.01
C LEU H 205 1.21 28.58 6.52
N SER H 206 2.10 27.69 6.94
CA SER H 206 3.36 28.13 7.51
C SER H 206 4.26 28.80 6.46
N ARG H 207 4.16 28.33 5.22
CA ARG H 207 4.98 28.86 4.12
C ARG H 207 4.41 30.15 3.54
N ALA H 208 3.10 30.35 3.70
CA ALA H 208 2.36 31.37 2.95
C ALA H 208 2.78 32.81 3.19
N PRO H 209 3.11 33.18 4.43
CA PRO H 209 3.56 34.57 4.60
C PRO H 209 4.83 34.89 3.82
N GLU H 210 5.83 34.05 3.93
CA GLU H 210 7.08 34.28 3.21
C GLU H 210 6.88 34.37 1.67
N ILE H 211 5.96 33.58 1.14
CA ILE H 211 5.74 33.55 -0.30
C ILE H 211 5.14 34.88 -0.73
N ARG H 212 4.30 35.45 0.14
CA ARG H 212 3.60 36.66 -0.20
C ARG H 212 4.56 37.81 -0.11
N SER H 213 5.46 37.75 0.87
CA SER H 213 6.45 38.82 0.99
C SER H 213 7.40 38.85 -0.21
N TRP H 214 7.68 37.71 -0.85
CA TRP H 214 8.48 37.71 -2.09
C TRP H 214 7.73 38.22 -3.31
N CYS H 215 6.41 38.08 -3.30
CA CYS H 215 5.57 38.62 -4.37
C CYS H 215 5.54 40.13 -4.25
N GLU H 216 5.46 40.64 -3.02
CA GLU H 216 5.61 42.07 -2.72
C GLU H 216 6.90 42.63 -3.32
N ALA H 217 8.01 41.93 -3.08
CA ALA H 217 9.31 42.31 -3.62
C ALA H 217 9.29 42.33 -5.14
N ALA H 218 8.60 41.35 -5.72
CA ALA H 218 8.52 41.25 -7.17
C ALA H 218 7.77 42.43 -7.78
N VAL H 219 6.82 43.01 -7.03
CA VAL H 219 6.07 44.16 -7.52
C VAL H 219 6.98 45.36 -7.41
N ALA H 220 7.56 45.57 -6.24
CA ALA H 220 8.53 46.65 -6.07
C ALA H 220 9.50 46.63 -7.25
N LEU H 221 9.91 45.43 -7.66
CA LEU H 221 10.89 45.28 -8.74
C LEU H 221 10.38 45.77 -10.07
N ILE H 222 9.22 45.27 -10.47
CA ILE H 222 8.65 45.62 -11.77
C ILE H 222 8.25 47.11 -11.84
N GLU H 223 8.01 47.76 -10.70
CA GLU H 223 7.73 49.21 -10.70
C GLU H 223 9.00 49.98 -10.96
N ARG H 224 10.01 49.70 -10.13
CA ARG H 224 11.36 50.22 -10.33
C ARG H 224 11.80 50.10 -11.78
N LEU H 225 11.41 49.01 -12.43
CA LEU H 225 11.74 48.82 -13.82
C LEU H 225 11.08 49.86 -14.72
N PHE H 226 9.78 50.06 -14.57
CA PHE H 226 9.03 51.01 -15.39
C PHE H 226 9.47 52.45 -15.11
N THR H 227 9.61 52.79 -13.84
CA THR H 227 10.20 54.06 -13.46
C THR H 227 11.42 54.37 -14.37
N GLU H 228 12.31 53.40 -14.57
CA GLU H 228 13.50 53.61 -15.40
C GLU H 228 13.32 53.44 -16.90
N HIS H 229 12.43 52.55 -17.35
CA HIS H 229 12.39 52.16 -18.76
C HIS H 229 11.13 52.57 -19.53
N ALA H 230 10.18 53.21 -18.84
CA ALA H 230 8.82 53.47 -19.37
C ALA H 230 8.75 54.10 -20.77
N PRO H 231 9.62 55.10 -21.07
CA PRO H 231 9.61 55.67 -22.43
C PRO H 231 9.93 54.66 -23.53
N PHE H 232 10.86 53.76 -23.21
CA PHE H 232 11.26 52.69 -24.11
C PHE H 232 10.16 51.65 -24.32
N PHE H 233 9.47 51.29 -23.24
CA PHE H 233 8.44 50.26 -23.30
C PHE H 233 7.24 50.72 -24.08
N ALA H 234 6.99 52.02 -24.09
CA ALA H 234 5.86 52.60 -24.83
C ALA H 234 5.97 52.37 -26.34
N GLN H 235 7.20 52.21 -26.84
CA GLN H 235 7.42 51.93 -28.26
C GLN H 235 6.72 50.67 -28.73
N PHE H 236 6.47 49.74 -27.80
CA PHE H 236 5.83 48.45 -28.11
C PHE H 236 4.32 48.52 -28.30
N GLY H 237 3.71 49.65 -27.88
CA GLY H 237 2.32 49.96 -28.24
C GLY H 237 1.34 50.24 -27.12
N SER H 238 0.19 50.79 -27.48
CA SER H 238 -0.95 50.97 -26.59
C SER H 238 -2.16 50.26 -27.18
N PHE H 239 -3.26 50.18 -26.44
CA PHE H 239 -4.49 49.62 -26.99
C PHE H 239 -5.56 50.65 -26.84
N GLN H 240 -6.37 50.79 -27.88
CA GLN H 240 -7.60 51.54 -27.79
C GLN H 240 -8.74 50.55 -27.85
N THR H 241 -8.46 49.30 -27.53
CA THR H 241 -9.46 48.25 -27.67
C THR H 241 -10.24 48.08 -26.36
N LYS H 242 -11.37 47.36 -26.46
CA LYS H 242 -12.23 47.11 -25.31
C LYS H 242 -11.60 46.08 -24.38
N THR H 243 -11.98 46.08 -23.09
CA THR H 243 -11.47 45.12 -22.08
C THR H 243 -12.57 44.22 -21.50
N PHE H 244 -12.30 42.91 -21.53
CA PHE H 244 -13.28 41.87 -21.22
C PHE H 244 -12.84 41.02 -20.02
N SER H 245 -13.75 40.81 -19.06
CA SER H 245 -13.45 40.02 -17.87
C SER H 245 -14.66 39.72 -16.98
N LEU H 246 -14.43 38.89 -15.97
CA LEU H 246 -15.44 38.53 -15.00
C LEU H 246 -15.33 39.46 -13.81
N VAL H 247 -16.41 40.14 -13.50
CA VAL H 247 -16.51 40.76 -12.21
C VAL H 247 -17.50 39.93 -11.40
N ALA H 248 -17.29 39.94 -10.08
CA ALA H 248 -18.27 39.46 -9.13
C ALA H 248 -19.43 40.45 -9.10
N ALA H 249 -20.47 40.18 -8.30
CA ALA H 249 -21.65 41.05 -8.27
C ALA H 249 -21.39 42.49 -7.78
N ASP H 250 -20.28 42.72 -7.11
CA ASP H 250 -20.15 43.91 -6.28
C ASP H 250 -19.29 45.11 -6.71
N GLY H 251 -18.69 45.22 -7.90
CA GLY H 251 -18.24 44.15 -8.75
C GLY H 251 -16.72 44.24 -8.73
N SER H 252 -16.17 43.77 -7.62
CA SER H 252 -14.75 43.53 -7.46
C SER H 252 -14.35 42.31 -8.30
N LEU H 253 -13.04 42.18 -8.50
CA LEU H 253 -12.47 41.06 -9.21
C LEU H 253 -12.66 39.79 -8.40
N ASP H 254 -13.12 38.73 -9.06
CA ASP H 254 -13.20 37.41 -8.44
C ASP H 254 -12.79 36.36 -9.46
N LEU H 255 -11.58 35.82 -9.26
CA LEU H 255 -10.92 34.99 -10.25
C LEU H 255 -11.63 33.67 -10.50
N TYR H 256 -12.36 33.19 -9.49
CA TYR H 256 -13.06 31.91 -9.58
C TYR H 256 -14.43 32.00 -10.24
N ASP H 257 -15.18 33.06 -9.97
CA ASP H 257 -16.60 33.13 -10.35
C ASP H 257 -17.05 34.57 -10.53
N GLY H 258 -17.91 34.80 -11.51
CA GLY H 258 -18.45 36.12 -11.79
C GLY H 258 -19.15 36.17 -13.14
N THR H 259 -19.80 37.30 -13.42
CA THR H 259 -20.53 37.51 -14.67
C THR H 259 -19.69 38.43 -15.54
N PHE H 260 -19.97 38.48 -16.85
CA PHE H 260 -19.15 39.28 -17.78
C PHE H 260 -19.29 40.78 -17.59
N ARG H 261 -18.17 41.49 -17.65
CA ARG H 261 -18.16 42.92 -17.84
C ARG H 261 -17.24 43.29 -18.99
N VAL H 262 -17.69 44.22 -19.84
CA VAL H 262 -16.87 44.79 -20.91
C VAL H 262 -16.85 46.32 -20.76
N LYS H 263 -15.64 46.89 -20.80
CA LYS H 263 -15.46 48.34 -20.81
C LYS H 263 -14.88 48.74 -22.13
N GLU H 264 -15.17 49.96 -22.56
CA GLU H 264 -14.55 50.52 -23.75
C GLU H 264 -13.20 51.07 -23.27
N ALA H 265 -12.25 51.34 -24.18
CA ALA H 265 -10.90 51.78 -23.77
C ALA H 265 -10.96 52.80 -22.63
N ASN H 266 -11.78 53.84 -22.81
CA ASN H 266 -12.03 54.85 -21.76
C ASN H 266 -12.85 54.33 -20.56
N GLY H 267 -13.71 53.35 -20.83
CA GLY H 267 -14.39 52.55 -19.80
C GLY H 267 -15.19 53.19 -18.67
N ALA H 268 -16.42 53.65 -18.90
CA ALA H 268 -17.24 53.34 -20.08
C ALA H 268 -17.61 51.85 -20.12
N ILE H 269 -18.47 51.48 -19.18
CA ILE H 269 -18.97 50.13 -19.09
C ILE H 269 -20.04 49.93 -20.16
N LEU H 270 -19.72 49.13 -21.18
CA LEU H 270 -20.68 48.82 -22.25
C LEU H 270 -21.65 47.73 -21.85
N ILE H 271 -21.09 46.67 -21.27
CA ILE H 271 -21.89 45.55 -20.80
C ILE H 271 -21.44 45.23 -19.40
N ASP H 272 -22.40 44.93 -18.54
CA ASP H 272 -22.05 44.59 -17.19
C ASP H 272 -22.99 43.53 -16.69
N HIS H 273 -22.44 42.60 -15.90
CA HIS H 273 -23.20 41.54 -15.26
C HIS H 273 -23.98 40.68 -16.22
N TYR H 274 -23.38 40.38 -17.36
CA TYR H 274 -24.00 39.59 -18.40
C TYR H 274 -23.79 38.12 -18.07
N ASP H 275 -24.89 37.36 -18.13
CA ASP H 275 -24.92 35.97 -17.72
C ASP H 275 -24.01 35.13 -18.62
N PRO H 276 -22.97 34.51 -18.02
CA PRO H 276 -22.07 33.64 -18.80
C PRO H 276 -22.83 32.54 -19.55
N ASN H 277 -23.92 32.07 -18.96
CA ASN H 277 -24.76 31.06 -19.58
C ASN H 277 -25.21 31.43 -21.01
N ASP H 278 -25.41 32.72 -21.26
CA ASP H 278 -25.80 33.22 -22.59
C ASP H 278 -24.62 33.68 -23.47
N TYR H 279 -23.40 33.27 -23.14
CA TYR H 279 -22.22 33.66 -23.90
C TYR H 279 -22.43 33.52 -25.41
N ASP H 280 -23.28 32.60 -25.84
CA ASP H 280 -23.44 32.34 -27.27
C ASP H 280 -24.20 33.44 -28.03
N GLN H 281 -25.06 34.16 -27.32
CA GLN H 281 -25.74 35.32 -27.90
C GLN H 281 -24.84 36.54 -27.89
N LEU H 282 -23.72 36.46 -27.20
CA LEU H 282 -22.87 37.61 -26.96
C LEU H 282 -21.62 37.59 -27.85
N LEU H 283 -21.21 36.37 -28.22
CA LEU H 283 -19.92 36.16 -28.84
C LEU H 283 -20.03 35.34 -30.10
N VAL H 284 -19.07 35.56 -30.99
CA VAL H 284 -18.97 34.85 -32.23
C VAL H 284 -17.48 34.74 -32.57
N GLU H 285 -17.12 33.65 -33.25
CA GLU H 285 -15.74 33.39 -33.57
C GLU H 285 -15.50 33.36 -35.07
N ALA H 286 -14.49 34.11 -35.50
CA ALA H 286 -14.11 34.17 -36.88
C ALA H 286 -12.87 33.32 -37.07
N VAL H 287 -12.69 32.82 -38.30
CA VAL H 287 -11.56 32.00 -38.66
C VAL H 287 -10.82 32.66 -39.82
N ARG H 288 -9.53 32.91 -39.64
CA ARG H 288 -8.67 33.25 -40.75
C ARG H 288 -7.97 32.00 -41.25
N PRO H 289 -7.68 31.93 -42.56
CA PRO H 289 -6.93 30.81 -43.14
C PRO H 289 -5.52 30.56 -42.62
N TRP H 290 -4.94 31.51 -41.89
CA TRP H 290 -3.51 31.46 -41.58
C TRP H 290 -3.16 31.18 -40.10
N SER H 291 -4.17 30.90 -39.28
CA SER H 291 -3.96 30.50 -37.89
C SER H 291 -5.02 29.47 -37.50
N TYR H 292 -4.67 28.56 -36.59
CA TYR H 292 -5.64 27.62 -36.03
C TYR H 292 -6.37 28.25 -34.84
N MET H 293 -5.85 29.37 -34.34
CA MET H 293 -6.48 30.15 -33.27
C MET H 293 -7.58 30.98 -33.89
N LYS H 294 -8.79 30.88 -33.34
CA LYS H 294 -9.94 31.58 -33.87
C LYS H 294 -9.91 33.04 -33.44
N PHE H 295 -10.90 33.81 -33.90
CA PHE H 295 -10.93 35.24 -33.65
C PHE H 295 -12.27 35.60 -33.05
N PRO H 296 -12.35 35.63 -31.72
CA PRO H 296 -13.60 35.92 -31.06
C PRO H 296 -13.90 37.40 -31.08
N TYR H 297 -15.18 37.75 -31.20
CA TYR H 297 -15.59 39.13 -31.08
C TYR H 297 -17.03 39.23 -30.62
N LEU H 298 -17.40 40.43 -30.17
CA LEU H 298 -18.73 40.72 -29.68
C LEU H 298 -19.69 40.85 -30.84
N LYS H 299 -20.63 39.92 -30.89
CA LYS H 299 -21.54 39.75 -32.03
C LYS H 299 -22.14 41.06 -32.50
N ALA H 300 -22.70 41.81 -31.56
CA ALA H 300 -23.45 43.01 -31.88
C ALA H 300 -22.61 44.20 -32.36
N TYR H 301 -21.28 44.05 -32.42
CA TYR H 301 -20.41 45.07 -33.02
C TYR H 301 -19.71 44.58 -34.27
N GLY H 302 -19.84 43.28 -34.59
CA GLY H 302 -19.05 42.69 -35.67
C GLY H 302 -17.56 42.97 -35.52
N GLU H 303 -16.80 42.75 -36.58
CA GLU H 303 -15.35 42.99 -36.54
C GLU H 303 -14.98 44.10 -37.52
N PRO H 304 -13.96 44.90 -37.20
CA PRO H 304 -13.06 44.70 -36.08
C PRO H 304 -13.44 45.49 -34.84
N ASP H 305 -14.66 46.04 -34.82
CA ASP H 305 -15.07 46.86 -33.68
C ASP H 305 -15.28 46.00 -32.46
N GLY H 306 -15.90 44.84 -32.66
CA GLY H 306 -16.23 43.91 -31.59
C GLY H 306 -15.09 43.09 -30.98
N PHE H 307 -13.85 43.33 -31.41
CA PHE H 307 -12.72 42.70 -30.76
C PHE H 307 -12.50 43.30 -29.40
N TYR H 308 -11.82 42.55 -28.53
CA TYR H 308 -11.52 42.97 -27.16
C TYR H 308 -10.25 42.28 -26.69
N ARG H 309 -9.89 42.53 -25.44
CA ARG H 309 -8.70 41.93 -24.88
C ARG H 309 -8.96 41.53 -23.45
N VAL H 310 -8.27 40.47 -23.04
CA VAL H 310 -8.43 39.88 -21.72
C VAL H 310 -7.08 39.58 -21.12
N GLY H 311 -7.08 39.31 -19.82
CA GLY H 311 -5.88 38.90 -19.09
C GLY H 311 -5.67 39.79 -17.88
N PRO H 312 -4.50 39.74 -17.26
CA PRO H 312 -4.06 40.65 -16.21
C PRO H 312 -4.50 42.12 -16.30
N SER H 313 -4.12 42.85 -17.35
CA SER H 313 -4.39 44.28 -17.36
C SER H 313 -5.86 44.57 -17.61
N ALA H 314 -6.55 43.69 -18.32
CA ALA H 314 -8.01 43.82 -18.53
C ALA H 314 -8.78 43.69 -17.23
N ARG H 315 -8.36 42.75 -16.39
CA ARG H 315 -8.97 42.55 -15.08
C ARG H 315 -8.80 43.74 -14.13
N LEU H 316 -7.56 44.19 -14.00
CA LEU H 316 -7.24 45.31 -13.11
C LEU H 316 -7.90 46.61 -13.54
N ILE H 317 -8.07 46.77 -14.86
CA ILE H 317 -8.84 47.88 -15.40
C ILE H 317 -10.33 47.70 -15.12
N ASN H 318 -10.85 46.51 -15.43
CA ASN H 318 -12.30 46.28 -15.37
C ASN H 318 -12.85 46.34 -13.98
N CYS H 319 -12.23 45.63 -13.07
CA CYS H 319 -12.82 45.49 -11.75
C CYS H 319 -12.87 46.82 -11.05
N ASP H 320 -13.83 46.96 -10.15
CA ASP H 320 -13.91 48.13 -9.26
C ASP H 320 -12.79 48.11 -8.23
N ARG H 321 -12.27 46.92 -7.93
CA ARG H 321 -11.56 46.69 -6.67
C ARG H 321 -10.82 45.36 -6.72
N LEU H 322 -9.82 45.21 -5.86
CA LEU H 322 -9.25 43.92 -5.51
C LEU H 322 -9.51 43.75 -4.04
N THR H 323 -9.81 42.52 -3.64
CA THR H 323 -10.34 42.28 -2.29
C THR H 323 -9.25 42.17 -1.24
N THR H 324 -7.98 42.22 -1.64
CA THR H 324 -6.88 42.18 -0.69
C THR H 324 -6.13 43.51 -0.70
N ALA H 325 -5.75 43.96 0.48
CA ALA H 325 -5.24 45.32 0.66
C ALA H 325 -3.99 45.58 -0.18
N ARG H 326 -2.90 44.86 0.12
CA ARG H 326 -1.62 45.19 -0.48
C ARG H 326 -1.70 45.25 -2.00
N ALA H 327 -2.46 44.34 -2.59
CA ALA H 327 -2.52 44.27 -4.03
C ALA H 327 -3.36 45.42 -4.62
N GLU H 328 -4.30 45.92 -3.83
CA GLU H 328 -5.17 47.03 -4.29
C GLU H 328 -4.38 48.32 -4.17
N ALA H 329 -3.66 48.51 -3.06
CA ALA H 329 -2.70 49.59 -2.99
C ALA H 329 -1.84 49.66 -4.26
N ALA H 330 -1.32 48.52 -4.70
CA ALA H 330 -0.38 48.45 -5.86
C ALA H 330 -1.06 48.56 -7.20
N ARG H 331 -2.36 48.31 -7.19
CA ARG H 331 -3.19 48.46 -8.37
C ARG H 331 -3.40 49.93 -8.62
N GLN H 332 -3.74 50.67 -7.58
CA GLN H 332 -3.88 52.13 -7.70
C GLN H 332 -2.61 52.68 -8.34
N ARG H 333 -1.44 52.27 -7.86
CA ARG H 333 -0.17 52.78 -8.41
C ARG H 333 0.05 52.39 -9.90
N PHE H 334 -0.52 51.26 -10.32
CA PHE H 334 -0.36 50.77 -11.70
C PHE H 334 -1.22 51.59 -12.69
N LEU H 335 -2.39 52.01 -12.23
CA LEU H 335 -3.35 52.76 -13.04
C LEU H 335 -3.03 54.26 -13.08
N THR H 336 -2.48 54.76 -11.98
CA THR H 336 -2.04 56.15 -11.90
C THR H 336 -0.78 56.44 -12.71
N PHE H 337 0.04 55.42 -12.96
CA PHE H 337 1.40 55.66 -13.48
C PHE H 337 1.75 56.30 -14.82
N ASP H 338 2.19 57.56 -14.72
CA ASP H 338 2.76 58.31 -15.86
C ASP H 338 2.11 58.07 -17.23
N GLN H 339 0.87 58.49 -17.46
CA GLN H 339 -0.08 58.87 -16.43
C GLN H 339 -1.37 58.26 -16.93
N GLY H 340 -1.59 57.00 -16.59
CA GLY H 340 -2.71 56.22 -17.15
C GLY H 340 -2.15 55.36 -18.28
N THR H 341 -1.16 55.93 -18.96
CA THR H 341 -0.61 55.43 -20.22
C THR H 341 -0.27 53.94 -20.19
N VAL H 342 0.25 53.49 -19.06
CA VAL H 342 0.81 52.15 -18.94
C VAL H 342 -0.26 51.06 -18.76
N ALA H 343 -1.38 51.37 -18.12
CA ALA H 343 -2.46 50.39 -18.00
C ALA H 343 -2.90 49.83 -19.34
N HIS H 344 -2.81 50.66 -20.38
CA HIS H 344 -3.19 50.24 -21.74
C HIS H 344 -1.95 49.98 -22.61
N SER H 345 -0.83 49.74 -21.93
CA SER H 345 0.44 49.44 -22.56
C SER H 345 0.53 47.94 -22.86
N THR H 346 1.27 47.59 -23.92
CA THR H 346 1.49 46.19 -24.26
C THR H 346 2.23 45.51 -23.11
N LEU H 347 3.39 46.06 -22.76
CA LEU H 347 4.20 45.57 -21.65
C LEU H 347 3.59 45.91 -20.29
N GLY H 348 2.45 46.56 -20.28
CA GLY H 348 1.76 46.81 -19.02
C GLY H 348 1.37 45.49 -18.40
N TYR H 349 0.99 44.54 -19.27
CA TYR H 349 0.58 43.19 -18.85
C TYR H 349 1.46 42.57 -17.77
N HIS H 350 2.76 42.86 -17.79
CA HIS H 350 3.70 42.29 -16.82
C HIS H 350 3.49 42.85 -15.43
N TRP H 351 3.08 44.11 -15.34
CA TRP H 351 2.98 44.79 -14.07
C TRP H 351 1.66 44.34 -13.47
N ALA H 352 0.63 44.29 -14.30
CA ALA H 352 -0.67 43.77 -13.91
C ALA H 352 -0.51 42.35 -13.41
N ARG H 353 0.18 41.53 -14.18
CA ARG H 353 0.36 40.10 -13.85
C ARG H 353 1.00 39.84 -12.49
N LEU H 354 2.02 40.62 -12.14
CA LEU H 354 2.73 40.45 -10.88
C LEU H 354 1.92 40.94 -9.70
N ILE H 355 0.98 41.85 -9.98
CA ILE H 355 0.03 42.33 -9.00
C ILE H 355 -0.95 41.21 -8.71
N GLU H 356 -1.50 40.58 -9.74
CA GLU H 356 -2.44 39.47 -9.51
C GLU H 356 -1.76 38.38 -8.69
N MET H 357 -0.46 38.20 -8.92
CA MET H 357 0.32 37.19 -8.23
C MET H 357 0.37 37.50 -6.74
N LEU H 358 0.61 38.76 -6.40
CA LEU H 358 0.60 39.22 -5.02
C LEU H 358 -0.81 39.05 -4.43
N HIS H 359 -1.81 39.46 -5.19
CA HIS H 359 -3.20 39.32 -4.79
C HIS H 359 -3.53 37.87 -4.42
N CYS H 360 -3.05 36.92 -5.22
CA CYS H 360 -3.31 35.48 -4.99
C CYS H 360 -2.65 34.97 -3.73
N ALA H 361 -1.40 35.37 -3.52
CA ALA H 361 -0.71 35.02 -2.30
C ALA H 361 -1.50 35.49 -1.09
N GLU H 362 -2.04 36.69 -1.18
CA GLU H 362 -2.73 37.30 -0.07
C GLU H 362 -4.01 36.58 0.18
N LEU H 363 -4.68 36.18 -0.89
CA LEU H 363 -5.91 35.34 -0.80
C LEU H 363 -5.57 34.10 -0.04
N ILE H 364 -4.68 33.32 -0.63
CA ILE H 364 -4.22 32.05 -0.07
C ILE H 364 -3.84 32.19 1.39
N GLU H 365 -3.05 33.20 1.70
CA GLU H 365 -2.60 33.39 3.07
C GLU H 365 -3.79 33.34 4.03
N ALA H 366 -4.88 33.95 3.59
CA ALA H 366 -6.13 34.00 4.35
C ALA H 366 -6.95 32.71 4.24
N LEU H 367 -7.10 32.20 3.03
CA LEU H 367 -7.92 31.05 2.82
C LEU H 367 -7.47 29.88 3.68
N LEU H 368 -6.18 29.68 3.89
CA LEU H 368 -5.69 28.55 4.69
C LEU H 368 -5.79 28.78 6.21
N THR H 369 -6.47 29.81 6.66
CA THR H 369 -6.89 29.85 8.05
C THR H 369 -8.38 29.41 8.16
N ASP H 370 -9.00 29.10 7.03
CA ASP H 370 -10.41 28.73 7.00
C ASP H 370 -10.57 27.22 7.22
N ALA H 371 -11.10 26.83 8.38
CA ALA H 371 -11.23 25.41 8.73
C ALA H 371 -12.21 24.64 7.83
N ASP H 372 -13.02 25.33 7.04
CA ASP H 372 -13.87 24.67 6.04
C ASP H 372 -13.08 23.87 4.99
N LEU H 373 -11.81 24.19 4.82
CA LEU H 373 -10.93 23.39 4.01
C LEU H 373 -10.78 21.96 4.56
N GLU H 374 -11.10 21.78 5.83
CA GLU H 374 -11.19 20.44 6.44
C GLU H 374 -12.63 19.95 6.61
N GLY H 375 -13.57 20.62 5.96
CA GLY H 375 -14.98 20.40 6.24
C GLY H 375 -15.45 19.12 5.61
N GLY H 376 -16.71 18.77 5.88
CA GLY H 376 -17.29 17.55 5.34
C GLY H 376 -18.48 17.82 4.47
N GLU H 377 -18.52 19.00 3.84
CA GLU H 377 -19.61 19.41 2.93
C GLU H 377 -19.09 19.48 1.49
N LEU H 378 -18.80 18.33 0.90
CA LEU H 378 -17.99 18.24 -0.30
C LEU H 378 -18.76 18.34 -1.62
N ARG H 379 -20.07 18.09 -1.58
CA ARG H 379 -20.81 17.80 -2.79
C ARG H 379 -22.34 17.88 -2.66
N ALA H 380 -22.96 18.65 -3.55
CA ALA H 380 -24.42 18.71 -3.70
C ALA H 380 -24.85 18.02 -4.99
N ARG H 381 -26.15 17.70 -5.06
CA ARG H 381 -26.74 17.11 -6.28
C ARG H 381 -28.08 17.77 -6.53
N GLY H 382 -28.46 17.89 -7.81
CA GLY H 382 -29.72 18.52 -8.17
C GLY H 382 -30.37 17.96 -9.43
N GLN H 383 -31.18 18.79 -10.07
CA GLN H 383 -31.94 18.36 -11.24
C GLN H 383 -31.05 18.30 -12.46
N ARG H 384 -30.98 17.13 -13.07
CA ARG H 384 -30.24 16.95 -14.30
C ARG H 384 -30.85 17.76 -15.46
N GLN H 385 -29.99 18.35 -16.28
CA GLN H 385 -30.42 19.02 -17.51
C GLN H 385 -29.50 18.59 -18.68
N HIS H 386 -29.53 19.29 -19.82
CA HIS H 386 -28.77 18.82 -21.00
C HIS H 386 -27.60 19.72 -21.40
N ARG H 387 -27.43 20.83 -20.70
CA ARG H 387 -26.46 21.86 -21.06
C ARG H 387 -25.80 22.42 -19.81
N GLY H 388 -24.53 22.78 -19.93
CA GLY H 388 -23.83 23.41 -18.84
C GLY H 388 -22.73 24.29 -19.36
N VAL H 389 -22.66 25.50 -18.85
CA VAL H 389 -21.61 26.44 -19.21
C VAL H 389 -20.84 26.80 -17.95
N GLY H 390 -19.53 26.73 -18.05
CA GLY H 390 -18.69 27.07 -16.92
C GLY H 390 -17.73 28.14 -17.33
N VAL H 391 -17.60 29.16 -16.49
CA VAL H 391 -16.70 30.26 -16.79
C VAL H 391 -15.84 30.51 -15.58
N ILE H 392 -14.61 30.94 -15.82
CA ILE H 392 -13.67 31.26 -14.76
C ILE H 392 -12.63 32.20 -15.32
N GLU H 393 -11.99 32.99 -14.48
CA GLU H 393 -10.86 33.75 -14.97
C GLU H 393 -9.66 32.85 -14.83
N ALA H 394 -9.17 32.34 -15.94
CA ALA H 394 -7.92 31.59 -15.95
C ALA H 394 -6.75 32.60 -15.85
N PRO H 395 -5.51 32.15 -15.63
CA PRO H 395 -4.41 33.12 -15.44
C PRO H 395 -4.32 34.14 -16.56
N ARG H 396 -4.42 33.66 -17.80
CA ARG H 396 -4.24 34.47 -19.01
C ARG H 396 -5.52 35.13 -19.58
N GLY H 397 -6.64 35.04 -18.85
CA GLY H 397 -7.90 35.70 -19.22
C GLY H 397 -9.12 34.78 -19.15
N THR H 398 -10.27 35.32 -19.53
CA THR H 398 -11.54 34.67 -19.33
C THR H 398 -11.66 33.37 -20.12
N LEU H 399 -12.05 32.31 -19.44
CA LEU H 399 -12.23 30.98 -20.05
C LEU H 399 -13.69 30.52 -20.04
N ILE H 400 -14.14 30.00 -21.17
CA ILE H 400 -15.49 29.48 -21.33
C ILE H 400 -15.55 28.01 -21.79
N HIS H 401 -16.24 27.17 -21.02
CA HIS H 401 -16.58 25.79 -21.44
C HIS H 401 -18.07 25.68 -21.60
N HIS H 402 -18.46 25.03 -22.69
CA HIS H 402 -19.85 24.72 -23.00
C HIS H 402 -19.94 23.22 -23.27
N TYR H 403 -20.85 22.50 -22.63
CA TYR H 403 -21.08 21.09 -22.92
C TYR H 403 -22.57 20.82 -23.10
N GLU H 404 -22.90 19.85 -23.95
CA GLU H 404 -24.24 19.33 -24.04
C GLU H 404 -24.17 17.83 -23.98
N VAL H 405 -25.12 17.23 -23.30
CA VAL H 405 -24.99 15.84 -22.90
C VAL H 405 -26.33 15.14 -23.02
N GLY H 406 -26.29 13.96 -23.62
CA GLY H 406 -27.49 13.20 -23.90
C GLY H 406 -27.98 12.52 -22.65
N ASP H 407 -29.04 11.76 -22.82
CA ASP H 407 -29.55 10.91 -21.75
C ASP H 407 -28.66 9.65 -21.66
N ASP H 408 -28.01 9.32 -22.77
CA ASP H 408 -26.81 8.46 -22.84
C ASP H 408 -25.86 8.64 -21.66
N ASP H 409 -25.68 9.90 -21.26
CA ASP H 409 -24.60 10.42 -20.39
C ASP H 409 -23.31 10.69 -21.19
N LEU H 410 -23.37 10.60 -22.52
CA LEU H 410 -22.27 10.88 -23.40
C LEU H 410 -22.41 12.30 -23.97
N ILE H 411 -21.33 13.06 -23.86
CA ILE H 411 -21.27 14.40 -24.37
C ILE H 411 -21.64 14.37 -25.83
N THR H 412 -22.53 15.27 -26.23
CA THR H 412 -22.98 15.38 -27.61
C THR H 412 -22.40 16.60 -28.28
N TYR H 413 -21.91 17.54 -27.48
CA TYR H 413 -21.35 18.77 -27.99
C TYR H 413 -20.46 19.47 -26.98
N CYS H 414 -19.29 19.90 -27.41
CA CYS H 414 -18.41 20.70 -26.59
C CYS H 414 -17.92 21.92 -27.34
N ASN H 415 -17.97 23.07 -26.71
CA ASN H 415 -17.34 24.25 -27.28
C ASN H 415 -16.54 25.00 -26.23
N LEU H 416 -15.30 25.27 -26.60
CA LEU H 416 -14.37 25.92 -25.71
C LEU H 416 -13.93 27.19 -26.35
N ILE H 417 -14.06 28.29 -25.63
CA ILE H 417 -13.38 29.54 -26.00
C ILE H 417 -12.39 29.82 -24.89
N VAL H 418 -11.12 29.78 -25.25
CA VAL H 418 -10.05 29.78 -24.28
C VAL H 418 -9.38 31.14 -24.22
N SER H 419 -8.94 31.52 -23.02
CA SER H 419 -8.42 32.83 -22.73
C SER H 419 -7.53 33.41 -23.83
N THR H 420 -6.44 32.75 -24.20
CA THR H 420 -5.53 33.35 -25.20
C THR H 420 -6.25 33.59 -26.53
N THR H 421 -7.14 32.68 -26.92
CA THR H 421 -7.96 32.85 -28.13
C THR H 421 -8.58 34.25 -28.25
N HIS H 422 -9.05 34.81 -27.14
CA HIS H 422 -9.64 36.16 -27.13
C HIS H 422 -8.69 37.25 -27.62
N ASN H 423 -7.41 37.16 -27.24
CA ASN H 423 -6.40 38.18 -27.55
C ASN H 423 -5.77 38.00 -28.90
N ASN H 424 -6.41 37.22 -29.77
CA ASN H 424 -5.83 36.95 -31.07
C ASN H 424 -5.59 38.26 -31.83
N ALA H 425 -6.62 39.11 -31.91
CA ALA H 425 -6.52 40.37 -32.62
C ALA H 425 -5.45 41.29 -32.01
N VAL H 426 -5.56 41.50 -30.72
CA VAL H 426 -4.68 42.41 -30.03
C VAL H 426 -3.21 41.97 -30.08
N MET H 427 -2.98 40.67 -30.00
CA MET H 427 -1.63 40.17 -30.13
C MET H 427 -1.12 40.45 -31.53
N ASN H 428 -1.91 40.11 -32.54
CA ASN H 428 -1.56 40.45 -33.91
C ASN H 428 -1.22 41.92 -34.07
N GLN H 429 -2.08 42.77 -33.53
CA GLN H 429 -1.85 44.22 -33.56
C GLN H 429 -0.48 44.59 -32.94
N ALA H 430 -0.22 44.08 -31.74
CA ALA H 430 1.00 44.42 -31.00
C ALA H 430 2.26 43.90 -31.67
N VAL H 431 2.12 42.75 -32.32
CA VAL H 431 3.19 42.21 -33.14
C VAL H 431 3.49 43.21 -34.24
N THR H 432 2.43 43.70 -34.90
CA THR H 432 2.60 44.67 -35.97
C THR H 432 3.24 45.98 -35.48
N THR H 433 2.76 46.50 -34.35
CA THR H 433 3.28 47.75 -33.82
C THR H 433 4.77 47.72 -33.51
N ALA H 434 5.27 46.58 -33.02
CA ALA H 434 6.69 46.47 -32.66
C ALA H 434 7.54 46.14 -33.87
N ALA H 435 6.97 45.40 -34.80
CA ALA H 435 7.63 45.12 -36.06
C ALA H 435 8.03 46.42 -36.76
N LYS H 436 7.10 47.38 -36.81
CA LYS H 436 7.37 48.70 -37.40
C LYS H 436 8.36 49.50 -36.56
N ALA H 437 8.04 49.63 -35.28
CA ALA H 437 8.89 50.32 -34.33
C ALA H 437 10.36 49.92 -34.41
N PHE H 438 10.64 48.64 -34.70
CA PHE H 438 12.00 48.12 -34.53
C PHE H 438 12.67 47.50 -35.75
N LEU H 439 11.94 47.23 -36.83
CA LEU H 439 12.53 46.57 -38.00
C LEU H 439 12.55 47.36 -39.31
N SER H 440 11.75 48.43 -39.40
CA SER H 440 11.71 49.27 -40.60
C SER H 440 13.09 49.88 -40.89
N GLY H 441 13.72 50.42 -39.84
CA GLY H 441 15.15 50.73 -39.89
C GLY H 441 15.95 49.45 -39.95
N VAL H 442 15.98 48.83 -41.13
CA VAL H 442 16.79 47.64 -41.36
C VAL H 442 18.22 47.95 -40.86
N THR H 443 19.06 46.96 -40.63
CA THR H 443 18.86 45.58 -41.05
C THR H 443 18.65 44.68 -39.84
N LEU H 444 18.15 43.48 -40.11
CA LEU H 444 17.65 42.58 -39.09
C LEU H 444 18.78 41.91 -38.28
N THR H 445 18.67 41.99 -36.95
CA THR H 445 19.52 41.24 -36.04
C THR H 445 18.67 40.18 -35.37
N GLU H 446 19.32 39.20 -34.78
CA GLU H 446 18.67 38.29 -33.85
C GLU H 446 18.08 39.09 -32.67
N ALA H 447 18.88 40.01 -32.14
CA ALA H 447 18.47 40.85 -31.02
C ALA H 447 17.26 41.75 -31.32
N LEU H 448 17.09 42.16 -32.58
CA LEU H 448 15.95 43.01 -32.96
C LEU H 448 14.72 42.16 -33.23
N LEU H 449 14.93 40.94 -33.70
CA LEU H 449 13.84 39.98 -33.83
C LEU H 449 13.33 39.60 -32.45
N ASN H 450 14.23 39.42 -31.50
CA ASN H 450 13.82 39.13 -30.13
C ASN H 450 12.86 40.18 -29.59
N HIS H 451 13.00 41.42 -30.07
CA HIS H 451 12.09 42.52 -29.69
C HIS H 451 10.63 42.22 -30.05
N ILE H 452 10.42 41.55 -31.17
CA ILE H 452 9.08 41.17 -31.56
C ILE H 452 8.56 40.11 -30.60
N GLU H 453 9.37 39.09 -30.32
CA GLU H 453 8.97 38.02 -29.39
C GLU H 453 8.66 38.57 -28.02
N VAL H 454 9.38 39.61 -27.62
CA VAL H 454 9.16 40.30 -26.34
C VAL H 454 7.74 40.87 -26.24
N ALA H 455 7.21 41.32 -27.37
CA ALA H 455 5.88 41.91 -27.41
C ALA H 455 4.82 40.85 -27.22
N VAL H 456 5.04 39.73 -27.90
CA VAL H 456 4.24 38.54 -27.75
C VAL H 456 4.26 38.07 -26.29
N ARG H 457 5.46 37.92 -25.73
CA ARG H 457 5.62 37.38 -24.38
C ARG H 457 4.84 38.15 -23.32
N ALA H 458 4.66 39.46 -23.50
CA ALA H 458 3.92 40.22 -22.52
C ALA H 458 2.51 39.62 -22.34
N PHE H 459 1.94 39.07 -23.40
CA PHE H 459 0.62 38.45 -23.28
C PHE H 459 0.60 37.09 -22.57
N ASP H 460 1.74 36.57 -22.12
CA ASP H 460 1.82 35.20 -21.61
C ASP H 460 0.96 34.30 -22.51
N PRO H 461 1.33 34.12 -23.78
CA PRO H 461 0.43 33.39 -24.65
C PRO H 461 0.47 31.89 -24.41
N CYS H 462 -0.70 31.28 -24.23
CA CYS H 462 -0.81 29.85 -24.14
C CYS H 462 -1.48 29.35 -25.40
N LEU H 463 -0.67 28.80 -26.30
CA LEU H 463 -1.12 28.54 -27.67
C LEU H 463 -1.79 27.18 -27.81
N SER H 464 -1.37 26.21 -26.99
CA SER H 464 -2.09 24.93 -26.84
C SER H 464 -3.49 25.17 -26.34
N CYS H 465 -3.58 25.99 -25.31
CA CYS H 465 -4.86 26.42 -24.81
C CYS H 465 -5.67 27.08 -25.92
N ALA H 466 -5.03 27.99 -26.64
CA ALA H 466 -5.70 28.85 -27.60
C ALA H 466 -6.38 28.11 -28.73
N THR H 467 -5.80 26.97 -29.09
CA THR H 467 -6.18 26.21 -30.27
C THR H 467 -7.07 25.02 -29.94
N HIS H 468 -6.65 24.28 -28.93
CA HIS H 468 -7.30 23.07 -28.46
C HIS H 468 -7.79 22.11 -29.56
#